data_6D6Q
#
_entry.id   6D6Q
#
_cell.length_a   1
_cell.length_b   1
_cell.length_c   1
_cell.angle_alpha   90
_cell.angle_beta   90
_cell.angle_gamma   90
#
_symmetry.space_group_name_H-M   'P 1'
#
loop_
_entity.id
_entity.type
_entity.pdbx_description
1 polymer 'Exosome complex component RRP45'
2 polymer 'Exosome complex component RRP41'
3 polymer 'Exosome complex component RRP43'
4 polymer 'Exosome complex component RRP46'
5 polymer 'Exosome complex component RRP42'
6 polymer 'Exosome complex component MTR3'
7 polymer 'Exosome complex component RRP40'
8 polymer 'Exosome complex component RRP4'
9 polymer 'Exosome complex component CSL4'
10 polymer 'Exosome component 10'
11 polymer 'Exosome complex exonuclease RRP44'
12 polymer 'M-phase phosphoprotein 6'
13 polymer 'Exosome RNA helicase MTR4'
14 polymer "RNA (5'-R(*AP*GP*CP*AP*CP*CP*GP*UP*AP*AP*AP*GP*AP*CP*GP*C)-3')"
15 polymer 'DNA/RNA (62-MER)'
16 non-polymer 'MAGNESIUM ION'
17 non-polymer 'ZINC ION'
18 non-polymer 'PHOSPHOAMINOPHOSPHONIC ACID-ADENYLATE ESTER'
#
loop_
_entity_poly.entity_id
_entity_poly.type
_entity_poly.pdbx_seq_one_letter_code
_entity_poly.pdbx_strand_id
1 'polypeptide(L)'
;MGSSHHHHHHSQDPNSHMKETPLSNCERRFLLRAIEEKKRLDGRQTYDYRNIRISFGTDYGCCIVELGKTRVLGQVSCEL
VSPKLNRATEGILFFNLELSQMAAPAFEPGRQSDLLVKLNRLMERCLRNSKCIDTESLCVVAGEKVWQIRVDLHLLNHDG
NIIDAASIAAIVALCHFRRPDVSVQGDEVTLYTPEERDPVPLSIHHMPICVSFAFFQQGTYLLVDPNEREERVMDGLLVI
AMNKHREICTIQSSGGIMLLKDQVLRCSKIAGVKVAEITELILKALENDQKVRKEGGKFGFAESIANQRITAFKMEKAPI
DTSDVEEKAEEIIAEAEPPSEVVSTPVLWTPGTAQIGEGVENSWGDLEDSEKEDDEGGGDQAIILDGIKMDTGVEVSDIG
SQELGFHHVGQTGLEFLTSDAPIILSDSEEEEMIILEPDKNPKKIRTQTTSAKQEKAPSKKPVKRRKKKRAAN
;
A
2 'polypeptide(L)'
;MADPMAGLELLSDQGYRVDGRRAGELRKIQARMGVFAQADGSAYIEQGNTKALAVVYGPHEIRGSRARALPDRALVNCQY
SSATFSTGERKRRPHGDRKSCEMGLQLRQTFEAAILTQLHPRSQIDIYVQVLQADGGTYAACVNAATLAVLDAGIPMRDF
VCACSAGFVDGTALADLSHVEEAAGGPQLALALLPASGQIALLEMDARLHEDHLERVLEAAAQAARDVHTLLDRVVRQHV
REASILLGD
;
B
3 'polypeptide(L)'
;DPMAAGFKTVEPLEYYRRFLKENCRPDGRELGEFRTTTVNIGSISTADGSALVKLGNTTVICGVKAEFAAPSTDAPDKGY
VVPNVDLPPLCSSRFRSGPPGEEAQVASQFIADVIENSQIIQKEDLCISPGKLVWVLYCDLICLDYDGNILDACTFALLA
ALKNVQLPEVTINEETALAEVNLKKKSYLNIRTHPVATSFAVFDDTLLIVDPTGEEEHLATGTLTIVMDEEGKLCCLHKP
GGSGLTGAKLQDCMSRAVTRHKEVKKLMDEVIKSMKPK
;
C
4 'polypeptide(L)'
;SLMEEETHTDAKIRAENGTGSSPRGPGCSLRHFACEQNLLSRPDGSASFLQGDTSVLAGVYGPAEVKVSKEIFNKATLEV
ILRPKIGLPGVAEKSRERLIRNTCEAVVLGTLHPRTSITVVLQVVSDAGSLLACCLNAACMALVDAGVPMRALFCGVACA
LDSDGTLVLDPTSKQEKEARAVLTFALDSVERKLLMSSTKGLYSDTELQQCLAAAQAASQHVFRFYRESLQRRYSKS
;
D
5 'polypeptide(L)'
;DPMASVTLSEAEKVYIVHGVQEDLRVDGRGCEDYRCVEVETDVVSNTSGSARVKLGHTDILVGVKAEMGTPKLEKPNEGY
LEFFVDCSASATPEFEGRGGDDLGTEIANTLYRIFNNKSSVDLKTLCISPREHCWVLYVDVLLLECGGNLFDAISIAVKA
ALFNTRIPRVRVLEDEEGSKDIELSDDPYDCIRLSVENVPCIVTLCKIGYRHVVDATLQEEACSLASLLVSVTSKGVVTC
MRKVGKGSLDPESIFEMMETGKRVGKVLHASLQSVVHKEESLGPKRQKVGFLG
;
E
6 'polypeptide(L)'
;MPGDHRRIRGPEESQPPQLYAADEEEAPGTRDPTRLRPVYARAGLLSQAKGSAYLEAGGTKVLCAVSGPRQAEGGERGGG
PAGAGGEAPAALRGRLLCDFRRAPFAGRRRRAPPGGCEERELALALQEALEPAVRLGRYPRAQLEVSALLLEDGGSALAA
ALTAAALALADAGVEMYDLVVGCGLSLAPGPAPTWLLDPTRLEEERAAAGLTVALMPVLNQVAGLLGSGEGGLTESWAEA
VRLGLEGCQRLYPVLQQSLVRAARRRGAAAQP
;
F
7 'polypeptide(L)'
;DPMAEPASVAAESLAGSRARAARTVLGQVVLPGEELLLPEQEDAEGPGGAVERPLSLNARACSRVRVVCGPGLRRCGDRL
LVTKCGRLRHKEPGSGSGGGVYWVDSQQKRYVPVKGDHVIGIVTAKSGDIFKVDVGGSEPASLSYLSFEGATKRNRPNVQ
VGDLIYGQFVVANKDMEPEMVCIDSCGRANGMGVIGQDGLLFKVTLGLIRKLLAPDCEIIQEVGKLHPLEIVFGMNGRIW
VKAKTIQQTLILANILEACEHMTSDQRKQIFSRLAES
;
G
8 'polypeptide(L)'
;DPHMAMEMRLPVARKPLSERLGRDTKKHLVVPGDTITTDTGFMRGHGTYMGEEKLIASVAGSVERVNKLICVKALKTRYI
GEVGDIVVGRITEVQQKRWKVETNSRLDSVLLLSSMNLPGGELRRRSAEDELAMRGFLQEGDLISAEVQAVFSDGAVSLH
TRSLKYGKLGQGVLVQVSPSLVKRQKTHFHDLPCGASVILGNNGFIWIYPTPEHKEEEAGGFIANLEPVSLADREVISRL
RNCIISLVTQRMMLYDTSILYCYEASLPHQIKDILKPEIMEEIVMETRQRLLEQEG
;
H
9 'polypeptide(L)'
;DPMAPPVRYCIPGERLCNLEEGSPGSGTYTRHGYIFSSLAGCLMKSSENGALPVVSVVRETESQLLPDVGAIVTCKVSSI
NSRFAKVHILYVGSMPLKNSFRGTIRKEDVRATEKDKVEIYKSFRPGDIVLAKVISLGDAQSNYLLTTAENELGVVVAHS
ESGIQMVPISWCEMQCPKTHTKEFRKVARVQPEFLQT
;
I
10 'polypeptide(L)'
;SMAPPSTREPRVLSATSATKSDGEMVLPGFPDADSFVKFALGSVVAVTKASGGLPQFGDEYDFYRSFPGFQAFCETQGDR
LLQCMSRVMQYHGCRSNIKDRSKVTELEDKFDLLVDANDVILERVGILLDEASGVNKNQQPVLPAGLQVPKTVVSSWNRK
AAEYGKKAKSETFRLLHAKNIIRPQLKFREKIDNSNTPFLPKIFIKPNAQKPLPQALSKERRERPQDRPEDLDVPPALAD
FIHQQRTQQVEQDMFAHPYQYELNHFTPADAVLQKPQPQLYRPIEETPCHFISSLDELVELNEKLLNCQEFAVNLEHHSY
RSFLGLTCLMQISTRTEDFIIDTLELRSDMYILNESLTDPAIVKVFHGADSDIEWLQKDFGLYVVNMFDTHQAARLLNLG
RHSLDHLLKLYCNVDSNKQYQLADWRIRPLPEEMLSYARDDTHYLLYIYDKMRLEMWERGNGQPVQLQVVWQRSRDICLK
KFIKPIFTDESYLELYRKQKKHLNTQQLTAFQLLFAWRDKTARREDESYGYVLPNHMMLKIAEELPKEPQGIIACCNPVP
PLVRQQINEMHLLIQQAREMPLLKSEVAAGVKKSGPLPSAERLENVLFGPHDCSHAPPDGYPIIPTSGSVPVQKQASLFP
DEKEDNLLGSRGSGSGSGSGSVSQAAKFDPSTKIYEISNRWKLAQVQVQKDSKEAVKKKAAEQTAAREQAKEACKAAAEQ
AISVRQQVVLENAAKKRERATSDPRTTEQKQEKKRLKISKK
;
J
11 'polypeptide(L)'
;GSMLKSKTFLKKTRAGGVMKIVREHYLRDDIGCGAPGCAACGGAHEGPALEPQPQDPASSVCPQPHYLLPDTNVLLHQID
VLEDPAIRNVIVLQTVLQEVRNRSAPVYKRIRDVTNNQEKHFYTFTNEHHRETYVEQEQGENANDRNNRAIRVAAKWYNE
HLKKMSADNQLQVIFITNDRRNKEKAIEEGIPAFTCEEYVKSLTANPELIDRLACLSEEGNEIESGKIIFSEHLPLSKLQ
QGIKSGTYLQGTFRASRENYLEATVWIHGDSEENKEIILQGLKHLNRAVHEDIVAVELLPKSQWVAPSSVVLHDEGQNEE
DVEKEEETERMLKTAVSEKMLKPTGRVVGIIKRNWRPYCGMLSKSDIKESRRHLFTPADKRIPRIRIETRQASTLEGRRI
IVAIDGWPRNSRYPNGHFVRNLGDVGEKETETEVLLLEHDVPHQPFSQAVLSFLPKMPWSITEKDMKNREDLRHLCICSV
DPPGCTDINDALHCRELENGNLEVGVHIADVSHFIRPGNALDQESARRGTTVYLCEKRIDMVPELLSSNLCSLKCDVDRL
AFSCIWEMNHNAEILKTKFTKSVINSKASLTYAEAQLRIDSANMNDDITTSLRGLNKLAKILKKRRIEKGALTLSSPEVR
FHMDSETHDPIDLQTKELRETNSMVEEFMLLANISVAKKIHEEFSEHALLRKHPAPPPSNYEILVKAARSRNLEIKTDTA
KSLAESLDQAESPTFPYLNTLLRILATRCMMQAVYFCSGMDNDFHHYGLASPIYTHFTSPIRRYADVIVHRLLAVAIGAD
CTYPELTDKHKLADICKNLNFRHKMAQYAQRASVAFHTQLFFKSNGIVSEEAYILFVRKNAIVVLIPKYGLEGTVFFEEK
DKPNPQLIYDDEIPSLKIEDTVFHVFDKVKVKIMLDSSNLQHQKIRMSLVEPQIPGISIPTDTSNMDLNGPKKKKMKLGK
;
K
12 'polypeptide(L)'
;DPMAAERKTRLSKNLLRMKFMQRGLDSETKKQLEEEEKKIISEEHWYLDLPELKEKESFIIEEQSFLLCEDLLYGRMSFR
GFNPEVEKLMLQMNAKHKAEEVEDETVELDVSDEEMARRYETLVGTIGKKFARKRDHANYEEDENGDITPIKAKKMFLKP
QD
;
L
13 'polypeptide(L)'
;SGDMADAFGDELFSVFEGDSTTAAGTKKDKEKDKGKWKGPPGSADKAGKRFDGKLQSESTNNGKNKRDVDFEGTDEPIFG
KKPRIEESITEDLSLADLMPRVKVQSVETVEGCTHEVALPAEEDYLPLKPRVGKAAKEYPFILDAFQREAIQCVDNNQSV
LVSAHTSAGKTVCAEYAIALALREKQRVIFTSPIKALSNQKYREMYEEFQDVGLMTGDVTINPTASCLVMTTEILRSMLY
RGSEVMREVAWVIFDEIHYMRDSERGVVWEETIILLPDNVHYVFLSATIPNARQFAEWICHLHKQPCHVIYTDYRPTPLQ
HYIFPAGGDGLHLVVDENGDFREDNFNTAMQVLRDAGDLAKGDQKGRKGGTKGPSNVFKIVKMIMERNFQPVIIFSFSKK
DCEAYALQMTKLDFNTDEEKKMVEEVFSNAIDCLSDEDKKLPQVEHVLPLLKRGIGIHHGGLLPILKETIEILFSEGLIK
ALFATETFAMGINMPARTVLFTNARKFDGKDFRWISSGEYIQMSGRAGRRGMDDRGIVILMVDEKMSPTIGKQLLKGSAD
PLNSAFHLTYNMVLNLLRVEEINPEYMLEKSFYQFQHYRAIPGVVEKVKNSEEQYNKIVIPNEESVVIYYKIRQQLAKLG
KEIEEYIHKPKYCLPFLQPGRLVKVKNEGDDFGWGVVVNFSKKSNVKPNSGELDPLYVVEVLLRCSKESLKNSATEAAKP
AKPDEKGEMQVVPVLVHLLSAISSVRLYIPKDLRPVDNRQSVLKSIQEVQKRFPDGIPLLDPIDDMGIQDQGLKKVIQKV
EAFEHRMYSHPLHNDPNLETVYTLCEKKAQIAIDIKSAKRELKKARTVLQMDELKCRKRVLRRLGFATSSDVIEMKGRVA
CEISSADELLLTEMMFNGLFNDLSAEQATALLSCFVFQENSSEMPKLTEQLAGPLRQMQECAKRIAKVSAEAKLEIDEET
YLSSFKPHLMDVVYTWATGATFAHICKMTDVFEGSIIRCMRRLEELLRQMCQAAKAIGNTELENKFAEGITKIKRDIVFA
ASLYL
;
M
14 'polyribonucleotide' AGCACCGUAAAGACGC N
15 'polydeoxyribonucleotide/polyribonucleotide hybrid'
;(DG)(DC)(DG)(DT)(DC)(DT)(DT)(DT)(DA)(DC)(DG)(DG)(DT)(DG)(DC)(DT)CACCACACCACACCAC
ACCACACCACACCACACCACACAAAAAAAA
;
O
#
loop_
_chem_comp.id
_chem_comp.type
_chem_comp.name
_chem_comp.formula
A RNA linking ADENOSINE-5'-MONOPHOSPHATE 'C10 H14 N5 O7 P'
ANP non-polymer 'PHOSPHOAMINOPHOSPHONIC ACID-ADENYLATE ESTER' 'C10 H17 N6 O12 P3'
C RNA linking CYTIDINE-5'-MONOPHOSPHATE 'C9 H14 N3 O8 P'
DA DNA linking 2'-DEOXYADENOSINE-5'-MONOPHOSPHATE 'C10 H14 N5 O6 P'
DC DNA linking 2'-DEOXYCYTIDINE-5'-MONOPHOSPHATE 'C9 H14 N3 O7 P'
DG DNA linking 2'-DEOXYGUANOSINE-5'-MONOPHOSPHATE 'C10 H14 N5 O7 P'
DT DNA linking THYMIDINE-5'-MONOPHOSPHATE 'C10 H15 N2 O8 P'
G RNA linking GUANOSINE-5'-MONOPHOSPHATE 'C10 H14 N5 O8 P'
MG non-polymer 'MAGNESIUM ION' 'Mg 2'
U RNA linking URIDINE-5'-MONOPHOSPHATE 'C9 H13 N2 O9 P'
ZN non-polymer 'ZINC ION' 'Zn 2'
#
# COMPACT_ATOMS: atom_id res chain seq x y z
N MET A 18 6.05 -13.77 -6.51
CA MET A 18 5.93 -15.01 -5.70
C MET A 18 4.79 -14.81 -4.72
N LYS A 19 4.69 -15.68 -3.71
CA LYS A 19 3.70 -15.48 -2.66
C LYS A 19 4.08 -16.33 -1.47
N GLU A 20 3.62 -15.91 -0.31
CA GLU A 20 3.82 -16.68 0.91
C GLU A 20 2.95 -17.92 0.91
N THR A 21 3.52 -19.03 1.36
CA THR A 21 2.78 -20.27 1.44
C THR A 21 1.61 -20.11 2.42
N PRO A 22 0.43 -20.61 2.08
CA PRO A 22 -0.73 -20.44 2.98
C PRO A 22 -0.49 -21.16 4.29
N LEU A 23 -1.34 -20.86 5.26
CA LEU A 23 -1.21 -21.43 6.59
C LEU A 23 -2.29 -22.51 6.76
N SER A 24 -1.85 -23.70 7.15
CA SER A 24 -2.78 -24.81 7.33
C SER A 24 -3.56 -24.66 8.62
N ASN A 25 -4.80 -25.16 8.61
CA ASN A 25 -5.63 -25.13 9.80
C ASN A 25 -5.01 -25.94 10.93
N CYS A 26 -4.27 -26.99 10.58
CA CYS A 26 -3.60 -27.80 11.58
C CYS A 26 -2.67 -26.95 12.44
N GLU A 27 -1.73 -26.25 11.79
CA GLU A 27 -0.80 -25.42 12.53
C GLU A 27 -1.53 -24.36 13.34
N ARG A 28 -2.55 -23.74 12.75
CA ARG A 28 -3.28 -22.70 13.44
C ARG A 28 -3.89 -23.22 14.73
N ARG A 29 -4.64 -24.32 14.66
CA ARG A 29 -5.28 -24.86 15.84
C ARG A 29 -4.25 -25.31 16.86
N PHE A 30 -3.20 -25.98 16.41
CA PHE A 30 -2.15 -26.40 17.33
C PHE A 30 -1.56 -25.23 18.07
N LEU A 31 -1.29 -24.13 17.36
CA LEU A 31 -0.72 -22.97 18.01
C LEU A 31 -1.67 -22.38 19.03
N LEU A 32 -2.94 -22.19 18.63
CA LEU A 32 -3.90 -21.62 19.57
C LEU A 32 -4.01 -22.47 20.82
N ARG A 33 -3.99 -23.80 20.67
CA ARG A 33 -4.07 -24.68 21.84
C ARG A 33 -2.82 -24.56 22.70
N ALA A 34 -1.65 -24.62 22.07
CA ALA A 34 -0.41 -24.51 22.85
C ALA A 34 -0.33 -23.18 23.57
N ILE A 35 -0.95 -22.14 23.03
CA ILE A 35 -1.05 -20.87 23.75
C ILE A 35 -1.99 -21.02 24.94
N GLU A 36 -3.21 -21.52 24.71
CA GLU A 36 -4.13 -21.81 25.80
C GLU A 36 -3.40 -22.50 26.94
N GLU A 37 -2.50 -23.43 26.61
CA GLU A 37 -1.75 -24.17 27.61
C GLU A 37 -0.43 -23.51 27.93
N LYS A 38 -0.16 -22.33 27.37
CA LYS A 38 1.04 -21.57 27.70
C LYS A 38 2.30 -22.35 27.35
N LYS A 39 2.39 -22.75 26.08
CA LYS A 39 3.52 -23.50 25.56
C LYS A 39 3.92 -22.86 24.24
N ARG A 40 5.15 -22.34 24.18
CA ARG A 40 5.68 -21.89 22.91
C ARG A 40 6.23 -23.08 22.13
N LEU A 41 6.77 -22.81 20.96
CA LEU A 41 7.19 -23.87 20.05
C LEU A 41 8.65 -24.28 20.30
N ASP A 42 9.56 -23.32 20.18
CA ASP A 42 10.98 -23.63 20.33
C ASP A 42 11.30 -24.11 21.74
N GLY A 43 10.59 -23.61 22.75
CA GLY A 43 10.77 -24.11 24.10
C GLY A 43 10.90 -23.03 25.15
N ARG A 44 10.63 -21.78 24.78
CA ARG A 44 10.75 -20.68 25.72
C ARG A 44 9.39 -20.30 26.28
N GLN A 45 9.41 -19.46 27.30
CA GLN A 45 8.19 -19.03 27.96
C GLN A 45 7.54 -17.91 27.14
N THR A 46 6.55 -17.23 27.71
CA THR A 46 5.92 -16.12 27.02
C THR A 46 6.63 -14.80 27.25
N TYR A 47 7.23 -14.63 28.43
CA TYR A 47 7.93 -13.39 28.78
C TYR A 47 9.43 -13.56 28.57
N ASP A 48 9.80 -13.89 27.33
CA ASP A 48 11.19 -14.13 26.98
C ASP A 48 11.43 -13.77 25.52
N TYR A 49 12.56 -13.13 25.26
CA TYR A 49 13.06 -12.93 23.92
C TYR A 49 13.89 -14.14 23.50
N ARG A 50 14.39 -14.08 22.27
CA ARG A 50 15.33 -15.06 21.75
C ARG A 50 16.75 -14.53 21.89
N ASN A 51 17.71 -15.45 21.85
CA ASN A 51 19.10 -15.06 21.98
C ASN A 51 19.41 -14.02 20.92
N ILE A 52 19.65 -12.78 21.34
CA ILE A 52 19.98 -11.72 20.42
C ILE A 52 21.50 -11.55 20.42
N ARG A 53 22.07 -11.53 19.23
CA ARG A 53 23.49 -11.33 19.02
C ARG A 53 23.69 -9.99 18.35
N ILE A 54 24.69 -9.27 18.81
CA ILE A 54 25.09 -7.98 18.26
C ILE A 54 26.50 -8.14 17.73
N SER A 55 26.65 -8.08 16.42
CA SER A 55 27.95 -8.17 15.77
C SER A 55 28.24 -6.86 15.07
N PHE A 56 29.51 -6.48 15.08
CA PHE A 56 29.94 -5.22 14.49
C PHE A 56 30.76 -5.48 13.23
N GLY A 57 30.93 -4.42 12.46
CA GLY A 57 31.71 -4.46 11.25
C GLY A 57 33.08 -3.84 11.44
N THR A 58 33.69 -3.48 10.31
CA THR A 58 34.98 -2.80 10.33
C THR A 58 34.80 -1.28 10.35
N ASP A 59 33.81 -0.77 9.65
CA ASP A 59 33.57 0.65 9.56
C ASP A 59 32.68 1.10 10.71
N TYR A 60 33.15 2.09 11.47
CA TYR A 60 32.34 2.68 12.52
C TYR A 60 30.97 3.06 11.98
N GLY A 61 29.93 2.43 12.53
CA GLY A 61 28.56 2.72 12.15
C GLY A 61 27.81 1.56 11.54
N CYS A 62 28.40 0.38 11.43
CA CYS A 62 27.75 -0.79 10.86
C CYS A 62 27.47 -1.79 11.97
N CYS A 63 26.26 -2.33 11.98
CA CYS A 63 25.94 -3.36 12.97
C CYS A 63 24.95 -4.36 12.39
N ILE A 64 25.25 -5.63 12.57
CA ILE A 64 24.34 -6.72 12.21
C ILE A 64 23.86 -7.30 13.52
N VAL A 65 22.56 -7.15 13.79
CA VAL A 65 21.95 -7.71 14.99
C VAL A 65 21.00 -8.81 14.55
N GLU A 66 21.19 -10.00 15.13
CA GLU A 66 20.39 -11.16 14.79
C GLU A 66 19.78 -11.72 16.06
N LEU A 67 18.46 -11.66 16.15
CA LEU A 67 17.73 -12.31 17.22
C LEU A 67 17.13 -13.60 16.69
N GLY A 68 17.65 -14.73 17.19
CA GLY A 68 17.26 -16.01 16.65
C GLY A 68 17.60 -16.10 15.18
N LYS A 69 16.57 -16.07 14.34
CA LYS A 69 16.75 -16.18 12.90
C LYS A 69 16.66 -14.84 12.19
N THR A 70 16.15 -13.81 12.86
CA THR A 70 15.92 -12.51 12.24
C THR A 70 17.20 -11.68 12.30
N ARG A 71 17.83 -11.45 11.15
CA ARG A 71 19.03 -10.64 11.02
C ARG A 71 18.63 -9.30 10.42
N VAL A 72 19.20 -8.23 10.95
CA VAL A 72 18.96 -6.90 10.41
C VAL A 72 20.27 -6.12 10.43
N LEU A 73 20.52 -5.40 9.36
CA LEU A 73 21.74 -4.62 9.17
C LEU A 73 21.43 -3.15 9.34
N GLY A 74 22.40 -2.42 9.89
CA GLY A 74 22.24 -1.01 10.11
C GLY A 74 23.51 -0.24 9.81
N GLN A 75 23.41 0.72 8.90
CA GLN A 75 24.52 1.59 8.55
C GLN A 75 24.15 3.03 8.88
N VAL A 76 25.16 3.80 9.29
CA VAL A 76 24.98 5.19 9.66
C VAL A 76 25.97 6.02 8.87
N SER A 77 25.49 7.06 8.19
CA SER A 77 26.32 7.89 7.35
C SER A 77 26.04 9.35 7.64
N CYS A 78 27.02 10.19 7.30
CA CYS A 78 26.95 11.62 7.56
C CYS A 78 27.21 12.42 6.30
N GLU A 79 26.75 13.66 6.36
CA GLU A 79 26.93 14.62 5.29
C GLU A 79 26.84 16.00 5.90
N LEU A 80 27.29 17.01 5.16
CA LEU A 80 27.08 18.40 5.55
C LEU A 80 26.22 19.06 4.48
N VAL A 81 25.19 19.78 4.93
CA VAL A 81 24.19 20.30 4.02
C VAL A 81 23.60 21.57 4.61
N SER A 82 22.91 22.33 3.76
CA SER A 82 22.22 23.51 4.22
C SER A 82 20.99 23.13 5.02
N PRO A 83 20.85 23.58 6.26
CA PRO A 83 19.70 23.16 7.07
C PRO A 83 18.40 23.75 6.57
N LYS A 84 17.31 23.42 7.26
CA LYS A 84 16.00 23.95 6.95
C LYS A 84 15.70 25.15 7.84
N LEU A 85 15.02 26.14 7.25
CA LEU A 85 14.92 27.47 7.86
C LEU A 85 14.28 27.42 9.24
N ASN A 86 13.25 26.60 9.43
CA ASN A 86 12.58 26.61 10.73
C ASN A 86 13.55 26.30 11.86
N ARG A 87 14.53 25.44 11.59
CA ARG A 87 15.54 25.06 12.57
C ARG A 87 16.90 25.24 11.89
N ALA A 88 17.44 26.45 11.96
CA ALA A 88 18.74 26.75 11.38
C ALA A 88 19.88 26.48 12.34
N THR A 89 19.57 26.10 13.58
CA THR A 89 20.58 25.82 14.59
C THR A 89 20.88 24.33 14.70
N GLU A 90 19.85 23.51 14.86
CA GLU A 90 20.05 22.08 15.03
C GLU A 90 20.02 21.39 13.68
N GLY A 91 20.62 20.22 13.61
CA GLY A 91 20.76 19.54 12.34
C GLY A 91 19.57 18.73 11.91
N ILE A 92 19.84 17.57 11.32
CA ILE A 92 18.84 16.76 10.65
C ILE A 92 19.12 15.29 10.97
N LEU A 93 18.12 14.45 10.73
CA LEU A 93 18.30 13.02 10.86
C LEU A 93 17.31 12.32 9.94
N PHE A 94 17.81 11.33 9.21
CA PHE A 94 17.06 10.68 8.13
C PHE A 94 17.05 9.17 8.31
N PHE A 95 15.93 8.64 8.76
CA PHE A 95 15.76 7.19 8.85
C PHE A 95 15.33 6.61 7.52
N ASN A 96 15.65 5.33 7.33
CA ASN A 96 15.05 4.57 6.24
C ASN A 96 15.24 3.10 6.54
N LEU A 97 14.17 2.33 6.38
CA LEU A 97 14.21 0.89 6.51
C LEU A 97 13.77 0.26 5.20
N GLU A 98 14.55 -0.67 4.70
CA GLU A 98 14.23 -1.40 3.48
C GLU A 98 14.05 -2.86 3.79
N LEU A 99 13.07 -3.46 3.13
CA LEU A 99 12.72 -4.86 3.30
C LEU A 99 13.25 -5.62 2.08
N SER A 100 14.49 -6.09 2.19
CA SER A 100 15.15 -6.76 1.07
C SER A 100 14.41 -8.04 0.72
N GLN A 101 14.31 -8.31 -0.58
CA GLN A 101 13.65 -9.50 -1.07
C GLN A 101 14.21 -10.78 -0.46
N MET A 102 15.42 -10.75 0.11
CA MET A 102 15.93 -11.93 0.80
C MET A 102 15.25 -12.15 2.14
N ALA A 103 14.57 -11.14 2.67
CA ALA A 103 13.84 -11.33 3.92
C ALA A 103 12.72 -12.33 3.74
N ALA A 104 11.99 -12.25 2.65
CA ALA A 104 10.93 -13.19 2.34
C ALA A 104 10.46 -12.93 0.91
N PRO A 105 9.80 -13.91 0.30
CA PRO A 105 9.34 -13.73 -1.09
C PRO A 105 8.41 -12.53 -1.27
N ALA A 106 7.38 -12.43 -0.43
CA ALA A 106 6.36 -11.40 -0.63
C ALA A 106 6.95 -9.99 -0.71
N PHE A 107 8.18 -9.79 -0.26
CA PHE A 107 8.75 -8.45 -0.18
C PHE A 107 9.29 -7.99 -1.52
N GLU A 108 8.44 -8.03 -2.55
CA GLU A 108 8.77 -7.41 -3.81
C GLU A 108 8.87 -5.90 -3.63
N PRO A 109 9.60 -5.21 -4.51
CA PRO A 109 9.73 -3.77 -4.38
C PRO A 109 8.42 -3.05 -4.69
N GLY A 110 8.02 -2.16 -3.79
CA GLY A 110 6.84 -1.35 -4.02
C GLY A 110 5.53 -2.10 -3.91
N ARG A 111 5.50 -3.19 -3.14
CA ARG A 111 4.28 -3.99 -2.97
C ARG A 111 3.81 -4.06 -1.53
N GLN A 112 4.68 -4.39 -0.58
CA GLN A 112 4.30 -4.49 0.82
C GLN A 112 4.45 -3.15 1.53
N SER A 113 3.81 -2.12 0.97
CA SER A 113 4.07 -0.76 1.39
C SER A 113 3.48 -0.46 2.77
N ASP A 114 2.39 -1.10 3.15
CA ASP A 114 1.79 -0.84 4.45
C ASP A 114 2.77 -1.11 5.58
N LEU A 115 3.44 -2.26 5.52
CA LEU A 115 4.39 -2.61 6.57
C LEU A 115 5.55 -1.62 6.63
N LEU A 116 6.09 -1.26 5.47
CA LEU A 116 7.12 -0.23 5.42
C LEU A 116 6.65 1.05 6.09
N VAL A 117 5.47 1.52 5.71
CA VAL A 117 4.99 2.81 6.21
C VAL A 117 4.87 2.77 7.73
N LYS A 118 4.20 1.75 8.26
CA LYS A 118 3.98 1.72 9.70
C LYS A 118 5.30 1.59 10.45
N LEU A 119 6.19 0.72 9.98
CA LEU A 119 7.49 0.58 10.64
C LEU A 119 8.27 1.88 10.62
N ASN A 120 8.35 2.53 9.46
CA ASN A 120 9.16 3.73 9.36
C ASN A 120 8.60 4.86 10.21
N ARG A 121 7.28 5.08 10.16
CA ARG A 121 6.68 6.10 11.00
C ARG A 121 6.92 5.81 12.47
N LEU A 122 6.74 4.56 12.88
CA LEU A 122 6.95 4.18 14.27
C LEU A 122 8.38 4.45 14.70
N MET A 123 9.35 4.04 13.88
CA MET A 123 10.75 4.20 14.24
C MET A 123 11.14 5.68 14.29
N GLU A 124 10.78 6.44 13.26
CA GLU A 124 10.98 7.89 13.29
C GLU A 124 10.47 8.46 14.60
N ARG A 125 9.19 8.24 14.87
CA ARG A 125 8.59 8.74 16.10
C ARG A 125 9.45 8.36 17.30
N CYS A 126 9.59 7.06 17.55
CA CYS A 126 10.35 6.53 18.67
C CYS A 126 11.68 7.26 18.88
N LEU A 127 12.53 7.31 17.86
CA LEU A 127 13.88 7.83 18.05
C LEU A 127 13.90 9.36 17.99
N ARG A 128 13.44 9.93 16.89
CA ARG A 128 13.44 11.37 16.74
C ARG A 128 12.71 12.06 17.89
N ASN A 129 11.40 11.86 17.99
CA ASN A 129 10.62 12.71 18.88
C ASN A 129 10.91 12.43 20.35
N SER A 130 11.49 11.28 20.67
CA SER A 130 11.93 11.04 22.03
C SER A 130 13.17 11.82 22.38
N LYS A 131 13.81 12.46 21.40
CA LYS A 131 15.05 13.21 21.60
C LYS A 131 16.13 12.31 22.20
N CYS A 132 16.48 11.27 21.46
CA CYS A 132 17.49 10.33 21.91
C CYS A 132 18.89 10.88 21.70
N ILE A 133 19.10 11.58 20.59
CA ILE A 133 20.38 12.18 20.28
C ILE A 133 20.24 13.70 20.34
N ASP A 134 21.36 14.39 20.21
CA ASP A 134 21.42 15.84 20.33
C ASP A 134 21.53 16.40 18.92
N THR A 135 20.40 16.82 18.36
CA THR A 135 20.41 17.46 17.05
C THR A 135 21.08 18.83 17.08
N GLU A 136 21.35 19.36 18.26
CA GLU A 136 21.98 20.66 18.41
C GLU A 136 23.51 20.55 18.39
N SER A 137 24.05 19.61 19.17
CA SER A 137 25.50 19.40 19.20
C SER A 137 26.10 19.34 17.81
N LEU A 138 25.36 18.78 16.86
CA LEU A 138 25.86 18.64 15.48
C LEU A 138 25.49 19.82 14.61
N CYS A 139 25.79 21.02 15.11
CA CYS A 139 25.73 22.24 14.31
C CYS A 139 27.15 22.74 14.08
N VAL A 140 27.38 23.32 12.90
CA VAL A 140 28.71 23.79 12.53
C VAL A 140 28.64 25.26 12.14
N VAL A 141 27.73 25.60 11.23
CA VAL A 141 27.49 26.98 10.82
C VAL A 141 25.99 27.20 10.82
N ALA A 142 25.49 27.98 11.79
CA ALA A 142 24.07 28.14 11.98
C ALA A 142 23.46 28.97 10.85
N GLY A 143 22.96 28.30 9.83
CA GLY A 143 22.27 28.96 8.74
C GLY A 143 22.79 28.53 7.39
N GLU A 144 24.00 27.97 7.38
CA GLU A 144 24.69 27.64 6.13
C GLU A 144 24.99 26.16 6.01
N LYS A 145 25.67 25.57 7.00
CA LYS A 145 26.10 24.18 6.93
C LYS A 145 25.87 23.52 8.27
N VAL A 146 25.19 22.37 8.26
CA VAL A 146 25.00 21.56 9.45
C VAL A 146 25.17 20.10 9.04
N TRP A 147 25.27 19.24 10.03
CA TRP A 147 25.39 17.83 9.75
C TRP A 147 24.06 17.27 9.23
N GLN A 148 24.12 16.03 8.80
CA GLN A 148 22.96 15.31 8.33
C GLN A 148 23.31 13.84 8.52
N ILE A 149 22.68 13.22 9.50
CA ILE A 149 22.94 11.84 9.87
C ILE A 149 21.79 11.00 9.35
N ARG A 150 22.07 10.12 8.41
CA ARG A 150 21.07 9.18 7.97
C ARG A 150 21.45 7.79 8.42
N VAL A 151 20.43 6.96 8.61
CA VAL A 151 20.59 5.61 9.09
C VAL A 151 19.72 4.72 8.23
N ASP A 152 20.36 3.76 7.56
CA ASP A 152 19.70 2.85 6.66
C ASP A 152 19.71 1.47 7.31
N LEU A 153 18.53 0.96 7.62
CA LEU A 153 18.35 -0.37 8.11
C LEU A 153 17.86 -1.25 6.97
N HIS A 154 18.37 -2.47 6.91
CA HIS A 154 18.04 -3.40 5.85
C HIS A 154 17.66 -4.71 6.50
N LEU A 155 16.55 -5.29 6.04
CA LEU A 155 16.06 -6.55 6.58
C LEU A 155 16.56 -7.70 5.72
N LEU A 156 17.33 -8.60 6.32
CA LEU A 156 17.98 -9.67 5.62
C LEU A 156 17.20 -10.99 5.74
N ASN A 157 16.94 -11.41 6.97
CA ASN A 157 16.09 -12.56 7.23
C ASN A 157 14.88 -12.11 8.04
N HIS A 158 13.72 -12.62 7.68
CA HIS A 158 12.46 -12.28 8.34
C HIS A 158 11.93 -13.51 9.06
N ASP A 159 12.19 -13.57 10.37
CA ASP A 159 11.57 -14.56 11.25
C ASP A 159 11.03 -13.80 12.46
N GLY A 160 9.85 -13.23 12.31
CA GLY A 160 9.12 -12.73 13.45
C GLY A 160 9.24 -11.25 13.70
N ASN A 161 9.98 -10.89 14.74
CA ASN A 161 9.94 -9.57 15.34
C ASN A 161 10.94 -8.67 14.63
N ILE A 162 10.44 -7.59 14.03
CA ILE A 162 11.31 -6.64 13.37
C ILE A 162 11.62 -5.45 14.27
N ILE A 163 10.58 -4.71 14.63
CA ILE A 163 10.72 -3.42 15.30
C ILE A 163 11.80 -3.50 16.37
N ASP A 164 11.77 -4.55 17.18
CA ASP A 164 12.83 -4.73 18.18
C ASP A 164 14.20 -4.80 17.53
N ALA A 165 14.32 -5.59 16.48
CA ALA A 165 15.61 -5.74 15.81
C ALA A 165 16.03 -4.43 15.17
N ALA A 166 15.14 -3.82 14.40
CA ALA A 166 15.45 -2.55 13.76
C ALA A 166 15.91 -1.52 14.77
N SER A 167 15.24 -1.46 15.93
CA SER A 167 15.59 -0.45 16.92
C SER A 167 16.93 -0.75 17.57
N ILE A 168 17.15 -2.00 17.99
CA ILE A 168 18.43 -2.37 18.55
C ILE A 168 19.55 -2.05 17.58
N ALA A 169 19.29 -2.25 16.29
CA ALA A 169 20.33 -1.98 15.29
C ALA A 169 20.60 -0.48 15.18
N ALA A 170 19.54 0.30 15.02
CA ALA A 170 19.71 1.75 14.94
C ALA A 170 20.44 2.28 16.15
N ILE A 171 20.16 1.72 17.33
CA ILE A 171 20.76 2.22 18.55
C ILE A 171 22.22 1.82 18.65
N VAL A 172 22.51 0.54 18.40
CA VAL A 172 23.90 0.09 18.42
C VAL A 172 24.72 0.90 17.42
N ALA A 173 24.16 1.20 16.26
CA ALA A 173 24.85 2.03 15.29
C ALA A 173 25.08 3.43 15.83
N LEU A 174 23.99 4.17 16.09
CA LEU A 174 24.10 5.54 16.55
C LEU A 174 24.89 5.68 17.84
N CYS A 175 25.19 4.57 18.52
CA CYS A 175 26.12 4.59 19.64
C CYS A 175 27.50 4.07 19.26
N HIS A 176 27.65 3.52 18.06
CA HIS A 176 28.90 2.99 17.56
C HIS A 176 29.26 3.68 16.26
N PHE A 177 29.08 4.98 16.22
CA PHE A 177 29.36 5.79 15.05
C PHE A 177 30.19 7.00 15.46
N ARG A 178 30.95 7.51 14.51
CA ARG A 178 31.90 8.57 14.81
C ARG A 178 32.08 9.47 13.62
N ARG A 179 31.95 10.75 13.83
CA ARG A 179 31.96 11.76 12.79
C ARG A 179 33.38 12.18 12.46
N PRO A 180 33.61 12.64 11.23
CA PRO A 180 34.90 13.28 10.92
C PRO A 180 34.99 14.61 11.65
N ASP A 181 36.01 14.76 12.48
CA ASP A 181 36.13 15.97 13.27
C ASP A 181 36.23 17.18 12.36
N VAL A 182 35.86 18.33 12.91
CA VAL A 182 35.81 19.57 12.14
C VAL A 182 36.30 20.70 13.02
N SER A 183 37.06 21.61 12.42
CA SER A 183 37.45 22.85 13.09
C SER A 183 36.81 24.03 12.37
N VAL A 184 36.60 25.12 13.09
CA VAL A 184 35.86 26.24 12.55
C VAL A 184 36.38 27.53 13.16
N GLN A 185 36.42 28.58 12.35
CA GLN A 185 36.72 29.93 12.81
C GLN A 185 35.96 30.91 11.93
N GLY A 186 35.00 31.62 12.52
CA GLY A 186 34.15 32.50 11.74
C GLY A 186 33.30 31.74 10.76
N ASP A 187 33.63 31.87 9.48
CA ASP A 187 33.03 31.07 8.42
C ASP A 187 33.98 30.01 7.88
N GLU A 188 35.26 30.14 8.16
CA GLU A 188 36.27 29.17 7.72
C GLU A 188 35.99 27.84 8.39
N VAL A 189 35.55 26.86 7.61
CA VAL A 189 35.27 25.52 8.10
C VAL A 189 36.30 24.57 7.49
N THR A 190 36.85 23.69 8.32
CA THR A 190 37.88 22.75 7.90
C THR A 190 37.44 21.36 8.32
N LEU A 191 37.16 20.53 7.32
CA LEU A 191 36.91 19.11 7.53
C LEU A 191 38.25 18.36 7.50
N TYR A 192 38.25 17.19 8.12
CA TYR A 192 39.48 16.41 8.19
C TYR A 192 39.14 14.95 8.03
N THR A 193 40.18 14.16 7.81
CA THR A 193 40.06 12.75 7.49
C THR A 193 40.23 11.89 8.73
N PRO A 194 39.72 10.66 8.70
CA PRO A 194 39.89 9.79 9.87
C PRO A 194 41.33 9.50 10.19
N GLU A 195 42.23 9.69 9.22
CA GLU A 195 43.65 9.47 9.42
C GLU A 195 44.37 10.69 9.97
N GLU A 196 43.82 11.89 9.77
CA GLU A 196 44.48 13.09 10.26
C GLU A 196 44.12 13.36 11.72
N ARG A 197 42.87 13.12 12.09
CA ARG A 197 42.43 13.17 13.48
C ARG A 197 41.58 11.94 13.77
N ASP A 198 41.14 11.82 15.02
CA ASP A 198 40.30 10.71 15.44
C ASP A 198 38.86 11.14 15.37
N PRO A 199 38.00 10.48 14.59
CA PRO A 199 36.60 10.90 14.52
C PRO A 199 35.97 10.97 15.91
N VAL A 200 35.00 11.86 16.04
CA VAL A 200 34.32 12.11 17.31
C VAL A 200 33.00 11.36 17.33
N PRO A 201 32.62 10.76 18.44
CA PRO A 201 31.34 10.06 18.50
C PRO A 201 30.15 11.02 18.53
N LEU A 202 28.96 10.46 18.70
CA LEU A 202 27.74 11.25 18.77
C LEU A 202 27.44 11.62 20.21
N SER A 203 26.24 12.16 20.45
CA SER A 203 25.78 12.56 21.78
C SER A 203 24.39 11.98 21.97
N ILE A 204 24.32 10.90 22.74
CA ILE A 204 23.05 10.28 23.09
C ILE A 204 22.72 10.68 24.52
N HIS A 205 21.42 10.79 24.79
CA HIS A 205 20.93 11.05 26.14
C HIS A 205 20.38 9.81 26.80
N HIS A 206 19.80 8.91 26.01
CA HIS A 206 19.15 7.71 26.49
C HIS A 206 18.82 6.83 25.30
N MET A 207 18.99 5.52 25.46
CA MET A 207 18.79 4.61 24.35
C MET A 207 17.45 3.91 24.48
N PRO A 208 16.46 4.26 23.67
CA PRO A 208 15.20 3.53 23.67
C PRO A 208 15.23 2.36 22.71
N ILE A 209 14.51 1.31 23.08
CA ILE A 209 14.39 0.15 22.23
C ILE A 209 12.99 -0.40 22.41
N CYS A 210 12.34 -0.70 21.30
CA CYS A 210 10.94 -1.07 21.33
C CYS A 210 10.78 -2.45 21.96
N VAL A 211 9.52 -2.82 22.19
CA VAL A 211 9.14 -4.10 22.75
C VAL A 211 7.79 -4.46 22.18
N SER A 212 7.67 -5.67 21.66
CA SER A 212 6.52 -6.06 20.87
C SER A 212 5.74 -7.13 21.62
N PHE A 213 4.45 -6.88 21.83
CA PHE A 213 3.54 -7.84 22.42
C PHE A 213 2.51 -8.24 21.37
N ALA A 214 2.09 -9.50 21.41
CA ALA A 214 1.14 -10.02 20.44
C ALA A 214 -0.04 -10.62 21.18
N PHE A 215 -1.24 -10.23 20.76
CA PHE A 215 -2.47 -10.62 21.42
C PHE A 215 -3.16 -11.74 20.65
N PHE A 216 -3.65 -12.72 21.41
CA PHE A 216 -4.36 -13.86 20.86
C PHE A 216 -5.70 -14.02 21.55
N GLN A 217 -6.72 -14.32 20.74
CA GLN A 217 -8.10 -14.47 21.18
C GLN A 217 -8.65 -13.17 21.74
N GLN A 218 -8.60 -12.13 20.93
CA GLN A 218 -9.27 -10.87 21.20
C GLN A 218 -8.68 -10.12 22.38
N GLY A 219 -7.71 -10.72 23.08
CA GLY A 219 -7.07 -10.04 24.19
C GLY A 219 -6.73 -10.96 25.35
N THR A 220 -7.19 -12.20 25.29
CA THR A 220 -7.02 -13.10 26.43
C THR A 220 -5.54 -13.40 26.67
N TYR A 221 -4.81 -13.74 25.61
CA TYR A 221 -3.42 -14.13 25.75
C TYR A 221 -2.49 -13.12 25.11
N LEU A 222 -1.29 -13.00 25.68
CA LEU A 222 -0.29 -12.08 25.19
C LEU A 222 1.08 -12.73 25.20
N LEU A 223 1.84 -12.52 24.14
CA LEU A 223 3.16 -13.10 23.99
C LEU A 223 4.19 -12.00 23.73
N VAL A 224 5.45 -12.35 23.93
CA VAL A 224 6.58 -11.48 23.66
C VAL A 224 7.41 -12.10 22.55
N ASP A 225 8.03 -11.25 21.76
CA ASP A 225 8.92 -11.68 20.68
C ASP A 225 8.26 -12.82 19.91
N PRO A 226 7.18 -12.54 19.21
CA PRO A 226 6.50 -13.59 18.45
C PRO A 226 7.26 -13.96 17.19
N ASN A 227 7.20 -15.25 16.86
CA ASN A 227 7.79 -15.74 15.62
C ASN A 227 6.88 -15.36 14.45
N GLU A 228 7.17 -15.91 13.28
CA GLU A 228 6.42 -15.52 12.09
C GLU A 228 5.02 -16.12 12.10
N ARG A 229 4.91 -17.40 12.46
CA ARG A 229 3.60 -18.04 12.55
C ARG A 229 2.74 -17.36 13.59
N GLU A 230 3.30 -17.10 14.77
CA GLU A 230 2.57 -16.40 15.81
C GLU A 230 2.10 -15.04 15.34
N GLU A 231 2.85 -14.41 14.43
CA GLU A 231 2.38 -13.17 13.83
C GLU A 231 1.29 -13.42 12.80
N ARG A 232 1.22 -14.62 12.24
CA ARG A 232 0.16 -14.91 11.28
C ARG A 232 -1.14 -15.33 11.93
N VAL A 233 -1.09 -15.85 13.15
CA VAL A 233 -2.30 -16.25 13.86
C VAL A 233 -2.60 -15.32 15.04
N MET A 234 -2.06 -14.12 15.03
CA MET A 234 -2.40 -13.12 16.03
C MET A 234 -3.33 -12.10 15.41
N ASP A 235 -4.13 -11.47 16.27
CA ASP A 235 -5.05 -10.44 15.84
C ASP A 235 -4.57 -9.03 16.16
N GLY A 236 -3.67 -8.88 17.10
CA GLY A 236 -3.27 -7.55 17.56
C GLY A 236 -1.83 -7.48 18.01
N LEU A 237 -1.27 -6.29 17.89
CA LEU A 237 0.14 -6.03 18.14
C LEU A 237 0.24 -4.75 18.95
N LEU A 238 0.91 -4.82 20.09
CA LEU A 238 1.16 -3.66 20.94
C LEU A 238 2.64 -3.41 20.99
N VAL A 239 3.08 -2.30 20.42
CA VAL A 239 4.46 -1.87 20.48
C VAL A 239 4.60 -0.88 21.62
N ILE A 240 5.69 -0.99 22.37
CA ILE A 240 5.95 -0.10 23.50
C ILE A 240 7.43 0.23 23.52
N ALA A 241 7.76 1.52 23.44
CA ALA A 241 9.12 1.99 23.53
C ALA A 241 9.41 2.45 24.94
N MET A 242 10.61 2.12 25.42
CA MET A 242 10.97 2.35 26.81
C MET A 242 12.47 2.63 26.88
N ASN A 243 12.89 3.11 28.05
CA ASN A 243 14.29 3.35 28.32
C ASN A 243 14.67 2.62 29.60
N LYS A 244 15.94 2.72 29.97
CA LYS A 244 16.37 2.19 31.25
C LYS A 244 15.91 3.05 32.42
N HIS A 245 15.31 4.20 32.15
CA HIS A 245 14.85 5.10 33.19
C HIS A 245 13.33 5.12 33.29
N ARG A 246 12.64 4.16 32.67
CA ARG A 246 11.19 4.04 32.72
C ARG A 246 10.53 5.32 32.21
N GLU A 247 10.74 5.57 30.92
CA GLU A 247 10.17 6.73 30.24
C GLU A 247 9.57 6.26 28.92
N ILE A 248 8.25 6.09 28.91
CA ILE A 248 7.49 5.86 27.69
C ILE A 248 7.88 6.86 26.63
N CYS A 249 8.28 6.37 25.46
CA CYS A 249 8.54 7.22 24.31
C CYS A 249 7.48 7.10 23.23
N THR A 250 6.94 5.90 23.02
CA THR A 250 5.82 5.68 22.11
C THR A 250 5.13 4.40 22.53
N ILE A 251 3.85 4.29 22.20
CA ILE A 251 3.14 3.02 22.29
C ILE A 251 2.09 3.04 21.19
N GLN A 252 1.91 1.89 20.55
CA GLN A 252 1.04 1.79 19.39
C GLN A 252 0.31 0.47 19.40
N SER A 253 -0.96 0.52 18.98
CA SER A 253 -1.79 -0.66 18.83
C SER A 253 -2.20 -0.82 17.39
N SER A 254 -1.96 -2.00 16.84
CA SER A 254 -2.30 -2.29 15.45
C SER A 254 -2.93 -3.66 15.37
N GLY A 255 -3.65 -3.90 14.27
CA GLY A 255 -4.33 -5.17 14.06
C GLY A 255 -5.82 -5.14 14.30
N GLY A 256 -6.39 -4.01 14.71
CA GLY A 256 -7.82 -3.93 14.95
C GLY A 256 -8.25 -4.84 16.07
N ILE A 257 -7.84 -4.50 17.29
CA ILE A 257 -8.06 -5.35 18.45
C ILE A 257 -8.53 -4.51 19.63
N MET A 258 -9.32 -5.14 20.48
CA MET A 258 -9.94 -4.48 21.62
C MET A 258 -9.23 -4.94 22.89
N LEU A 259 -8.33 -4.10 23.39
CA LEU A 259 -7.64 -4.35 24.64
C LEU A 259 -8.23 -3.47 25.74
N LEU A 260 -7.59 -3.47 26.90
CA LEU A 260 -8.06 -2.72 28.05
C LEU A 260 -6.87 -2.00 28.68
N LYS A 261 -7.08 -1.48 29.89
CA LYS A 261 -6.06 -0.70 30.59
C LYS A 261 -5.03 -1.60 31.27
N ASP A 262 -5.49 -2.46 32.17
CA ASP A 262 -4.58 -3.34 32.90
C ASP A 262 -3.63 -4.07 31.98
N GLN A 263 -4.07 -4.41 30.76
CA GLN A 263 -3.18 -5.11 29.83
C GLN A 263 -1.96 -4.25 29.48
N VAL A 264 -2.20 -2.99 29.14
CA VAL A 264 -1.08 -2.12 28.77
C VAL A 264 -0.22 -1.83 29.98
N LEU A 265 -0.83 -1.68 31.15
CA LEU A 265 -0.06 -1.48 32.38
C LEU A 265 0.90 -2.64 32.62
N ARG A 266 0.39 -3.87 32.52
CA ARG A 266 1.23 -5.04 32.75
C ARG A 266 2.31 -5.15 31.68
N CYS A 267 1.95 -4.92 30.42
CA CYS A 267 2.93 -4.96 29.35
C CYS A 267 4.04 -3.96 29.59
N SER A 268 3.70 -2.80 30.15
CA SER A 268 4.71 -1.79 30.46
C SER A 268 5.63 -2.26 31.59
N LYS A 269 5.05 -2.85 32.64
CA LYS A 269 5.88 -3.36 33.71
C LYS A 269 6.80 -4.47 33.23
N ILE A 270 6.45 -5.11 32.13
CA ILE A 270 7.34 -6.10 31.52
C ILE A 270 8.45 -5.41 30.73
N ALA A 271 8.05 -4.51 29.81
CA ALA A 271 9.01 -3.79 28.99
C ALA A 271 10.09 -3.14 29.82
N GLY A 272 9.75 -2.71 31.03
CA GLY A 272 10.78 -2.15 31.90
C GLY A 272 11.98 -3.07 32.05
N VAL A 273 11.73 -4.26 32.59
CA VAL A 273 12.81 -5.21 32.84
C VAL A 273 13.49 -5.59 31.53
N LYS A 274 12.70 -5.85 30.50
CA LYS A 274 13.28 -6.30 29.23
C LYS A 274 14.26 -5.27 28.69
N VAL A 275 13.87 -4.00 28.72
CA VAL A 275 14.72 -2.95 28.17
C VAL A 275 15.95 -2.75 29.05
N ALA A 276 15.79 -2.86 30.36
CA ALA A 276 16.97 -2.79 31.22
C ALA A 276 18.00 -3.82 30.80
N GLU A 277 17.56 -5.05 30.57
CA GLU A 277 18.50 -6.13 30.25
C GLU A 277 19.13 -5.91 28.88
N ILE A 278 18.30 -5.62 27.87
CA ILE A 278 18.83 -5.34 26.53
C ILE A 278 19.86 -4.23 26.58
N THR A 279 19.60 -3.19 27.38
CA THR A 279 20.52 -2.06 27.47
C THR A 279 21.85 -2.50 28.08
N GLU A 280 21.79 -3.28 29.16
CA GLU A 280 23.02 -3.81 29.72
C GLU A 280 23.82 -4.52 28.65
N LEU A 281 23.15 -5.34 27.84
CA LEU A 281 23.86 -6.08 26.81
C LEU A 281 24.52 -5.13 25.81
N ILE A 282 23.75 -4.18 25.28
CA ILE A 282 24.29 -3.24 24.31
C ILE A 282 25.54 -2.58 24.84
N LEU A 283 25.48 -2.09 26.07
CA LEU A 283 26.65 -1.43 26.65
C LEU A 283 27.83 -2.38 26.71
N LYS A 284 27.59 -3.63 27.12
CA LYS A 284 28.68 -4.60 27.16
C LYS A 284 29.29 -4.79 25.78
N ALA A 285 28.44 -4.83 24.75
CA ALA A 285 28.91 -5.03 23.39
C ALA A 285 29.83 -3.90 22.97
N LEU A 286 29.40 -2.65 23.19
CA LEU A 286 30.24 -1.53 22.82
C LEU A 286 31.56 -1.57 23.57
N GLU A 287 31.52 -1.87 24.87
CA GLU A 287 32.75 -2.00 25.64
C GLU A 287 33.69 -3.03 25.01
N ASN A 288 33.15 -4.18 24.63
CA ASN A 288 33.99 -5.24 24.09
C ASN A 288 34.57 -4.84 22.74
N ASP A 289 33.78 -4.15 21.92
CA ASP A 289 34.27 -3.73 20.62
C ASP A 289 35.42 -2.74 20.78
N GLN A 290 35.26 -1.77 21.69
CA GLN A 290 36.35 -0.84 21.95
C GLN A 290 37.59 -1.58 22.43
N LYS A 291 37.42 -2.55 23.34
CA LYS A 291 38.57 -3.32 23.81
C LYS A 291 39.27 -4.01 22.65
N VAL A 292 38.50 -4.66 21.77
CA VAL A 292 39.10 -5.34 20.62
C VAL A 292 39.90 -4.37 19.77
N ARG A 293 39.27 -3.30 19.29
CA ARG A 293 40.01 -2.37 18.45
C ARG A 293 41.22 -1.80 19.17
N LYS A 294 41.18 -1.73 20.50
CA LYS A 294 42.35 -1.34 21.26
C LYS A 294 43.35 -2.48 21.43
N GLU A 295 43.17 -3.58 20.70
CA GLU A 295 44.10 -4.70 20.76
C GLU A 295 44.42 -5.30 19.41
N GLY A 296 43.84 -4.80 18.32
CA GLY A 296 44.00 -5.43 17.02
C GLY A 296 42.87 -6.37 16.71
N GLY A 297 41.96 -5.94 15.84
CA GLY A 297 40.78 -6.71 15.51
C GLY A 297 39.64 -5.81 15.11
N LYS A 298 38.94 -6.16 14.03
CA LYS A 298 37.95 -5.29 13.43
C LYS A 298 36.54 -5.85 13.63
N PHE A 299 36.27 -6.38 14.81
CA PHE A 299 34.97 -6.98 15.08
C PHE A 299 34.63 -6.80 16.56
N GLY A 300 33.40 -7.16 16.89
CA GLY A 300 32.89 -7.09 18.23
C GLY A 300 31.60 -7.89 18.30
N PHE A 301 31.45 -8.69 19.35
CA PHE A 301 30.42 -9.72 19.38
C PHE A 301 29.82 -9.76 20.78
N ALA A 302 28.49 -9.75 20.85
CA ALA A 302 27.81 -9.95 22.12
C ALA A 302 26.62 -10.89 21.95
N GLU A 303 26.40 -11.70 22.98
CA GLU A 303 25.39 -12.75 23.01
C GLU A 303 24.46 -12.50 24.18
N SER A 304 23.16 -12.72 23.99
CA SER A 304 22.25 -12.70 25.12
C SER A 304 22.61 -13.80 26.12
N LEU B 8 2.82 33.64 26.37
CA LEU B 8 2.30 32.31 26.10
C LEU B 8 2.49 31.41 27.32
N GLU B 9 1.61 30.42 27.47
CA GLU B 9 1.69 29.47 28.57
C GLU B 9 0.60 28.44 28.31
N LEU B 10 0.64 27.34 29.05
CA LEU B 10 -0.32 26.26 28.90
C LEU B 10 -1.24 26.11 30.09
N LEU B 11 -0.70 26.00 31.29
CA LEU B 11 -1.51 25.94 32.51
C LEU B 11 -1.12 27.08 33.44
N SER B 12 -1.96 28.11 33.47
CA SER B 12 -1.82 29.13 34.47
C SER B 12 -1.87 28.48 35.85
N ASP B 13 -1.26 29.12 36.83
CA ASP B 13 -1.22 28.57 38.17
C ASP B 13 -2.62 28.35 38.75
N GLN B 14 -3.63 29.01 38.19
CA GLN B 14 -4.98 28.86 38.69
C GLN B 14 -5.63 27.56 38.25
N GLY B 15 -5.25 27.04 37.08
CA GLY B 15 -5.85 25.87 36.51
C GLY B 15 -6.41 26.07 35.11
N TYR B 16 -6.44 27.29 34.62
CA TYR B 16 -7.03 27.59 33.32
C TYR B 16 -6.01 27.33 32.21
N ARG B 17 -6.52 27.21 30.99
CA ARG B 17 -5.69 27.10 29.80
C ARG B 17 -5.65 28.44 29.07
N VAL B 18 -5.07 28.41 27.86
CA VAL B 18 -5.08 29.57 26.99
C VAL B 18 -6.50 29.82 26.47
N ASP B 19 -7.10 28.80 25.86
CA ASP B 19 -8.42 28.97 25.24
C ASP B 19 -9.45 29.39 26.27
N GLY B 20 -9.22 29.12 27.55
CA GLY B 20 -10.16 29.47 28.59
C GLY B 20 -10.98 28.29 29.04
N ARG B 21 -10.33 27.15 29.19
CA ARG B 21 -11.01 25.95 29.67
C ARG B 21 -10.06 25.15 30.54
N ARG B 22 -10.61 24.53 31.58
CA ARG B 22 -9.84 23.75 32.52
C ARG B 22 -9.25 22.53 31.81
N ALA B 23 -8.51 21.72 32.56
CA ALA B 23 -7.87 20.55 31.97
C ALA B 23 -8.88 19.48 31.61
N GLY B 24 -9.87 19.25 32.48
CA GLY B 24 -10.77 18.13 32.32
C GLY B 24 -11.86 18.28 31.30
N GLU B 25 -12.01 19.46 30.71
CA GLU B 25 -13.06 19.69 29.72
C GLU B 25 -12.45 19.88 28.35
N LEU B 26 -13.32 20.15 27.38
CA LEU B 26 -12.95 20.18 25.97
C LEU B 26 -13.79 21.22 25.26
N ARG B 27 -13.62 21.30 23.94
CA ARG B 27 -14.25 22.33 23.13
C ARG B 27 -15.52 21.80 22.49
N LYS B 28 -16.45 22.72 22.24
CA LYS B 28 -17.79 22.35 21.81
C LYS B 28 -17.72 21.80 20.40
N ILE B 29 -18.03 20.52 20.27
CA ILE B 29 -18.14 19.92 18.95
C ILE B 29 -19.49 20.33 18.37
N GLN B 30 -19.49 20.71 17.11
CA GLN B 30 -20.70 21.07 16.40
C GLN B 30 -20.72 20.27 15.12
N ALA B 31 -21.73 19.43 14.95
CA ALA B 31 -21.70 18.40 13.93
C ALA B 31 -22.96 18.43 13.08
N ARG B 32 -23.02 17.49 12.14
CA ARG B 32 -24.16 17.31 11.27
C ARG B 32 -23.98 16.04 10.47
N MET B 33 -25.12 15.50 10.02
CA MET B 33 -25.18 14.20 9.36
C MET B 33 -26.11 14.34 8.17
N GLY B 34 -25.57 14.22 6.96
CA GLY B 34 -26.39 14.28 5.77
C GLY B 34 -25.94 15.37 4.81
N VAL B 35 -24.66 15.74 4.88
CA VAL B 35 -24.16 16.80 4.02
C VAL B 35 -24.41 16.49 2.56
N PHE B 36 -23.84 15.40 2.07
CA PHE B 36 -23.82 15.10 0.64
C PHE B 36 -24.80 13.96 0.36
N ALA B 37 -25.75 14.21 -0.54
CA ALA B 37 -26.81 13.26 -0.84
C ALA B 37 -26.45 12.30 -1.95
N GLN B 38 -25.53 12.69 -2.84
CA GLN B 38 -25.08 11.80 -3.90
C GLN B 38 -24.32 10.59 -3.39
N ALA B 39 -24.16 10.45 -2.08
CA ALA B 39 -23.46 9.34 -1.46
C ALA B 39 -24.45 8.46 -0.70
N ASP B 40 -23.90 7.45 -0.03
CA ASP B 40 -24.67 6.55 0.79
C ASP B 40 -24.51 6.87 2.27
N GLY B 41 -23.71 7.87 2.61
CA GLY B 41 -23.51 8.29 3.97
C GLY B 41 -22.50 9.41 4.06
N SER B 42 -22.82 10.44 4.82
CA SER B 42 -21.97 11.62 4.89
C SER B 42 -22.12 12.26 6.25
N ALA B 43 -21.12 13.04 6.63
CA ALA B 43 -21.12 13.71 7.92
C ALA B 43 -20.21 14.92 7.87
N TYR B 44 -20.29 15.71 8.93
CA TYR B 44 -19.44 16.87 9.12
C TYR B 44 -19.34 17.15 10.60
N ILE B 45 -18.17 17.61 11.01
CA ILE B 45 -17.89 17.83 12.42
C ILE B 45 -16.88 18.95 12.54
N GLU B 46 -17.06 19.80 13.56
CA GLU B 46 -16.06 20.79 13.91
C GLU B 46 -15.86 20.67 15.42
N GLN B 47 -14.75 20.06 15.79
CA GLN B 47 -14.37 19.85 17.18
C GLN B 47 -13.50 21.00 17.67
N GLY B 48 -14.03 22.20 17.48
CA GLY B 48 -13.32 23.44 17.77
C GLY B 48 -13.12 24.25 16.51
N ASN B 49 -11.87 24.54 16.17
CA ASN B 49 -11.56 25.07 14.86
C ASN B 49 -11.42 23.97 13.82
N THR B 50 -11.08 22.77 14.25
CA THR B 50 -10.96 21.64 13.34
C THR B 50 -12.25 21.46 12.54
N LYS B 51 -12.11 20.88 11.36
CA LYS B 51 -13.25 20.64 10.49
C LYS B 51 -12.95 19.40 9.66
N ALA B 52 -13.43 18.26 10.12
CA ALA B 52 -13.28 17.03 9.36
C ALA B 52 -14.51 16.83 8.49
N LEU B 53 -14.39 15.94 7.52
CA LEU B 53 -15.49 15.67 6.62
C LEU B 53 -15.33 14.24 6.12
N ALA B 54 -16.34 13.42 6.37
CA ALA B 54 -16.28 12.01 6.09
C ALA B 54 -17.30 11.65 5.03
N VAL B 55 -17.05 10.53 4.37
CA VAL B 55 -17.97 9.99 3.38
C VAL B 55 -17.81 8.48 3.39
N VAL B 56 -18.92 7.77 3.18
CA VAL B 56 -18.89 6.31 3.16
C VAL B 56 -19.73 5.80 2.01
N TYR B 57 -19.07 5.44 0.92
CA TYR B 57 -19.74 4.77 -0.17
C TYR B 57 -19.92 3.31 0.21
N GLY B 58 -21.17 2.88 0.22
CA GLY B 58 -21.59 1.76 1.02
C GLY B 58 -20.99 0.45 0.59
N PRO B 59 -21.48 -0.62 1.16
CA PRO B 59 -21.03 -1.94 0.76
C PRO B 59 -21.51 -2.24 -0.65
N HIS B 60 -20.62 -2.13 -1.62
CA HIS B 60 -20.99 -2.28 -3.02
C HIS B 60 -20.02 -3.26 -3.66
N GLU B 61 -20.16 -3.42 -4.97
CA GLU B 61 -19.42 -4.44 -5.69
C GLU B 61 -17.96 -4.06 -5.82
N ILE B 62 -17.12 -5.08 -5.85
CA ILE B 62 -15.71 -4.92 -6.22
C ILE B 62 -15.59 -5.01 -7.74
N ARG B 63 -14.88 -4.05 -8.32
CA ARG B 63 -14.50 -4.12 -9.72
C ARG B 63 -13.01 -4.33 -9.80
N GLY B 64 -12.54 -4.75 -10.98
CA GLY B 64 -11.18 -5.20 -11.11
C GLY B 64 -10.83 -6.16 -9.99
N SER B 65 -11.64 -7.21 -9.84
CA SER B 65 -11.63 -8.06 -8.65
C SER B 65 -10.23 -8.30 -8.13
N ARG B 66 -9.27 -8.48 -9.05
CA ARG B 66 -7.85 -8.59 -8.73
C ARG B 66 -7.62 -9.55 -7.56
N ALA B 67 -8.55 -10.48 -7.37
CA ALA B 67 -8.47 -11.52 -6.35
C ALA B 67 -8.13 -10.94 -4.97
N ARG B 68 -8.99 -10.02 -4.51
CA ARG B 68 -8.91 -9.52 -3.15
C ARG B 68 -10.27 -9.46 -2.48
N ALA B 69 -11.33 -9.91 -3.16
CA ALA B 69 -12.67 -9.89 -2.59
C ALA B 69 -12.77 -10.99 -1.55
N LEU B 70 -12.53 -10.64 -0.30
CA LEU B 70 -12.63 -11.61 0.78
C LEU B 70 -13.98 -12.30 0.73
N PRO B 71 -14.03 -13.63 0.82
CA PRO B 71 -15.32 -14.33 0.73
C PRO B 71 -16.00 -14.46 2.08
N ASP B 72 -15.21 -14.39 3.14
CA ASP B 72 -15.72 -14.51 4.49
C ASP B 72 -16.37 -13.20 4.94
N ARG B 73 -15.62 -12.10 4.85
CA ARG B 73 -16.06 -10.82 5.37
C ARG B 73 -15.98 -9.74 4.30
N ALA B 74 -16.14 -8.49 4.70
CA ALA B 74 -16.15 -7.36 3.79
C ALA B 74 -14.77 -6.73 3.71
N LEU B 75 -14.64 -5.81 2.76
CA LEU B 75 -13.37 -5.18 2.43
C LEU B 75 -13.47 -3.69 2.75
N VAL B 76 -12.79 -3.27 3.80
CA VAL B 76 -12.79 -1.87 4.22
C VAL B 76 -11.66 -1.15 3.53
N ASN B 77 -11.97 -0.03 2.87
CA ASN B 77 -10.95 0.77 2.20
C ASN B 77 -11.14 2.22 2.64
N CYS B 78 -10.31 2.68 3.58
CA CYS B 78 -10.42 4.02 4.12
C CYS B 78 -9.23 4.85 3.67
N GLN B 79 -9.53 6.05 3.18
CA GLN B 79 -8.53 6.96 2.67
C GLN B 79 -8.54 8.25 3.48
N TYR B 80 -7.35 8.78 3.73
CA TYR B 80 -7.15 9.97 4.54
C TYR B 80 -6.69 11.10 3.65
N SER B 81 -6.93 12.33 4.09
CA SER B 81 -6.45 13.47 3.34
C SER B 81 -6.47 14.70 4.23
N SER B 82 -5.38 15.46 4.20
CA SER B 82 -5.25 16.71 4.93
C SER B 82 -5.03 17.80 3.90
N ALA B 83 -6.04 18.64 3.71
CA ALA B 83 -5.98 19.67 2.69
C ALA B 83 -4.73 20.52 2.85
N THR B 84 -4.29 21.12 1.75
CA THR B 84 -3.08 21.93 1.77
C THR B 84 -3.26 23.13 2.68
N PHE B 85 -4.38 23.83 2.53
CA PHE B 85 -4.70 25.00 3.32
C PHE B 85 -5.18 24.67 4.73
N SER B 86 -5.02 23.41 5.17
CA SER B 86 -5.40 23.07 6.53
C SER B 86 -4.55 23.82 7.55
N THR B 87 -3.24 23.61 7.50
CA THR B 87 -2.32 24.34 8.36
C THR B 87 -1.98 25.70 7.76
N GLY B 88 -1.52 26.60 8.62
CA GLY B 88 -1.06 27.88 8.15
C GLY B 88 0.10 27.74 7.16
N GLU B 89 1.02 26.83 7.44
CA GLU B 89 2.10 26.51 6.52
C GLU B 89 1.55 25.65 5.39
N ARG B 90 1.51 26.20 4.18
CA ARG B 90 1.02 25.42 3.05
C ARG B 90 1.95 24.24 2.78
N LYS B 91 1.33 23.11 2.44
CA LYS B 91 2.05 21.90 2.07
C LYS B 91 1.42 21.32 0.81
N ARG B 92 2.15 20.43 0.16
CA ARG B 92 1.66 19.80 -1.06
C ARG B 92 1.77 18.29 -0.91
N ARG B 93 1.10 17.58 -1.82
CA ARG B 93 1.07 16.13 -1.79
C ARG B 93 0.38 15.67 -0.53
N PRO B 94 -0.91 16.02 -0.34
CA PRO B 94 -1.63 15.55 0.85
C PRO B 94 -1.87 14.04 0.83
N HIS B 95 -2.08 13.46 -0.34
CA HIS B 95 -2.19 12.01 -0.47
C HIS B 95 -0.85 11.45 -0.96
N GLY B 96 -0.69 10.13 -0.77
CA GLY B 96 0.53 9.45 -1.14
C GLY B 96 1.66 9.62 -0.15
N ASP B 97 1.58 10.61 0.74
CA ASP B 97 2.59 10.83 1.76
C ASP B 97 2.70 9.61 2.67
N ARG B 98 3.75 9.59 3.48
CA ARG B 98 3.97 8.48 4.40
C ARG B 98 3.20 8.63 5.70
N LYS B 99 2.44 9.71 5.87
CA LYS B 99 1.63 9.92 7.07
C LYS B 99 0.14 9.69 6.82
N SER B 100 -0.39 10.19 5.71
CA SER B 100 -1.78 9.91 5.37
C SER B 100 -2.02 8.42 5.23
N CYS B 101 -1.04 7.67 4.72
CA CYS B 101 -1.22 6.23 4.58
C CYS B 101 -1.22 5.54 5.94
N GLU B 102 -0.42 6.04 6.89
CA GLU B 102 -0.48 5.51 8.24
C GLU B 102 -1.84 5.79 8.87
N MET B 103 -2.37 6.99 8.67
CA MET B 103 -3.71 7.30 9.14
C MET B 103 -4.74 6.37 8.52
N GLY B 104 -4.57 6.08 7.23
CA GLY B 104 -5.45 5.11 6.58
C GLY B 104 -5.41 3.77 7.27
N LEU B 105 -4.21 3.24 7.51
CA LEU B 105 -4.10 1.97 8.23
C LEU B 105 -4.82 2.04 9.57
N GLN B 106 -4.57 3.10 10.33
CA GLN B 106 -5.20 3.24 11.65
C GLN B 106 -6.73 3.21 11.55
N LEU B 107 -7.30 4.10 10.74
CA LEU B 107 -8.74 4.12 10.58
C LEU B 107 -9.25 2.75 10.14
N ARG B 108 -8.48 2.07 9.29
CA ARG B 108 -8.95 0.81 8.73
C ARG B 108 -9.01 -0.25 9.79
N GLN B 109 -7.97 -0.34 10.62
CA GLN B 109 -7.94 -1.36 11.65
C GLN B 109 -8.89 -1.03 12.80
N THR B 110 -9.27 0.24 12.96
CA THR B 110 -10.34 0.55 13.90
C THR B 110 -11.69 0.07 13.38
N PHE B 111 -12.07 0.53 12.19
CA PHE B 111 -13.42 0.26 11.71
C PHE B 111 -13.61 -1.18 11.29
N GLU B 112 -12.55 -1.87 10.88
CA GLU B 112 -12.66 -3.31 10.67
C GLU B 112 -12.95 -4.02 11.98
N ALA B 113 -12.53 -3.42 13.09
CA ALA B 113 -12.87 -3.95 14.40
C ALA B 113 -14.33 -3.65 14.72
N ALA B 114 -14.78 -2.43 14.45
CA ALA B 114 -16.12 -2.01 14.85
C ALA B 114 -17.18 -2.36 13.82
N ILE B 115 -16.88 -2.19 12.53
CA ILE B 115 -17.93 -2.10 11.51
C ILE B 115 -18.68 -3.41 11.32
N LEU B 116 -18.24 -4.50 11.95
CA LEU B 116 -18.98 -5.76 11.95
C LEU B 116 -19.21 -6.27 10.53
N THR B 117 -18.10 -6.64 9.89
CA THR B 117 -18.10 -6.93 8.46
C THR B 117 -18.65 -8.30 8.12
N GLN B 118 -18.84 -9.18 9.09
CA GLN B 118 -19.19 -10.56 8.83
C GLN B 118 -20.52 -10.71 8.09
N LEU B 119 -21.19 -9.60 7.81
CA LEU B 119 -22.52 -9.62 7.21
C LEU B 119 -22.54 -9.06 5.80
N HIS B 120 -21.40 -8.60 5.28
CA HIS B 120 -21.32 -7.99 3.94
C HIS B 120 -20.15 -8.59 3.19
N PRO B 121 -20.10 -9.90 3.03
CA PRO B 121 -18.92 -10.52 2.42
C PRO B 121 -18.82 -10.22 0.93
N ARG B 122 -17.57 -10.03 0.48
CA ARG B 122 -17.27 -9.70 -0.91
C ARG B 122 -17.89 -8.37 -1.32
N SER B 123 -17.50 -7.32 -0.61
CA SER B 123 -18.07 -6.00 -0.80
C SER B 123 -17.15 -4.93 -0.24
N GLN B 124 -17.04 -3.81 -0.96
CA GLN B 124 -16.25 -2.68 -0.49
C GLN B 124 -17.09 -1.75 0.36
N ILE B 125 -16.56 -1.41 1.52
CA ILE B 125 -17.01 -0.29 2.31
C ILE B 125 -15.93 0.77 2.17
N ASP B 126 -16.22 1.81 1.38
CA ASP B 126 -15.22 2.82 1.06
C ASP B 126 -15.42 4.02 1.97
N ILE B 127 -14.47 4.22 2.89
CA ILE B 127 -14.47 5.35 3.79
C ILE B 127 -13.49 6.38 3.26
N TYR B 128 -13.85 7.65 3.36
CA TYR B 128 -13.01 8.73 2.87
C TYR B 128 -13.07 9.86 3.87
N VAL B 129 -11.93 10.49 4.13
CA VAL B 129 -11.85 11.53 5.14
C VAL B 129 -11.00 12.67 4.59
N GLN B 130 -11.53 13.88 4.67
CA GLN B 130 -10.82 15.08 4.26
C GLN B 130 -10.84 16.06 5.43
N VAL B 131 -9.68 16.59 5.77
CA VAL B 131 -9.54 17.53 6.87
C VAL B 131 -9.37 18.92 6.29
N LEU B 132 -10.36 19.78 6.50
CA LEU B 132 -10.35 21.11 5.90
C LEU B 132 -9.55 22.08 6.75
N GLN B 133 -9.60 21.93 8.06
CA GLN B 133 -8.93 22.82 8.98
C GLN B 133 -8.43 22.03 10.18
N ALA B 134 -7.19 22.29 10.58
CA ALA B 134 -6.54 21.56 11.65
C ALA B 134 -6.01 22.53 12.68
N ASP B 135 -6.40 22.33 13.94
CA ASP B 135 -5.95 23.17 15.04
C ASP B 135 -5.63 22.33 16.27
N GLY B 136 -5.33 21.08 16.07
CA GLY B 136 -5.10 20.11 17.13
C GLY B 136 -6.19 19.06 17.14
N GLY B 137 -5.82 17.86 17.58
CA GLY B 137 -6.77 16.77 17.57
C GLY B 137 -7.28 16.56 16.17
N THR B 138 -6.41 16.11 15.28
CA THR B 138 -6.75 15.99 13.87
C THR B 138 -7.18 14.58 13.50
N TYR B 139 -6.76 13.58 14.27
CA TYR B 139 -7.15 12.21 14.02
C TYR B 139 -8.52 11.89 14.62
N ALA B 140 -8.77 12.36 15.84
CA ALA B 140 -10.01 12.04 16.53
C ALA B 140 -11.22 12.63 15.82
N ALA B 141 -11.11 13.87 15.36
CA ALA B 141 -12.20 14.47 14.61
C ALA B 141 -12.57 13.60 13.42
N CYS B 142 -11.56 13.03 12.77
CA CYS B 142 -11.80 12.20 11.60
C CYS B 142 -12.45 10.87 11.99
N VAL B 143 -11.95 10.24 13.05
CA VAL B 143 -12.59 9.03 13.56
C VAL B 143 -14.08 9.28 13.80
N ASN B 144 -14.40 10.39 14.47
CA ASN B 144 -15.77 10.64 14.87
C ASN B 144 -16.66 10.98 13.67
N ALA B 145 -16.12 11.76 12.74
CA ALA B 145 -16.86 12.05 11.52
C ALA B 145 -17.16 10.79 10.74
N ALA B 146 -16.18 9.90 10.61
CA ALA B 146 -16.40 8.66 9.90
C ALA B 146 -17.42 7.79 10.62
N THR B 147 -17.45 7.86 11.94
CA THR B 147 -18.44 7.13 12.71
C THR B 147 -19.84 7.62 12.38
N LEU B 148 -20.07 8.93 12.51
CA LEU B 148 -21.35 9.50 12.12
C LEU B 148 -21.72 9.12 10.69
N ALA B 149 -20.74 9.10 9.79
CA ALA B 149 -21.02 8.72 8.41
C ALA B 149 -21.55 7.30 8.33
N VAL B 150 -20.76 6.35 8.83
CA VAL B 150 -21.15 4.95 8.89
C VAL B 150 -22.59 4.86 9.37
N LEU B 151 -22.91 5.52 10.47
CA LEU B 151 -24.26 5.46 11.02
C LEU B 151 -25.28 5.97 10.03
N ASP B 152 -24.98 7.10 9.38
CA ASP B 152 -25.91 7.63 8.38
C ASP B 152 -26.12 6.65 7.24
N ALA B 153 -25.14 5.78 6.99
CA ALA B 153 -25.24 4.81 5.91
C ALA B 153 -25.87 3.50 6.35
N GLY B 154 -26.47 3.46 7.52
CA GLY B 154 -27.14 2.26 8.00
C GLY B 154 -26.27 1.03 7.98
N ILE B 155 -24.96 1.21 8.04
CA ILE B 155 -24.03 0.10 8.10
C ILE B 155 -23.96 -0.41 9.53
N PRO B 156 -24.20 -1.70 9.78
CA PRO B 156 -24.16 -2.19 11.16
C PRO B 156 -22.78 -1.99 11.75
N MET B 157 -22.76 -1.70 13.04
CA MET B 157 -21.51 -1.43 13.73
C MET B 157 -21.74 -1.56 15.23
N ARG B 158 -20.79 -2.18 15.91
CA ARG B 158 -21.00 -2.60 17.29
C ARG B 158 -21.38 -1.43 18.18
N ASP B 159 -20.71 -0.29 18.04
CA ASP B 159 -20.88 0.80 18.98
C ASP B 159 -20.19 2.03 18.44
N PHE B 160 -20.67 3.20 18.85
CA PHE B 160 -19.93 4.42 18.60
C PHE B 160 -18.49 4.21 19.00
N VAL B 161 -17.59 4.27 18.01
CA VAL B 161 -16.16 4.16 18.28
C VAL B 161 -15.68 5.59 18.47
N CYS B 162 -15.68 6.03 19.72
CA CYS B 162 -15.42 7.44 20.03
C CYS B 162 -13.97 7.62 20.42
N ALA B 163 -13.38 8.68 19.89
CA ALA B 163 -11.96 8.92 20.00
C ALA B 163 -11.71 10.32 20.52
N CYS B 164 -10.54 10.49 21.13
CA CYS B 164 -10.11 11.80 21.58
C CYS B 164 -8.67 11.68 22.05
N SER B 165 -8.12 12.80 22.49
CA SER B 165 -6.71 12.92 22.80
C SER B 165 -6.53 13.53 24.18
N ALA B 166 -5.42 13.18 24.81
CA ALA B 166 -5.05 13.71 26.11
C ALA B 166 -3.57 14.04 26.09
N GLY B 167 -3.14 14.76 27.13
CA GLY B 167 -1.77 15.18 27.23
C GLY B 167 -1.40 15.39 28.68
N PHE B 168 -0.15 15.77 28.90
CA PHE B 168 0.41 15.85 30.24
C PHE B 168 1.22 17.12 30.38
N VAL B 169 0.88 17.94 31.36
CA VAL B 169 1.56 19.21 31.59
C VAL B 169 1.53 19.50 33.08
N ASP B 170 2.70 19.84 33.64
CA ASP B 170 2.81 20.25 35.04
C ASP B 170 2.12 19.24 35.95
N GLY B 171 2.44 17.96 35.73
CA GLY B 171 1.93 16.92 36.61
C GLY B 171 0.43 16.75 36.57
N THR B 172 -0.22 17.25 35.52
CA THR B 172 -1.65 17.08 35.34
C THR B 172 -1.93 16.57 33.94
N ALA B 173 -3.16 16.11 33.73
CA ALA B 173 -3.61 15.59 32.45
C ALA B 173 -4.60 16.55 31.82
N LEU B 174 -4.37 16.88 30.56
CA LEU B 174 -5.25 17.70 29.76
C LEU B 174 -6.05 16.83 28.79
N ALA B 175 -7.24 17.30 28.45
CA ALA B 175 -8.13 16.59 27.55
C ALA B 175 -8.34 17.38 26.28
N ASP B 176 -8.27 16.70 25.14
CA ASP B 176 -8.57 17.25 23.82
C ASP B 176 -7.67 18.44 23.52
N LEU B 177 -6.37 18.14 23.43
CA LEU B 177 -5.34 19.13 23.11
C LEU B 177 -5.66 19.97 21.89
N SER B 178 -5.01 21.13 21.78
CA SER B 178 -5.03 21.95 20.59
C SER B 178 -3.64 21.96 19.97
N HIS B 179 -3.45 22.79 18.95
CA HIS B 179 -2.17 22.80 18.25
C HIS B 179 -1.07 23.37 19.12
N VAL B 180 -1.39 24.36 19.95
CA VAL B 180 -0.38 25.03 20.75
C VAL B 180 0.33 24.03 21.65
N GLU B 181 -0.41 23.41 22.56
CA GLU B 181 0.18 22.42 23.45
C GLU B 181 0.54 21.13 22.72
N GLU B 182 0.07 20.95 21.49
CA GLU B 182 0.52 19.84 20.66
C GLU B 182 1.88 20.12 20.06
N ALA B 183 2.20 21.39 19.81
CA ALA B 183 3.50 21.80 19.31
C ALA B 183 4.54 21.92 20.40
N ALA B 184 4.11 22.07 21.65
CA ALA B 184 5.06 22.22 22.75
C ALA B 184 5.95 21.00 22.90
N GLY B 185 5.54 19.87 22.34
CA GLY B 185 6.33 18.66 22.39
C GLY B 185 5.99 17.72 23.51
N GLY B 186 5.11 18.12 24.43
CA GLY B 186 4.76 17.27 25.54
C GLY B 186 4.11 15.99 25.06
N PRO B 187 4.03 15.00 25.94
CA PRO B 187 3.36 13.75 25.58
C PRO B 187 1.90 13.96 25.23
N GLN B 188 1.52 13.45 24.07
CA GLN B 188 0.12 13.43 23.65
C GLN B 188 -0.25 12.00 23.30
N LEU B 189 -1.34 11.55 23.88
CA LEU B 189 -1.86 10.20 23.74
C LEU B 189 -3.25 10.29 23.13
N ALA B 190 -3.39 9.86 21.89
CA ALA B 190 -4.69 9.78 21.23
C ALA B 190 -5.19 8.36 21.30
N LEU B 191 -6.51 8.21 21.40
CA LEU B 191 -7.07 6.87 21.45
C LEU B 191 -8.51 6.91 20.97
N ALA B 192 -9.06 5.71 20.79
CA ALA B 192 -10.41 5.53 20.29
C ALA B 192 -10.93 4.24 20.88
N LEU B 193 -12.02 4.32 21.63
CA LEU B 193 -12.53 3.17 22.34
C LEU B 193 -14.01 3.00 22.08
N LEU B 194 -14.50 1.82 22.47
CA LEU B 194 -15.90 1.48 22.37
C LEU B 194 -16.52 1.59 23.75
N PRO B 195 -17.36 2.59 24.02
CA PRO B 195 -17.76 2.85 25.41
C PRO B 195 -18.48 1.68 26.07
N ALA B 196 -19.46 1.10 25.39
CA ALA B 196 -20.30 0.08 26.00
C ALA B 196 -19.48 -0.98 26.73
N SER B 197 -18.41 -1.44 26.12
CA SER B 197 -17.59 -2.50 26.70
C SER B 197 -16.39 -1.97 27.47
N GLY B 198 -15.98 -0.72 27.23
CA GLY B 198 -14.80 -0.19 27.87
C GLY B 198 -13.52 -0.63 27.20
N GLN B 199 -13.59 -0.99 25.92
CA GLN B 199 -12.48 -1.56 25.19
C GLN B 199 -11.92 -0.54 24.21
N ILE B 200 -10.60 -0.49 24.12
CA ILE B 200 -9.92 0.45 23.24
C ILE B 200 -9.74 -0.19 21.87
N ALA B 201 -10.13 0.56 20.84
CA ALA B 201 -9.92 0.15 19.46
C ALA B 201 -8.63 0.69 18.88
N LEU B 202 -8.07 1.74 19.47
CA LEU B 202 -6.82 2.30 19.00
C LEU B 202 -6.18 3.12 20.11
N LEU B 203 -4.84 3.11 20.10
CA LEU B 203 -4.05 3.79 21.12
C LEU B 203 -2.74 4.24 20.49
N GLU B 204 -2.72 5.47 20.01
CA GLU B 204 -1.50 6.09 19.52
C GLU B 204 -0.95 7.02 20.59
N MET B 205 0.35 7.29 20.52
CA MET B 205 0.99 8.08 21.56
C MET B 205 2.37 8.51 21.10
N ASP B 206 2.72 9.77 21.34
CA ASP B 206 4.06 10.20 20.91
C ASP B 206 4.59 11.32 21.80
N ALA B 207 5.28 10.95 22.88
CA ALA B 207 6.37 11.75 23.44
C ALA B 207 6.88 11.03 24.68
N ARG B 208 7.96 11.58 25.23
CA ARG B 208 8.62 11.01 26.40
C ARG B 208 7.91 11.39 27.69
N LEU B 209 7.77 10.41 28.59
CA LEU B 209 7.23 10.67 29.92
C LEU B 209 7.42 9.41 30.75
N HIS B 210 7.36 9.58 32.07
CA HIS B 210 7.55 8.47 32.99
C HIS B 210 6.38 7.51 32.87
N GLU B 211 6.49 6.37 33.54
CA GLU B 211 5.48 5.31 33.45
C GLU B 211 4.35 5.54 34.44
N ASP B 212 4.68 5.83 35.70
CA ASP B 212 3.66 6.05 36.71
C ASP B 212 2.70 7.18 36.32
N HIS B 213 3.09 8.02 35.37
CA HIS B 213 2.22 9.07 34.85
C HIS B 213 1.42 8.62 33.64
N LEU B 214 1.16 7.32 33.51
CA LEU B 214 0.43 6.77 32.38
C LEU B 214 -1.04 6.57 32.66
N GLU B 215 -1.36 5.93 33.79
CA GLU B 215 -2.74 5.68 34.16
C GLU B 215 -3.55 6.96 34.14
N ARG B 216 -2.95 8.08 34.56
CA ARG B 216 -3.67 9.33 34.66
C ARG B 216 -4.14 9.81 33.30
N VAL B 217 -3.19 10.05 32.38
CA VAL B 217 -3.56 10.51 31.05
C VAL B 217 -4.46 9.50 30.37
N LEU B 218 -4.28 8.22 30.68
CA LEU B 218 -5.05 7.18 30.01
C LEU B 218 -6.52 7.28 30.39
N GLU B 219 -6.82 7.26 31.70
CA GLU B 219 -8.19 7.41 32.14
C GLU B 219 -8.77 8.76 31.76
N ALA B 220 -7.92 9.80 31.67
CA ALA B 220 -8.43 11.12 31.30
C ALA B 220 -8.91 11.12 29.86
N ALA B 221 -8.09 10.60 28.95
CA ALA B 221 -8.51 10.45 27.57
C ALA B 221 -9.79 9.62 27.48
N ALA B 222 -9.86 8.55 28.27
CA ALA B 222 -11.06 7.71 28.25
C ALA B 222 -12.30 8.52 28.62
N GLN B 223 -12.22 9.30 29.70
CA GLN B 223 -13.38 10.08 30.14
C GLN B 223 -13.74 11.14 29.11
N ALA B 224 -12.73 11.77 28.50
CA ALA B 224 -13.01 12.72 27.43
C ALA B 224 -13.77 12.04 26.29
N ALA B 225 -13.38 10.82 25.96
CA ALA B 225 -14.08 10.09 24.91
C ALA B 225 -15.52 9.78 25.32
N ARG B 226 -15.73 9.47 26.59
CA ARG B 226 -17.10 9.30 27.09
C ARG B 226 -17.94 10.56 26.87
N ASP B 227 -17.39 11.71 27.23
CA ASP B 227 -18.10 12.97 27.01
C ASP B 227 -18.41 13.17 25.53
N VAL B 228 -17.42 12.93 24.67
CA VAL B 228 -17.64 13.03 23.23
C VAL B 228 -18.77 12.09 22.82
N HIS B 229 -18.84 10.92 23.46
CA HIS B 229 -19.91 9.97 23.17
C HIS B 229 -21.26 10.59 23.49
N THR B 230 -21.37 11.20 24.66
CA THR B 230 -22.63 11.85 25.03
C THR B 230 -23.05 12.86 23.96
N LEU B 231 -22.13 13.74 23.57
CA LEU B 231 -22.48 14.79 22.61
C LEU B 231 -22.92 14.19 21.28
N LEU B 232 -22.10 13.28 20.74
CA LEU B 232 -22.44 12.61 19.49
C LEU B 232 -23.79 11.94 19.55
N ASP B 233 -24.07 11.20 20.63
CA ASP B 233 -25.30 10.44 20.65
C ASP B 233 -26.51 11.37 20.73
N ARG B 234 -26.36 12.49 21.42
CA ARG B 234 -27.46 13.47 21.40
C ARG B 234 -27.72 13.95 19.97
N VAL B 235 -26.65 14.24 19.23
CA VAL B 235 -26.82 14.65 17.84
C VAL B 235 -27.56 13.56 17.06
N VAL B 236 -27.08 12.32 17.18
CA VAL B 236 -27.64 11.23 16.39
C VAL B 236 -29.10 11.04 16.72
N ARG B 237 -29.46 11.16 18.00
CA ARG B 237 -30.85 10.98 18.38
C ARG B 237 -31.74 12.07 17.82
N GLN B 238 -31.27 13.33 17.83
CA GLN B 238 -32.03 14.37 17.16
C GLN B 238 -32.26 14.01 15.69
N HIS B 239 -31.20 13.54 15.02
CA HIS B 239 -31.31 13.23 13.61
C HIS B 239 -32.33 12.12 13.35
N VAL B 240 -32.21 11.02 14.10
CA VAL B 240 -33.12 9.90 13.92
C VAL B 240 -34.55 10.31 14.19
N ARG B 241 -34.76 11.08 15.26
CA ARG B 241 -36.09 11.51 15.62
C ARG B 241 -36.72 12.35 14.52
N GLU B 242 -35.96 13.33 14.00
CA GLU B 242 -36.50 14.18 12.94
C GLU B 242 -36.85 13.34 11.72
N ALA B 243 -35.95 12.44 11.31
CA ALA B 243 -36.21 11.63 10.14
C ALA B 243 -37.47 10.80 10.31
N SER B 244 -37.58 10.09 11.44
CA SER B 244 -38.75 9.26 11.68
C SER B 244 -40.02 10.10 11.66
N ILE B 245 -40.02 11.21 12.38
CA ILE B 245 -41.18 12.09 12.38
C ILE B 245 -41.58 12.44 10.97
N LEU B 246 -40.62 12.75 10.11
CA LEU B 246 -41.00 13.11 8.75
C LEU B 246 -41.56 11.91 8.00
N LEU B 247 -41.09 10.71 8.30
CA LEU B 247 -41.61 9.53 7.62
C LEU B 247 -43.11 9.38 7.88
N GLY B 248 -43.45 9.00 9.11
CA GLY B 248 -44.84 8.85 9.51
C GLY B 248 -45.03 7.74 10.53
N GLU C 11 11.19 -20.54 -37.58
CA GLU C 11 12.45 -21.26 -37.73
C GLU C 11 13.60 -20.28 -37.97
N PRO C 12 13.69 -19.26 -37.11
CA PRO C 12 14.63 -18.16 -37.39
C PRO C 12 16.09 -18.53 -37.29
N LEU C 13 16.49 -19.13 -36.16
CA LEU C 13 17.89 -19.46 -35.93
C LEU C 13 18.50 -20.28 -37.05
N GLU C 14 17.84 -21.37 -37.43
CA GLU C 14 18.30 -22.19 -38.55
C GLU C 14 18.47 -21.37 -39.82
N TYR C 15 17.43 -20.61 -40.18
CA TYR C 15 17.49 -19.76 -41.36
C TYR C 15 18.70 -18.86 -41.30
N TYR C 16 19.17 -18.56 -40.10
CA TYR C 16 20.25 -17.61 -39.94
C TYR C 16 21.60 -18.31 -39.99
N ARG C 17 21.68 -19.50 -39.38
CA ARG C 17 22.90 -20.30 -39.46
C ARG C 17 23.26 -20.61 -40.90
N ARG C 18 22.25 -20.77 -41.76
CA ARG C 18 22.55 -21.06 -43.16
C ARG C 18 23.41 -19.95 -43.76
N PHE C 19 22.97 -18.71 -43.61
CA PHE C 19 23.76 -17.58 -44.07
C PHE C 19 25.09 -17.51 -43.33
N LEU C 20 25.08 -17.70 -42.00
CA LEU C 20 26.32 -17.59 -41.26
C LEU C 20 27.38 -18.52 -41.83
N LYS C 21 26.98 -19.74 -42.17
CA LYS C 21 27.93 -20.71 -42.70
C LYS C 21 28.25 -20.43 -44.16
N GLU C 22 27.41 -19.66 -44.86
CA GLU C 22 27.77 -19.18 -46.18
C GLU C 22 28.59 -17.90 -46.09
N ASN C 23 29.11 -17.58 -44.91
CA ASN C 23 29.92 -16.38 -44.68
C ASN C 23 29.21 -15.14 -45.20
N CYS C 24 27.96 -14.98 -44.78
CA CYS C 24 27.15 -13.83 -45.18
C CYS C 24 26.04 -13.64 -44.17
N ARG C 25 25.11 -12.75 -44.49
CA ARG C 25 23.95 -12.46 -43.67
C ARG C 25 22.76 -12.28 -44.61
N PRO C 26 21.54 -12.37 -44.09
CA PRO C 26 20.36 -12.27 -44.96
C PRO C 26 20.13 -10.89 -45.56
N ASP C 27 21.00 -9.91 -45.28
CA ASP C 27 20.85 -8.58 -45.85
C ASP C 27 21.90 -8.26 -46.91
N GLY C 28 23.07 -8.88 -46.85
CA GLY C 28 24.11 -8.65 -47.84
C GLY C 28 25.38 -8.09 -47.26
N ARG C 29 25.65 -8.42 -46.01
CA ARG C 29 26.84 -7.95 -45.30
C ARG C 29 27.76 -9.12 -45.02
N GLU C 30 29.06 -8.90 -45.21
CA GLU C 30 30.07 -9.96 -45.17
C GLU C 30 30.70 -10.11 -43.79
N LEU C 31 29.86 -10.21 -42.75
CA LEU C 31 30.31 -10.66 -41.44
C LEU C 31 31.64 -10.01 -41.03
N GLY C 32 31.61 -8.73 -40.74
CA GLY C 32 32.83 -7.98 -40.51
C GLY C 32 32.80 -6.57 -41.05
N GLU C 33 31.68 -6.19 -41.66
CA GLU C 33 31.47 -4.84 -42.16
C GLU C 33 30.18 -4.28 -41.60
N PHE C 34 30.11 -2.96 -41.50
CA PHE C 34 28.95 -2.29 -40.95
C PHE C 34 28.04 -1.86 -42.08
N ARG C 35 27.02 -1.08 -41.75
CA ARG C 35 26.07 -0.56 -42.73
C ARG C 35 26.27 0.93 -42.92
N THR C 36 25.55 1.47 -43.89
CA THR C 36 25.74 2.86 -44.28
C THR C 36 25.63 3.78 -43.08
N THR C 37 26.75 4.45 -42.76
CA THR C 37 26.85 5.33 -41.62
C THR C 37 26.81 6.77 -42.10
N THR C 38 25.94 7.58 -41.50
CA THR C 38 25.78 8.95 -41.93
C THR C 38 25.51 9.84 -40.72
N VAL C 39 25.85 11.12 -40.87
CA VAL C 39 25.66 12.11 -39.82
C VAL C 39 25.09 13.39 -40.42
N ASN C 40 24.66 14.26 -39.52
CA ASN C 40 24.17 15.60 -39.88
C ASN C 40 24.42 16.50 -38.68
N ILE C 41 25.14 17.60 -38.90
CA ILE C 41 25.58 18.50 -37.86
C ILE C 41 24.82 19.81 -37.96
N GLY C 42 24.56 20.41 -36.79
CA GLY C 42 23.96 21.73 -36.72
C GLY C 42 22.54 21.81 -37.22
N SER C 43 21.82 20.69 -37.23
CA SER C 43 20.44 20.67 -37.70
C SER C 43 19.50 21.46 -36.79
N ILE C 44 19.94 21.87 -35.61
CA ILE C 44 19.05 22.39 -34.58
C ILE C 44 19.64 23.65 -33.99
N SER C 45 18.82 24.70 -33.90
CA SER C 45 19.26 26.00 -33.43
C SER C 45 19.03 26.20 -31.95
N THR C 46 17.88 25.77 -31.43
CA THR C 46 17.57 25.94 -30.02
C THR C 46 18.63 25.35 -29.11
N ALA C 47 19.48 24.48 -29.63
CA ALA C 47 20.49 23.81 -28.83
C ALA C 47 21.88 24.34 -29.15
N ASP C 48 22.77 24.24 -28.16
CA ASP C 48 24.15 24.63 -28.35
C ASP C 48 24.84 23.70 -29.32
N GLY C 49 24.77 22.40 -29.07
CA GLY C 49 25.29 21.39 -30.00
C GLY C 49 24.21 20.41 -30.40
N SER C 50 24.25 20.00 -31.67
CA SER C 50 23.26 19.08 -32.21
C SER C 50 23.94 18.11 -33.17
N ALA C 51 23.55 16.84 -33.11
CA ALA C 51 24.10 15.85 -34.01
C ALA C 51 23.12 14.73 -34.26
N LEU C 52 22.88 14.43 -35.53
CA LEU C 52 22.07 13.29 -35.94
C LEU C 52 22.99 12.23 -36.52
N VAL C 53 22.82 11.00 -36.06
CA VAL C 53 23.58 9.87 -36.56
C VAL C 53 22.60 8.80 -37.01
N LYS C 54 22.93 8.09 -38.08
CA LYS C 54 22.11 6.94 -38.44
C LYS C 54 22.93 5.92 -39.19
N LEU C 55 22.76 4.67 -38.75
CA LEU C 55 23.39 3.49 -39.32
C LEU C 55 22.30 2.73 -40.06
N GLY C 56 22.12 3.05 -41.33
CA GLY C 56 21.03 2.45 -42.06
C GLY C 56 19.70 2.75 -41.41
N ASN C 57 19.12 1.73 -40.76
CA ASN C 57 17.84 1.90 -40.09
C ASN C 57 17.98 2.45 -38.68
N THR C 58 19.11 2.22 -38.03
CA THR C 58 19.29 2.73 -36.68
C THR C 58 19.52 4.23 -36.72
N THR C 59 19.07 4.91 -35.67
CA THR C 59 19.09 6.35 -35.65
C THR C 59 19.24 6.84 -34.22
N VAL C 60 19.92 7.97 -34.08
CA VAL C 60 20.17 8.58 -32.78
C VAL C 60 20.33 10.07 -33.01
N ILE C 61 19.99 10.85 -31.99
CA ILE C 61 20.15 12.29 -32.06
C ILE C 61 20.55 12.80 -30.69
N CYS C 62 21.60 13.61 -30.66
CA CYS C 62 22.12 14.19 -29.43
C CYS C 62 21.92 15.71 -29.48
N GLY C 63 21.35 16.25 -28.41
CA GLY C 63 21.30 17.67 -28.20
C GLY C 63 22.00 18.00 -26.91
N VAL C 64 22.97 18.89 -26.98
CA VAL C 64 23.76 19.26 -25.82
C VAL C 64 23.46 20.72 -25.52
N LYS C 65 22.89 20.96 -24.35
CA LYS C 65 22.61 22.28 -23.83
C LYS C 65 23.66 22.64 -22.79
N ALA C 66 23.82 23.94 -22.58
CA ALA C 66 24.83 24.47 -21.67
C ALA C 66 24.15 25.36 -20.66
N GLU C 67 24.46 25.18 -19.38
CA GLU C 67 23.87 25.97 -18.33
C GLU C 67 24.91 26.26 -17.26
N PHE C 68 24.52 27.06 -16.27
CA PHE C 68 25.38 27.39 -15.15
C PHE C 68 24.98 26.58 -13.94
N ALA C 69 25.94 26.39 -13.04
CA ALA C 69 25.68 25.65 -11.83
C ALA C 69 26.84 25.82 -10.87
N ALA C 70 26.57 25.55 -9.63
CA ALA C 70 27.57 25.62 -8.57
C ALA C 70 28.21 24.26 -8.38
N PRO C 71 29.52 24.19 -8.26
CA PRO C 71 30.18 22.88 -8.18
C PRO C 71 30.00 22.24 -6.81
N SER C 72 30.68 21.13 -6.60
CA SER C 72 30.66 20.44 -5.32
C SER C 72 31.62 21.13 -4.37
N THR C 73 31.93 20.47 -3.26
CA THR C 73 32.94 20.94 -2.33
C THR C 73 34.25 20.17 -2.46
N ASP C 74 34.22 19.00 -3.08
CA ASP C 74 35.43 18.21 -3.28
C ASP C 74 36.23 18.69 -4.49
N ALA C 75 35.57 19.31 -5.46
CA ALA C 75 36.22 19.77 -6.69
C ALA C 75 35.48 20.98 -7.24
N PRO C 76 35.79 22.17 -6.73
CA PRO C 76 35.13 23.38 -7.27
C PRO C 76 35.39 23.60 -8.75
N ASP C 77 36.56 23.23 -9.25
CA ASP C 77 36.91 23.46 -10.65
C ASP C 77 36.54 22.23 -11.51
N LYS C 78 35.25 21.96 -11.58
CA LYS C 78 34.74 20.83 -12.36
C LYS C 78 33.40 21.21 -12.96
N GLY C 79 33.34 21.35 -14.27
CA GLY C 79 32.08 21.59 -14.95
C GLY C 79 31.40 20.30 -15.32
N TYR C 80 30.19 20.11 -14.79
CA TYR C 80 29.54 18.82 -14.90
C TYR C 80 29.20 18.52 -16.36
N VAL C 81 29.22 17.24 -16.70
CA VAL C 81 28.75 16.75 -17.99
C VAL C 81 27.77 15.62 -17.72
N VAL C 82 26.49 15.87 -17.94
CA VAL C 82 25.43 14.95 -17.54
C VAL C 82 24.82 14.37 -18.81
N PRO C 83 25.02 13.08 -19.07
CA PRO C 83 24.33 12.42 -20.18
C PRO C 83 23.03 11.76 -19.74
N ASN C 84 22.09 11.71 -20.67
CA ASN C 84 20.91 10.89 -20.42
C ASN C 84 20.39 10.36 -21.75
N VAL C 85 20.15 9.06 -21.78
CA VAL C 85 19.71 8.36 -22.97
C VAL C 85 18.20 8.18 -22.86
N ASP C 86 17.52 8.29 -23.99
CA ASP C 86 16.06 8.16 -24.01
C ASP C 86 15.67 7.19 -25.12
N LEU C 87 15.06 6.08 -24.73
CA LEU C 87 14.54 5.09 -25.65
C LEU C 87 13.03 5.16 -25.62
N PRO C 88 12.43 6.15 -26.27
CA PRO C 88 11.00 6.31 -26.17
C PRO C 88 10.27 5.18 -26.89
N PRO C 89 8.97 5.02 -26.62
CA PRO C 89 8.24 3.91 -27.23
C PRO C 89 8.19 3.96 -28.74
N LEU C 90 8.42 5.12 -29.35
CA LEU C 90 8.39 5.20 -30.81
C LEU C 90 9.62 4.56 -31.45
N CYS C 91 10.68 4.32 -30.68
CA CYS C 91 11.81 3.57 -31.24
C CYS C 91 11.37 2.15 -31.59
N SER C 92 10.98 1.37 -30.59
CA SER C 92 10.50 0.02 -30.79
C SER C 92 9.36 -0.25 -29.83
N SER C 93 8.58 -1.29 -30.13
CA SER C 93 7.45 -1.65 -29.30
C SER C 93 7.88 -2.30 -27.99
N ARG C 94 9.13 -2.70 -27.85
CA ARG C 94 9.58 -3.32 -26.61
C ARG C 94 9.71 -2.32 -25.48
N PHE C 95 9.36 -1.06 -25.71
CA PHE C 95 9.42 -0.02 -24.69
C PHE C 95 8.04 0.60 -24.55
N ARG C 96 7.74 1.06 -23.35
CA ARG C 96 6.40 1.51 -23.02
C ARG C 96 6.44 2.90 -22.41
N SER C 97 5.38 3.65 -22.65
CA SER C 97 5.28 5.01 -22.13
C SER C 97 5.40 4.97 -20.62
N GLY C 98 6.34 5.72 -20.07
CA GLY C 98 6.57 5.73 -18.66
C GLY C 98 7.96 6.16 -18.31
N PRO C 99 8.43 5.77 -17.13
CA PRO C 99 9.79 6.12 -16.72
C PRO C 99 10.80 5.32 -17.53
N PRO C 100 12.09 5.58 -17.35
CA PRO C 100 13.09 4.84 -18.13
C PRO C 100 13.21 3.41 -17.65
N GLY C 101 13.43 2.51 -18.59
CA GLY C 101 13.52 1.10 -18.26
C GLY C 101 14.88 0.72 -17.73
N GLU C 102 15.44 -0.38 -18.23
CA GLU C 102 16.77 -0.84 -17.86
C GLU C 102 17.80 -0.53 -18.93
N GLU C 103 17.45 -0.73 -20.21
CA GLU C 103 18.42 -0.53 -21.27
C GLU C 103 18.85 0.92 -21.37
N ALA C 104 17.90 1.85 -21.26
CA ALA C 104 18.23 3.26 -21.25
C ALA C 104 19.22 3.58 -20.13
N GLN C 105 18.99 3.01 -18.94
CA GLN C 105 19.81 3.33 -17.80
C GLN C 105 21.21 2.75 -17.96
N VAL C 106 21.30 1.52 -18.44
CA VAL C 106 22.59 0.91 -18.72
C VAL C 106 23.37 1.75 -19.72
N ALA C 107 22.71 2.16 -20.81
CA ALA C 107 23.38 2.97 -21.81
C ALA C 107 23.83 4.30 -21.23
N SER C 108 23.01 4.90 -20.37
CA SER C 108 23.41 6.14 -19.73
C SER C 108 24.69 5.95 -18.91
N GLN C 109 24.74 4.89 -18.11
CA GLN C 109 25.95 4.65 -17.32
C GLN C 109 27.15 4.37 -18.21
N PHE C 110 26.91 3.71 -19.34
CA PHE C 110 28.00 3.45 -20.29
C PHE C 110 28.56 4.75 -20.84
N ILE C 111 27.67 5.63 -21.30
CA ILE C 111 28.08 6.93 -21.80
C ILE C 111 28.85 7.71 -20.74
N ALA C 112 28.38 7.66 -19.49
CA ALA C 112 29.05 8.41 -18.44
C ALA C 112 30.42 7.84 -18.14
N ASP C 113 30.51 6.51 -18.02
CA ASP C 113 31.80 5.86 -17.84
C ASP C 113 32.78 6.26 -18.94
N VAL C 114 32.31 6.28 -20.18
CA VAL C 114 33.13 6.74 -21.30
C VAL C 114 33.60 8.16 -21.08
N ILE C 115 32.66 9.08 -20.92
CA ILE C 115 32.99 10.50 -20.72
C ILE C 115 34.04 10.65 -19.63
N GLU C 116 33.97 9.81 -18.60
CA GLU C 116 34.84 9.98 -17.45
C GLU C 116 36.20 9.32 -17.62
N ASN C 117 36.28 8.24 -18.40
CA ASN C 117 37.53 7.51 -18.53
C ASN C 117 38.33 7.93 -19.74
N SER C 118 37.68 8.06 -20.89
CA SER C 118 38.40 8.56 -22.07
C SER C 118 38.98 9.94 -21.80
N GLN C 119 38.32 10.73 -20.96
CA GLN C 119 38.80 12.06 -20.64
C GLN C 119 38.86 12.92 -21.89
N ILE C 120 37.85 12.78 -22.74
CA ILE C 120 37.78 13.57 -23.96
C ILE C 120 37.81 15.04 -23.62
N ILE C 121 37.34 15.39 -22.44
CA ILE C 121 37.12 16.78 -22.06
C ILE C 121 37.65 16.98 -20.65
N GLN C 122 38.26 18.12 -20.40
CA GLN C 122 38.74 18.47 -19.07
C GLN C 122 37.66 19.28 -18.38
N LYS C 123 37.09 18.72 -17.33
CA LYS C 123 36.09 19.44 -16.54
C LYS C 123 36.63 20.80 -16.12
N GLU C 124 37.94 20.86 -15.81
CA GLU C 124 38.56 22.13 -15.44
C GLU C 124 38.38 23.19 -16.53
N ASP C 125 38.20 22.77 -17.78
CA ASP C 125 38.01 23.70 -18.88
C ASP C 125 36.61 24.29 -18.91
N LEU C 126 35.85 24.10 -17.83
CA LEU C 126 34.48 24.57 -17.76
C LEU C 126 34.21 25.44 -16.54
N CYS C 127 35.23 25.70 -15.73
CA CYS C 127 35.11 26.58 -14.57
C CYS C 127 35.33 28.03 -14.95
N ILE C 128 34.38 28.88 -14.60
CA ILE C 128 34.49 30.32 -14.81
C ILE C 128 35.06 30.93 -13.54
N SER C 129 34.31 30.82 -12.45
CA SER C 129 34.71 31.35 -11.15
C SER C 129 34.67 30.23 -10.13
N PRO C 130 35.79 29.56 -9.86
CA PRO C 130 35.74 28.38 -9.00
C PRO C 130 35.09 28.68 -7.66
N GLY C 131 34.39 27.67 -7.13
CA GLY C 131 33.62 27.82 -5.92
C GLY C 131 32.29 28.52 -6.09
N LYS C 132 32.07 29.21 -7.21
CA LYS C 132 30.87 30.01 -7.39
C LYS C 132 30.08 29.60 -8.61
N LEU C 133 30.73 29.46 -9.77
CA LEU C 133 30.06 29.04 -10.99
C LEU C 133 30.88 27.98 -11.70
N VAL C 134 30.20 27.23 -12.56
CA VAL C 134 30.85 26.30 -13.46
C VAL C 134 29.80 25.83 -14.46
N TRP C 135 30.23 25.46 -15.67
CA TRP C 135 29.26 25.01 -16.66
C TRP C 135 28.73 23.63 -16.33
N VAL C 136 27.54 23.36 -16.84
CA VAL C 136 26.95 22.04 -16.84
C VAL C 136 26.47 21.77 -18.25
N LEU C 137 26.98 20.72 -18.86
CA LEU C 137 26.63 20.32 -20.22
C LEU C 137 25.64 19.17 -20.13
N TYR C 138 24.38 19.45 -20.41
CA TYR C 138 23.35 18.41 -20.43
C TYR C 138 23.30 17.85 -21.83
N CYS C 139 23.90 16.67 -22.01
CA CYS C 139 23.92 15.98 -23.29
C CYS C 139 22.80 14.93 -23.28
N ASP C 140 21.74 15.20 -24.01
CA ASP C 140 20.55 14.38 -24.05
C ASP C 140 20.51 13.65 -25.37
N LEU C 141 20.60 12.31 -25.31
CA LEU C 141 20.56 11.48 -26.49
C LEU C 141 19.21 10.81 -26.59
N ILE C 142 18.74 10.62 -27.82
CA ILE C 142 17.42 10.09 -28.08
C ILE C 142 17.54 9.09 -29.22
N CYS C 143 17.09 7.85 -28.98
CA CYS C 143 16.98 6.86 -30.02
C CYS C 143 15.65 7.01 -30.75
N LEU C 144 15.67 6.71 -32.04
CA LEU C 144 14.50 6.83 -32.89
C LEU C 144 14.20 5.59 -33.71
N ASP C 145 15.16 4.68 -33.86
CA ASP C 145 14.93 3.38 -34.48
C ASP C 145 15.94 2.42 -33.88
N TYR C 146 15.48 1.51 -33.02
CA TYR C 146 16.38 0.58 -32.34
C TYR C 146 16.47 -0.72 -33.16
N ASP C 147 17.03 -0.58 -34.35
CA ASP C 147 17.32 -1.74 -35.19
C ASP C 147 18.57 -2.48 -34.73
N GLY C 148 19.32 -1.90 -33.80
CA GLY C 148 20.44 -2.60 -33.20
C GLY C 148 21.69 -1.74 -33.12
N ASN C 149 22.60 -2.09 -32.21
CA ASN C 149 23.86 -1.39 -32.06
C ASN C 149 23.63 0.07 -31.71
N ILE C 150 22.99 0.30 -30.57
CA ILE C 150 22.65 1.66 -30.18
C ILE C 150 23.81 2.35 -29.48
N LEU C 151 24.73 1.59 -28.88
CA LEU C 151 25.83 2.22 -28.15
C LEU C 151 26.81 2.91 -29.10
N ASP C 152 27.16 2.26 -30.21
CA ASP C 152 28.02 2.89 -31.19
C ASP C 152 27.42 4.21 -31.66
N ALA C 153 26.15 4.19 -32.05
CA ALA C 153 25.49 5.39 -32.52
C ALA C 153 25.47 6.46 -31.44
N CYS C 154 25.16 6.06 -30.20
CA CYS C 154 25.10 7.04 -29.12
C CYS C 154 26.45 7.71 -28.91
N THR C 155 27.52 6.92 -28.82
CA THR C 155 28.85 7.49 -28.61
C THR C 155 29.23 8.40 -29.77
N PHE C 156 28.97 7.96 -31.00
CA PHE C 156 29.37 8.72 -32.17
C PHE C 156 28.61 10.04 -32.26
N ALA C 157 27.31 10.01 -31.97
CA ALA C 157 26.53 11.25 -31.97
C ALA C 157 26.97 12.17 -30.85
N LEU C 158 27.24 11.62 -29.67
CA LEU C 158 27.76 12.41 -28.58
C LEU C 158 29.02 13.15 -28.99
N LEU C 159 29.99 12.42 -29.52
CA LEU C 159 31.24 13.04 -29.94
C LEU C 159 31.00 14.10 -31.01
N ALA C 160 30.14 13.81 -31.98
CA ALA C 160 29.89 14.76 -33.05
C ALA C 160 29.32 16.07 -32.51
N ALA C 161 28.23 15.97 -31.74
CA ALA C 161 27.62 17.17 -31.19
C ALA C 161 28.58 17.89 -30.24
N LEU C 162 29.37 17.13 -29.49
CA LEU C 162 30.28 17.70 -28.52
C LEU C 162 31.48 18.34 -29.19
N LYS C 163 31.69 18.09 -30.47
CA LYS C 163 32.59 18.90 -31.29
C LYS C 163 31.88 20.11 -31.87
N ASN C 164 30.62 19.95 -32.27
CA ASN C 164 29.87 21.07 -32.82
C ASN C 164 29.71 22.19 -31.82
N VAL C 165 29.61 21.86 -30.53
CA VAL C 165 29.24 22.84 -29.52
C VAL C 165 30.27 23.95 -29.47
N GLN C 166 29.81 25.19 -29.60
CA GLN C 166 30.59 26.37 -29.32
C GLN C 166 29.86 27.18 -28.26
N LEU C 167 30.58 27.57 -27.24
CA LEU C 167 30.00 28.21 -26.08
C LEU C 167 30.22 29.71 -26.12
N PRO C 168 29.43 30.47 -25.38
CA PRO C 168 29.65 31.92 -25.28
C PRO C 168 30.81 32.21 -24.34
N GLU C 169 31.03 33.49 -24.09
CA GLU C 169 32.03 33.94 -23.15
C GLU C 169 31.36 34.74 -22.05
N VAL C 170 31.81 34.54 -20.82
CA VAL C 170 31.22 35.22 -19.68
C VAL C 170 32.29 36.04 -18.99
N THR C 171 31.83 37.02 -18.23
CA THR C 171 32.71 37.90 -17.48
C THR C 171 32.08 38.14 -16.13
N ILE C 172 32.89 38.64 -15.20
CA ILE C 172 32.46 38.92 -13.84
C ILE C 172 32.66 40.41 -13.56
N ASN C 173 31.69 41.01 -12.91
CA ASN C 173 31.78 42.41 -12.50
C ASN C 173 31.79 42.44 -10.98
N GLU C 174 32.85 43.01 -10.41
CA GLU C 174 32.97 43.04 -8.96
C GLU C 174 31.98 44.03 -8.35
N GLU C 175 31.68 45.12 -9.06
CA GLU C 175 30.71 46.08 -8.56
C GLU C 175 29.35 45.42 -8.39
N THR C 176 28.86 44.77 -9.44
CA THR C 176 27.59 44.05 -9.37
C THR C 176 27.72 42.67 -8.74
N ALA C 177 28.94 42.13 -8.65
CA ALA C 177 29.16 40.79 -8.09
C ALA C 177 28.39 39.73 -8.89
N LEU C 178 28.17 39.98 -10.19
CA LEU C 178 27.46 39.05 -11.04
C LEU C 178 28.20 38.90 -12.35
N ALA C 179 27.80 37.90 -13.13
CA ALA C 179 28.45 37.59 -14.39
C ALA C 179 27.54 37.94 -15.55
N GLU C 180 28.14 38.35 -16.65
CA GLU C 180 27.44 38.71 -17.87
C GLU C 180 27.93 37.85 -19.02
N VAL C 181 27.06 37.59 -19.98
CA VAL C 181 27.39 36.76 -21.12
C VAL C 181 27.50 37.61 -22.37
N ASN C 182 28.20 37.09 -23.36
CA ASN C 182 28.36 37.74 -24.66
C ASN C 182 28.01 36.70 -25.72
N LEU C 183 26.72 36.58 -26.01
CA LEU C 183 26.21 35.61 -26.96
C LEU C 183 26.64 35.88 -28.39
N LYS C 184 27.39 36.96 -28.63
CA LYS C 184 27.91 37.25 -29.96
C LYS C 184 29.22 36.53 -30.19
N LYS C 185 30.22 36.79 -29.35
CA LYS C 185 31.44 36.03 -29.38
C LYS C 185 31.21 34.68 -28.72
N LYS C 186 32.03 33.70 -29.12
CA LYS C 186 31.85 32.34 -28.67
C LYS C 186 33.22 31.67 -28.62
N SER C 187 33.20 30.36 -28.41
CA SER C 187 34.44 29.60 -28.29
C SER C 187 34.10 28.13 -28.44
N TYR C 188 34.84 27.43 -29.29
CA TYR C 188 34.61 26.00 -29.44
C TYR C 188 35.01 25.29 -28.16
N LEU C 189 34.88 23.97 -28.17
CA LEU C 189 35.13 23.15 -27.00
C LEU C 189 36.23 22.17 -27.35
N ASN C 190 37.34 22.22 -26.63
CA ASN C 190 38.46 21.35 -26.94
C ASN C 190 38.19 19.94 -26.46
N ILE C 191 38.44 18.97 -27.32
CA ILE C 191 38.33 17.56 -26.96
C ILE C 191 39.59 16.87 -27.43
N ARG C 192 40.20 16.09 -26.53
CA ARG C 192 41.51 15.53 -26.82
C ARG C 192 41.40 14.16 -27.49
N THR C 193 40.66 13.24 -26.87
CA THR C 193 40.51 11.90 -27.40
C THR C 193 39.21 11.80 -28.19
N HIS C 194 39.18 10.85 -29.11
CA HIS C 194 38.06 10.65 -30.02
C HIS C 194 37.60 9.22 -29.92
N PRO C 195 36.97 8.86 -28.80
CA PRO C 195 36.62 7.45 -28.57
C PRO C 195 35.50 7.02 -29.50
N VAL C 196 35.74 5.93 -30.20
CA VAL C 196 34.75 5.30 -31.06
C VAL C 196 34.47 3.92 -30.48
N ALA C 197 33.24 3.48 -30.64
CA ALA C 197 32.78 2.21 -30.09
C ALA C 197 32.48 1.24 -31.21
N THR C 198 32.88 -0.01 -31.00
CA THR C 198 32.68 -1.08 -31.97
C THR C 198 32.00 -2.25 -31.27
N SER C 199 30.94 -2.75 -31.88
CA SER C 199 30.09 -3.77 -31.27
C SER C 199 30.35 -5.13 -31.89
N PHE C 200 29.92 -6.16 -31.16
CA PHE C 200 30.12 -7.54 -31.56
C PHE C 200 28.99 -8.38 -30.96
N ALA C 201 28.57 -9.40 -31.70
CA ALA C 201 27.62 -10.38 -31.19
C ALA C 201 28.28 -11.75 -31.30
N VAL C 202 28.33 -12.46 -30.19
CA VAL C 202 28.97 -13.77 -30.11
C VAL C 202 27.87 -14.82 -30.04
N PHE C 203 27.80 -15.63 -31.09
CA PHE C 203 26.93 -16.80 -31.16
C PHE C 203 27.58 -17.93 -30.38
N ASP C 204 27.13 -19.18 -30.63
CA ASP C 204 27.32 -20.26 -29.68
C ASP C 204 28.71 -20.23 -29.04
N ASP C 205 29.77 -20.40 -29.83
CA ASP C 205 31.11 -20.45 -29.25
C ASP C 205 32.05 -19.42 -29.85
N THR C 206 32.21 -19.40 -31.17
CA THR C 206 33.35 -18.75 -31.79
C THR C 206 32.98 -17.77 -32.89
N LEU C 207 31.69 -17.52 -33.11
CA LEU C 207 31.25 -16.75 -34.27
C LEU C 207 30.91 -15.34 -33.82
N LEU C 208 31.77 -14.39 -34.17
CA LEU C 208 31.60 -12.99 -33.81
C LEU C 208 31.19 -12.21 -35.05
N ILE C 209 30.00 -11.63 -35.02
CA ILE C 209 29.54 -10.75 -36.08
C ILE C 209 29.61 -9.32 -35.57
N VAL C 210 29.79 -8.39 -36.49
CA VAL C 210 29.99 -6.99 -36.14
C VAL C 210 28.75 -6.18 -36.53
N ASP C 211 28.49 -5.13 -35.76
CA ASP C 211 27.28 -4.35 -35.90
C ASP C 211 26.07 -5.25 -36.05
N PRO C 212 25.66 -5.92 -34.97
CA PRO C 212 24.49 -6.79 -35.04
C PRO C 212 23.21 -5.96 -34.97
N THR C 213 22.28 -6.27 -35.88
CA THR C 213 20.97 -5.62 -35.89
C THR C 213 20.09 -6.25 -34.82
N GLY C 214 18.79 -5.99 -34.90
CA GLY C 214 17.85 -6.38 -33.86
C GLY C 214 17.76 -7.87 -33.63
N GLU C 215 17.29 -8.59 -34.64
CA GLU C 215 17.11 -10.03 -34.50
C GLU C 215 18.42 -10.71 -34.08
N GLU C 216 19.52 -10.31 -34.72
CA GLU C 216 20.82 -10.89 -34.42
C GLU C 216 21.18 -10.73 -32.96
N GLU C 217 20.64 -9.71 -32.29
CA GLU C 217 20.87 -9.54 -30.87
C GLU C 217 19.84 -10.27 -30.04
N HIS C 218 18.64 -10.47 -30.60
CA HIS C 218 17.61 -11.22 -29.89
C HIS C 218 18.03 -12.67 -29.72
N LEU C 219 18.54 -13.28 -30.79
CA LEU C 219 18.88 -14.70 -30.80
C LEU C 219 20.37 -14.97 -30.61
N ALA C 220 21.07 -14.15 -29.83
CA ALA C 220 22.50 -14.31 -29.64
C ALA C 220 22.82 -14.79 -28.23
N THR C 221 23.93 -15.52 -28.10
CA THR C 221 24.35 -16.01 -26.80
C THR C 221 25.03 -14.91 -26.00
N GLY C 222 25.64 -13.95 -26.67
CA GLY C 222 26.28 -12.86 -25.95
C GLY C 222 26.56 -11.69 -26.85
N THR C 223 26.90 -10.57 -26.21
CA THR C 223 27.21 -9.34 -26.91
C THR C 223 28.48 -8.76 -26.31
N LEU C 224 29.09 -7.83 -27.04
CA LEU C 224 30.35 -7.24 -26.62
C LEU C 224 30.45 -5.87 -27.26
N THR C 225 31.11 -4.96 -26.56
CA THR C 225 31.35 -3.62 -27.09
C THR C 225 32.71 -3.18 -26.61
N ILE C 226 33.44 -2.47 -27.46
CA ILE C 226 34.81 -2.10 -27.18
C ILE C 226 35.05 -0.70 -27.70
N VAL C 227 35.54 0.19 -26.85
CA VAL C 227 35.86 1.57 -27.23
C VAL C 227 37.36 1.71 -27.36
N MET C 228 37.79 2.30 -28.47
CA MET C 228 39.19 2.27 -28.89
C MET C 228 39.60 3.70 -29.22
N ASP C 229 40.36 4.31 -28.30
CA ASP C 229 40.87 5.66 -28.53
C ASP C 229 41.89 5.64 -29.67
N GLU C 230 42.23 6.85 -30.14
CA GLU C 230 43.05 6.98 -31.33
C GLU C 230 44.47 6.48 -31.09
N GLU C 231 45.05 6.80 -29.94
CA GLU C 231 46.43 6.44 -29.66
C GLU C 231 46.56 5.03 -29.12
N GLY C 232 45.96 4.06 -29.83
CA GLY C 232 46.08 2.66 -29.48
C GLY C 232 45.79 2.33 -28.03
N LYS C 233 44.66 2.79 -27.53
CA LYS C 233 44.23 2.50 -26.17
C LYS C 233 42.74 2.21 -26.15
N LEU C 234 42.28 1.73 -25.01
CA LEU C 234 40.90 1.32 -24.80
C LEU C 234 40.32 2.10 -23.63
N CYS C 235 39.07 2.51 -23.79
CA CYS C 235 38.36 3.20 -22.73
C CYS C 235 37.36 2.30 -22.02
N CYS C 236 36.85 1.26 -22.68
CA CYS C 236 35.88 0.39 -22.06
C CYS C 236 35.74 -0.89 -22.87
N LEU C 237 35.62 -1.99 -22.15
CA LEU C 237 35.39 -3.34 -22.69
C LEU C 237 34.12 -3.85 -22.03
N HIS C 238 32.99 -3.53 -22.64
CA HIS C 238 31.68 -3.85 -22.10
C HIS C 238 31.34 -5.28 -22.53
N LYS C 239 31.36 -6.19 -21.56
CA LYS C 239 31.25 -7.62 -21.82
C LYS C 239 30.16 -8.20 -20.93
N PRO C 240 28.90 -7.90 -21.22
CA PRO C 240 27.81 -8.40 -20.38
C PRO C 240 27.46 -9.85 -20.72
N GLY C 241 27.90 -10.78 -19.89
CA GLY C 241 27.58 -12.17 -20.12
C GLY C 241 28.05 -12.65 -21.47
N GLY C 242 27.88 -13.95 -21.73
CA GLY C 242 28.22 -14.50 -23.03
C GLY C 242 28.78 -15.89 -22.95
N SER C 243 28.87 -16.55 -24.11
CA SER C 243 29.32 -17.94 -24.14
C SER C 243 30.79 -18.10 -23.83
N GLY C 244 31.53 -17.01 -23.67
CA GLY C 244 32.92 -17.05 -23.31
C GLY C 244 33.81 -16.61 -24.46
N LEU C 245 35.04 -16.24 -24.11
CA LEU C 245 36.00 -15.80 -25.11
C LEU C 245 37.40 -16.01 -24.59
N THR C 246 38.32 -16.25 -25.53
CA THR C 246 39.74 -16.26 -25.25
C THR C 246 40.39 -15.12 -26.04
N GLY C 247 41.54 -14.65 -25.54
CA GLY C 247 42.22 -13.53 -26.13
C GLY C 247 42.37 -13.58 -27.64
N ALA C 248 42.31 -14.78 -28.20
CA ALA C 248 42.44 -14.94 -29.64
C ALA C 248 41.22 -14.45 -30.39
N LYS C 249 40.03 -14.60 -29.80
CA LYS C 249 38.81 -14.06 -30.38
C LYS C 249 38.58 -12.62 -29.95
N LEU C 250 39.58 -12.00 -29.34
CA LEU C 250 39.49 -10.65 -28.81
C LEU C 250 40.46 -9.69 -29.48
N GLN C 251 41.69 -10.14 -29.76
CA GLN C 251 42.65 -9.31 -30.47
C GLN C 251 42.12 -8.92 -31.85
N ASP C 252 41.41 -9.84 -32.51
CA ASP C 252 40.83 -9.55 -33.82
C ASP C 252 39.80 -8.44 -33.71
N CYS C 253 38.95 -8.51 -32.69
CA CYS C 253 37.97 -7.46 -32.45
C CYS C 253 38.65 -6.12 -32.22
N MET C 254 39.78 -6.13 -31.50
CA MET C 254 40.49 -4.88 -31.27
C MET C 254 41.02 -4.29 -32.56
N SER C 255 41.59 -5.14 -33.43
CA SER C 255 42.03 -4.69 -34.75
C SER C 255 40.87 -4.04 -35.52
N ARG C 256 39.75 -4.76 -35.62
CA ARG C 256 38.61 -4.23 -36.35
C ARG C 256 38.12 -2.93 -35.74
N ALA C 257 38.23 -2.80 -34.42
CA ALA C 257 37.84 -1.56 -33.76
C ALA C 257 38.74 -0.42 -34.19
N VAL C 258 40.04 -0.67 -34.31
CA VAL C 258 40.95 0.37 -34.78
C VAL C 258 40.55 0.81 -36.18
N THR C 259 40.26 -0.15 -37.05
CA THR C 259 39.83 0.18 -38.40
C THR C 259 38.58 1.08 -38.38
N ARG C 260 37.59 0.70 -37.58
CA ARG C 260 36.36 1.50 -37.51
C ARG C 260 36.64 2.89 -36.97
N HIS C 261 37.53 2.99 -35.98
CA HIS C 261 37.97 4.29 -35.49
C HIS C 261 38.44 5.17 -36.64
N LYS C 262 39.40 4.65 -37.41
CA LYS C 262 39.92 5.38 -38.56
C LYS C 262 38.77 5.86 -39.46
N GLU C 263 37.90 4.93 -39.82
CA GLU C 263 36.84 5.25 -40.79
C GLU C 263 35.96 6.39 -40.28
N VAL C 264 35.43 6.25 -39.06
CA VAL C 264 34.46 7.22 -38.61
C VAL C 264 35.11 8.55 -38.30
N LYS C 265 36.38 8.55 -37.89
CA LYS C 265 37.05 9.82 -37.68
C LYS C 265 37.26 10.56 -39.00
N LYS C 266 37.64 9.82 -40.05
CA LYS C 266 37.71 10.45 -41.37
C LYS C 266 36.38 11.05 -41.76
N LEU C 267 35.30 10.29 -41.55
CA LEU C 267 33.96 10.78 -41.88
C LEU C 267 33.66 12.08 -41.15
N MET C 268 33.88 12.09 -39.84
CA MET C 268 33.54 13.25 -39.02
C MET C 268 34.38 14.46 -39.42
N ASP C 269 35.65 14.24 -39.75
CA ASP C 269 36.50 15.33 -40.23
C ASP C 269 35.94 15.91 -41.53
N GLU C 270 35.60 15.03 -42.48
CA GLU C 270 35.02 15.50 -43.73
C GLU C 270 33.80 16.35 -43.47
N VAL C 271 33.00 15.97 -42.47
CA VAL C 271 31.76 16.70 -42.20
C VAL C 271 32.08 18.07 -41.61
N ILE C 272 32.82 18.11 -40.50
CA ILE C 272 33.15 19.39 -39.89
C ILE C 272 33.89 20.30 -40.87
N LYS C 273 34.50 19.74 -41.91
CA LYS C 273 35.14 20.57 -42.92
C LYS C 273 34.21 20.97 -44.05
N SER C 274 33.11 20.24 -44.24
CA SER C 274 32.10 20.58 -45.23
C SER C 274 31.07 21.57 -44.70
N MET C 275 31.42 22.34 -43.68
CA MET C 275 30.52 23.33 -43.11
C MET C 275 31.10 24.74 -43.22
N CYS D 28 49.98 -14.53 -0.24
CA CYS D 28 49.80 -14.84 -1.66
C CYS D 28 49.54 -13.57 -2.45
N SER D 29 49.38 -13.74 -3.77
CA SER D 29 49.10 -12.59 -4.63
C SER D 29 47.80 -11.91 -4.27
N LEU D 30 46.88 -12.61 -3.61
CA LEU D 30 45.61 -12.06 -3.18
C LEU D 30 45.36 -12.44 -1.73
N ARG D 31 44.34 -11.82 -1.14
CA ARG D 31 44.23 -11.70 0.31
C ARG D 31 43.22 -12.68 0.90
N HIS D 32 43.43 -12.98 2.18
CA HIS D 32 42.59 -13.89 2.96
C HIS D 32 41.12 -13.66 2.65
N PHE D 33 40.44 -14.73 2.25
CA PHE D 33 39.03 -14.61 1.87
C PHE D 33 38.28 -15.88 2.24
N ALA D 34 37.14 -15.71 2.90
CA ALA D 34 36.35 -16.80 3.44
C ALA D 34 34.90 -16.65 3.02
N CYS D 35 34.12 -17.67 3.36
CA CYS D 35 32.72 -17.77 2.97
C CYS D 35 31.98 -18.59 4.01
N GLU D 36 30.66 -18.54 3.92
CA GLU D 36 29.81 -19.33 4.80
C GLU D 36 28.46 -19.55 4.13
N GLN D 37 27.92 -20.76 4.30
CA GLN D 37 26.73 -21.21 3.61
C GLN D 37 25.65 -21.49 4.64
N ASN D 38 24.40 -21.46 4.20
CA ASN D 38 23.24 -21.69 5.05
C ASN D 38 23.31 -20.86 6.33
N LEU D 39 23.29 -19.55 6.14
CA LEU D 39 23.14 -18.62 7.25
C LEU D 39 21.67 -18.40 7.57
N LEU D 40 20.89 -18.13 6.53
CA LEU D 40 19.54 -17.64 6.68
C LEU D 40 18.57 -18.80 6.52
N SER D 41 17.51 -18.79 7.30
CA SER D 41 16.56 -19.90 7.33
C SER D 41 15.49 -19.75 6.26
N ARG D 42 15.08 -18.53 5.98
CA ARG D 42 13.93 -18.24 5.14
C ARG D 42 14.24 -18.40 3.66
N PRO D 43 15.38 -17.92 3.16
CA PRO D 43 15.68 -18.08 1.74
C PRO D 43 16.15 -19.48 1.41
N ASP D 44 16.02 -19.84 0.13
CA ASP D 44 16.37 -21.18 -0.31
C ASP D 44 17.84 -21.47 -0.03
N GLY D 45 18.71 -20.66 -0.62
CA GLY D 45 20.14 -20.79 -0.38
C GLY D 45 20.75 -19.43 -0.12
N SER D 46 21.75 -19.42 0.75
CA SER D 46 22.38 -18.18 1.16
C SER D 46 23.89 -18.37 1.25
N ALA D 47 24.60 -17.26 1.12
CA ALA D 47 26.05 -17.30 1.19
C ALA D 47 26.59 -15.93 1.58
N SER D 48 27.40 -15.91 2.62
CA SER D 48 28.16 -14.72 2.98
C SER D 48 29.58 -14.91 2.50
N PHE D 49 30.00 -14.08 1.54
CA PHE D 49 31.34 -14.17 0.98
C PHE D 49 32.08 -12.89 1.33
N LEU D 50 33.15 -13.01 2.10
CA LEU D 50 33.96 -11.84 2.40
C LEU D 50 35.40 -12.13 2.01
N GLN D 51 36.07 -11.11 1.49
CA GLN D 51 37.50 -11.15 1.25
C GLN D 51 38.12 -9.87 1.80
N GLY D 52 39.17 -10.04 2.59
CA GLY D 52 39.78 -8.91 3.26
C GLY D 52 38.77 -8.21 4.13
N ASP D 53 38.31 -7.04 3.71
CA ASP D 53 37.32 -6.30 4.46
C ASP D 53 36.04 -6.06 3.68
N THR D 54 35.96 -6.47 2.42
CA THR D 54 34.70 -6.40 1.69
C THR D 54 33.93 -7.67 1.96
N SER D 55 32.63 -7.52 2.19
CA SER D 55 31.79 -8.64 2.56
C SER D 55 30.42 -8.45 1.93
N VAL D 56 30.03 -9.41 1.11
CA VAL D 56 28.74 -9.37 0.45
C VAL D 56 27.93 -10.55 0.97
N LEU D 57 26.61 -10.42 0.86
CA LEU D 57 25.71 -11.44 1.37
C LEU D 57 24.64 -11.67 0.31
N ALA D 58 24.49 -12.92 -0.11
CA ALA D 58 23.63 -13.28 -1.21
C ALA D 58 22.57 -14.26 -0.74
N GLY D 59 21.36 -14.07 -1.26
CA GLY D 59 20.25 -14.95 -0.95
C GLY D 59 19.48 -15.29 -2.20
N VAL D 60 19.19 -16.57 -2.39
CA VAL D 60 18.59 -17.04 -3.63
C VAL D 60 17.21 -17.61 -3.33
N TYR D 61 16.26 -17.25 -4.16
CA TYR D 61 14.94 -17.87 -4.19
C TYR D 61 14.86 -18.69 -5.45
N GLY D 62 14.85 -20.01 -5.30
CA GLY D 62 15.00 -20.93 -6.39
C GLY D 62 13.80 -20.90 -7.31
N PRO D 63 13.64 -21.94 -8.11
CA PRO D 63 12.47 -22.00 -8.99
C PRO D 63 11.19 -21.78 -8.21
N ALA D 64 10.50 -20.69 -8.55
CA ALA D 64 9.27 -20.29 -7.87
C ALA D 64 8.34 -19.69 -8.91
N GLU D 65 7.29 -19.03 -8.44
CA GLU D 65 6.26 -18.49 -9.32
C GLU D 65 6.81 -17.36 -10.17
N VAL D 66 6.08 -17.06 -11.24
CA VAL D 66 6.40 -15.95 -12.13
C VAL D 66 5.14 -15.61 -12.92
N LYS D 67 4.86 -14.32 -13.02
CA LYS D 67 3.67 -13.89 -13.74
C LYS D 67 3.87 -13.99 -15.25
N VAL D 68 2.74 -14.05 -15.97
CA VAL D 68 2.76 -14.28 -17.40
C VAL D 68 3.50 -13.19 -18.15
N SER D 69 3.78 -12.06 -17.51
CA SER D 69 4.47 -10.97 -18.20
C SER D 69 5.97 -11.16 -18.17
N LYS D 70 6.51 -11.61 -17.05
CA LYS D 70 7.94 -11.77 -16.89
C LYS D 70 8.46 -13.08 -17.46
N GLU D 71 7.59 -14.08 -17.66
CA GLU D 71 8.06 -15.42 -17.95
C GLU D 71 8.31 -15.61 -19.44
N ILE D 72 8.93 -16.73 -19.76
CA ILE D 72 9.21 -17.16 -21.13
C ILE D 72 9.29 -18.67 -21.13
N PHE D 73 8.59 -19.30 -22.07
CA PHE D 73 8.66 -20.75 -22.17
C PHE D 73 10.09 -21.18 -22.41
N ASN D 74 10.37 -22.43 -22.07
CA ASN D 74 11.64 -23.14 -22.28
C ASN D 74 12.84 -22.46 -21.61
N LYS D 75 12.60 -21.51 -20.70
CA LYS D 75 13.68 -20.90 -19.94
C LYS D 75 13.15 -20.43 -18.59
N ALA D 76 14.03 -20.43 -17.60
CA ALA D 76 13.73 -19.82 -16.32
C ALA D 76 14.13 -18.35 -16.34
N THR D 77 13.26 -17.50 -15.82
CA THR D 77 13.57 -16.09 -15.73
C THR D 77 14.46 -15.85 -14.52
N LEU D 78 15.68 -15.40 -14.76
CA LEU D 78 16.60 -15.10 -13.69
C LEU D 78 16.59 -13.59 -13.48
N GLU D 79 16.31 -13.18 -12.25
CA GLU D 79 16.24 -11.76 -11.91
C GLU D 79 17.16 -11.52 -10.74
N VAL D 80 18.02 -10.53 -10.88
CA VAL D 80 18.99 -10.16 -9.86
C VAL D 80 18.62 -8.78 -9.34
N ILE D 81 18.69 -8.61 -8.02
CA ILE D 81 18.48 -7.31 -7.41
C ILE D 81 19.58 -7.09 -6.39
N LEU D 82 20.38 -6.06 -6.62
CA LEU D 82 21.55 -5.74 -5.82
C LEU D 82 21.29 -4.42 -5.12
N ARG D 83 21.57 -4.35 -3.84
CA ARG D 83 21.28 -3.12 -3.10
C ARG D 83 22.40 -2.82 -2.11
N PRO D 84 22.99 -1.63 -2.19
CA PRO D 84 24.03 -1.29 -1.21
C PRO D 84 23.47 -1.00 0.16
N LYS D 85 24.32 -0.53 1.06
CA LYS D 85 23.92 -0.22 2.43
C LYS D 85 23.82 1.27 2.68
N ILE D 86 23.88 2.08 1.62
CA ILE D 86 23.75 3.53 1.74
C ILE D 86 22.84 4.02 0.64
N GLY D 87 22.12 5.10 0.91
CA GLY D 87 21.24 5.70 -0.06
C GLY D 87 20.29 4.70 -0.66
N LEU D 88 19.96 4.92 -1.93
CA LEU D 88 19.08 4.08 -2.71
C LEU D 88 19.84 3.56 -3.92
N PRO D 89 19.33 2.51 -4.56
CA PRO D 89 19.96 2.02 -5.79
C PRO D 89 19.58 2.90 -6.97
N GLY D 90 20.59 3.26 -7.77
CA GLY D 90 20.37 4.13 -8.90
C GLY D 90 20.51 3.44 -10.22
N VAL D 91 21.65 3.66 -10.89
CA VAL D 91 21.87 3.17 -12.24
C VAL D 91 23.06 2.23 -12.32
N ALA D 92 24.16 2.59 -11.66
CA ALA D 92 25.35 1.74 -11.67
C ALA D 92 25.04 0.36 -11.14
N GLU D 93 24.27 0.29 -10.06
CA GLU D 93 23.92 -1.00 -9.48
C GLU D 93 23.05 -1.80 -10.45
N LYS D 94 22.20 -1.12 -11.21
CA LYS D 94 21.39 -1.80 -12.21
C LYS D 94 22.25 -2.40 -13.31
N SER D 95 23.23 -1.64 -13.79
CA SER D 95 24.17 -2.18 -14.77
C SER D 95 24.88 -3.41 -14.23
N ARG D 96 25.43 -3.29 -13.01
CA ARG D 96 26.15 -4.42 -12.42
C ARG D 96 25.25 -5.65 -12.29
N GLU D 97 23.99 -5.44 -11.93
CA GLU D 97 23.11 -6.59 -11.76
C GLU D 97 22.68 -7.16 -13.09
N ARG D 98 22.67 -6.36 -14.15
CA ARG D 98 22.53 -6.93 -15.50
C ARG D 98 23.71 -7.82 -15.83
N LEU D 99 24.92 -7.34 -15.58
CA LEU D 99 26.11 -8.16 -15.82
C LEU D 99 25.98 -9.51 -15.11
N ILE D 100 25.66 -9.48 -13.82
CA ILE D 100 25.53 -10.72 -13.06
C ILE D 100 24.42 -11.58 -13.61
N ARG D 101 23.26 -10.98 -13.91
CA ARG D 101 22.14 -11.68 -14.50
C ARG D 101 22.58 -12.49 -15.71
N ASN D 102 23.27 -11.84 -16.65
CA ASN D 102 23.62 -12.51 -17.90
C ASN D 102 24.71 -13.55 -17.68
N THR D 103 25.65 -13.29 -16.78
CA THR D 103 26.64 -14.32 -16.43
C THR D 103 25.94 -15.58 -15.93
N CYS D 104 25.01 -15.40 -14.99
CA CYS D 104 24.31 -16.54 -14.43
C CYS D 104 23.49 -17.26 -15.49
N GLU D 105 22.80 -16.51 -16.34
CA GLU D 105 22.13 -17.13 -17.49
C GLU D 105 23.10 -17.91 -18.35
N ALA D 106 24.37 -17.50 -18.35
CA ALA D 106 25.36 -18.21 -19.14
C ALA D 106 25.69 -19.56 -18.52
N VAL D 107 25.83 -19.62 -17.19
CA VAL D 107 26.20 -20.88 -16.56
C VAL D 107 24.96 -21.68 -16.13
N VAL D 108 23.97 -21.02 -15.53
CA VAL D 108 22.86 -21.75 -14.93
C VAL D 108 22.03 -22.40 -16.02
N LEU D 109 21.59 -23.63 -15.77
CA LEU D 109 20.68 -24.29 -16.69
C LEU D 109 19.26 -23.81 -16.40
N GLY D 110 18.55 -23.42 -17.46
CA GLY D 110 17.23 -22.85 -17.30
C GLY D 110 16.20 -23.44 -18.23
N THR D 111 16.66 -24.22 -19.22
CA THR D 111 15.76 -24.99 -20.05
C THR D 111 15.17 -26.19 -19.30
N LEU D 112 15.64 -26.43 -18.07
CA LEU D 112 15.07 -27.46 -17.22
C LEU D 112 13.84 -26.94 -16.47
N HIS D 113 13.88 -25.68 -16.05
CA HIS D 113 12.85 -25.09 -15.19
C HIS D 113 12.23 -23.91 -15.91
N PRO D 114 11.51 -24.16 -17.00
CA PRO D 114 10.79 -23.06 -17.67
C PRO D 114 9.58 -22.61 -16.87
N ARG D 115 9.10 -21.41 -17.23
CA ARG D 115 7.93 -20.82 -16.60
C ARG D 115 8.08 -20.73 -15.08
N THR D 116 9.30 -20.52 -14.61
CA THR D 116 9.54 -20.21 -13.21
C THR D 116 10.64 -19.17 -13.12
N SER D 117 10.81 -18.63 -11.92
CA SER D 117 11.70 -17.51 -11.69
C SER D 117 12.73 -17.89 -10.65
N ILE D 118 13.99 -17.69 -10.99
CA ILE D 118 15.08 -17.73 -10.03
C ILE D 118 15.42 -16.29 -9.69
N THR D 119 15.68 -16.01 -8.42
CA THR D 119 15.88 -14.66 -7.96
C THR D 119 17.12 -14.62 -7.09
N VAL D 120 18.00 -13.65 -7.36
CA VAL D 120 19.29 -13.55 -6.71
C VAL D 120 19.39 -12.18 -6.08
N VAL D 121 19.45 -12.13 -4.75
CA VAL D 121 19.48 -10.89 -4.01
C VAL D 121 20.88 -10.70 -3.45
N LEU D 122 21.42 -9.50 -3.63
CA LEU D 122 22.78 -9.19 -3.21
C LEU D 122 22.76 -7.97 -2.31
N GLN D 123 23.46 -8.06 -1.18
CA GLN D 123 23.51 -6.97 -0.22
C GLN D 123 24.97 -6.72 0.15
N VAL D 124 25.37 -5.45 0.13
CA VAL D 124 26.75 -5.06 0.32
C VAL D 124 26.94 -4.69 1.79
N VAL D 125 27.30 -5.68 2.60
CA VAL D 125 27.60 -5.41 4.01
C VAL D 125 28.75 -4.43 4.14
N SER D 126 29.77 -4.57 3.29
CA SER D 126 30.94 -3.73 3.34
C SER D 126 31.47 -3.48 1.93
N ASP D 127 32.20 -2.38 1.79
CA ASP D 127 32.76 -1.97 0.51
C ASP D 127 34.21 -1.59 0.74
N ALA D 128 35.13 -2.40 0.22
CA ALA D 128 36.56 -2.13 0.29
C ALA D 128 37.20 -2.50 -1.03
N GLY D 129 36.58 -2.08 -2.13
CA GLY D 129 37.08 -2.41 -3.44
C GLY D 129 36.88 -3.88 -3.77
N SER D 130 37.13 -4.26 -5.01
CA SER D 130 36.93 -5.64 -5.43
C SER D 130 35.50 -6.08 -5.17
N LEU D 131 34.57 -5.17 -5.40
CA LEU D 131 33.18 -5.43 -5.03
C LEU D 131 32.58 -6.52 -5.89
N LEU D 132 32.55 -6.32 -7.21
CA LEU D 132 32.02 -7.34 -8.11
C LEU D 132 32.71 -8.68 -7.91
N ALA D 133 34.04 -8.65 -7.72
CA ALA D 133 34.78 -9.87 -7.48
C ALA D 133 34.29 -10.62 -6.26
N CYS D 134 33.51 -9.97 -5.41
CA CYS D 134 32.92 -10.59 -4.24
C CYS D 134 31.46 -10.96 -4.48
N CYS D 135 30.72 -10.09 -5.15
CA CYS D 135 29.33 -10.36 -5.46
C CYS D 135 29.19 -11.60 -6.32
N LEU D 136 30.07 -11.76 -7.30
CA LEU D 136 29.98 -12.92 -8.19
C LEU D 136 30.23 -14.20 -7.43
N ASN D 137 31.29 -14.23 -6.62
CA ASN D 137 31.60 -15.42 -5.83
C ASN D 137 30.44 -15.76 -4.90
N ALA D 138 29.86 -14.75 -4.25
CA ALA D 138 28.74 -15.00 -3.35
C ALA D 138 27.53 -15.52 -4.10
N ALA D 139 27.22 -14.94 -5.25
CA ALA D 139 26.11 -15.43 -6.06
C ALA D 139 26.32 -16.90 -6.42
N CYS D 140 27.53 -17.25 -6.84
CA CYS D 140 27.81 -18.64 -7.19
C CYS D 140 27.60 -19.57 -6.01
N MET D 141 28.14 -19.20 -4.85
CA MET D 141 28.01 -20.07 -3.68
C MET D 141 26.55 -20.21 -3.27
N ALA D 142 25.78 -19.12 -3.37
CA ALA D 142 24.35 -19.18 -3.06
C ALA D 142 23.62 -20.12 -4.01
N LEU D 143 23.84 -19.93 -5.32
CA LEU D 143 23.25 -20.82 -6.30
C LEU D 143 23.56 -22.27 -5.98
N VAL D 144 24.80 -22.55 -5.58
CA VAL D 144 25.16 -23.90 -5.16
C VAL D 144 24.27 -24.35 -4.00
N ASP D 145 24.30 -23.59 -2.90
CA ASP D 145 23.54 -23.97 -1.71
C ASP D 145 22.08 -24.24 -2.03
N ALA D 146 21.51 -23.49 -2.97
CA ALA D 146 20.13 -23.70 -3.36
C ALA D 146 19.93 -24.89 -4.28
N GLY D 147 20.97 -25.69 -4.49
CA GLY D 147 20.89 -26.81 -5.40
C GLY D 147 20.19 -26.46 -6.70
N VAL D 148 20.74 -25.50 -7.42
CA VAL D 148 20.18 -25.03 -8.68
C VAL D 148 21.07 -25.55 -9.79
N PRO D 149 20.53 -26.12 -10.87
CA PRO D 149 21.38 -26.76 -11.87
C PRO D 149 22.25 -25.79 -12.63
N MET D 150 23.56 -25.87 -12.41
CA MET D 150 24.52 -25.02 -13.10
C MET D 150 25.39 -25.84 -14.02
N ARG D 151 25.76 -25.23 -15.14
CA ARG D 151 26.64 -25.87 -16.11
C ARG D 151 28.10 -25.81 -15.68
N ALA D 152 28.47 -24.79 -14.91
CA ALA D 152 29.84 -24.64 -14.47
C ALA D 152 29.91 -23.51 -13.46
N LEU D 153 30.75 -23.69 -12.44
CA LEU D 153 31.03 -22.60 -11.52
C LEU D 153 31.58 -21.41 -12.29
N PHE D 154 31.55 -20.26 -11.63
CA PHE D 154 32.20 -19.07 -12.15
C PHE D 154 32.77 -18.27 -10.99
N CYS D 155 33.65 -17.34 -11.31
CA CYS D 155 34.37 -16.57 -10.32
C CYS D 155 34.57 -15.15 -10.83
N GLY D 156 35.00 -14.29 -9.92
CA GLY D 156 35.21 -12.89 -10.24
C GLY D 156 36.45 -12.36 -9.55
N VAL D 157 37.34 -11.75 -10.32
CA VAL D 157 38.55 -11.15 -9.79
C VAL D 157 38.64 -9.72 -10.29
N ALA D 158 39.53 -8.96 -9.67
CA ALA D 158 39.70 -7.55 -9.97
C ALA D 158 41.18 -7.23 -9.97
N CYS D 159 41.63 -6.58 -11.03
CA CYS D 159 43.05 -6.28 -11.21
C CYS D 159 43.18 -4.79 -11.49
N ALA D 160 44.09 -4.15 -10.76
CA ALA D 160 44.26 -2.71 -10.80
C ALA D 160 45.62 -2.38 -11.40
N LEU D 161 45.60 -1.59 -12.46
CA LEU D 161 46.80 -1.09 -13.12
C LEU D 161 47.03 0.34 -12.65
N ASP D 162 48.07 0.52 -11.83
CA ASP D 162 48.57 1.84 -11.50
C ASP D 162 49.24 2.46 -12.72
N SER D 163 49.72 3.69 -12.55
CA SER D 163 50.33 4.40 -13.66
C SER D 163 51.57 3.66 -14.17
N ASP D 164 52.38 3.13 -13.25
CA ASP D 164 53.61 2.45 -13.64
C ASP D 164 53.37 1.11 -14.32
N GLY D 165 52.12 0.70 -14.50
CA GLY D 165 51.80 -0.58 -15.09
C GLY D 165 51.82 -1.76 -14.15
N THR D 166 52.49 -1.65 -13.01
CA THR D 166 52.48 -2.73 -12.03
C THR D 166 51.06 -3.04 -11.61
N LEU D 167 50.56 -4.23 -11.94
CA LEU D 167 49.20 -4.59 -11.59
C LEU D 167 49.15 -5.19 -10.19
N VAL D 168 47.96 -5.14 -9.60
CA VAL D 168 47.70 -5.74 -8.30
C VAL D 168 46.35 -6.44 -8.34
N LEU D 169 46.30 -7.66 -7.83
CA LEU D 169 45.10 -8.47 -7.85
C LEU D 169 44.36 -8.32 -6.52
N ASP D 170 43.03 -8.32 -6.61
CA ASP D 170 42.19 -8.15 -5.44
C ASP D 170 42.60 -6.87 -4.74
N PRO D 171 42.38 -5.72 -5.35
CA PRO D 171 42.88 -4.47 -4.81
C PRO D 171 42.08 -3.97 -3.63
N THR D 172 42.61 -2.91 -3.02
CA THR D 172 41.97 -2.16 -1.96
C THR D 172 41.60 -0.78 -2.48
N SER D 173 40.64 -0.14 -1.80
CA SER D 173 40.12 1.13 -2.27
C SER D 173 41.24 2.13 -2.53
N LYS D 174 42.26 2.13 -1.66
CA LYS D 174 43.44 2.95 -1.94
C LYS D 174 44.03 2.62 -3.29
N GLN D 175 44.18 1.33 -3.59
CA GLN D 175 44.78 0.93 -4.85
C GLN D 175 43.90 1.26 -6.04
N GLU D 176 42.59 1.33 -5.84
CA GLU D 176 41.69 1.69 -6.92
C GLU D 176 41.71 3.20 -7.17
N LYS D 177 41.80 4.00 -6.11
CA LYS D 177 41.88 5.45 -6.28
C LYS D 177 43.21 5.88 -6.85
N GLU D 178 44.30 5.30 -6.36
CA GLU D 178 45.65 5.64 -6.80
C GLU D 178 46.02 5.02 -8.15
N ALA D 179 45.06 4.44 -8.86
CA ALA D 179 45.35 3.75 -10.11
C ALA D 179 44.63 4.42 -11.27
N ARG D 180 45.10 4.09 -12.47
CA ARG D 180 44.55 4.62 -13.70
C ARG D 180 43.63 3.64 -14.42
N ALA D 181 43.74 2.35 -14.15
CA ALA D 181 42.82 1.40 -14.72
C ALA D 181 42.47 0.34 -13.70
N VAL D 182 41.24 -0.16 -13.79
CA VAL D 182 40.79 -1.28 -12.99
C VAL D 182 39.91 -2.15 -13.87
N LEU D 183 39.99 -3.47 -13.66
CA LEU D 183 39.42 -4.44 -14.58
C LEU D 183 38.86 -5.58 -13.76
N THR D 184 37.55 -5.76 -13.79
CA THR D 184 36.89 -6.87 -13.14
C THR D 184 36.59 -7.92 -14.19
N PHE D 185 37.10 -9.13 -13.98
CA PHE D 185 36.92 -10.25 -14.90
C PHE D 185 36.12 -11.35 -14.22
N ALA D 186 35.09 -11.81 -14.90
CA ALA D 186 34.28 -12.94 -14.47
C ALA D 186 34.63 -14.12 -15.36
N LEU D 187 35.27 -15.12 -14.75
CA LEU D 187 35.78 -16.29 -15.43
C LEU D 187 34.93 -17.51 -15.14
N ASP D 188 35.12 -18.53 -15.98
CA ASP D 188 34.47 -19.82 -15.87
C ASP D 188 35.47 -20.85 -15.36
N SER D 189 34.95 -22.00 -14.95
CA SER D 189 35.78 -23.05 -14.35
C SER D 189 36.21 -24.12 -15.33
N VAL D 190 35.35 -24.47 -16.28
CA VAL D 190 35.66 -25.55 -17.21
C VAL D 190 36.88 -25.20 -18.06
N GLU D 191 36.80 -24.09 -18.79
CA GLU D 191 37.85 -23.71 -19.73
C GLU D 191 38.45 -22.34 -19.43
N ARG D 192 38.24 -21.81 -18.22
CA ARG D 192 38.85 -20.56 -17.78
C ARG D 192 38.78 -19.50 -18.88
N LYS D 193 37.57 -19.25 -19.34
CA LYS D 193 37.30 -18.21 -20.32
C LYS D 193 36.90 -16.92 -19.61
N LEU D 194 36.40 -15.96 -20.38
CA LEU D 194 36.06 -14.64 -19.87
C LEU D 194 34.55 -14.48 -20.06
N LEU D 195 33.81 -14.67 -18.98
CA LEU D 195 32.36 -14.52 -19.04
C LEU D 195 31.95 -13.06 -18.98
N MET D 196 32.62 -12.26 -18.16
CA MET D 196 32.28 -10.84 -18.05
C MET D 196 33.55 -10.02 -17.87
N SER D 197 33.46 -8.76 -18.29
CA SER D 197 34.55 -7.81 -18.08
C SER D 197 33.96 -6.43 -17.91
N SER D 198 34.24 -5.80 -16.77
CA SER D 198 33.83 -4.42 -16.52
C SER D 198 35.07 -3.62 -16.15
N THR D 199 35.32 -2.55 -16.90
CA THR D 199 36.56 -1.79 -16.78
C THR D 199 36.29 -0.35 -16.44
N LYS D 200 37.09 0.18 -15.53
CA LYS D 200 37.15 1.60 -15.22
C LYS D 200 38.53 2.11 -15.58
N GLY D 201 38.61 3.33 -16.07
CA GLY D 201 39.87 3.86 -16.55
C GLY D 201 40.10 3.54 -18.02
N LEU D 202 41.32 3.82 -18.45
CA LEU D 202 41.74 3.53 -19.81
C LEU D 202 43.08 2.79 -19.78
N TYR D 203 43.19 1.77 -20.63
CA TYR D 203 44.30 0.83 -20.57
C TYR D 203 44.72 0.50 -22.00
N SER D 204 45.52 -0.55 -22.14
CA SER D 204 46.03 -0.97 -23.44
C SER D 204 45.88 -2.48 -23.60
N ASP D 205 46.30 -2.98 -24.76
CA ASP D 205 46.08 -4.37 -25.14
C ASP D 205 46.91 -5.32 -24.31
N THR D 206 48.24 -5.17 -24.36
CA THR D 206 49.13 -6.10 -23.66
C THR D 206 48.78 -6.17 -22.18
N GLU D 207 48.46 -5.03 -21.58
CA GLU D 207 48.07 -5.00 -20.18
C GLU D 207 46.83 -5.85 -19.95
N LEU D 208 45.85 -5.73 -20.87
CA LEU D 208 44.66 -6.56 -20.78
C LEU D 208 45.01 -8.03 -20.79
N GLN D 209 45.86 -8.45 -21.73
CA GLN D 209 46.21 -9.86 -21.85
C GLN D 209 46.90 -10.38 -20.60
N GLN D 210 47.89 -9.62 -20.09
CA GLN D 210 48.67 -10.12 -18.97
C GLN D 210 47.84 -10.15 -17.70
N CYS D 211 47.01 -9.13 -17.47
CA CYS D 211 46.14 -9.15 -16.32
C CYS D 211 45.13 -10.27 -16.43
N LEU D 212 44.71 -10.62 -17.65
CA LEU D 212 43.82 -11.75 -17.84
C LEU D 212 44.49 -13.07 -17.45
N ALA D 213 45.75 -13.26 -17.83
CA ALA D 213 46.46 -14.46 -17.41
C ALA D 213 46.58 -14.54 -15.89
N ALA D 214 46.95 -13.43 -15.26
CA ALA D 214 47.04 -13.41 -13.80
C ALA D 214 45.68 -13.72 -13.17
N ALA D 215 44.61 -13.21 -13.78
CA ALA D 215 43.27 -13.50 -13.31
C ALA D 215 42.97 -14.99 -13.39
N GLN D 216 43.45 -15.65 -14.45
CA GLN D 216 43.23 -17.08 -14.59
C GLN D 216 43.88 -17.84 -13.44
N ALA D 217 45.14 -17.49 -13.14
CA ALA D 217 45.80 -18.12 -12.00
C ALA D 217 45.02 -17.90 -10.70
N ALA D 218 44.64 -16.65 -10.43
CA ALA D 218 43.88 -16.37 -9.23
C ALA D 218 42.58 -17.18 -9.18
N SER D 219 41.96 -17.38 -10.34
CA SER D 219 40.72 -18.14 -10.39
C SER D 219 40.96 -19.61 -10.04
N GLN D 220 42.10 -20.15 -10.48
CA GLN D 220 42.49 -21.48 -10.03
C GLN D 220 42.49 -21.54 -8.52
N HIS D 221 43.13 -20.55 -7.88
CA HIS D 221 43.18 -20.55 -6.42
C HIS D 221 41.79 -20.47 -5.81
N VAL D 222 40.92 -19.62 -6.36
CA VAL D 222 39.57 -19.45 -5.83
C VAL D 222 38.78 -20.75 -5.94
N PHE D 223 38.97 -21.49 -7.03
CA PHE D 223 38.25 -22.74 -7.20
C PHE D 223 38.74 -23.78 -6.20
N ARG D 224 40.05 -23.86 -5.99
CA ARG D 224 40.54 -24.72 -4.92
C ARG D 224 39.85 -24.38 -3.60
N PHE D 225 39.70 -23.09 -3.32
CA PHE D 225 39.05 -22.68 -2.08
C PHE D 225 37.60 -23.15 -2.03
N TYR D 226 36.86 -22.95 -3.11
CA TYR D 226 35.48 -23.43 -3.14
C TYR D 226 35.42 -24.90 -2.79
N ARG D 227 36.29 -25.70 -3.40
CA ARG D 227 36.27 -27.12 -3.13
C ARG D 227 36.55 -27.41 -1.67
N GLU D 228 37.50 -26.69 -1.06
CA GLU D 228 37.77 -26.93 0.35
C GLU D 228 36.54 -26.61 1.20
N SER D 229 35.88 -25.49 0.92
CA SER D 229 34.72 -25.10 1.71
C SER D 229 33.61 -26.13 1.60
N LEU D 230 33.33 -26.59 0.39
CA LEU D 230 32.23 -27.55 0.24
C LEU D 230 32.60 -28.93 0.80
N GLN D 231 33.86 -29.35 0.64
CA GLN D 231 34.32 -30.56 1.30
C GLN D 231 34.04 -30.50 2.79
N ARG D 232 34.37 -29.38 3.42
CA ARG D 232 34.15 -29.29 4.87
C ARG D 232 32.69 -29.05 5.21
N ARG D 233 31.89 -28.63 4.23
CA ARG D 233 30.46 -28.45 4.46
C ARG D 233 29.70 -29.78 4.45
N TYR D 234 30.06 -30.68 3.54
CA TYR D 234 29.45 -32.00 3.49
C TYR D 234 30.05 -32.99 4.46
N SER D 235 30.73 -32.53 5.51
CA SER D 235 31.32 -33.43 6.50
C SER D 235 30.74 -33.18 7.88
N THR E 7 -22.87 6.92 -16.77
CA THR E 7 -23.34 6.44 -18.07
C THR E 7 -24.84 6.28 -18.09
N LEU E 8 -25.37 5.91 -19.25
CA LEU E 8 -26.80 5.71 -19.41
C LEU E 8 -27.05 5.14 -20.80
N SER E 9 -28.32 4.87 -21.08
CA SER E 9 -28.71 4.09 -22.26
C SER E 9 -28.76 4.98 -23.49
N GLU E 10 -29.37 4.45 -24.56
CA GLU E 10 -29.49 5.14 -25.84
C GLU E 10 -30.83 5.85 -25.98
N ALA E 11 -31.89 5.21 -25.51
CA ALA E 11 -33.22 5.79 -25.65
C ALA E 11 -33.39 7.01 -24.74
N GLU E 12 -32.78 6.97 -23.55
CA GLU E 12 -32.74 8.16 -22.72
C GLU E 12 -32.03 9.30 -23.44
N LYS E 13 -30.97 8.99 -24.19
CA LYS E 13 -30.27 10.02 -24.94
C LYS E 13 -31.17 10.60 -26.01
N VAL E 14 -31.95 9.76 -26.68
CA VAL E 14 -32.91 10.24 -27.66
C VAL E 14 -33.90 11.19 -27.00
N TYR E 15 -34.44 10.77 -25.86
CA TYR E 15 -35.39 11.59 -25.12
C TYR E 15 -34.80 12.95 -24.83
N ILE E 16 -33.58 12.98 -24.30
CA ILE E 16 -32.97 14.23 -23.88
C ILE E 16 -32.68 15.13 -25.07
N VAL E 17 -32.20 14.55 -26.18
CA VAL E 17 -31.83 15.39 -27.30
C VAL E 17 -33.07 15.98 -27.96
N HIS E 18 -34.13 15.19 -28.11
CA HIS E 18 -35.36 15.77 -28.64
C HIS E 18 -35.95 16.79 -27.68
N GLY E 19 -35.75 16.60 -26.38
CA GLY E 19 -36.19 17.61 -25.43
C GLY E 19 -35.49 18.93 -25.66
N VAL E 20 -34.16 18.89 -25.72
CA VAL E 20 -33.38 20.09 -26.00
C VAL E 20 -33.84 20.74 -27.31
N GLN E 21 -33.85 19.95 -28.39
CA GLN E 21 -34.34 20.45 -29.67
C GLN E 21 -35.72 21.08 -29.54
N GLU E 22 -36.50 20.68 -28.54
CA GLU E 22 -37.81 21.25 -28.28
C GLU E 22 -37.74 22.39 -27.26
N ASP E 23 -36.58 22.63 -26.67
CA ASP E 23 -36.37 23.71 -25.71
C ASP E 23 -36.99 23.38 -24.35
N LEU E 24 -36.93 22.10 -23.98
CA LEU E 24 -37.25 21.65 -22.65
C LEU E 24 -36.20 20.64 -22.21
N ARG E 25 -36.16 20.41 -20.90
CA ARG E 25 -35.17 19.55 -20.29
C ARG E 25 -35.80 18.90 -19.06
N VAL E 26 -35.22 17.79 -18.64
CA VAL E 26 -35.80 17.01 -17.55
C VAL E 26 -36.11 17.89 -16.35
N ASP E 27 -35.28 18.89 -16.10
CA ASP E 27 -35.57 19.89 -15.08
C ASP E 27 -36.49 20.99 -15.58
N GLY E 28 -37.17 20.77 -16.70
CA GLY E 28 -38.11 21.72 -17.24
C GLY E 28 -37.58 23.12 -17.46
N ARG E 29 -36.30 23.24 -17.80
CA ARG E 29 -35.70 24.53 -18.10
C ARG E 29 -35.18 24.55 -19.52
N GLY E 30 -35.05 25.77 -20.05
CA GLY E 30 -34.64 25.97 -21.42
C GLY E 30 -33.18 25.66 -21.64
N CYS E 31 -32.58 26.29 -22.64
CA CYS E 31 -31.19 26.03 -23.01
C CYS E 31 -30.27 27.15 -22.59
N GLU E 32 -30.77 28.20 -21.95
CA GLU E 32 -29.97 29.33 -21.50
C GLU E 32 -30.31 29.68 -20.06
N ASP E 33 -30.41 28.66 -19.22
CA ASP E 33 -30.88 28.83 -17.84
C ASP E 33 -30.03 27.97 -16.91
N TYR E 34 -29.21 28.62 -16.09
CA TYR E 34 -28.60 27.94 -14.96
C TYR E 34 -29.62 27.65 -13.87
N ARG E 35 -29.13 27.07 -12.78
CA ARG E 35 -29.91 26.76 -11.60
C ARG E 35 -29.31 27.46 -10.38
N CYS E 36 -30.13 27.60 -9.35
CA CYS E 36 -29.75 28.30 -8.14
C CYS E 36 -28.39 27.82 -7.65
N VAL E 37 -27.42 28.72 -7.63
CA VAL E 37 -26.07 28.43 -7.17
C VAL E 37 -25.88 29.11 -5.81
N GLU E 38 -25.71 28.30 -4.77
CA GLU E 38 -25.52 28.80 -3.42
C GLU E 38 -24.06 29.19 -3.23
N VAL E 39 -23.79 30.49 -3.16
CA VAL E 39 -22.45 31.01 -2.95
C VAL E 39 -22.25 31.36 -1.49
N GLU E 40 -21.05 31.10 -0.97
CA GLU E 40 -20.70 31.51 0.38
C GLU E 40 -19.23 31.86 0.42
N THR E 41 -18.87 32.72 1.36
CA THR E 41 -17.51 33.21 1.48
C THR E 41 -17.13 33.36 2.94
N ASP E 42 -15.84 33.22 3.21
CA ASP E 42 -15.28 33.27 4.57
C ASP E 42 -15.66 32.02 5.36
N VAL E 43 -15.62 30.87 4.70
CA VAL E 43 -15.94 29.62 5.37
C VAL E 43 -14.82 29.24 6.33
N VAL E 44 -13.64 28.99 5.81
CA VAL E 44 -12.50 28.59 6.61
C VAL E 44 -11.80 29.84 7.12
N SER E 45 -11.13 29.71 8.25
CA SER E 45 -10.55 30.85 8.96
C SER E 45 -9.04 30.97 8.81
N ASN E 46 -8.32 29.86 8.79
CA ASN E 46 -6.87 29.90 8.72
C ASN E 46 -6.34 30.41 7.39
N THR E 47 -7.20 30.71 6.43
CA THR E 47 -6.75 31.17 5.14
C THR E 47 -6.83 32.68 5.04
N SER E 48 -6.05 33.24 4.13
CA SER E 48 -6.16 34.64 3.78
C SER E 48 -7.31 34.89 2.83
N GLY E 49 -8.04 33.84 2.46
CA GLY E 49 -9.25 33.97 1.66
C GLY E 49 -9.90 32.62 1.47
N SER E 50 -11.20 32.59 1.27
CA SER E 50 -11.87 31.30 1.12
C SER E 50 -13.24 31.53 0.49
N ALA E 51 -13.83 30.44 0.00
CA ALA E 51 -15.13 30.50 -0.63
C ALA E 51 -15.66 29.10 -0.84
N ARG E 52 -16.95 29.01 -1.11
CA ARG E 52 -17.63 27.74 -1.30
C ARG E 52 -18.78 27.96 -2.25
N VAL E 53 -19.04 26.95 -3.07
CA VAL E 53 -20.13 27.01 -4.04
C VAL E 53 -20.87 25.69 -4.00
N LYS E 54 -22.18 25.75 -4.13
CA LYS E 54 -23.00 24.56 -4.28
C LYS E 54 -23.92 24.82 -5.46
N LEU E 55 -23.55 24.29 -6.62
CA LEU E 55 -24.31 24.43 -7.85
C LEU E 55 -25.03 23.12 -8.13
N GLY E 56 -26.33 23.10 -7.87
CA GLY E 56 -27.09 21.88 -7.95
C GLY E 56 -26.50 20.82 -7.03
N HIS E 57 -25.87 19.81 -7.62
CA HIS E 57 -25.25 18.73 -6.86
C HIS E 57 -23.74 18.69 -7.03
N THR E 58 -23.11 19.86 -7.21
CA THR E 58 -21.66 19.95 -7.19
C THR E 58 -21.25 20.96 -6.13
N ASP E 59 -20.41 20.51 -5.19
CA ASP E 59 -20.00 21.31 -4.05
C ASP E 59 -18.50 21.52 -4.13
N ILE E 60 -18.07 22.77 -4.23
CA ILE E 60 -16.67 23.12 -4.37
C ILE E 60 -16.26 23.96 -3.18
N LEU E 61 -15.06 23.74 -2.69
CA LEU E 61 -14.45 24.60 -1.71
C LEU E 61 -13.18 25.19 -2.30
N VAL E 62 -12.82 26.38 -1.86
CA VAL E 62 -11.65 27.07 -2.38
C VAL E 62 -10.97 27.80 -1.25
N GLY E 63 -9.68 27.53 -1.06
CA GLY E 63 -8.85 28.24 -0.11
C GLY E 63 -7.82 29.06 -0.85
N VAL E 64 -7.43 30.19 -0.26
CA VAL E 64 -6.45 31.08 -0.87
C VAL E 64 -5.51 31.56 0.22
N LYS E 65 -4.23 31.26 0.06
CA LYS E 65 -3.21 31.63 1.03
C LYS E 65 -2.21 32.57 0.38
N ALA E 66 -2.00 33.73 0.99
CA ALA E 66 -1.04 34.70 0.53
C ALA E 66 0.24 34.50 1.33
N GLU E 67 1.23 33.87 0.71
CA GLU E 67 2.51 33.61 1.35
C GLU E 67 3.55 34.55 0.78
N MET E 68 4.73 34.54 1.40
CA MET E 68 5.85 35.34 0.93
C MET E 68 6.88 34.43 0.29
N GLY E 69 7.27 34.78 -0.93
CA GLY E 69 8.22 33.97 -1.68
C GLY E 69 9.04 34.82 -2.63
N THR E 70 10.04 34.18 -3.21
CA THR E 70 10.87 34.83 -4.20
C THR E 70 10.07 35.04 -5.49
N PRO E 71 10.17 36.20 -6.12
CA PRO E 71 9.46 36.38 -7.39
C PRO E 71 10.14 35.60 -8.50
N LYS E 72 9.60 35.68 -9.71
CA LYS E 72 10.12 34.91 -10.83
C LYS E 72 11.10 35.76 -11.63
N LEU E 73 12.28 35.19 -11.91
CA LEU E 73 13.38 35.96 -12.48
C LEU E 73 12.93 36.79 -13.68
N GLU E 74 12.11 36.21 -14.55
CA GLU E 74 11.65 36.92 -15.73
C GLU E 74 10.64 38.01 -15.39
N LYS E 75 10.13 38.04 -14.16
CA LYS E 75 9.10 39.00 -13.77
C LYS E 75 9.27 39.34 -12.30
N PRO E 76 10.38 39.98 -11.94
CA PRO E 76 10.61 40.30 -10.53
C PRO E 76 9.75 41.44 -10.03
N ASN E 77 9.22 42.24 -10.93
CA ASN E 77 8.42 43.41 -10.63
C ASN E 77 7.03 43.08 -10.13
N GLU E 78 6.69 41.81 -9.93
CA GLU E 78 5.33 41.46 -9.55
C GLU E 78 5.30 39.97 -9.22
N GLY E 79 4.23 39.56 -8.54
CA GLY E 79 4.13 38.22 -7.99
C GLY E 79 3.42 37.26 -8.91
N TYR E 80 2.87 36.21 -8.31
CA TYR E 80 2.31 35.14 -9.12
C TYR E 80 1.24 34.36 -8.37
N LEU E 81 0.35 33.75 -9.14
CA LEU E 81 -0.67 32.83 -8.67
C LEU E 81 -0.26 31.40 -8.98
N GLU E 82 -0.43 30.52 -8.01
CA GLU E 82 -0.27 29.09 -8.21
C GLU E 82 -1.60 28.42 -7.90
N PHE E 83 -1.87 27.32 -8.59
CA PHE E 83 -3.13 26.60 -8.42
C PHE E 83 -2.83 25.14 -8.13
N PHE E 84 -3.46 24.61 -7.08
CA PHE E 84 -3.50 23.20 -6.82
C PHE E 84 -4.95 22.76 -6.75
N VAL E 85 -5.21 21.50 -7.10
CA VAL E 85 -6.57 21.01 -7.22
C VAL E 85 -6.68 19.61 -6.64
N ASP E 86 -7.23 19.50 -5.44
CA ASP E 86 -7.46 18.20 -4.81
C ASP E 86 -8.80 17.68 -5.27
N CYS E 87 -8.76 16.70 -6.18
CA CYS E 87 -9.95 16.04 -6.68
C CYS E 87 -10.29 14.87 -5.75
N SER E 88 -10.65 15.24 -4.53
CA SER E 88 -10.90 14.26 -3.48
C SER E 88 -11.80 13.15 -3.99
N ALA E 89 -11.46 11.91 -3.60
CA ALA E 89 -12.26 10.76 -4.01
C ALA E 89 -13.68 10.86 -3.48
N SER E 90 -13.93 11.73 -2.50
CA SER E 90 -15.27 11.97 -2.01
C SER E 90 -16.23 12.36 -3.12
N ALA E 91 -15.73 12.72 -4.30
CA ALA E 91 -16.61 13.07 -5.40
C ALA E 91 -17.24 11.83 -6.01
N THR E 92 -16.43 10.94 -6.55
CA THR E 92 -16.87 9.65 -7.04
C THR E 92 -15.75 8.68 -6.66
N PRO E 93 -16.08 7.51 -6.11
CA PRO E 93 -15.03 6.63 -5.59
C PRO E 93 -14.01 6.22 -6.64
N GLU E 94 -14.29 6.41 -7.93
CA GLU E 94 -13.32 6.05 -8.96
C GLU E 94 -12.10 6.95 -8.95
N PHE E 95 -12.03 7.92 -8.05
CA PHE E 95 -10.82 8.71 -7.85
C PHE E 95 -10.08 8.17 -6.63
N GLU E 96 -8.76 8.22 -6.70
CA GLU E 96 -7.88 7.80 -5.61
C GLU E 96 -6.61 8.62 -5.72
N GLY E 97 -5.56 8.18 -5.06
CA GLY E 97 -4.29 8.90 -5.11
C GLY E 97 -3.71 9.05 -6.49
N ARG E 98 -4.23 8.35 -7.49
CA ARG E 98 -3.69 8.42 -8.85
C ARG E 98 -4.73 8.69 -9.93
N GLY E 99 -6.00 8.40 -9.70
CA GLY E 99 -6.97 8.50 -10.77
C GLY E 99 -7.55 9.89 -10.94
N GLY E 100 -7.43 10.72 -9.91
CA GLY E 100 -7.90 12.09 -9.99
C GLY E 100 -6.88 13.07 -10.46
N ASP E 101 -5.61 12.65 -10.51
CA ASP E 101 -4.55 13.52 -10.97
C ASP E 101 -4.83 14.03 -12.38
N ASP E 102 -5.43 13.20 -13.23
CA ASP E 102 -5.71 13.61 -14.60
C ASP E 102 -6.61 14.84 -14.63
N LEU E 103 -7.78 14.75 -14.03
CA LEU E 103 -8.72 15.86 -14.05
C LEU E 103 -8.17 17.05 -13.27
N GLY E 104 -7.48 16.79 -12.16
CA GLY E 104 -6.89 17.88 -11.42
C GLY E 104 -5.90 18.66 -12.25
N THR E 105 -5.03 17.95 -12.96
CA THR E 105 -4.06 18.59 -13.84
C THR E 105 -4.76 19.38 -14.93
N GLU E 106 -5.77 18.78 -15.56
CA GLU E 106 -6.52 19.50 -16.59
C GLU E 106 -7.07 20.81 -16.07
N ILE E 107 -7.76 20.76 -14.92
CA ILE E 107 -8.38 21.95 -14.37
C ILE E 107 -7.33 22.98 -13.98
N ALA E 108 -6.20 22.53 -13.43
CA ALA E 108 -5.16 23.46 -13.04
C ALA E 108 -4.55 24.15 -14.25
N ASN E 109 -4.28 23.38 -15.31
CA ASN E 109 -3.76 23.98 -16.53
C ASN E 109 -4.72 25.00 -17.10
N THR E 110 -6.02 24.71 -17.06
CA THR E 110 -7.00 25.71 -17.45
C THR E 110 -6.85 26.96 -16.60
N LEU E 111 -6.91 26.82 -15.28
CA LEU E 111 -6.84 27.97 -14.40
C LEU E 111 -5.59 28.80 -14.66
N TYR E 112 -4.47 28.15 -14.98
CA TYR E 112 -3.29 28.92 -15.38
C TYR E 112 -3.56 29.69 -16.67
N ARG E 113 -4.02 28.97 -17.70
CA ARG E 113 -4.33 29.60 -18.98
C ARG E 113 -5.29 30.77 -18.85
N ILE E 114 -6.09 30.81 -17.79
CA ILE E 114 -6.99 31.94 -17.59
C ILE E 114 -6.25 33.16 -17.06
N PHE E 115 -5.05 32.98 -16.54
CA PHE E 115 -4.35 34.03 -15.80
C PHE E 115 -2.96 34.33 -16.35
N ASN E 116 -2.61 33.78 -17.51
CA ASN E 116 -1.52 34.33 -18.30
C ASN E 116 -2.04 35.47 -19.16
N ASN E 117 -2.67 36.42 -18.50
CA ASN E 117 -3.34 37.54 -19.13
C ASN E 117 -2.76 38.88 -18.76
N LYS E 118 -2.13 39.01 -17.60
CA LYS E 118 -1.42 40.22 -17.22
C LYS E 118 -2.36 41.37 -16.92
N SER E 119 -3.66 41.20 -17.18
CA SER E 119 -4.65 42.24 -16.99
C SER E 119 -5.78 41.81 -16.05
N SER E 120 -5.68 40.64 -15.44
CA SER E 120 -6.75 40.11 -14.60
C SER E 120 -6.52 40.46 -13.14
N VAL E 121 -5.42 39.99 -12.57
CA VAL E 121 -4.99 40.33 -11.22
C VAL E 121 -3.75 41.19 -11.35
N ASP E 122 -3.84 42.44 -10.91
CA ASP E 122 -2.72 43.35 -11.01
C ASP E 122 -1.63 42.91 -10.06
N LEU E 123 -0.68 42.12 -10.57
CA LEU E 123 0.34 41.54 -9.72
C LEU E 123 1.32 42.59 -9.21
N LYS E 124 1.56 43.65 -9.99
CA LYS E 124 2.41 44.73 -9.51
C LYS E 124 2.03 45.15 -8.10
N THR E 125 0.75 45.08 -7.76
CA THR E 125 0.30 45.41 -6.42
C THR E 125 0.75 44.37 -5.40
N LEU E 126 1.33 43.27 -5.85
CA LEU E 126 1.75 42.20 -4.96
C LEU E 126 3.26 42.17 -4.77
N CYS E 127 3.96 43.23 -5.17
CA CYS E 127 5.40 43.30 -5.07
C CYS E 127 5.79 44.17 -3.90
N ILE E 128 6.76 43.71 -3.12
CA ILE E 128 7.26 44.45 -1.98
C ILE E 128 8.59 45.08 -2.38
N SER E 129 9.56 44.22 -2.69
CA SER E 129 10.89 44.63 -3.10
C SER E 129 11.34 43.78 -4.28
N PRO E 130 11.43 44.36 -5.47
CA PRO E 130 11.72 43.54 -6.66
C PRO E 130 12.96 42.69 -6.48
N ARG E 131 12.90 41.46 -7.01
CA ARG E 131 13.99 40.50 -7.01
C ARG E 131 14.35 40.01 -5.61
N GLU E 132 13.71 40.53 -4.57
CA GLU E 132 14.10 40.26 -3.20
C GLU E 132 12.99 39.59 -2.39
N HIS E 133 11.77 40.11 -2.47
CA HIS E 133 10.63 39.49 -1.82
C HIS E 133 9.38 39.78 -2.63
N CYS E 134 8.38 38.92 -2.50
CA CYS E 134 7.13 39.15 -3.20
C CYS E 134 6.04 38.28 -2.59
N TRP E 135 4.81 38.57 -2.97
CA TRP E 135 3.67 37.77 -2.56
C TRP E 135 3.46 36.61 -3.52
N VAL E 136 2.77 35.60 -3.03
CA VAL E 136 2.46 34.41 -3.82
C VAL E 136 1.07 33.95 -3.40
N LEU E 137 0.18 33.81 -4.37
CA LEU E 137 -1.20 33.42 -4.06
C LEU E 137 -1.32 31.94 -4.36
N TYR E 138 -1.26 31.12 -3.32
CA TYR E 138 -1.49 29.69 -3.46
C TYR E 138 -2.99 29.46 -3.35
N VAL E 139 -3.59 29.16 -4.47
CA VAL E 139 -5.00 28.81 -4.54
C VAL E 139 -5.11 27.30 -4.47
N ASP E 140 -6.11 26.82 -3.74
CA ASP E 140 -6.27 25.40 -3.49
C ASP E 140 -7.75 25.10 -3.67
N VAL E 141 -8.06 24.46 -4.76
CA VAL E 141 -9.42 24.04 -5.07
C VAL E 141 -9.61 22.65 -4.49
N LEU E 142 -10.82 22.38 -4.04
CA LEU E 142 -11.12 21.12 -3.36
C LEU E 142 -12.48 20.66 -3.84
N LEU E 143 -12.50 19.55 -4.55
CA LEU E 143 -13.74 19.01 -5.10
C LEU E 143 -14.40 18.10 -4.08
N LEU E 144 -15.72 18.15 -4.04
CA LEU E 144 -16.50 17.36 -3.11
C LEU E 144 -17.68 16.66 -3.75
N GLU E 145 -18.15 17.12 -4.90
CA GLU E 145 -19.08 16.38 -5.73
C GLU E 145 -18.81 16.71 -7.19
N CYS E 146 -19.33 15.88 -8.07
CA CYS E 146 -19.24 16.10 -9.51
C CYS E 146 -20.64 15.91 -10.09
N GLY E 147 -21.29 17.03 -10.39
CA GLY E 147 -22.62 17.02 -10.96
C GLY E 147 -22.71 17.84 -12.22
N GLY E 148 -21.56 18.10 -12.83
CA GLY E 148 -21.52 18.81 -14.10
C GLY E 148 -21.31 20.30 -13.92
N ASN E 149 -21.16 20.97 -15.06
CA ASN E 149 -20.86 22.39 -15.09
C ASN E 149 -19.76 22.68 -14.08
N LEU E 150 -18.76 21.80 -14.05
CA LEU E 150 -17.72 21.87 -13.03
C LEU E 150 -16.88 23.13 -13.18
N PHE E 151 -16.48 23.45 -14.40
CA PHE E 151 -15.54 24.53 -14.62
C PHE E 151 -16.13 25.87 -14.24
N ASP E 152 -17.39 26.12 -14.58
CA ASP E 152 -18.02 27.38 -14.26
C ASP E 152 -18.06 27.61 -12.75
N ALA E 153 -18.41 26.57 -12.01
CA ALA E 153 -18.45 26.68 -10.55
C ALA E 153 -17.06 26.92 -9.99
N ILE E 154 -16.06 26.20 -10.49
CA ILE E 154 -14.70 26.41 -10.01
C ILE E 154 -14.27 27.85 -10.23
N SER E 155 -14.60 28.40 -11.40
CA SER E 155 -14.22 29.78 -11.69
C SER E 155 -14.92 30.76 -10.77
N ILE E 156 -16.23 30.58 -10.59
CA ILE E 156 -16.98 31.44 -9.69
C ILE E 156 -16.39 31.39 -8.29
N ALA E 157 -15.96 30.21 -7.86
CA ALA E 157 -15.36 30.09 -6.53
C ALA E 157 -14.02 30.81 -6.47
N VAL E 158 -13.21 30.67 -7.51
CA VAL E 158 -11.94 31.37 -7.56
C VAL E 158 -12.16 32.87 -7.42
N LYS E 159 -13.18 33.38 -8.10
CA LYS E 159 -13.44 34.81 -8.07
C LYS E 159 -13.96 35.25 -6.71
N ALA E 160 -14.88 34.48 -6.12
CA ALA E 160 -15.36 34.81 -4.79
C ALA E 160 -14.26 34.75 -3.76
N ALA E 161 -13.29 33.86 -3.93
CA ALA E 161 -12.18 33.73 -3.00
C ALA E 161 -11.22 34.91 -3.13
N LEU E 162 -10.86 35.24 -4.36
CA LEU E 162 -10.06 36.44 -4.60
C LEU E 162 -10.73 37.66 -3.97
N PHE E 163 -11.99 37.91 -4.31
CA PHE E 163 -12.71 39.02 -3.70
C PHE E 163 -12.63 38.99 -2.18
N ASN E 164 -12.60 37.79 -1.61
CA ASN E 164 -12.55 37.61 -0.15
C ASN E 164 -11.14 37.43 0.37
N THR E 165 -10.14 37.91 -0.35
CA THR E 165 -8.76 37.73 0.06
C THR E 165 -8.29 39.00 0.73
N ARG E 166 -7.53 38.86 1.81
CA ARG E 166 -7.08 40.01 2.60
C ARG E 166 -5.61 39.80 2.92
N ILE E 167 -4.74 40.35 2.07
CA ILE E 167 -3.30 40.29 2.25
C ILE E 167 -2.85 41.37 3.21
N PRO E 168 -1.97 41.08 4.16
CA PRO E 168 -1.50 42.12 5.06
C PRO E 168 -0.39 42.96 4.44
N ARG E 169 -0.27 44.19 4.94
CA ARG E 169 0.80 45.08 4.53
C ARG E 169 2.08 44.75 5.28
N VAL E 170 3.20 44.73 4.56
CA VAL E 170 4.48 44.42 5.17
C VAL E 170 5.54 45.34 4.55
N ARG E 171 6.38 45.92 5.39
CA ARG E 171 7.51 46.72 4.96
C ARG E 171 8.77 45.90 5.20
N VAL E 172 9.42 45.44 4.14
CA VAL E 172 10.66 44.67 4.26
C VAL E 172 11.82 45.65 4.13
N LEU E 173 12.46 45.95 5.27
CA LEU E 173 13.53 46.93 5.32
C LEU E 173 14.85 46.18 5.28
N GLU E 174 15.72 46.59 4.38
CA GLU E 174 17.07 46.06 4.22
C GLU E 174 18.03 46.69 5.23
N ASP E 175 19.12 45.97 5.49
CA ASP E 175 20.18 46.50 6.33
C ASP E 175 21.47 45.84 5.87
N GLU E 176 22.58 46.51 6.16
CA GLU E 176 23.87 46.02 5.71
C GLU E 176 24.20 44.71 6.42
N GLU E 177 25.36 44.15 6.09
CA GLU E 177 25.80 42.87 6.65
C GLU E 177 24.66 41.86 6.61
N GLY E 178 23.90 41.88 5.52
CA GLY E 178 22.88 40.89 5.24
C GLY E 178 21.90 40.65 6.36
N SER E 179 21.24 41.71 6.84
CA SER E 179 20.20 41.57 7.86
C SER E 179 18.92 42.26 7.38
N LYS E 180 17.86 41.48 7.31
CA LYS E 180 16.58 41.89 6.75
C LYS E 180 15.54 41.90 7.86
N ASP E 181 14.60 42.83 7.79
CA ASP E 181 13.57 42.95 8.81
C ASP E 181 12.22 43.16 8.15
N ILE E 182 11.20 42.52 8.71
CA ILE E 182 9.82 42.67 8.22
C ILE E 182 9.03 43.43 9.28
N GLU E 183 8.32 44.46 8.83
CA GLU E 183 7.49 45.28 9.70
C GLU E 183 6.03 45.05 9.30
N LEU E 184 5.26 44.51 10.23
CA LEU E 184 3.84 44.30 10.04
C LEU E 184 3.06 45.57 10.33
N SER E 185 1.79 45.55 9.96
CA SER E 185 0.83 46.58 10.37
C SER E 185 -0.20 45.91 11.27
N ASP E 186 -0.19 46.27 12.55
CA ASP E 186 -1.07 45.63 13.53
C ASP E 186 -2.50 46.16 13.38
N ASP E 187 -3.04 45.96 12.17
CA ASP E 187 -4.37 46.45 11.82
C ASP E 187 -5.03 45.46 10.87
N PRO E 188 -5.47 44.32 11.40
CA PRO E 188 -6.12 43.32 10.53
C PRO E 188 -7.28 43.92 9.76
N TYR E 189 -7.78 45.06 10.23
CA TYR E 189 -8.75 45.83 9.47
C TYR E 189 -8.10 46.62 8.34
N ASP E 190 -6.82 46.95 8.47
CA ASP E 190 -6.07 47.57 7.39
C ASP E 190 -5.25 46.51 6.68
N CYS E 191 -5.95 45.70 5.90
CA CYS E 191 -5.35 44.74 4.99
C CYS E 191 -5.82 45.06 3.59
N ILE E 192 -4.95 44.86 2.61
CA ILE E 192 -5.25 45.32 1.26
C ILE E 192 -6.17 44.33 0.55
N ARG E 193 -6.72 44.75 -0.59
CA ARG E 193 -7.74 44.01 -1.29
C ARG E 193 -7.45 44.17 -2.77
N LEU E 194 -7.41 43.04 -3.49
CA LEU E 194 -7.09 43.07 -4.90
C LEU E 194 -8.37 43.10 -5.73
N SER E 195 -8.35 43.92 -6.78
CA SER E 195 -9.51 44.08 -7.64
C SER E 195 -9.76 42.80 -8.43
N VAL E 196 -11.03 42.59 -8.77
CA VAL E 196 -11.45 41.42 -9.53
C VAL E 196 -12.36 41.84 -10.66
N GLU E 197 -12.34 43.13 -11.00
CA GLU E 197 -13.17 43.63 -12.09
C GLU E 197 -12.81 43.00 -13.43
N ASN E 198 -11.73 42.22 -13.50
CA ASN E 198 -11.33 41.55 -14.72
C ASN E 198 -11.23 40.04 -14.58
N VAL E 199 -11.13 39.52 -13.36
CA VAL E 199 -11.06 38.08 -13.15
C VAL E 199 -12.24 37.46 -13.88
N PRO E 200 -12.02 36.50 -14.78
CA PRO E 200 -13.10 36.02 -15.65
C PRO E 200 -13.81 34.80 -15.09
N CYS E 201 -15.03 34.62 -15.57
CA CYS E 201 -15.80 33.41 -15.31
C CYS E 201 -15.71 32.48 -16.51
N ILE E 202 -15.66 31.18 -16.22
CA ILE E 202 -15.72 30.16 -17.25
C ILE E 202 -17.18 29.93 -17.64
N VAL E 203 -17.37 29.40 -18.84
CA VAL E 203 -18.69 29.12 -19.37
C VAL E 203 -18.57 27.91 -20.29
N THR E 204 -19.34 26.87 -20.03
CA THR E 204 -19.20 25.58 -20.70
C THR E 204 -20.44 25.35 -21.55
N LEU E 205 -20.32 25.56 -22.86
CA LEU E 205 -21.42 25.32 -23.79
C LEU E 205 -21.26 23.95 -24.42
N CYS E 206 -22.12 23.01 -24.02
CA CYS E 206 -22.12 21.68 -24.60
C CYS E 206 -23.12 21.61 -25.73
N LYS E 207 -22.72 20.97 -26.83
CA LYS E 207 -23.57 20.88 -28.00
C LYS E 207 -24.31 19.56 -27.99
N ILE E 208 -25.63 19.62 -28.11
CA ILE E 208 -26.50 18.46 -28.12
C ILE E 208 -27.38 18.57 -29.35
N GLY E 209 -27.34 17.55 -30.20
CA GLY E 209 -28.08 17.61 -31.44
C GLY E 209 -27.57 18.75 -32.28
N TYR E 210 -28.46 19.68 -32.60
CA TYR E 210 -28.11 20.89 -33.33
C TYR E 210 -28.38 22.13 -32.50
N ARG E 211 -28.28 22.00 -31.18
CA ARG E 211 -28.56 23.10 -30.27
C ARG E 211 -27.55 23.07 -29.14
N HIS E 212 -27.13 24.25 -28.70
CA HIS E 212 -26.13 24.35 -27.64
C HIS E 212 -26.80 24.66 -26.31
N VAL E 213 -26.13 24.27 -25.24
CA VAL E 213 -26.71 24.27 -23.91
C VAL E 213 -25.68 24.68 -22.88
N VAL E 214 -26.15 25.27 -21.80
CA VAL E 214 -25.31 25.78 -20.72
C VAL E 214 -25.67 25.02 -19.45
N ASP E 215 -24.72 24.95 -18.53
CA ASP E 215 -24.82 24.09 -17.36
C ASP E 215 -25.26 22.68 -17.77
N ALA E 216 -24.40 22.03 -18.52
CA ALA E 216 -24.68 20.71 -19.06
C ALA E 216 -24.57 19.69 -17.93
N THR E 217 -25.72 19.35 -17.34
CA THR E 217 -25.80 18.26 -16.38
C THR E 217 -25.16 16.99 -16.96
N LEU E 218 -24.69 16.12 -16.06
CA LEU E 218 -24.05 14.88 -16.47
C LEU E 218 -24.87 14.15 -17.53
N GLN E 219 -26.09 13.78 -17.17
CA GLN E 219 -26.95 13.05 -18.11
C GLN E 219 -26.94 13.69 -19.49
N GLU E 220 -26.72 14.99 -19.57
CA GLU E 220 -26.64 15.64 -20.88
C GLU E 220 -25.21 15.70 -21.41
N GLU E 221 -24.20 15.69 -20.55
CA GLU E 221 -22.83 15.59 -21.06
C GLU E 221 -22.63 14.28 -21.78
N ALA E 222 -23.12 13.18 -21.20
CA ALA E 222 -23.02 11.89 -21.86
C ALA E 222 -23.74 11.88 -23.20
N CYS E 223 -24.73 12.74 -23.37
CA CYS E 223 -25.51 12.83 -24.60
C CYS E 223 -24.86 13.71 -25.64
N SER E 224 -23.76 14.38 -25.31
CA SER E 224 -23.18 15.38 -26.17
C SER E 224 -22.00 14.81 -26.94
N LEU E 225 -21.41 15.66 -27.77
CA LEU E 225 -20.25 15.32 -28.57
C LEU E 225 -19.12 16.34 -28.47
N ALA E 226 -19.43 17.60 -28.17
CA ALA E 226 -18.41 18.63 -28.01
C ALA E 226 -18.87 19.61 -26.96
N SER E 227 -17.90 20.35 -26.41
CA SER E 227 -18.21 21.40 -25.45
C SER E 227 -17.13 22.47 -25.55
N LEU E 228 -17.56 23.69 -25.80
CA LEU E 228 -16.69 24.85 -25.90
C LEU E 228 -16.63 25.57 -24.56
N LEU E 229 -15.43 25.66 -24.00
CA LEU E 229 -15.19 26.47 -22.81
C LEU E 229 -14.76 27.87 -23.22
N VAL E 230 -15.46 28.87 -22.72
CA VAL E 230 -15.12 30.27 -22.91
C VAL E 230 -14.77 30.87 -21.56
N SER E 231 -13.91 31.89 -21.57
CA SER E 231 -13.62 32.63 -20.36
C SER E 231 -13.90 34.10 -20.60
N VAL E 232 -14.91 34.64 -19.92
CA VAL E 232 -15.38 35.99 -20.19
C VAL E 232 -15.14 36.86 -18.96
N THR E 233 -14.90 38.14 -19.20
CA THR E 233 -14.89 39.15 -18.16
C THR E 233 -16.15 40.01 -18.25
N SER E 234 -16.40 40.77 -17.19
CA SER E 234 -17.60 41.59 -17.11
C SER E 234 -17.68 42.62 -18.22
N LYS E 235 -16.60 42.86 -18.94
CA LYS E 235 -16.61 43.83 -20.03
C LYS E 235 -17.19 43.22 -21.30
N GLY E 236 -16.69 42.05 -21.70
CA GLY E 236 -17.22 41.36 -22.85
C GLY E 236 -16.15 40.67 -23.66
N VAL E 237 -14.90 40.81 -23.26
CA VAL E 237 -13.77 40.20 -23.95
C VAL E 237 -13.76 38.70 -23.67
N VAL E 238 -12.90 37.98 -24.36
CA VAL E 238 -12.83 36.53 -24.27
C VAL E 238 -11.37 36.17 -24.08
N THR E 239 -10.97 35.98 -22.82
CA THR E 239 -9.59 35.60 -22.53
C THR E 239 -9.23 34.28 -23.20
N CYS E 240 -9.90 33.20 -22.80
CA CYS E 240 -9.58 31.86 -23.25
C CYS E 240 -10.75 31.25 -24.00
N MET E 241 -10.43 30.35 -24.93
CA MET E 241 -11.42 29.69 -25.79
C MET E 241 -10.88 28.29 -26.08
N ARG E 242 -11.29 27.33 -25.26
CA ARG E 242 -10.85 25.96 -25.38
C ARG E 242 -12.01 25.08 -25.82
N LYS E 243 -11.67 23.88 -26.26
CA LYS E 243 -12.63 22.93 -26.80
C LYS E 243 -12.32 21.56 -26.23
N VAL E 244 -13.34 20.87 -25.74
CA VAL E 244 -13.15 19.60 -25.06
C VAL E 244 -14.28 18.67 -25.47
N GLY E 245 -13.93 17.42 -25.73
CA GLY E 245 -14.88 16.43 -26.20
C GLY E 245 -14.25 15.47 -27.18
N LYS E 246 -14.71 14.23 -27.14
CA LYS E 246 -14.25 13.17 -28.03
C LYS E 246 -14.98 13.23 -29.36
N GLY E 247 -15.47 14.40 -29.74
CA GLY E 247 -16.29 14.55 -30.91
C GLY E 247 -15.91 15.79 -31.71
N SER E 248 -16.64 15.99 -32.80
CA SER E 248 -16.35 17.06 -33.74
C SER E 248 -17.16 18.30 -33.41
N LEU E 249 -17.03 19.32 -34.26
CA LEU E 249 -17.65 20.60 -34.01
C LEU E 249 -17.57 21.48 -35.24
N ASP E 250 -18.69 22.06 -35.65
CA ASP E 250 -18.76 22.80 -36.89
C ASP E 250 -18.11 24.17 -36.72
N PRO E 251 -17.85 24.87 -37.82
CA PRO E 251 -17.17 26.16 -37.73
C PRO E 251 -18.11 27.31 -37.43
N GLU E 252 -19.38 27.13 -37.82
CA GLU E 252 -20.36 28.19 -37.64
C GLU E 252 -20.91 28.22 -36.22
N SER E 253 -21.24 27.05 -35.67
CA SER E 253 -21.75 26.96 -34.30
C SER E 253 -20.80 27.60 -33.29
N ILE E 254 -19.50 27.63 -33.61
CA ILE E 254 -18.54 28.27 -32.72
C ILE E 254 -18.97 29.70 -32.42
N PHE E 255 -19.48 30.40 -33.44
CA PHE E 255 -19.77 31.81 -33.30
C PHE E 255 -20.96 32.02 -32.38
N GLU E 256 -22.02 31.23 -32.58
CA GLU E 256 -23.17 31.26 -31.69
C GLU E 256 -22.76 30.95 -30.26
N MET E 257 -21.94 29.91 -30.07
CA MET E 257 -21.46 29.57 -28.75
C MET E 257 -20.78 30.77 -28.10
N MET E 258 -19.93 31.46 -28.87
CA MET E 258 -19.17 32.56 -28.32
C MET E 258 -20.09 33.72 -27.93
N GLU E 259 -21.05 34.06 -28.78
CA GLU E 259 -21.99 35.12 -28.47
C GLU E 259 -22.77 34.80 -27.20
N THR E 260 -23.26 33.56 -27.10
CA THR E 260 -24.00 33.14 -25.91
C THR E 260 -23.13 33.21 -24.67
N GLY E 261 -21.87 32.79 -24.79
CA GLY E 261 -20.96 32.91 -23.67
C GLY E 261 -20.78 34.35 -23.23
N LYS E 262 -20.72 35.27 -24.19
CA LYS E 262 -20.60 36.68 -23.87
C LYS E 262 -21.78 37.14 -23.02
N ARG E 263 -23.00 36.87 -23.50
CA ARG E 263 -24.19 37.31 -22.78
C ARG E 263 -24.26 36.68 -21.39
N VAL E 264 -24.03 35.38 -21.31
CA VAL E 264 -24.12 34.67 -20.04
C VAL E 264 -23.07 35.20 -19.07
N GLY E 265 -21.89 35.53 -19.57
CA GLY E 265 -20.87 36.09 -18.70
C GLY E 265 -21.28 37.43 -18.12
N LYS E 266 -21.83 38.30 -18.96
CA LYS E 266 -22.36 39.56 -18.44
C LYS E 266 -23.31 39.31 -17.27
N VAL E 267 -24.33 38.47 -17.51
CA VAL E 267 -25.34 38.22 -16.49
C VAL E 267 -24.71 37.64 -15.22
N LEU E 268 -23.87 36.63 -15.39
CA LEU E 268 -23.26 35.93 -14.27
C LEU E 268 -22.45 36.89 -13.40
N HIS E 269 -21.61 37.70 -14.03
CA HIS E 269 -20.76 38.60 -13.27
C HIS E 269 -21.59 39.64 -12.54
N ALA E 270 -22.63 40.16 -13.19
CA ALA E 270 -23.52 41.09 -12.50
C ALA E 270 -24.06 40.47 -11.23
N SER E 271 -24.67 39.28 -11.36
CA SER E 271 -25.29 38.64 -10.20
C SER E 271 -24.28 38.39 -9.09
N LEU E 272 -23.10 37.88 -9.45
CA LEU E 272 -22.10 37.56 -8.44
C LEU E 272 -21.64 38.81 -7.71
N GLN E 273 -21.38 39.89 -8.46
CA GLN E 273 -20.93 41.13 -7.84
C GLN E 273 -21.98 41.63 -6.85
N SER E 274 -23.25 41.64 -7.26
CA SER E 274 -24.30 42.10 -6.37
C SER E 274 -24.35 41.27 -5.10
N VAL E 275 -24.36 39.95 -5.24
CA VAL E 275 -24.43 39.07 -4.08
C VAL E 275 -23.30 39.34 -3.11
N VAL E 276 -22.08 39.44 -3.62
CA VAL E 276 -20.96 39.48 -2.69
C VAL E 276 -20.86 40.86 -2.05
N HIS E 277 -21.26 41.92 -2.74
CA HIS E 277 -21.38 43.20 -2.07
C HIS E 277 -22.42 43.14 -0.96
N LYS E 278 -23.58 42.55 -1.23
CA LYS E 278 -24.57 42.34 -0.18
C LYS E 278 -23.92 41.73 1.05
N GLU E 279 -23.27 40.59 0.87
CA GLU E 279 -22.73 39.87 2.01
C GLU E 279 -21.68 40.70 2.74
N GLU E 280 -20.77 41.32 1.99
CA GLU E 280 -19.78 42.19 2.63
C GLU E 280 -20.45 43.29 3.43
N SER E 281 -21.62 43.73 3.00
CA SER E 281 -22.34 44.74 3.76
C SER E 281 -22.84 44.19 5.09
N LEU E 282 -23.53 43.04 5.05
CA LEU E 282 -24.11 42.47 6.26
C LEU E 282 -23.16 42.48 7.46
N GLY E 283 -22.04 41.76 7.34
CA GLY E 283 -21.08 41.69 8.41
C GLY E 283 -21.14 40.39 9.19
N PRO E 284 -20.50 40.35 10.36
CA PRO E 284 -20.54 39.14 11.19
C PRO E 284 -21.95 38.71 11.59
N LYS E 285 -22.95 39.57 11.38
CA LYS E 285 -24.33 39.18 11.65
C LYS E 285 -24.79 37.98 10.82
N ARG E 286 -24.05 37.60 9.79
CA ARG E 286 -24.49 36.52 8.92
C ARG E 286 -24.32 35.15 9.57
N GLN E 287 -23.38 35.04 10.51
CA GLN E 287 -23.08 33.83 11.27
C GLN E 287 -22.31 32.78 10.46
N LYS E 288 -22.14 32.97 9.15
CA LYS E 288 -21.33 32.06 8.34
C LYS E 288 -21.82 30.62 8.48
N VAL E 289 -23.04 30.40 7.99
CA VAL E 289 -23.60 29.05 7.93
C VAL E 289 -22.83 28.25 6.88
N GLY E 290 -22.11 27.23 7.33
CA GLY E 290 -21.42 26.34 6.42
C GLY E 290 -21.37 24.93 6.95
N PHE E 291 -21.88 23.97 6.16
CA PHE E 291 -21.84 22.56 6.54
C PHE E 291 -22.57 22.33 7.86
N LEU E 292 -23.65 23.07 8.07
CA LEU E 292 -24.42 22.98 9.31
C LEU E 292 -25.88 23.32 9.04
N GLY F 3 16.19 13.88 -5.56
CA GLY F 3 17.10 13.19 -6.46
C GLY F 3 16.45 11.99 -7.13
N ASP F 4 16.54 11.93 -8.46
CA ASP F 4 16.00 10.82 -9.22
C ASP F 4 17.04 9.72 -9.33
N HIS F 5 16.64 8.50 -8.99
CA HIS F 5 17.53 7.35 -8.99
C HIS F 5 17.37 6.50 -10.24
N ARG F 6 16.80 7.05 -11.29
CA ARG F 6 16.74 6.38 -12.59
C ARG F 6 17.43 7.19 -13.66
N ARG F 7 18.18 8.22 -13.29
CA ARG F 7 18.92 9.05 -14.22
C ARG F 7 20.24 9.44 -13.56
N ILE F 8 21.13 10.04 -14.34
CA ILE F 8 22.48 10.31 -13.84
C ILE F 8 22.47 11.43 -12.83
N ARG F 9 23.34 11.33 -11.83
CA ARG F 9 23.47 12.33 -10.79
C ARG F 9 24.04 13.60 -11.38
N GLY F 10 23.18 14.60 -11.56
CA GLY F 10 23.60 15.89 -12.03
C GLY F 10 23.57 16.89 -10.90
N PRO F 11 23.64 18.17 -11.22
CA PRO F 11 23.55 19.19 -10.17
C PRO F 11 22.11 19.38 -9.71
N GLU F 12 21.98 19.87 -8.48
CA GLU F 12 20.66 20.12 -7.92
C GLU F 12 19.87 21.08 -8.81
N GLU F 13 20.36 22.30 -8.96
CA GLU F 13 19.70 23.30 -9.79
C GLU F 13 20.68 23.83 -10.82
N SER F 14 20.14 24.38 -11.90
CA SER F 14 20.98 24.90 -12.97
C SER F 14 20.18 25.90 -13.80
N GLN F 15 20.56 27.15 -13.75
CA GLN F 15 19.87 28.16 -14.53
C GLN F 15 20.65 28.51 -15.79
N PRO F 16 19.96 28.87 -16.86
CA PRO F 16 20.64 29.13 -18.12
C PRO F 16 21.38 30.45 -18.09
N PRO F 17 22.19 30.72 -19.12
CA PRO F 17 22.92 31.98 -19.16
C PRO F 17 22.14 33.16 -19.72
N GLN F 18 21.14 32.89 -20.56
CA GLN F 18 20.41 33.97 -21.21
C GLN F 18 19.87 34.96 -20.19
N LEU F 19 19.20 34.45 -19.16
CA LEU F 19 18.67 35.31 -18.10
C LEU F 19 19.74 36.21 -17.51
N TYR F 20 21.01 35.85 -17.66
CA TYR F 20 22.12 36.67 -17.22
C TYR F 20 22.66 37.55 -18.33
N ALA F 21 21.97 37.59 -19.48
CA ALA F 21 22.35 38.44 -20.60
C ALA F 21 21.86 39.87 -20.37
N ALA F 22 22.31 40.77 -21.24
CA ALA F 22 21.96 42.19 -21.17
C ALA F 22 21.77 42.71 -22.59
N ASP F 23 20.53 42.69 -23.07
CA ASP F 23 20.24 43.17 -24.43
C ASP F 23 18.73 43.16 -24.64
N GLU F 24 18.30 43.99 -25.59
CA GLU F 24 16.93 44.00 -26.09
C GLU F 24 16.88 43.13 -27.34
N GLU F 25 16.31 41.94 -27.22
CA GLU F 25 16.33 41.00 -28.32
C GLU F 25 15.67 41.61 -29.55
N GLU F 26 16.04 41.07 -30.71
CA GLU F 26 15.59 41.65 -31.98
C GLU F 26 14.11 41.35 -32.21
N ALA F 27 13.39 42.36 -32.69
CA ALA F 27 11.98 42.17 -33.01
C ALA F 27 11.81 41.88 -34.49
N PRO F 28 10.87 41.01 -34.88
CA PRO F 28 10.72 40.68 -36.31
C PRO F 28 10.44 41.89 -37.17
N GLY F 29 9.35 42.61 -36.87
CA GLY F 29 8.99 43.79 -37.62
C GLY F 29 7.72 43.62 -38.42
N THR F 30 7.85 43.52 -39.74
CA THR F 30 6.72 43.46 -40.65
C THR F 30 6.82 42.19 -41.48
N ARG F 31 5.69 41.81 -42.07
CA ARG F 31 5.64 40.64 -42.94
C ARG F 31 4.22 40.54 -43.48
N ASP F 32 4.01 39.58 -44.39
CA ASP F 32 2.69 39.35 -44.97
C ASP F 32 1.85 38.51 -44.02
N PRO F 33 0.85 39.08 -43.35
CA PRO F 33 0.15 38.33 -42.30
C PRO F 33 -0.42 37.00 -42.80
N THR F 34 -0.95 36.98 -44.02
CA THR F 34 -1.45 35.74 -44.63
C THR F 34 -0.33 35.09 -45.41
N ARG F 35 0.68 34.63 -44.68
CA ARG F 35 1.80 33.90 -45.24
C ARG F 35 1.95 32.57 -44.53
N LEU F 36 2.61 31.63 -45.20
CA LEU F 36 2.87 30.32 -44.63
C LEU F 36 4.33 29.95 -44.82
N ARG F 37 4.87 29.24 -43.84
CA ARG F 37 6.26 28.84 -43.87
C ARG F 37 6.45 27.66 -44.81
N PRO F 38 7.66 27.44 -45.29
CA PRO F 38 7.91 26.29 -46.17
C PRO F 38 7.84 24.98 -45.39
N VAL F 39 7.10 24.02 -45.92
CA VAL F 39 6.77 22.80 -45.20
C VAL F 39 7.45 21.61 -45.87
N TYR F 40 8.08 20.76 -45.07
CA TYR F 40 8.60 19.47 -45.52
C TYR F 40 7.94 18.38 -44.70
N ALA F 41 7.03 17.63 -45.32
CA ALA F 41 6.31 16.55 -44.66
C ALA F 41 6.59 15.25 -45.37
N ARG F 42 7.08 14.25 -44.63
CA ARG F 42 7.27 12.94 -45.24
C ARG F 42 6.81 11.84 -44.31
N ALA F 43 6.07 10.89 -44.85
CA ALA F 43 5.58 9.73 -44.13
C ALA F 43 6.33 8.49 -44.57
N GLY F 44 6.60 7.60 -43.61
CA GLY F 44 7.33 6.39 -43.85
C GLY F 44 8.78 6.44 -43.46
N LEU F 45 9.18 7.42 -42.66
CA LEU F 45 10.57 7.56 -42.26
C LEU F 45 11.05 6.34 -41.49
N LEU F 46 10.37 6.01 -40.40
CA LEU F 46 10.84 5.02 -39.45
C LEU F 46 10.46 3.61 -39.89
N SER F 47 11.30 2.65 -39.49
CA SER F 47 11.14 1.26 -39.91
C SER F 47 10.45 0.42 -38.85
N GLN F 48 10.97 0.42 -37.62
CA GLN F 48 10.45 -0.44 -36.56
C GLN F 48 9.04 -0.08 -36.13
N ALA F 49 8.41 0.94 -36.73
CA ALA F 49 7.07 1.36 -36.37
C ALA F 49 6.10 1.08 -37.50
N LYS F 50 4.88 0.68 -37.14
CA LYS F 50 3.87 0.40 -38.15
C LYS F 50 3.61 1.61 -39.02
N GLY F 51 3.68 2.79 -38.43
CA GLY F 51 3.52 4.03 -39.17
C GLY F 51 4.27 5.16 -38.50
N SER F 52 4.90 6.01 -39.30
CA SER F 52 5.63 7.14 -38.75
C SER F 52 5.59 8.29 -39.74
N ALA F 53 5.85 9.48 -39.22
CA ALA F 53 5.78 10.69 -40.01
C ALA F 53 6.71 11.74 -39.43
N TYR F 54 7.15 12.66 -40.28
CA TYR F 54 8.07 13.70 -39.90
C TYR F 54 7.66 14.99 -40.59
N LEU F 55 7.66 16.08 -39.83
CA LEU F 55 7.20 17.36 -40.35
C LEU F 55 8.15 18.45 -39.90
N GLU F 56 8.54 19.31 -40.84
CA GLU F 56 9.42 20.43 -40.57
C GLU F 56 8.82 21.68 -41.19
N ALA F 57 8.67 22.72 -40.37
CA ALA F 57 8.13 24.00 -40.83
C ALA F 57 8.91 25.08 -40.11
N GLY F 58 9.91 25.63 -40.78
CA GLY F 58 10.78 26.59 -40.13
C GLY F 58 11.68 25.88 -39.14
N GLY F 59 11.84 26.49 -37.97
CA GLY F 59 12.59 25.86 -36.90
C GLY F 59 11.86 24.72 -36.23
N THR F 60 10.64 24.44 -36.65
CA THR F 60 9.84 23.37 -36.09
C THR F 60 10.25 22.04 -36.70
N LYS F 61 10.42 21.03 -35.85
CA LYS F 61 10.89 19.73 -36.31
C LYS F 61 10.23 18.69 -35.41
N VAL F 62 9.29 17.93 -35.95
CA VAL F 62 8.47 17.04 -35.15
C VAL F 62 8.42 15.67 -35.79
N LEU F 63 8.52 14.63 -34.95
CA LEU F 63 8.28 13.25 -35.32
C LEU F 63 6.97 12.79 -34.72
N CYS F 64 6.38 11.77 -35.35
CA CYS F 64 5.30 11.05 -34.69
C CYS F 64 5.30 9.60 -35.16
N ALA F 65 5.16 8.69 -34.21
CA ALA F 65 5.09 7.27 -34.49
C ALA F 65 3.79 6.70 -33.93
N VAL F 66 3.37 5.58 -34.51
CA VAL F 66 2.12 4.93 -34.15
C VAL F 66 2.43 3.47 -33.88
N SER F 67 2.52 3.10 -32.60
CA SER F 67 2.55 1.69 -32.24
C SER F 67 1.11 1.17 -32.34
N GLY F 68 0.91 0.24 -33.25
CA GLY F 68 -0.41 -0.10 -33.72
C GLY F 68 -1.29 -0.81 -32.72
N PRO F 69 -2.38 -1.37 -33.21
CA PRO F 69 -3.33 -2.07 -32.33
C PRO F 69 -2.63 -3.05 -31.39
N ARG F 70 -3.01 -2.97 -30.13
CA ARG F 70 -2.43 -3.79 -29.07
C ARG F 70 -3.59 -4.09 -28.13
N GLN F 71 -4.11 -5.31 -28.22
CA GLN F 71 -5.28 -5.74 -27.46
C GLN F 71 -5.21 -5.23 -26.03
N ALA F 72 -6.28 -4.55 -25.60
CA ALA F 72 -6.36 -4.01 -24.26
C ALA F 72 -7.73 -3.38 -24.01
N PRO F 89 -20.83 -1.62 -31.29
CA PRO F 89 -21.01 -1.40 -29.85
C PRO F 89 -20.43 -0.08 -29.39
N ALA F 90 -20.72 0.30 -28.15
CA ALA F 90 -20.20 1.54 -27.58
C ALA F 90 -19.23 1.32 -26.42
N ALA F 91 -19.07 0.09 -25.95
CA ALA F 91 -18.10 -0.24 -24.91
C ALA F 91 -16.89 -0.97 -25.48
N LEU F 92 -17.12 -1.81 -26.49
CA LEU F 92 -16.04 -2.40 -27.28
C LEU F 92 -15.63 -1.46 -28.40
N ARG F 93 -15.29 -0.25 -27.99
CA ARG F 93 -14.88 0.82 -28.89
C ARG F 93 -13.40 1.08 -28.67
N GLY F 94 -12.69 1.31 -29.77
CA GLY F 94 -11.26 1.48 -29.69
C GLY F 94 -10.81 2.60 -28.77
N ARG F 95 -9.50 2.72 -28.61
CA ARG F 95 -8.91 3.80 -27.85
C ARG F 95 -7.63 4.22 -28.53
N LEU F 96 -7.19 5.43 -28.24
CA LEU F 96 -5.86 5.88 -28.67
C LEU F 96 -5.31 6.75 -27.57
N LEU F 97 -4.16 6.37 -27.04
CA LEU F 97 -3.51 7.16 -26.02
C LEU F 97 -2.26 7.77 -26.61
N CYS F 98 -2.12 9.08 -26.43
CA CYS F 98 -1.11 9.89 -27.08
C CYS F 98 -0.15 10.44 -26.06
N ASP F 99 1.14 10.32 -26.36
CA ASP F 99 2.21 10.80 -25.48
C ASP F 99 2.95 11.88 -26.27
N PHE F 100 2.63 13.13 -25.97
CA PHE F 100 3.39 14.25 -26.48
C PHE F 100 4.60 14.47 -25.58
N ARG F 101 5.69 14.92 -26.18
CA ARG F 101 6.96 14.99 -25.46
C ARG F 101 7.90 15.86 -26.25
N ARG F 102 8.37 16.95 -25.64
CA ARG F 102 9.32 17.84 -26.29
C ARG F 102 10.70 17.47 -25.80
N ALA F 103 11.62 17.31 -26.74
CA ALA F 103 12.96 16.90 -26.39
C ALA F 103 13.61 17.94 -25.48
N PRO F 104 14.37 17.53 -24.47
CA PRO F 104 14.97 18.50 -23.55
C PRO F 104 15.89 19.49 -24.22
N PHE F 105 16.31 19.26 -25.46
CA PHE F 105 17.17 20.18 -26.19
C PHE F 105 16.40 21.08 -27.15
N ALA F 106 15.11 21.30 -26.90
CA ALA F 106 14.32 22.26 -27.64
C ALA F 106 13.91 23.41 -26.74
N GLY F 107 13.94 24.61 -27.28
CA GLY F 107 13.58 25.79 -26.52
C GLY F 107 14.79 26.42 -25.84
N ARG F 108 14.67 27.73 -25.59
CA ARG F 108 15.74 28.48 -24.95
C ARG F 108 16.16 27.84 -23.64
N ARG F 109 15.21 27.29 -22.90
CA ARG F 109 15.45 26.72 -21.58
C ARG F 109 15.42 25.21 -21.65
N ARG F 110 16.05 24.58 -20.67
CA ARG F 110 16.07 23.14 -20.54
C ARG F 110 15.06 22.71 -19.49
N ARG F 111 14.37 21.61 -19.78
CA ARG F 111 13.46 20.99 -18.83
C ARG F 111 13.76 19.50 -18.75
N ALA F 112 13.76 18.97 -17.53
CA ALA F 112 13.96 17.54 -17.35
C ALA F 112 13.00 16.78 -18.27
N PRO F 113 13.34 15.56 -18.68
CA PRO F 113 12.51 14.84 -19.64
C PRO F 113 11.08 14.66 -19.16
N PRO F 114 10.87 14.35 -17.87
CA PRO F 114 9.50 14.00 -17.44
C PRO F 114 8.44 15.04 -17.76
N GLY F 115 8.65 16.29 -17.36
CA GLY F 115 7.60 17.28 -17.50
C GLY F 115 6.50 17.02 -16.47
N GLY F 116 5.28 17.38 -16.86
CA GLY F 116 4.12 17.13 -16.02
C GLY F 116 3.17 18.30 -15.92
N CYS F 117 3.45 19.36 -16.68
CA CYS F 117 2.63 20.57 -16.65
C CYS F 117 1.96 20.87 -17.98
N GLU F 118 2.73 21.01 -19.06
CA GLU F 118 2.21 21.41 -20.36
C GLU F 118 2.20 20.26 -21.37
N GLU F 119 3.12 19.31 -21.21
CA GLU F 119 3.11 18.11 -22.04
C GLU F 119 1.76 17.44 -21.99
N ARG F 120 1.21 17.28 -20.80
CA ARG F 120 -0.06 16.58 -20.63
C ARG F 120 -1.21 17.39 -21.19
N GLU F 121 -1.16 18.71 -21.08
CA GLU F 121 -2.20 19.55 -21.66
C GLU F 121 -2.23 19.35 -23.17
N LEU F 122 -1.07 19.43 -23.81
CA LEU F 122 -1.03 19.27 -25.26
C LEU F 122 -1.37 17.84 -25.66
N ALA F 123 -1.08 16.86 -24.80
CA ALA F 123 -1.51 15.49 -25.05
C ALA F 123 -3.03 15.39 -25.08
N LEU F 124 -3.68 15.95 -24.07
CA LEU F 124 -5.14 16.02 -24.08
C LEU F 124 -5.64 16.66 -25.36
N ALA F 125 -4.97 17.72 -25.80
CA ALA F 125 -5.36 18.38 -27.03
C ALA F 125 -5.29 17.41 -28.20
N LEU F 126 -4.18 16.69 -28.34
CA LEU F 126 -4.03 15.75 -29.44
C LEU F 126 -5.12 14.70 -29.40
N GLN F 127 -5.42 14.18 -28.22
CA GLN F 127 -6.43 13.13 -28.11
C GLN F 127 -7.81 13.65 -28.49
N GLU F 128 -8.13 14.87 -28.06
CA GLU F 128 -9.42 15.48 -28.36
C GLU F 128 -9.54 15.86 -29.82
N ALA F 129 -8.43 16.08 -30.50
CA ALA F 129 -8.46 16.43 -31.91
C ALA F 129 -8.36 15.22 -32.84
N LEU F 130 -7.92 14.07 -32.31
CA LEU F 130 -7.79 12.87 -33.12
C LEU F 130 -8.97 11.93 -32.98
N GLU F 131 -9.48 11.72 -31.77
CA GLU F 131 -10.65 10.85 -31.58
C GLU F 131 -11.76 11.08 -32.61
N PRO F 132 -12.05 12.31 -33.00
CA PRO F 132 -13.13 12.52 -33.98
C PRO F 132 -12.81 11.93 -35.35
N ALA F 133 -11.66 12.30 -35.91
CA ALA F 133 -11.28 11.82 -37.23
C ALA F 133 -11.24 10.30 -37.26
N VAL F 134 -10.42 9.70 -36.41
CA VAL F 134 -10.31 8.26 -36.35
C VAL F 134 -11.67 7.65 -36.05
N ARG F 135 -11.94 6.50 -36.66
CA ARG F 135 -13.14 5.73 -36.37
C ARG F 135 -12.70 4.49 -35.62
N LEU F 136 -13.18 4.36 -34.38
CA LEU F 136 -12.68 3.36 -33.46
C LEU F 136 -13.62 2.18 -33.30
N GLY F 137 -14.79 2.23 -33.93
CA GLY F 137 -15.65 1.06 -33.96
C GLY F 137 -14.99 -0.13 -34.64
N ARG F 138 -14.14 0.15 -35.62
CA ARG F 138 -13.42 -0.88 -36.35
C ARG F 138 -12.12 -1.29 -35.67
N TYR F 139 -11.81 -0.74 -34.49
CA TYR F 139 -10.64 -1.12 -33.72
C TYR F 139 -11.03 -1.37 -32.28
N PRO F 140 -11.88 -2.36 -32.05
CA PRO F 140 -12.37 -2.63 -30.69
C PRO F 140 -11.35 -3.36 -29.84
N ARG F 141 -11.49 -3.19 -28.52
CA ARG F 141 -10.65 -3.89 -27.56
C ARG F 141 -9.18 -3.57 -27.79
N ALA F 142 -8.90 -2.42 -28.37
CA ALA F 142 -7.55 -2.08 -28.78
C ALA F 142 -7.23 -0.65 -28.39
N GLN F 143 -5.94 -0.41 -28.15
CA GLN F 143 -5.44 0.93 -27.84
C GLN F 143 -4.27 1.21 -28.77
N LEU F 144 -4.38 2.31 -29.51
CA LEU F 144 -3.32 2.76 -30.41
C LEU F 144 -2.41 3.69 -29.63
N GLU F 145 -1.13 3.35 -29.55
CA GLU F 145 -0.18 4.20 -28.84
C GLU F 145 0.42 5.18 -29.82
N VAL F 146 -0.01 6.43 -29.74
CA VAL F 146 0.57 7.49 -30.55
C VAL F 146 1.65 8.18 -29.72
N SER F 147 2.82 8.39 -30.32
CA SER F 147 3.94 8.99 -29.61
C SER F 147 4.48 10.10 -30.49
N ALA F 148 4.28 11.34 -30.05
CA ALA F 148 4.83 12.49 -30.73
C ALA F 148 6.11 12.91 -30.05
N LEU F 149 6.97 13.57 -30.81
CA LEU F 149 8.24 14.04 -30.26
C LEU F 149 8.56 15.35 -30.94
N LEU F 150 8.84 16.36 -30.14
CA LEU F 150 9.15 17.69 -30.65
C LEU F 150 10.64 17.92 -30.47
N LEU F 151 11.37 17.84 -31.58
CA LEU F 151 12.82 17.98 -31.56
C LEU F 151 13.26 19.42 -31.44
N GLU F 152 12.52 20.35 -32.03
CA GLU F 152 12.87 21.76 -32.01
C GLU F 152 11.60 22.59 -32.08
N ASP F 153 11.53 23.60 -31.23
CA ASP F 153 10.41 24.52 -31.19
C ASP F 153 10.77 25.78 -31.95
N GLY F 154 9.95 26.14 -32.94
CA GLY F 154 10.21 27.29 -33.76
C GLY F 154 8.94 28.04 -34.12
N GLY F 155 7.86 27.75 -33.41
CA GLY F 155 6.61 28.42 -33.67
C GLY F 155 5.40 27.58 -33.34
N SER F 156 4.48 27.45 -34.28
CA SER F 156 3.28 26.67 -34.08
C SER F 156 3.66 25.20 -33.88
N ALA F 157 3.55 24.73 -32.64
CA ALA F 157 4.01 23.39 -32.30
C ALA F 157 2.88 22.37 -32.21
N LEU F 158 1.83 22.70 -31.46
CA LEU F 158 0.74 21.75 -31.28
C LEU F 158 0.08 21.40 -32.60
N ALA F 159 0.00 22.37 -33.52
CA ALA F 159 -0.60 22.11 -34.83
C ALA F 159 0.25 21.15 -35.65
N ALA F 160 1.56 21.39 -35.69
CA ALA F 160 2.45 20.46 -36.35
C ALA F 160 2.31 19.06 -35.77
N ALA F 161 2.12 18.97 -34.45
CA ALA F 161 1.99 17.66 -33.82
C ALA F 161 0.70 16.97 -34.23
N LEU F 162 -0.40 17.73 -34.27
CA LEU F 162 -1.65 17.16 -34.76
C LEU F 162 -1.49 16.64 -36.19
N THR F 163 -0.92 17.46 -37.06
CA THR F 163 -0.76 17.06 -38.45
C THR F 163 0.12 15.81 -38.57
N ALA F 164 1.19 15.76 -37.78
CA ALA F 164 2.11 14.64 -37.86
C ALA F 164 1.47 13.36 -37.34
N ALA F 165 0.71 13.45 -36.26
CA ALA F 165 0.01 12.27 -35.76
C ALA F 165 -1.01 11.78 -36.78
N ALA F 166 -1.71 12.71 -37.43
CA ALA F 166 -2.64 12.33 -38.48
C ALA F 166 -1.92 11.60 -39.60
N LEU F 167 -0.79 12.14 -40.05
CA LEU F 167 -0.02 11.48 -41.10
C LEU F 167 0.42 10.09 -40.67
N ALA F 168 0.91 9.96 -39.44
CA ALA F 168 1.41 8.66 -38.99
C ALA F 168 0.29 7.63 -38.94
N LEU F 169 -0.88 8.05 -38.46
CA LEU F 169 -2.03 7.15 -38.43
C LEU F 169 -2.42 6.74 -39.84
N ALA F 170 -2.72 7.72 -40.70
CA ALA F 170 -3.06 7.43 -42.08
C ALA F 170 -2.01 6.57 -42.76
N ASP F 171 -0.77 6.64 -42.30
CA ASP F 171 0.30 5.85 -42.87
C ASP F 171 0.24 4.40 -42.38
N ALA F 172 0.13 4.20 -41.07
CA ALA F 172 0.00 2.85 -40.56
C ALA F 172 -1.23 2.15 -41.11
N GLY F 173 -2.16 2.89 -41.69
CA GLY F 173 -3.34 2.30 -42.28
C GLY F 173 -4.52 2.13 -41.35
N VAL F 174 -4.60 2.92 -40.30
CA VAL F 174 -5.79 2.93 -39.46
C VAL F 174 -6.87 3.69 -40.19
N GLU F 175 -8.11 3.28 -40.00
CA GLU F 175 -9.19 3.90 -40.74
C GLU F 175 -9.47 5.29 -40.19
N MET F 176 -10.20 6.08 -40.98
CA MET F 176 -10.49 7.47 -40.60
C MET F 176 -11.75 7.91 -41.31
N TYR F 177 -12.07 9.19 -41.14
CA TYR F 177 -13.08 9.90 -41.91
C TYR F 177 -12.49 10.99 -42.77
N ASP F 178 -11.38 11.56 -42.34
CA ASP F 178 -10.70 12.65 -43.04
C ASP F 178 -9.42 12.93 -42.25
N LEU F 179 -8.55 13.74 -42.85
CA LEU F 179 -7.30 14.09 -42.21
C LEU F 179 -7.49 15.25 -41.25
N VAL F 180 -6.45 15.50 -40.46
CA VAL F 180 -6.44 16.57 -39.47
C VAL F 180 -5.36 17.54 -39.91
N VAL F 181 -5.75 18.81 -40.05
CA VAL F 181 -4.82 19.86 -40.40
C VAL F 181 -4.90 20.91 -39.31
N GLY F 182 -3.75 21.28 -38.78
CA GLY F 182 -3.64 22.28 -37.73
C GLY F 182 -3.06 23.58 -38.24
N CYS F 183 -3.18 24.60 -37.40
CA CYS F 183 -2.61 25.89 -37.72
C CYS F 183 -2.59 26.75 -36.47
N GLY F 184 -1.48 27.45 -36.26
CA GLY F 184 -1.28 28.26 -35.07
C GLY F 184 -1.26 29.73 -35.47
N LEU F 185 -1.85 30.57 -34.62
CA LEU F 185 -1.94 31.99 -34.85
C LEU F 185 -1.50 32.74 -33.60
N SER F 186 -1.09 33.99 -33.80
CA SER F 186 -0.69 34.85 -32.70
C SER F 186 -1.29 36.23 -32.95
N LEU F 187 -1.13 37.09 -31.96
CA LEU F 187 -1.66 38.45 -32.02
C LEU F 187 -0.53 39.45 -31.87
N ALA F 188 -0.47 40.42 -32.76
CA ALA F 188 0.51 41.49 -32.68
C ALA F 188 0.09 42.49 -31.60
N PRO F 189 0.90 42.74 -30.58
CA PRO F 189 0.52 43.69 -29.54
C PRO F 189 0.62 45.16 -29.95
N GLY F 190 0.79 45.44 -31.24
CA GLY F 190 0.87 46.81 -31.71
C GLY F 190 -0.45 47.55 -31.53
N PRO F 191 -0.44 48.85 -31.85
CA PRO F 191 -1.68 49.63 -31.72
C PRO F 191 -2.78 49.15 -32.65
N ALA F 192 -2.43 48.70 -33.84
CA ALA F 192 -3.38 48.09 -34.77
C ALA F 192 -3.14 46.58 -34.76
N PRO F 193 -3.72 45.85 -33.82
CA PRO F 193 -3.39 44.42 -33.68
C PRO F 193 -3.97 43.61 -34.82
N THR F 194 -3.11 42.88 -35.51
CA THR F 194 -3.49 42.05 -36.64
C THR F 194 -3.21 40.60 -36.28
N TRP F 195 -3.95 39.68 -36.88
CA TRP F 195 -3.77 38.27 -36.57
C TRP F 195 -2.64 37.71 -37.41
N LEU F 196 -1.59 37.26 -36.75
CA LEU F 196 -0.38 36.77 -37.40
C LEU F 196 -0.49 35.27 -37.57
N LEU F 197 -0.31 34.81 -38.80
CA LEU F 197 -0.53 33.42 -39.16
C LEU F 197 0.77 32.65 -39.24
N ASP F 198 0.76 31.43 -38.69
CA ASP F 198 1.90 30.53 -38.67
C ASP F 198 3.17 31.27 -38.26
N PRO F 199 3.29 31.62 -36.98
CA PRO F 199 4.39 32.47 -36.52
C PRO F 199 5.62 31.72 -36.07
N THR F 200 6.60 32.48 -35.57
CA THR F 200 7.85 31.97 -35.06
C THR F 200 7.90 32.13 -33.55
N ARG F 201 8.82 31.41 -32.91
CA ARG F 201 8.94 31.47 -31.46
C ARG F 201 9.11 32.91 -30.97
N LEU F 202 9.69 33.77 -31.80
CA LEU F 202 9.84 35.17 -31.42
C LEU F 202 8.51 35.92 -31.52
N GLU F 203 7.82 35.78 -32.64
CA GLU F 203 6.49 36.35 -32.79
C GLU F 203 5.51 35.78 -31.79
N GLU F 204 5.85 34.66 -31.13
CA GLU F 204 4.95 34.00 -30.21
C GLU F 204 5.27 34.32 -28.75
N GLU F 205 6.54 34.60 -28.43
CA GLU F 205 6.88 35.04 -27.09
C GLU F 205 6.71 36.54 -26.92
N ARG F 206 6.80 37.31 -28.01
CA ARG F 206 6.52 38.74 -27.95
C ARG F 206 5.07 39.06 -28.28
N ALA F 207 4.17 38.15 -27.98
CA ALA F 207 2.78 38.20 -28.41
C ALA F 207 1.85 38.45 -27.23
N ALA F 208 0.64 38.88 -27.56
CA ALA F 208 -0.43 39.10 -26.60
C ALA F 208 -1.36 37.90 -26.49
N ALA F 209 -1.79 37.36 -27.62
CA ALA F 209 -2.71 36.23 -27.65
C ALA F 209 -2.22 35.18 -28.62
N GLY F 210 -2.58 33.92 -28.32
CA GLY F 210 -2.25 32.81 -29.17
C GLY F 210 -3.47 31.93 -29.38
N LEU F 211 -3.44 31.19 -30.49
CA LEU F 211 -4.59 30.39 -30.87
C LEU F 211 -4.12 29.23 -31.73
N THR F 212 -4.93 28.17 -31.75
CA THR F 212 -4.60 26.97 -32.51
C THR F 212 -5.90 26.33 -32.97
N VAL F 213 -6.05 26.19 -34.27
CA VAL F 213 -7.20 25.49 -34.85
C VAL F 213 -6.73 24.19 -35.45
N ALA F 214 -7.67 23.26 -35.60
CA ALA F 214 -7.39 21.97 -36.19
C ALA F 214 -8.71 21.43 -36.72
N LEU F 215 -8.75 21.05 -37.99
CA LEU F 215 -10.00 20.65 -38.60
C LEU F 215 -9.79 19.52 -39.58
N MET F 216 -10.92 19.11 -40.17
CA MET F 216 -11.00 18.05 -41.17
C MET F 216 -11.58 18.69 -42.42
N PRO F 217 -10.76 19.02 -43.41
CA PRO F 217 -11.18 20.02 -44.41
C PRO F 217 -12.26 19.54 -45.36
N VAL F 218 -12.36 18.23 -45.62
CA VAL F 218 -13.36 17.75 -46.56
C VAL F 218 -14.76 18.05 -46.05
N LEU F 219 -15.09 17.54 -44.87
CA LEU F 219 -16.36 17.77 -44.23
C LEU F 219 -16.41 19.07 -43.43
N ASN F 220 -15.35 19.88 -43.47
CA ASN F 220 -15.33 21.21 -42.86
C ASN F 220 -15.85 21.18 -41.42
N GLN F 221 -15.11 20.47 -40.56
CA GLN F 221 -15.47 20.40 -39.17
C GLN F 221 -14.22 20.54 -38.30
N VAL F 222 -14.27 21.47 -37.35
CA VAL F 222 -13.22 21.56 -36.36
C VAL F 222 -13.17 20.26 -35.58
N ALA F 223 -11.98 19.92 -35.08
CA ALA F 223 -11.78 18.72 -34.30
C ALA F 223 -11.21 19.01 -32.93
N GLY F 224 -10.37 20.02 -32.81
CA GLY F 224 -9.88 20.48 -31.53
C GLY F 224 -9.20 21.82 -31.72
N LEU F 225 -9.58 22.81 -30.93
CA LEU F 225 -8.92 24.09 -30.98
C LEU F 225 -8.52 24.48 -29.57
N LEU F 226 -7.86 25.62 -29.47
CA LEU F 226 -7.29 26.07 -28.20
C LEU F 226 -6.86 27.51 -28.37
N GLY F 227 -6.68 28.18 -27.24
CA GLY F 227 -6.35 29.59 -27.32
C GLY F 227 -6.01 30.16 -25.96
N SER F 228 -5.64 31.43 -25.97
CA SER F 228 -5.28 32.16 -24.76
C SER F 228 -4.99 33.59 -25.16
N GLY F 229 -5.04 34.49 -24.19
CA GLY F 229 -4.90 35.89 -24.50
C GLY F 229 -4.56 36.80 -23.35
N GLU F 230 -3.59 37.69 -23.58
CA GLU F 230 -3.47 38.92 -22.80
C GLU F 230 -4.68 39.80 -23.06
N GLY F 231 -5.55 39.38 -23.97
CA GLY F 231 -6.72 40.15 -24.31
C GLY F 231 -7.27 39.71 -25.64
N GLY F 232 -8.39 40.33 -26.01
CA GLY F 232 -9.06 40.02 -27.25
C GLY F 232 -10.52 40.40 -27.16
N LEU F 233 -11.31 39.86 -28.09
CA LEU F 233 -12.73 40.13 -28.12
C LEU F 233 -13.38 39.28 -29.20
N THR F 234 -14.68 39.00 -29.01
CA THR F 234 -15.42 38.06 -29.84
C THR F 234 -15.06 38.16 -31.33
N GLU F 235 -15.24 39.34 -31.90
CA GLU F 235 -15.05 39.50 -33.34
C GLU F 235 -13.63 39.13 -33.76
N SER F 236 -12.65 39.55 -32.95
CA SER F 236 -11.25 39.24 -33.25
C SER F 236 -11.02 37.73 -33.27
N TRP F 237 -11.52 37.05 -32.23
CA TRP F 237 -11.36 35.60 -32.18
C TRP F 237 -12.03 34.93 -33.36
N ALA F 238 -13.18 35.45 -33.81
CA ALA F 238 -13.86 34.85 -34.94
C ALA F 238 -13.05 34.99 -36.21
N GLU F 239 -12.52 36.19 -36.45
CA GLU F 239 -11.64 36.39 -37.60
C GLU F 239 -10.44 35.46 -37.53
N ALA F 240 -9.85 35.33 -36.35
CA ALA F 240 -8.74 34.40 -36.16
C ALA F 240 -9.14 33.00 -36.60
N VAL F 241 -10.30 32.54 -36.13
CA VAL F 241 -10.78 31.20 -36.46
C VAL F 241 -10.85 31.02 -37.96
N ARG F 242 -11.55 31.92 -38.66
CA ARG F 242 -11.72 31.73 -40.10
C ARG F 242 -10.38 31.77 -40.81
N LEU F 243 -9.47 32.63 -40.35
CA LEU F 243 -8.14 32.71 -40.93
C LEU F 243 -7.39 31.39 -40.79
N GLY F 244 -7.43 30.80 -39.59
CA GLY F 244 -6.79 29.51 -39.39
C GLY F 244 -7.40 28.42 -40.26
N LEU F 245 -8.72 28.49 -40.46
CA LEU F 245 -9.37 27.54 -41.35
C LEU F 245 -8.83 27.66 -42.77
N GLU F 246 -8.72 28.89 -43.27
CA GLU F 246 -8.19 29.10 -44.61
C GLU F 246 -6.75 28.60 -44.71
N GLY F 247 -5.94 28.83 -43.68
CA GLY F 247 -4.58 28.34 -43.70
C GLY F 247 -4.50 26.83 -43.79
N CYS F 248 -5.31 26.14 -42.97
CA CYS F 248 -5.32 24.69 -43.01
C CYS F 248 -5.76 24.17 -44.37
N GLN F 249 -6.77 24.81 -44.97
CA GLN F 249 -7.17 24.44 -46.32
C GLN F 249 -6.02 24.55 -47.29
N ARG F 250 -5.32 25.69 -47.26
CA ARG F 250 -4.21 25.89 -48.19
C ARG F 250 -3.05 24.95 -47.91
N LEU F 251 -3.00 24.35 -46.72
CA LEU F 251 -1.90 23.45 -46.39
C LEU F 251 -2.17 21.99 -46.75
N TYR F 252 -3.42 21.54 -46.72
CA TYR F 252 -3.82 20.15 -46.95
C TYR F 252 -3.13 19.43 -48.12
N PRO F 253 -3.01 20.06 -49.29
CA PRO F 253 -2.49 19.33 -50.46
C PRO F 253 -1.08 18.78 -50.28
N VAL F 254 -0.23 19.50 -49.56
CA VAL F 254 1.12 19.02 -49.27
C VAL F 254 1.06 17.65 -48.63
N LEU F 255 0.23 17.52 -47.61
CA LEU F 255 0.12 16.24 -46.89
C LEU F 255 -0.42 15.16 -47.80
N GLN F 256 -1.42 15.51 -48.61
CA GLN F 256 -1.92 14.56 -49.60
C GLN F 256 -0.78 13.99 -50.44
N GLN F 257 0.00 14.88 -51.05
CA GLN F 257 1.08 14.45 -51.92
C GLN F 257 2.10 13.61 -51.16
N SER F 258 2.39 13.98 -49.91
CA SER F 258 3.35 13.21 -49.11
C SER F 258 2.89 11.76 -48.95
N LEU F 259 1.63 11.57 -48.60
CA LEU F 259 1.13 10.20 -48.40
C LEU F 259 1.17 9.44 -49.71
N VAL F 260 0.73 10.06 -50.80
CA VAL F 260 0.79 9.41 -52.11
C VAL F 260 2.22 8.94 -52.39
N ARG F 261 3.20 9.81 -52.13
CA ARG F 261 4.59 9.49 -52.40
C ARG F 261 5.04 8.27 -51.60
N ALA F 262 4.68 8.23 -50.32
CA ALA F 262 5.08 7.09 -49.49
C ALA F 262 4.45 5.80 -50.00
N ALA F 263 3.19 5.87 -50.44
CA ALA F 263 2.53 4.69 -50.97
C ALA F 263 3.21 4.21 -52.24
N ARG F 264 3.66 5.14 -53.07
CA ARG F 264 4.40 4.78 -54.28
C ARG F 264 5.69 4.08 -53.93
N ARG F 265 6.39 4.57 -52.90
CA ARG F 265 7.62 3.90 -52.49
C ARG F 265 7.34 2.48 -52.01
N ARG F 266 6.22 2.28 -51.32
CA ARG F 266 5.86 0.94 -50.91
C ARG F 266 5.61 0.06 -52.12
N GLY F 267 4.84 0.55 -53.08
CA GLY F 267 4.65 -0.20 -54.32
C GLY F 267 5.97 -0.55 -54.98
N ALA F 268 6.94 0.35 -54.89
CA ALA F 268 8.26 0.09 -55.47
C ALA F 268 8.99 -1.03 -54.73
N ALA F 269 8.94 -1.02 -53.40
CA ALA F 269 9.66 -2.04 -52.64
C ALA F 269 9.23 -3.46 -52.99
N ALA F 270 8.02 -3.64 -53.53
CA ALA F 270 7.56 -4.97 -53.89
C ALA F 270 6.45 -4.89 -54.95
N ALA G 19 36.47 -35.47 -15.49
CA ALA G 19 36.67 -36.15 -16.76
C ALA G 19 37.51 -37.39 -16.56
N ARG G 20 37.27 -38.11 -15.46
CA ARG G 20 38.08 -39.27 -15.15
C ARG G 20 37.47 -40.04 -13.98
N ALA G 21 37.56 -41.37 -14.07
CA ALA G 21 37.42 -42.27 -12.93
C ALA G 21 36.12 -42.02 -12.16
N ALA G 22 35.02 -42.28 -12.85
CA ALA G 22 33.73 -42.30 -12.16
C ALA G 22 33.74 -43.22 -10.96
N ARG G 23 34.58 -44.26 -10.99
CA ARG G 23 34.62 -45.23 -9.90
C ARG G 23 35.44 -44.74 -8.72
N THR G 24 36.37 -43.83 -8.93
CA THR G 24 37.26 -43.36 -7.86
C THR G 24 36.68 -42.20 -7.08
N VAL G 25 35.58 -41.60 -7.54
CA VAL G 25 35.01 -40.44 -6.87
C VAL G 25 33.57 -40.74 -6.50
N LEU G 26 33.27 -42.01 -6.24
CA LEU G 26 31.93 -42.42 -5.83
C LEU G 26 31.65 -42.09 -4.38
N GLY G 27 32.63 -41.58 -3.65
CA GLY G 27 32.43 -41.15 -2.28
C GLY G 27 33.07 -39.80 -2.00
N GLN G 28 33.31 -39.04 -3.06
CA GLN G 28 33.96 -37.74 -2.96
C GLN G 28 32.98 -36.64 -3.35
N VAL G 29 33.43 -35.41 -3.11
CA VAL G 29 32.61 -34.22 -3.32
C VAL G 29 32.83 -33.74 -4.75
N VAL G 30 31.82 -33.87 -5.57
CA VAL G 30 31.87 -33.37 -6.94
C VAL G 30 31.18 -32.02 -6.96
N LEU G 31 31.65 -31.16 -7.87
CA LEU G 31 31.15 -29.82 -8.03
C LEU G 31 30.65 -29.63 -9.46
N PRO G 32 29.67 -28.75 -9.67
CA PRO G 32 29.14 -28.57 -11.03
C PRO G 32 30.24 -28.30 -12.04
N GLY G 33 29.93 -28.54 -13.31
CA GLY G 33 30.91 -28.42 -14.38
C GLY G 33 31.68 -29.69 -14.61
N GLU G 34 32.03 -30.39 -13.54
CA GLU G 34 32.81 -31.61 -13.66
C GLU G 34 32.12 -32.62 -14.56
N GLU G 35 32.85 -33.08 -15.56
CA GLU G 35 32.45 -34.23 -16.36
C GLU G 35 33.15 -35.47 -15.82
N LEU G 36 32.42 -36.57 -15.77
CA LEU G 36 32.98 -37.86 -15.39
C LEU G 36 32.48 -38.91 -16.36
N LEU G 37 33.35 -39.88 -16.67
CA LEU G 37 33.04 -40.87 -17.68
C LEU G 37 33.14 -42.25 -17.07
N LEU G 38 32.42 -43.18 -17.66
CA LEU G 38 32.18 -44.50 -17.10
C LEU G 38 32.63 -45.61 -18.04
N PRO G 39 32.91 -46.80 -17.51
CA PRO G 39 33.43 -47.88 -18.34
C PRO G 39 32.32 -48.52 -19.16
N GLU G 40 32.75 -49.27 -20.17
CA GLU G 40 31.80 -49.94 -21.06
C GLU G 40 30.92 -50.92 -20.28
N SER G 63 28.49 -55.13 -25.50
CA SER G 63 29.46 -54.08 -25.80
C SER G 63 29.58 -53.13 -24.63
N ARG G 64 28.44 -52.75 -24.07
CA ARG G 64 28.38 -51.92 -22.88
C ARG G 64 27.26 -52.46 -22.00
N VAL G 65 26.86 -51.68 -21.00
CA VAL G 65 25.78 -52.07 -20.10
C VAL G 65 24.97 -50.83 -19.78
N ARG G 66 23.68 -50.87 -20.06
CA ARG G 66 22.80 -49.75 -19.78
C ARG G 66 22.94 -49.29 -18.34
N VAL G 67 22.93 -47.97 -18.15
CA VAL G 67 22.93 -47.34 -16.84
C VAL G 67 21.90 -46.22 -16.86
N VAL G 68 21.83 -45.49 -15.75
CA VAL G 68 20.80 -44.47 -15.54
C VAL G 68 21.44 -43.25 -14.93
N CYS G 69 20.99 -42.07 -15.36
CA CYS G 69 21.51 -40.80 -14.88
C CYS G 69 20.65 -40.34 -13.70
N GLY G 70 21.28 -40.19 -12.55
CA GLY G 70 20.58 -39.77 -11.35
C GLY G 70 19.92 -38.42 -11.50
N PRO G 71 19.36 -37.92 -10.41
CA PRO G 71 18.68 -36.62 -10.44
C PRO G 71 19.62 -35.44 -10.61
N GLY G 72 20.70 -35.41 -9.85
CA GLY G 72 21.64 -34.30 -9.92
C GLY G 72 22.65 -34.36 -11.02
N LEU G 73 22.59 -35.37 -11.89
CA LEU G 73 23.47 -35.47 -13.03
C LEU G 73 22.74 -35.09 -14.32
N ARG G 74 23.51 -35.11 -15.41
CA ARG G 74 23.00 -34.78 -16.73
C ARG G 74 23.94 -35.44 -17.72
N ARG G 75 23.45 -35.69 -18.92
CA ARG G 75 24.22 -36.41 -19.93
C ARG G 75 24.75 -35.45 -20.99
N CYS G 76 26.05 -35.54 -21.28
CA CYS G 76 26.64 -34.82 -22.40
C CYS G 76 27.37 -35.84 -23.27
N GLY G 77 26.76 -36.19 -24.41
CA GLY G 77 27.28 -37.24 -25.26
C GLY G 77 27.34 -38.58 -24.55
N ASP G 78 28.54 -39.08 -24.32
CA ASP G 78 28.77 -40.32 -23.57
C ASP G 78 29.36 -40.05 -22.20
N ARG G 79 29.31 -38.81 -21.74
CA ARG G 79 29.87 -38.42 -20.47
C ARG G 79 28.75 -37.94 -19.56
N LEU G 80 29.07 -37.79 -18.27
CA LEU G 80 28.11 -37.38 -17.26
C LEU G 80 28.55 -36.02 -16.73
N LEU G 81 27.78 -34.99 -17.05
CA LEU G 81 27.97 -33.68 -16.47
C LEU G 81 27.34 -33.65 -15.08
N VAL G 82 28.00 -32.96 -14.15
CA VAL G 82 27.48 -32.77 -12.81
C VAL G 82 26.82 -31.40 -12.75
N THR G 83 25.67 -31.33 -12.08
CA THR G 83 24.88 -30.12 -12.01
C THR G 83 24.66 -29.62 -10.59
N LYS G 84 25.15 -30.33 -9.58
CA LYS G 84 24.89 -29.96 -8.20
C LYS G 84 26.00 -30.53 -7.33
N CYS G 85 26.55 -29.69 -6.46
CA CYS G 85 27.57 -30.15 -5.54
C CYS G 85 27.04 -31.32 -4.72
N GLY G 86 27.91 -32.30 -4.48
CA GLY G 86 27.44 -33.46 -3.75
C GLY G 86 28.45 -34.55 -3.49
N ARG G 87 28.23 -35.29 -2.41
CA ARG G 87 28.96 -36.53 -2.14
C ARG G 87 28.41 -37.59 -3.08
N LEU G 88 29.15 -37.86 -4.16
CA LEU G 88 28.67 -38.75 -5.20
C LEU G 88 28.36 -40.12 -4.61
N ARG G 89 27.43 -40.84 -5.24
CA ARG G 89 27.03 -42.15 -4.74
C ARG G 89 26.58 -43.03 -5.88
N HIS G 90 26.77 -44.34 -5.70
CA HIS G 90 26.51 -45.34 -6.72
C HIS G 90 25.75 -46.51 -6.11
N LYS G 91 25.10 -47.26 -6.97
CA LYS G 91 24.40 -48.48 -6.59
C LYS G 91 24.31 -49.39 -7.81
N GLU G 92 24.12 -50.68 -7.54
CA GLU G 92 23.96 -51.66 -8.59
C GLU G 92 22.80 -52.57 -8.23
N PRO G 93 22.05 -53.06 -9.21
CA PRO G 93 20.97 -54.00 -8.92
C PRO G 93 21.49 -55.38 -8.58
N GLY G 94 20.66 -56.13 -7.84
CA GLY G 94 21.02 -57.46 -7.42
C GLY G 94 21.48 -58.33 -8.58
N SER G 95 21.06 -57.99 -9.79
CA SER G 95 21.48 -58.73 -10.97
C SER G 95 22.87 -58.26 -11.38
N GLY G 96 23.34 -58.69 -12.54
CA GLY G 96 24.63 -58.27 -13.05
C GLY G 96 24.52 -57.62 -14.41
N SER G 97 23.31 -57.58 -14.95
CA SER G 97 23.06 -56.97 -16.26
C SER G 97 22.61 -55.52 -16.17
N GLY G 98 21.88 -55.15 -15.11
CA GLY G 98 21.35 -53.81 -14.97
C GLY G 98 22.39 -52.72 -15.12
N GLY G 99 23.65 -53.05 -14.89
CA GLY G 99 24.70 -52.06 -14.97
C GLY G 99 24.94 -51.35 -13.65
N GLY G 100 24.30 -50.19 -13.49
CA GLY G 100 24.44 -49.47 -12.24
C GLY G 100 23.57 -48.23 -12.25
N VAL G 101 23.85 -47.37 -11.27
CA VAL G 101 23.14 -46.11 -11.11
C VAL G 101 24.01 -45.18 -10.28
N TYR G 102 23.94 -43.89 -10.60
CA TYR G 102 24.76 -42.88 -9.98
C TYR G 102 23.88 -41.72 -9.58
N TRP G 103 24.30 -40.95 -8.59
CA TRP G 103 23.54 -39.78 -8.17
C TRP G 103 24.38 -38.98 -7.18
N VAL G 104 23.83 -37.86 -6.75
CA VAL G 104 24.47 -36.98 -5.78
C VAL G 104 23.50 -36.70 -4.65
N ASP G 105 23.94 -36.92 -3.41
CA ASP G 105 23.11 -36.70 -2.23
C ASP G 105 23.19 -35.23 -1.86
N SER G 106 22.53 -34.42 -2.67
CA SER G 106 22.51 -32.98 -2.47
C SER G 106 21.47 -32.58 -1.45
N GLN G 107 21.86 -31.74 -0.49
CA GLN G 107 20.94 -31.19 0.48
C GLN G 107 20.42 -29.85 -0.01
N GLN G 108 19.14 -29.59 0.23
CA GLN G 108 18.54 -28.32 -0.15
C GLN G 108 17.15 -28.26 0.45
N LYS G 109 16.43 -27.18 0.14
CA LYS G 109 15.15 -26.86 0.76
C LYS G 109 14.02 -26.87 -0.25
N ARG G 110 14.21 -26.23 -1.38
CA ARG G 110 13.16 -26.13 -2.38
C ARG G 110 12.88 -27.50 -2.98
N TYR G 111 11.61 -27.75 -3.28
CA TYR G 111 11.17 -28.99 -3.90
C TYR G 111 10.81 -28.77 -5.36
N VAL G 112 10.89 -29.85 -6.13
CA VAL G 112 10.52 -29.83 -7.53
C VAL G 112 9.50 -30.94 -7.75
N PRO G 113 8.36 -30.66 -8.39
CA PRO G 113 7.40 -31.73 -8.63
C PRO G 113 7.98 -32.90 -9.40
N VAL G 114 8.08 -34.05 -8.75
CA VAL G 114 8.57 -35.27 -9.38
C VAL G 114 7.42 -36.28 -9.38
N LYS G 115 7.55 -37.27 -10.27
CA LYS G 115 6.55 -38.32 -10.40
C LYS G 115 6.83 -39.48 -9.46
N GLY G 116 5.77 -40.09 -8.97
CA GLY G 116 5.90 -41.20 -8.06
C GLY G 116 6.60 -40.81 -6.77
N ASP G 117 6.16 -39.72 -6.15
CA ASP G 117 6.65 -39.29 -4.86
C ASP G 117 5.48 -38.95 -3.95
N HIS G 118 5.54 -39.46 -2.73
CA HIS G 118 4.51 -39.19 -1.73
C HIS G 118 4.77 -37.85 -1.08
N VAL G 119 3.75 -37.00 -1.07
CA VAL G 119 3.93 -35.57 -0.83
C VAL G 119 2.77 -35.04 0.00
N ILE G 120 3.10 -34.19 0.96
CA ILE G 120 2.08 -33.47 1.71
C ILE G 120 1.72 -32.22 0.94
N GLY G 121 0.49 -31.77 1.12
CA GLY G 121 -0.03 -30.64 0.37
C GLY G 121 -1.06 -29.89 1.19
N ILE G 122 -1.37 -28.68 0.73
CA ILE G 122 -2.24 -27.77 1.44
C ILE G 122 -3.21 -27.19 0.43
N VAL G 123 -4.48 -27.61 0.52
CA VAL G 123 -5.47 -27.19 -0.47
C VAL G 123 -5.52 -25.68 -0.48
N THR G 124 -5.31 -25.08 -1.64
CA THR G 124 -5.27 -23.64 -1.77
C THR G 124 -6.59 -23.07 -2.26
N ALA G 125 -7.36 -23.84 -3.03
CA ALA G 125 -8.66 -23.36 -3.49
C ALA G 125 -9.35 -24.50 -4.21
N LYS G 126 -10.59 -24.27 -4.65
CA LYS G 126 -11.30 -25.24 -5.47
C LYS G 126 -11.94 -24.54 -6.64
N SER G 127 -11.73 -25.08 -7.84
CA SER G 127 -12.33 -24.61 -9.07
C SER G 127 -13.21 -25.74 -9.58
N GLY G 128 -14.52 -25.60 -9.38
CA GLY G 128 -15.47 -26.55 -9.94
C GLY G 128 -15.18 -27.97 -9.51
N ASP G 129 -14.67 -28.77 -10.45
CA ASP G 129 -14.45 -30.19 -10.20
C ASP G 129 -13.12 -30.42 -9.50
N ILE G 130 -12.09 -29.66 -9.83
CA ILE G 130 -10.73 -29.89 -9.34
C ILE G 130 -10.39 -28.82 -8.33
N PHE G 131 -9.67 -29.20 -7.27
CA PHE G 131 -9.23 -28.25 -6.28
C PHE G 131 -7.71 -28.25 -6.20
N LYS G 132 -7.15 -27.04 -6.18
CA LYS G 132 -5.72 -26.81 -6.28
C LYS G 132 -5.07 -26.78 -4.90
N VAL G 133 -3.98 -27.51 -4.80
CA VAL G 133 -3.22 -27.75 -3.57
C VAL G 133 -1.80 -27.26 -3.76
N ASP G 134 -1.21 -26.71 -2.72
CA ASP G 134 0.16 -26.23 -2.77
C ASP G 134 1.10 -27.37 -2.41
N VAL G 135 2.31 -27.33 -2.97
CA VAL G 135 3.28 -28.38 -2.69
C VAL G 135 4.60 -27.81 -2.18
N GLY G 136 4.90 -26.57 -2.54
CA GLY G 136 6.20 -26.01 -2.25
C GLY G 136 7.07 -25.91 -3.48
N GLY G 137 6.45 -25.81 -4.65
CA GLY G 137 7.20 -25.78 -5.90
C GLY G 137 6.92 -24.56 -6.74
N SER G 138 7.17 -24.70 -8.05
CA SER G 138 6.98 -23.57 -8.96
C SER G 138 5.54 -23.10 -8.96
N GLU G 139 4.60 -24.03 -8.97
CA GLU G 139 3.19 -23.69 -9.16
C GLU G 139 2.35 -24.74 -8.45
N PRO G 140 1.07 -24.43 -8.20
CA PRO G 140 0.24 -25.34 -7.40
C PRO G 140 -0.28 -26.51 -8.22
N ALA G 141 -0.30 -27.67 -7.58
CA ALA G 141 -0.80 -28.89 -8.22
C ALA G 141 -2.32 -28.96 -8.13
N SER G 142 -2.89 -29.92 -8.85
CA SER G 142 -4.33 -30.06 -8.98
C SER G 142 -4.78 -31.46 -8.59
N LEU G 143 -5.92 -31.54 -7.92
CA LEU G 143 -6.58 -32.80 -7.60
C LEU G 143 -7.91 -32.88 -8.33
N SER G 144 -8.54 -34.04 -8.24
CA SER G 144 -9.86 -34.25 -8.83
C SER G 144 -10.81 -34.81 -7.78
N TYR G 145 -12.03 -34.31 -7.79
CA TYR G 145 -13.00 -34.66 -6.74
C TYR G 145 -13.33 -36.14 -6.71
N LEU G 146 -12.93 -36.90 -7.73
CA LEU G 146 -13.22 -38.32 -7.81
C LEU G 146 -11.95 -39.17 -7.81
N SER G 147 -10.86 -38.65 -7.26
CA SER G 147 -9.62 -39.41 -7.11
C SER G 147 -9.47 -40.04 -5.74
N PHE G 148 -10.08 -39.45 -4.72
CA PHE G 148 -10.04 -40.04 -3.39
C PHE G 148 -10.68 -41.42 -3.38
N GLU G 149 -10.32 -42.21 -2.37
CA GLU G 149 -10.84 -43.56 -2.24
C GLU G 149 -12.36 -43.52 -2.10
N GLY G 150 -13.06 -44.06 -3.09
CA GLY G 150 -14.49 -44.22 -3.01
C GLY G 150 -15.23 -42.90 -3.04
N ALA G 151 -15.23 -42.24 -4.19
CA ALA G 151 -15.93 -40.97 -4.34
C ALA G 151 -16.53 -40.88 -5.73
N THR G 152 -17.72 -40.29 -5.82
CA THR G 152 -18.35 -40.00 -7.10
C THR G 152 -19.15 -38.71 -6.96
N LYS G 153 -19.88 -38.36 -8.03
CA LYS G 153 -20.67 -37.14 -8.01
C LYS G 153 -21.67 -37.15 -6.86
N ARG G 154 -22.35 -38.27 -6.65
CA ARG G 154 -23.32 -38.39 -5.57
C ARG G 154 -22.66 -38.66 -4.22
N ASN G 155 -21.34 -38.83 -4.20
CA ASN G 155 -20.56 -39.00 -2.97
C ASN G 155 -19.29 -38.17 -3.14
N ARG G 156 -19.34 -36.94 -2.69
CA ARG G 156 -18.15 -36.11 -2.78
C ARG G 156 -17.35 -36.19 -1.49
N PRO G 157 -16.05 -35.94 -1.55
CA PRO G 157 -15.23 -35.97 -0.34
C PRO G 157 -15.31 -34.69 0.46
N ASN G 158 -14.88 -34.81 1.71
CA ASN G 158 -14.86 -33.67 2.64
C ASN G 158 -13.46 -33.05 2.58
N VAL G 159 -13.31 -32.08 1.70
CA VAL G 159 -12.08 -31.29 1.59
C VAL G 159 -12.45 -29.83 1.70
N GLN G 160 -11.93 -29.16 2.72
CA GLN G 160 -12.16 -27.75 2.93
C GLN G 160 -10.85 -27.00 2.70
N VAL G 161 -10.97 -25.77 2.22
CA VAL G 161 -9.80 -24.94 2.02
C VAL G 161 -8.97 -24.94 3.30
N GLY G 162 -7.66 -24.93 3.14
CA GLY G 162 -6.76 -25.07 4.27
C GLY G 162 -6.49 -26.49 4.71
N ASP G 163 -7.25 -27.46 4.22
CA ASP G 163 -7.04 -28.84 4.59
C ASP G 163 -5.77 -29.40 3.96
N LEU G 164 -5.11 -30.30 4.67
CA LEU G 164 -3.84 -30.86 4.23
C LEU G 164 -4.00 -32.30 3.81
N ILE G 165 -3.14 -32.72 2.88
CA ILE G 165 -3.32 -33.93 2.11
C ILE G 165 -1.99 -34.67 1.97
N TYR G 166 -2.08 -35.97 1.67
CA TYR G 166 -0.92 -36.84 1.50
C TYR G 166 -1.15 -37.63 0.22
N GLY G 167 -0.67 -37.09 -0.89
CA GLY G 167 -0.91 -37.68 -2.19
C GLY G 167 0.36 -38.06 -2.92
N GLN G 168 0.24 -38.36 -4.21
CA GLN G 168 1.42 -38.61 -5.03
C GLN G 168 1.13 -38.14 -6.44
N PHE G 169 2.21 -37.84 -7.16
CA PHE G 169 2.10 -37.28 -8.49
C PHE G 169 1.99 -38.38 -9.54
N VAL G 170 1.21 -38.11 -10.57
CA VAL G 170 1.12 -38.99 -11.73
C VAL G 170 1.60 -38.33 -13.01
N VAL G 171 1.61 -37.01 -13.09
CA VAL G 171 2.23 -36.27 -14.18
C VAL G 171 3.08 -35.18 -13.55
N ALA G 172 4.39 -35.41 -13.48
CA ALA G 172 5.34 -34.44 -12.97
C ALA G 172 6.36 -34.19 -14.08
N ASN G 173 6.30 -33.00 -14.67
CA ASN G 173 7.13 -32.66 -15.81
C ASN G 173 7.36 -31.16 -15.83
N LYS G 174 8.40 -30.75 -16.56
CA LYS G 174 8.76 -29.35 -16.62
C LYS G 174 7.84 -28.52 -17.48
N ASP G 175 7.04 -29.16 -18.34
CA ASP G 175 6.24 -28.45 -19.31
C ASP G 175 4.77 -28.31 -18.95
N MET G 176 4.29 -29.08 -17.98
CA MET G 176 2.87 -29.08 -17.64
C MET G 176 2.69 -29.03 -16.14
N GLU G 177 1.65 -28.31 -15.70
CA GLU G 177 1.33 -28.26 -14.28
C GLU G 177 1.11 -29.67 -13.74
N PRO G 178 1.58 -29.95 -12.52
CA PRO G 178 1.52 -31.33 -12.00
C PRO G 178 0.15 -31.65 -11.41
N GLU G 179 -0.39 -32.80 -11.81
CA GLU G 179 -1.62 -33.33 -11.24
C GLU G 179 -1.28 -34.44 -10.28
N MET G 180 -1.93 -34.44 -9.11
CA MET G 180 -1.68 -35.45 -8.10
C MET G 180 -2.97 -36.19 -7.77
N VAL G 181 -2.82 -37.26 -6.99
CA VAL G 181 -3.93 -38.14 -6.64
C VAL G 181 -3.63 -38.78 -5.30
N CYS G 182 -4.69 -39.13 -4.57
CA CYS G 182 -4.56 -39.73 -3.24
C CYS G 182 -5.10 -41.15 -3.24
N ILE G 183 -4.79 -41.91 -4.28
CA ILE G 183 -5.25 -43.29 -4.38
C ILE G 183 -4.28 -44.06 -5.26
N ASP G 184 -3.88 -45.24 -4.80
CA ASP G 184 -3.10 -46.13 -5.64
C ASP G 184 -3.86 -46.41 -6.93
N SER G 185 -3.16 -46.93 -7.93
CA SER G 185 -3.76 -47.18 -9.24
C SER G 185 -4.83 -48.27 -9.15
N CYS G 186 -4.59 -49.30 -8.34
CA CYS G 186 -5.57 -50.38 -8.23
C CYS G 186 -6.94 -49.86 -7.83
N GLY G 187 -6.99 -48.84 -6.98
CA GLY G 187 -8.25 -48.26 -6.58
C GLY G 187 -8.47 -48.24 -5.08
N ARG G 188 -7.37 -48.25 -4.32
CA ARG G 188 -7.43 -48.18 -2.88
C ARG G 188 -6.41 -47.18 -2.36
N ALA G 189 -6.85 -46.35 -1.40
CA ALA G 189 -5.97 -45.37 -0.77
C ALA G 189 -5.16 -46.09 0.29
N ASN G 190 -3.98 -46.54 -0.09
CA ASN G 190 -3.10 -47.26 0.83
C ASN G 190 -2.40 -46.26 1.75
N GLY G 191 -3.21 -45.56 2.54
CA GLY G 191 -2.75 -44.60 3.50
C GLY G 191 -2.90 -43.16 3.06
N MET G 192 -3.33 -42.95 1.82
CA MET G 192 -3.49 -41.61 1.28
C MET G 192 -4.81 -40.99 1.74
N GLY G 193 -5.11 -39.83 1.18
CA GLY G 193 -6.30 -39.09 1.51
C GLY G 193 -5.95 -37.94 2.43
N VAL G 194 -7.00 -37.33 2.99
CA VAL G 194 -6.77 -36.28 3.96
C VAL G 194 -5.98 -36.86 5.14
N ILE G 195 -5.12 -36.02 5.72
CA ILE G 195 -4.35 -36.44 6.88
C ILE G 195 -5.27 -36.60 8.08
N GLY G 196 -5.91 -35.51 8.48
CA GLY G 196 -6.62 -35.45 9.73
C GLY G 196 -6.36 -34.11 10.38
N GLN G 197 -6.40 -34.07 11.70
CA GLN G 197 -6.19 -32.85 12.45
C GLN G 197 -5.56 -33.20 13.79
N ASP G 198 -5.33 -32.17 14.61
CA ASP G 198 -4.78 -32.36 15.96
C ASP G 198 -3.32 -32.78 15.91
N GLY G 199 -2.55 -32.15 15.03
CA GLY G 199 -1.14 -32.45 14.89
C GLY G 199 -0.32 -31.20 14.59
N LEU G 200 0.98 -31.41 14.43
CA LEU G 200 1.92 -30.34 14.13
C LEU G 200 2.56 -30.59 12.78
N LEU G 201 2.48 -29.60 11.90
CA LEU G 201 3.11 -29.64 10.59
C LEU G 201 4.28 -28.66 10.57
N PHE G 202 5.49 -29.16 10.41
CA PHE G 202 6.65 -28.31 10.30
C PHE G 202 7.40 -28.66 9.02
N LYS G 203 8.53 -28.01 8.80
CA LYS G 203 9.26 -28.18 7.55
C LYS G 203 10.74 -28.30 7.84
N VAL G 204 11.41 -29.21 7.13
CA VAL G 204 12.82 -29.49 7.31
C VAL G 204 13.47 -29.61 5.94
N THR G 205 14.76 -29.94 5.94
CA THR G 205 15.51 -30.15 4.74
C THR G 205 15.16 -31.49 4.09
N LEU G 206 15.42 -31.59 2.79
CA LEU G 206 15.03 -32.79 2.05
C LEU G 206 15.99 -33.94 2.29
N GLY G 207 17.29 -33.66 2.34
CA GLY G 207 18.25 -34.70 2.70
C GLY G 207 17.96 -35.31 4.04
N LEU G 208 17.43 -34.51 4.97
CA LEU G 208 17.05 -35.04 6.28
C LEU G 208 16.03 -36.15 6.13
N ILE G 209 15.00 -35.93 5.30
CA ILE G 209 14.03 -36.98 5.01
C ILE G 209 14.70 -38.16 4.34
N ARG G 210 15.34 -37.90 3.21
CA ARG G 210 16.02 -38.94 2.45
C ARG G 210 16.89 -39.80 3.35
N LYS G 211 17.29 -39.28 4.50
CA LYS G 211 18.05 -40.04 5.49
C LYS G 211 17.14 -40.76 6.47
N LEU G 212 16.13 -40.05 6.99
CA LEU G 212 15.27 -40.61 8.03
C LEU G 212 14.48 -41.80 7.52
N LEU G 213 13.97 -41.71 6.29
CA LEU G 213 13.20 -42.79 5.69
C LEU G 213 14.05 -44.02 5.40
N ALA G 214 15.33 -43.96 5.66
CA ALA G 214 16.19 -45.12 5.45
C ALA G 214 15.82 -46.21 6.45
N PRO G 215 15.89 -47.49 6.06
CA PRO G 215 15.54 -48.56 6.98
C PRO G 215 16.52 -48.73 8.12
N ASP G 216 17.63 -48.00 8.11
CA ASP G 216 18.68 -48.11 9.12
C ASP G 216 18.85 -46.79 9.85
N CYS G 217 17.74 -46.15 10.21
CA CYS G 217 17.80 -44.91 10.98
C CYS G 217 17.68 -45.23 12.47
N GLU G 218 18.45 -44.52 13.27
CA GLU G 218 18.51 -44.75 14.71
C GLU G 218 17.57 -43.85 15.50
N ILE G 219 17.44 -42.58 15.12
CA ILE G 219 16.64 -41.65 15.90
C ILE G 219 15.17 -42.07 15.90
N ILE G 220 14.62 -42.29 14.70
CA ILE G 220 13.21 -42.61 14.58
C ILE G 220 12.91 -43.99 15.13
N GLN G 221 13.92 -44.82 15.36
CA GLN G 221 13.69 -46.08 16.04
C GLN G 221 13.68 -45.87 17.55
N GLU G 222 14.71 -45.20 18.08
CA GLU G 222 14.76 -44.92 19.51
C GLU G 222 13.51 -44.18 19.98
N VAL G 223 12.91 -43.37 19.11
CA VAL G 223 11.73 -42.62 19.52
C VAL G 223 10.53 -43.54 19.73
N GLY G 224 10.49 -44.66 19.05
CA GLY G 224 9.41 -45.62 19.21
C GLY G 224 9.37 -46.33 20.53
N LYS G 225 10.29 -46.00 21.44
CA LYS G 225 10.39 -46.62 22.75
C LYS G 225 9.97 -45.72 23.89
N LEU G 226 10.13 -44.40 23.75
CA LEU G 226 9.85 -43.49 24.84
C LEU G 226 8.36 -43.20 24.99
N HIS G 227 7.75 -42.63 23.95
CA HIS G 227 6.32 -42.35 23.96
C HIS G 227 5.78 -42.61 22.57
N PRO G 228 4.52 -43.04 22.46
CA PRO G 228 3.98 -43.36 21.13
C PRO G 228 3.79 -42.13 20.28
N LEU G 229 3.38 -42.34 19.03
CA LEU G 229 3.25 -41.24 18.07
C LEU G 229 2.79 -41.79 16.74
N GLU G 230 2.51 -40.89 15.81
CA GLU G 230 2.27 -41.26 14.43
C GLU G 230 2.54 -40.04 13.56
N ILE G 231 3.31 -40.23 12.48
CA ILE G 231 3.91 -39.14 11.75
C ILE G 231 3.90 -39.46 10.27
N VAL G 232 3.80 -38.41 9.47
CA VAL G 232 3.90 -38.48 8.01
C VAL G 232 5.15 -37.76 7.56
N PHE G 233 5.97 -38.45 6.79
CA PHE G 233 7.10 -37.85 6.09
C PHE G 233 6.70 -37.54 4.66
N GLY G 234 6.84 -36.28 4.27
CA GLY G 234 6.59 -35.86 2.91
C GLY G 234 7.91 -35.45 2.26
N MET G 235 8.16 -35.99 1.07
CA MET G 235 9.47 -35.84 0.44
C MET G 235 9.78 -34.42 0.04
N ASN G 236 8.87 -33.48 0.30
CA ASN G 236 9.09 -32.06 0.07
C ASN G 236 9.57 -31.33 1.31
N GLY G 237 10.26 -32.03 2.22
CA GLY G 237 10.77 -31.39 3.41
C GLY G 237 9.74 -31.05 4.45
N ARG G 238 8.50 -31.50 4.26
CA ARG G 238 7.40 -31.12 5.11
C ARG G 238 6.94 -32.35 5.90
N ILE G 239 6.81 -32.19 7.21
CA ILE G 239 6.55 -33.31 8.11
C ILE G 239 5.34 -33.01 8.97
N TRP G 240 4.60 -34.08 9.29
CA TRP G 240 3.40 -34.00 10.11
C TRP G 240 3.55 -34.97 11.27
N VAL G 241 3.17 -34.55 12.46
CA VAL G 241 3.33 -35.40 13.64
C VAL G 241 2.11 -35.30 14.55
N LYS G 242 1.84 -36.38 15.27
CA LYS G 242 0.80 -36.40 16.28
C LYS G 242 1.22 -37.34 17.39
N ALA G 243 0.82 -36.98 18.61
CA ALA G 243 0.96 -37.83 19.78
C ALA G 243 -0.25 -37.60 20.67
N LYS G 244 -0.17 -38.07 21.91
CA LYS G 244 -1.29 -37.88 22.84
C LYS G 244 -1.36 -36.44 23.32
N THR G 245 -0.31 -35.98 23.98
CA THR G 245 -0.27 -34.62 24.51
C THR G 245 0.46 -33.71 23.53
N ILE G 246 0.75 -32.48 23.97
CA ILE G 246 1.30 -31.45 23.12
C ILE G 246 2.77 -31.19 23.43
N GLN G 247 3.13 -31.17 24.72
CA GLN G 247 4.53 -31.08 25.11
C GLN G 247 5.37 -32.10 24.34
N GLN G 248 4.87 -33.33 24.26
CA GLN G 248 5.58 -34.38 23.54
C GLN G 248 5.73 -34.03 22.07
N THR G 249 4.64 -33.57 21.46
CA THR G 249 4.68 -33.19 20.05
C THR G 249 5.76 -32.14 19.81
N LEU G 250 5.86 -31.16 20.69
CA LEU G 250 6.82 -30.08 20.49
C LEU G 250 8.24 -30.60 20.62
N ILE G 251 8.49 -31.40 21.66
CA ILE G 251 9.80 -32.00 21.85
C ILE G 251 10.18 -32.81 20.61
N LEU G 252 9.21 -33.53 20.05
CA LEU G 252 9.46 -34.38 18.90
C LEU G 252 9.83 -33.55 17.67
N ALA G 253 9.08 -32.49 17.41
CA ALA G 253 9.38 -31.63 16.28
C ALA G 253 10.77 -31.02 16.41
N ASN G 254 11.13 -30.58 17.61
CA ASN G 254 12.47 -30.03 17.81
C ASN G 254 13.54 -31.07 17.51
N ILE G 255 13.37 -32.28 18.06
CA ILE G 255 14.31 -33.35 17.76
C ILE G 255 14.48 -33.49 16.26
N LEU G 256 13.37 -33.66 15.54
CA LEU G 256 13.45 -33.93 14.11
C LEU G 256 14.16 -32.81 13.37
N GLU G 257 13.76 -31.56 13.62
CA GLU G 257 14.42 -30.46 12.93
C GLU G 257 15.87 -30.27 13.35
N ALA G 258 16.32 -30.92 14.43
CA ALA G 258 17.71 -30.84 14.83
C ALA G 258 18.52 -32.11 14.60
N CYS G 259 17.88 -33.25 14.35
CA CYS G 259 18.56 -34.54 14.38
C CYS G 259 19.64 -34.70 13.31
N GLU G 260 19.86 -33.68 12.47
CA GLU G 260 20.92 -33.79 11.48
C GLU G 260 22.30 -33.74 12.11
N HIS G 261 22.45 -32.98 13.19
CA HIS G 261 23.74 -32.74 13.82
C HIS G 261 23.65 -32.70 15.33
N MET G 262 22.66 -33.38 15.92
CA MET G 262 22.51 -33.34 17.37
C MET G 262 23.73 -33.93 18.06
N THR G 263 24.11 -33.33 19.17
CA THR G 263 25.19 -33.83 20.01
C THR G 263 24.63 -34.83 21.00
N SER G 264 25.47 -35.76 21.44
CA SER G 264 25.02 -36.75 22.42
C SER G 264 24.45 -36.05 23.64
N ASP G 265 25.05 -34.93 24.05
CA ASP G 265 24.53 -34.17 25.18
C ASP G 265 23.08 -33.77 24.95
N GLN G 266 22.83 -32.97 23.91
CA GLN G 266 21.46 -32.58 23.58
C GLN G 266 20.58 -33.79 23.29
N ARG G 267 21.17 -34.83 22.71
CA ARG G 267 20.43 -36.05 22.41
C ARG G 267 19.80 -36.60 23.69
N LYS G 268 20.65 -36.97 24.66
CA LYS G 268 20.14 -37.52 25.90
C LYS G 268 19.36 -36.49 26.69
N GLN G 269 19.64 -35.20 26.48
CA GLN G 269 18.86 -34.16 27.16
C GLN G 269 17.40 -34.25 26.75
N ILE G 270 17.15 -34.22 25.45
CA ILE G 270 15.76 -34.27 24.98
C ILE G 270 15.17 -35.66 25.23
N PHE G 271 15.99 -36.71 25.21
CA PHE G 271 15.48 -38.03 25.57
C PHE G 271 15.00 -38.07 27.02
N SER G 272 15.79 -37.52 27.94
CA SER G 272 15.38 -37.46 29.33
C SER G 272 14.12 -36.61 29.49
N ARG G 273 14.05 -35.49 28.75
CA ARG G 273 12.85 -34.66 28.81
C ARG G 273 11.62 -35.47 28.39
N LEU G 274 11.72 -36.19 27.28
CA LEU G 274 10.60 -37.04 26.86
C LEU G 274 10.28 -38.07 27.92
N ALA G 275 11.30 -38.69 28.52
CA ALA G 275 11.07 -39.63 29.61
C ALA G 275 10.35 -38.95 30.78
N GLU G 276 10.49 -37.64 30.92
CA GLU G 276 9.83 -36.88 31.98
C GLU G 276 8.64 -36.10 31.46
N SER G 277 7.88 -36.69 30.53
CA SER G 277 6.68 -36.04 30.00
C SER G 277 5.53 -37.04 29.91
N MET H 4 -32.88 35.91 -20.76
CA MET H 4 -32.58 34.75 -19.86
C MET H 4 -32.80 35.12 -18.40
N ALA H 5 -32.33 34.27 -17.50
CA ALA H 5 -32.47 34.52 -16.07
C ALA H 5 -31.47 33.67 -15.32
N MET H 6 -30.57 34.32 -14.58
CA MET H 6 -29.71 33.66 -13.63
C MET H 6 -29.93 34.28 -12.26
N GLU H 7 -29.74 33.48 -11.22
CA GLU H 7 -29.93 33.97 -9.86
C GLU H 7 -28.93 33.31 -8.93
N MET H 8 -28.33 34.13 -8.07
CA MET H 8 -27.47 33.67 -7.00
C MET H 8 -28.09 34.03 -5.67
N ARG H 9 -27.79 33.25 -4.65
CA ARG H 9 -28.36 33.50 -3.34
C ARG H 9 -27.46 32.83 -2.30
N LEU H 10 -27.33 33.46 -1.15
CA LEU H 10 -26.54 32.90 -0.07
C LEU H 10 -27.25 31.68 0.50
N PRO H 11 -26.55 30.90 1.29
CA PRO H 11 -27.19 29.73 1.90
C PRO H 11 -27.86 30.11 3.21
N VAL H 12 -29.11 29.74 3.35
CA VAL H 12 -29.83 29.99 4.59
C VAL H 12 -29.71 28.77 5.48
N ALA H 13 -29.78 28.99 6.78
CA ALA H 13 -29.62 27.91 7.74
C ALA H 13 -30.91 27.11 7.84
N ARG H 14 -30.76 25.80 8.03
CA ARG H 14 -31.91 24.92 8.12
C ARG H 14 -32.79 25.33 9.31
N LYS H 15 -33.99 24.78 9.34
CA LYS H 15 -34.91 24.90 10.47
C LYS H 15 -35.23 23.51 10.96
N PRO H 16 -34.46 22.97 11.91
CA PRO H 16 -34.63 21.56 12.29
C PRO H 16 -35.80 21.31 13.23
N LEU H 17 -35.90 20.06 13.70
CA LEU H 17 -36.91 19.61 14.65
C LEU H 17 -38.28 19.43 14.00
N SER H 18 -38.43 19.85 12.74
CA SER H 18 -39.69 19.67 12.04
C SER H 18 -40.86 20.06 12.92
N GLU H 19 -40.70 21.13 13.70
CA GLU H 19 -41.74 21.53 14.65
C GLU H 19 -43.06 21.86 13.95
N ARG H 20 -43.02 22.21 12.67
CA ARG H 20 -44.25 22.47 11.93
C ARG H 20 -45.26 21.33 12.04
N LEU H 21 -44.80 20.13 12.39
CA LEU H 21 -45.70 18.98 12.57
C LEU H 21 -46.11 18.83 14.04
N GLY H 22 -45.16 18.64 14.93
CA GLY H 22 -45.48 18.48 16.33
C GLY H 22 -46.11 17.13 16.65
N ARG H 23 -45.31 16.06 16.51
CA ARG H 23 -45.83 14.71 16.64
C ARG H 23 -45.49 14.06 17.98
N ASP H 24 -44.23 14.13 18.41
CA ASP H 24 -43.78 13.43 19.61
C ASP H 24 -44.07 11.94 19.48
N THR H 25 -43.35 11.32 18.55
CA THR H 25 -43.65 9.95 18.15
C THR H 25 -43.72 8.99 19.32
N LYS H 26 -44.43 7.88 19.12
CA LYS H 26 -44.62 6.83 20.12
C LYS H 26 -43.77 5.62 19.80
N LYS H 27 -42.57 5.85 19.28
CA LYS H 27 -41.68 4.80 18.84
C LYS H 27 -40.56 4.59 19.86
N HIS H 28 -39.72 3.60 19.59
CA HIS H 28 -38.58 3.27 20.44
C HIS H 28 -37.33 3.33 19.56
N LEU H 29 -36.70 4.50 19.55
CA LEU H 29 -35.47 4.71 18.81
C LEU H 29 -34.28 4.16 19.56
N VAL H 30 -33.23 3.82 18.81
CA VAL H 30 -32.01 3.32 19.42
C VAL H 30 -30.81 3.72 18.58
N VAL H 31 -29.62 3.36 19.06
CA VAL H 31 -28.37 3.55 18.34
C VAL H 31 -27.42 2.46 18.82
N PRO H 32 -26.36 2.16 18.07
CA PRO H 32 -25.42 1.12 18.50
C PRO H 32 -25.05 1.26 19.97
N GLY H 33 -24.76 0.12 20.59
CA GLY H 33 -24.47 0.05 22.00
C GLY H 33 -25.73 -0.01 22.85
N ASP H 34 -26.83 0.54 22.34
CA ASP H 34 -28.09 0.47 23.06
C ASP H 34 -28.48 -0.99 23.30
N THR H 35 -29.11 -1.23 24.44
CA THR H 35 -29.47 -2.57 24.88
C THR H 35 -30.98 -2.73 24.71
N ILE H 36 -31.38 -3.54 23.74
CA ILE H 36 -32.77 -3.89 23.60
C ILE H 36 -33.18 -4.76 24.79
N THR H 37 -34.49 -4.89 24.98
CA THR H 37 -35.00 -5.65 26.11
C THR H 37 -34.37 -7.03 26.16
N THR H 38 -33.76 -7.34 27.30
CA THR H 38 -33.09 -8.61 27.54
C THR H 38 -34.01 -9.51 28.35
N ASP H 39 -34.47 -10.60 27.74
CA ASP H 39 -35.46 -11.47 28.35
C ASP H 39 -35.16 -12.91 27.94
N THR H 40 -36.01 -13.82 28.40
CA THR H 40 -35.85 -15.24 28.12
C THR H 40 -36.03 -15.47 26.63
N GLY H 41 -34.96 -15.86 25.95
CA GLY H 41 -35.05 -16.32 24.58
C GLY H 41 -35.84 -15.41 23.67
N PHE H 42 -35.33 -14.21 23.39
CA PHE H 42 -35.88 -13.37 22.34
C PHE H 42 -35.01 -13.50 21.10
N MET H 43 -35.65 -13.83 19.98
CA MET H 43 -34.95 -14.00 18.72
C MET H 43 -34.56 -12.65 18.13
N ARG H 44 -33.41 -12.65 17.46
CA ARG H 44 -32.84 -11.47 16.84
C ARG H 44 -33.11 -11.46 15.34
N GLY H 45 -33.22 -10.26 14.79
CA GLY H 45 -33.38 -10.05 13.37
C GLY H 45 -32.36 -9.11 12.79
N HIS H 46 -32.62 -8.61 11.60
CA HIS H 46 -31.70 -7.67 10.97
C HIS H 46 -31.67 -6.38 11.76
N GLY H 47 -30.47 -6.00 12.23
CA GLY H 47 -30.31 -4.76 12.94
C GLY H 47 -30.04 -4.96 14.41
N THR H 48 -29.24 -5.95 14.74
CA THR H 48 -28.91 -6.23 16.13
C THR H 48 -27.85 -7.32 16.19
N TYR H 49 -27.41 -7.63 17.40
CA TYR H 49 -26.50 -8.74 17.63
C TYR H 49 -26.52 -9.03 19.13
N MET H 50 -25.68 -9.96 19.55
CA MET H 50 -25.68 -10.42 20.93
C MET H 50 -24.30 -10.27 21.55
N GLY H 51 -24.29 -9.94 22.83
CA GLY H 51 -23.06 -9.84 23.60
C GLY H 51 -23.30 -10.09 25.07
N GLU H 52 -22.57 -11.04 25.64
CA GLU H 52 -22.63 -11.32 27.07
C GLU H 52 -24.08 -11.46 27.54
N GLU H 53 -24.85 -12.28 26.82
CA GLU H 53 -26.25 -12.51 27.17
C GLU H 53 -27.03 -11.20 27.20
N LYS H 54 -26.85 -10.40 26.14
CA LYS H 54 -27.47 -9.08 26.08
C LYS H 54 -27.71 -8.74 24.62
N LEU H 55 -28.94 -8.35 24.30
CA LEU H 55 -29.30 -8.05 22.91
C LEU H 55 -28.93 -6.59 22.67
N ILE H 56 -28.00 -6.36 21.77
CA ILE H 56 -27.42 -5.04 21.56
C ILE H 56 -27.69 -4.60 20.13
N ALA H 57 -28.21 -3.39 19.98
CA ALA H 57 -28.49 -2.86 18.66
C ALA H 57 -27.20 -2.72 17.86
N SER H 58 -27.37 -2.52 16.55
CA SER H 58 -26.25 -2.38 15.64
C SER H 58 -26.42 -1.24 14.65
N VAL H 59 -27.59 -0.63 14.56
CA VAL H 59 -27.90 0.34 13.51
C VAL H 59 -28.87 1.35 14.10
N ALA H 60 -28.89 2.53 13.50
CA ALA H 60 -29.66 3.64 14.01
C ALA H 60 -31.07 3.61 13.42
N GLY H 61 -32.06 3.47 14.28
CA GLY H 61 -33.44 3.52 13.83
C GLY H 61 -34.38 3.08 14.92
N SER H 62 -35.59 2.74 14.52
CA SER H 62 -36.64 2.34 15.45
C SER H 62 -36.70 0.83 15.54
N VAL H 63 -36.95 0.34 16.74
CA VAL H 63 -37.01 -1.09 17.01
C VAL H 63 -38.44 -1.57 16.81
N GLU H 64 -38.56 -2.81 16.35
CA GLU H 64 -39.86 -3.41 16.06
C GLU H 64 -39.86 -4.80 16.68
N ARG H 65 -40.84 -5.04 17.54
CA ARG H 65 -40.95 -6.29 18.28
C ARG H 65 -42.19 -7.03 17.80
N VAL H 66 -42.00 -7.89 16.79
CA VAL H 66 -43.04 -8.82 16.38
C VAL H 66 -43.12 -9.87 17.48
N ASN H 67 -44.15 -10.72 17.43
CA ASN H 67 -44.62 -11.48 18.58
C ASN H 67 -43.49 -11.88 19.53
N LYS H 68 -42.40 -12.38 18.97
CA LYS H 68 -41.23 -12.72 19.76
C LYS H 68 -39.94 -12.35 19.05
N LEU H 69 -40.00 -11.75 17.87
CA LEU H 69 -38.83 -11.42 17.09
C LEU H 69 -38.51 -9.95 17.27
N ILE H 70 -37.24 -9.63 17.53
CA ILE H 70 -36.80 -8.26 17.72
C ILE H 70 -35.96 -7.87 16.53
N CYS H 71 -36.43 -6.88 15.79
CA CYS H 71 -35.71 -6.40 14.62
C CYS H 71 -35.60 -4.89 14.70
N VAL H 72 -34.85 -4.33 13.76
CA VAL H 72 -34.67 -2.90 13.67
C VAL H 72 -34.96 -2.48 12.24
N LYS H 73 -35.48 -1.26 12.08
CA LYS H 73 -35.91 -0.74 10.80
C LYS H 73 -35.17 0.57 10.57
N ALA H 74 -33.96 0.47 10.04
CA ALA H 74 -33.13 1.63 9.82
C ALA H 74 -33.82 2.59 8.86
N LEU H 75 -33.24 3.79 8.75
CA LEU H 75 -33.80 4.84 7.93
C LEU H 75 -33.06 5.02 6.62
N LYS H 76 -31.86 4.47 6.49
CA LYS H 76 -31.14 4.46 5.23
C LYS H 76 -30.37 3.15 5.08
N THR H 77 -30.64 2.42 4.01
CA THR H 77 -29.93 1.19 3.70
C THR H 77 -29.85 1.06 2.18
N ARG H 78 -29.20 -0.01 1.73
CA ARG H 78 -29.18 -0.36 0.33
C ARG H 78 -30.08 -1.57 0.13
N TYR H 79 -30.73 -1.64 -1.02
CA TYR H 79 -31.81 -2.59 -1.21
C TYR H 79 -31.37 -4.02 -0.93
N ILE H 80 -31.89 -4.58 0.14
CA ILE H 80 -31.77 -6.01 0.41
C ILE H 80 -32.78 -6.74 -0.43
N GLY H 81 -32.41 -7.93 -0.88
CA GLY H 81 -33.24 -8.67 -1.81
C GLY H 81 -34.39 -9.44 -1.19
N GLU H 82 -35.60 -9.11 -1.62
CA GLU H 82 -36.77 -9.91 -1.31
C GLU H 82 -37.00 -10.90 -2.45
N VAL H 83 -38.17 -11.52 -2.48
CA VAL H 83 -38.43 -12.65 -3.37
C VAL H 83 -39.53 -12.38 -4.38
N GLY H 84 -40.32 -11.33 -4.21
CA GLY H 84 -41.33 -11.00 -5.20
C GLY H 84 -41.29 -9.55 -5.60
N ASP H 85 -40.47 -8.77 -4.89
CA ASP H 85 -40.35 -7.36 -5.19
C ASP H 85 -39.95 -7.13 -6.65
N ILE H 86 -40.67 -6.25 -7.32
CA ILE H 86 -40.27 -5.77 -8.64
C ILE H 86 -39.06 -4.89 -8.42
N VAL H 87 -38.42 -4.47 -9.49
CA VAL H 87 -37.12 -3.83 -9.40
C VAL H 87 -36.82 -3.22 -10.77
N VAL H 88 -36.02 -2.16 -10.78
CA VAL H 88 -35.51 -1.59 -12.01
C VAL H 88 -34.00 -1.55 -11.92
N GLY H 89 -33.34 -1.87 -13.03
CA GLY H 89 -31.93 -2.11 -12.99
C GLY H 89 -31.18 -1.66 -14.22
N ARG H 90 -30.00 -1.12 -14.00
CA ARG H 90 -29.11 -0.69 -15.07
C ARG H 90 -27.99 -1.69 -15.22
N ILE H 91 -27.82 -2.20 -16.44
CA ILE H 91 -26.88 -3.26 -16.69
C ILE H 91 -25.45 -2.74 -16.65
N THR H 92 -24.54 -3.59 -16.22
CA THR H 92 -23.14 -3.23 -16.08
C THR H 92 -22.24 -4.18 -16.84
N GLU H 93 -22.62 -5.45 -16.95
CA GLU H 93 -21.72 -6.36 -17.65
C GLU H 93 -22.51 -7.47 -18.34
N VAL H 94 -21.82 -8.13 -19.27
CA VAL H 94 -22.41 -9.16 -20.12
C VAL H 94 -21.44 -10.32 -20.10
N GLN H 95 -21.65 -11.26 -19.19
CA GLN H 95 -20.77 -12.41 -19.09
C GLN H 95 -21.27 -13.53 -20.00
N GLN H 96 -20.34 -14.42 -20.36
CA GLN H 96 -20.64 -15.44 -21.35
C GLN H 96 -21.94 -16.16 -21.05
N LYS H 97 -22.29 -16.28 -19.78
CA LYS H 97 -23.49 -17.01 -19.38
C LYS H 97 -24.68 -16.13 -19.05
N ARG H 98 -24.48 -14.88 -18.61
CA ARG H 98 -25.59 -14.11 -18.07
C ARG H 98 -25.32 -12.62 -18.20
N TRP H 99 -26.16 -11.82 -17.53
CA TRP H 99 -26.00 -10.38 -17.44
C TRP H 99 -25.82 -9.99 -15.98
N LYS H 100 -24.97 -8.99 -15.74
CA LYS H 100 -24.71 -8.48 -14.41
C LYS H 100 -25.29 -7.07 -14.31
N VAL H 101 -26.18 -6.86 -13.34
CA VAL H 101 -27.01 -5.68 -13.26
C VAL H 101 -26.74 -4.96 -11.94
N GLU H 102 -26.95 -3.65 -11.95
CA GLU H 102 -26.66 -2.79 -10.80
C GLU H 102 -27.97 -2.28 -10.23
N THR H 103 -28.31 -2.74 -9.04
CA THR H 103 -29.35 -2.14 -8.21
C THR H 103 -28.68 -1.48 -7.02
N ASN H 104 -29.45 -0.71 -6.26
CA ASN H 104 -28.90 -0.18 -5.03
C ASN H 104 -28.78 -1.29 -4.01
N SER H 105 -27.96 -2.28 -4.32
CA SER H 105 -27.78 -3.46 -3.49
C SER H 105 -26.31 -3.59 -3.13
N ARG H 106 -26.04 -4.44 -2.14
CA ARG H 106 -24.68 -4.61 -1.66
C ARG H 106 -23.84 -5.50 -2.54
N LEU H 107 -24.37 -5.95 -3.67
CA LEU H 107 -23.61 -6.75 -4.62
C LEU H 107 -24.14 -6.47 -6.03
N ASP H 108 -23.75 -7.31 -6.97
CA ASP H 108 -24.08 -7.14 -8.38
C ASP H 108 -25.18 -8.13 -8.72
N SER H 109 -26.41 -7.62 -8.84
CA SER H 109 -27.56 -8.45 -9.17
C SER H 109 -27.30 -9.25 -10.44
N VAL H 110 -28.04 -10.32 -10.67
CA VAL H 110 -27.75 -11.23 -11.76
C VAL H 110 -29.02 -11.59 -12.50
N LEU H 111 -28.99 -11.48 -13.82
CA LEU H 111 -30.08 -11.93 -14.68
C LEU H 111 -29.52 -13.03 -15.58
N LEU H 112 -29.88 -14.28 -15.27
CA LEU H 112 -29.43 -15.41 -16.07
C LEU H 112 -30.09 -15.39 -17.45
N LEU H 113 -29.32 -15.81 -18.46
CA LEU H 113 -29.82 -15.88 -19.82
C LEU H 113 -31.07 -16.74 -19.93
N SER H 114 -31.24 -17.69 -19.01
CA SER H 114 -32.43 -18.53 -19.02
C SER H 114 -33.69 -17.75 -18.65
N SER H 115 -33.55 -16.59 -18.03
CA SER H 115 -34.67 -15.85 -17.46
C SER H 115 -35.32 -14.90 -18.46
N MET H 116 -34.51 -14.11 -19.16
CA MET H 116 -35.02 -13.11 -20.08
C MET H 116 -35.97 -13.70 -21.10
N ASN H 117 -37.15 -13.08 -21.22
CA ASN H 117 -38.13 -13.52 -22.20
C ASN H 117 -37.60 -13.33 -23.61
N LEU H 118 -38.23 -14.00 -24.56
CA LEU H 118 -37.80 -13.99 -25.94
C LEU H 118 -38.74 -13.18 -26.81
N PRO H 119 -38.27 -12.76 -27.99
CA PRO H 119 -39.12 -11.97 -28.88
C PRO H 119 -40.46 -12.64 -29.13
N GLY H 120 -41.56 -11.95 -28.84
CA GLY H 120 -42.85 -12.61 -28.89
C GLY H 120 -42.92 -13.74 -27.87
N GLY H 121 -43.44 -14.88 -28.31
CA GLY H 121 -43.49 -16.07 -27.47
C GLY H 121 -42.70 -17.23 -28.01
N GLU H 122 -41.64 -16.95 -28.78
CA GLU H 122 -40.85 -17.99 -29.42
C GLU H 122 -39.99 -18.71 -28.40
N LEU H 123 -40.62 -19.57 -27.60
CA LEU H 123 -39.96 -20.27 -26.50
C LEU H 123 -39.68 -21.70 -26.94
N ARG H 124 -38.41 -22.03 -27.16
CA ARG H 124 -38.03 -23.43 -27.33
C ARG H 124 -36.98 -23.86 -26.31
N ARG H 125 -35.84 -23.18 -26.24
CA ARG H 125 -34.75 -23.46 -25.32
C ARG H 125 -33.65 -22.46 -25.66
N ARG H 126 -32.63 -22.41 -24.81
CA ARG H 126 -31.52 -21.49 -24.98
C ARG H 126 -30.31 -22.21 -25.58
N SER H 127 -29.78 -21.67 -26.67
CA SER H 127 -28.60 -22.24 -27.31
C SER H 127 -27.50 -21.20 -27.48
N ALA H 128 -26.45 -21.54 -28.23
CA ALA H 128 -25.33 -20.62 -28.39
C ALA H 128 -25.72 -19.41 -29.21
N GLU H 129 -26.64 -19.57 -30.17
CA GLU H 129 -27.10 -18.44 -30.94
C GLU H 129 -27.72 -17.39 -30.03
N ASP H 130 -28.49 -17.84 -29.04
CA ASP H 130 -29.01 -16.93 -28.04
C ASP H 130 -27.87 -16.36 -27.21
N GLU H 131 -26.84 -17.17 -26.94
CA GLU H 131 -25.68 -16.69 -26.20
C GLU H 131 -24.98 -15.55 -26.93
N LEU H 132 -25.09 -15.50 -28.25
CA LEU H 132 -24.47 -14.43 -29.02
C LEU H 132 -25.41 -13.25 -29.24
N ALA H 133 -26.70 -13.49 -29.36
CA ALA H 133 -27.65 -12.38 -29.30
C ALA H 133 -27.71 -11.76 -27.91
N MET H 134 -27.13 -12.45 -26.92
CA MET H 134 -27.06 -11.96 -25.55
C MET H 134 -26.59 -10.53 -25.46
N ARG H 135 -25.86 -10.05 -26.45
CA ARG H 135 -25.35 -8.68 -26.45
C ARG H 135 -26.16 -7.76 -27.34
N GLY H 136 -26.37 -8.15 -28.61
CA GLY H 136 -27.00 -7.25 -29.55
C GLY H 136 -28.40 -6.83 -29.18
N PHE H 137 -29.03 -7.51 -28.21
CA PHE H 137 -30.37 -7.13 -27.77
C PHE H 137 -30.38 -6.31 -26.49
N LEU H 138 -29.59 -6.70 -25.50
CA LEU H 138 -29.62 -6.05 -24.20
C LEU H 138 -28.24 -5.43 -24.02
N GLN H 139 -28.08 -4.23 -24.56
CA GLN H 139 -26.78 -3.58 -24.59
C GLN H 139 -26.32 -3.24 -23.18
N GLU H 140 -25.01 -3.18 -23.00
CA GLU H 140 -24.43 -2.79 -21.72
C GLU H 140 -24.77 -1.33 -21.42
N GLY H 141 -25.45 -1.11 -20.30
CA GLY H 141 -25.94 0.20 -19.92
C GLY H 141 -27.44 0.35 -20.01
N ASP H 142 -28.15 -0.60 -20.61
CA ASP H 142 -29.58 -0.51 -20.76
C ASP H 142 -30.28 -0.73 -19.42
N LEU H 143 -31.60 -0.64 -19.46
CA LEU H 143 -32.44 -0.75 -18.27
C LEU H 143 -33.43 -1.88 -18.42
N ILE H 144 -33.71 -2.56 -17.31
CA ILE H 144 -34.66 -3.65 -17.27
C ILE H 144 -35.58 -3.45 -16.08
N SER H 145 -36.86 -3.74 -16.28
CA SER H 145 -37.87 -3.69 -15.23
C SER H 145 -38.30 -5.11 -14.97
N ALA H 146 -37.75 -5.69 -13.91
CA ALA H 146 -37.91 -7.10 -13.63
C ALA H 146 -38.55 -7.28 -12.25
N GLU H 147 -38.62 -8.54 -11.81
CA GLU H 147 -38.96 -8.86 -10.45
C GLU H 147 -38.02 -9.95 -9.96
N VAL H 148 -37.74 -9.94 -8.67
CA VAL H 148 -36.77 -10.87 -8.14
C VAL H 148 -37.27 -12.29 -8.31
N GLN H 149 -36.32 -13.20 -8.53
CA GLN H 149 -36.58 -14.63 -8.60
C GLN H 149 -36.16 -15.34 -7.32
N ALA H 150 -35.00 -15.01 -6.80
CA ALA H 150 -34.52 -15.62 -5.56
C ALA H 150 -33.31 -14.86 -5.06
N VAL H 151 -32.93 -15.16 -3.83
CA VAL H 151 -31.79 -14.54 -3.16
C VAL H 151 -30.83 -15.64 -2.75
N PHE H 152 -29.57 -15.47 -3.09
CA PHE H 152 -28.56 -16.47 -2.79
C PHE H 152 -28.03 -16.27 -1.37
N SER H 153 -27.31 -17.28 -0.89
CA SER H 153 -26.70 -17.21 0.43
C SER H 153 -25.59 -16.17 0.51
N ASP H 154 -24.97 -15.82 -0.62
CA ASP H 154 -23.93 -14.81 -0.63
C ASP H 154 -24.50 -13.40 -0.66
N GLY H 155 -25.81 -13.25 -0.73
CA GLY H 155 -26.47 -11.96 -0.68
C GLY H 155 -27.03 -11.51 -2.01
N ALA H 156 -26.49 -12.02 -3.10
CA ALA H 156 -26.89 -11.56 -4.43
C ALA H 156 -28.34 -11.93 -4.70
N VAL H 157 -28.87 -11.32 -5.76
CA VAL H 157 -30.26 -11.44 -6.14
C VAL H 157 -30.32 -11.89 -7.60
N SER H 158 -30.90 -13.06 -7.84
CA SER H 158 -31.19 -13.54 -9.17
C SER H 158 -32.60 -13.13 -9.54
N LEU H 159 -32.75 -12.40 -10.64
CA LEU H 159 -34.05 -11.89 -11.03
C LEU H 159 -34.42 -12.32 -12.45
N HIS H 160 -35.71 -12.30 -12.73
CA HIS H 160 -36.24 -12.85 -13.98
C HIS H 160 -37.31 -11.91 -14.51
N THR H 161 -38.10 -12.40 -15.46
CA THR H 161 -39.12 -11.61 -16.14
C THR H 161 -40.32 -12.52 -16.34
N ARG H 162 -41.31 -12.41 -15.44
CA ARG H 162 -42.43 -13.35 -15.43
C ARG H 162 -43.25 -13.26 -16.70
N SER H 163 -43.46 -12.05 -17.23
CA SER H 163 -44.36 -11.85 -18.36
C SER H 163 -43.78 -10.79 -19.27
N LEU H 164 -44.61 -10.33 -20.21
CA LEU H 164 -44.17 -9.33 -21.18
C LEU H 164 -44.34 -7.92 -20.67
N LYS H 165 -45.15 -7.72 -19.62
CA LYS H 165 -45.20 -6.42 -18.99
C LYS H 165 -43.84 -6.01 -18.47
N TYR H 166 -42.93 -6.97 -18.28
CA TYR H 166 -41.59 -6.70 -17.80
C TYR H 166 -40.63 -6.71 -18.98
N GLY H 167 -39.34 -6.63 -18.69
CA GLY H 167 -38.33 -6.72 -19.71
C GLY H 167 -37.52 -5.46 -19.85
N LYS H 168 -37.34 -5.00 -21.08
CA LYS H 168 -36.54 -3.83 -21.35
C LYS H 168 -37.45 -2.62 -21.47
N LEU H 169 -36.87 -1.45 -21.24
CA LEU H 169 -37.64 -0.23 -21.10
C LEU H 169 -37.42 0.68 -22.29
N GLY H 170 -38.38 1.57 -22.51
CA GLY H 170 -38.29 2.48 -23.62
C GLY H 170 -37.34 3.60 -23.31
N GLN H 171 -37.72 4.83 -23.66
CA GLN H 171 -36.81 5.95 -23.51
C GLN H 171 -37.00 6.67 -22.19
N GLY H 172 -38.19 7.19 -21.94
CA GLY H 172 -38.54 7.68 -20.61
C GLY H 172 -37.48 8.50 -19.91
N VAL H 173 -37.54 8.48 -18.58
CA VAL H 173 -36.59 9.15 -17.71
C VAL H 173 -36.54 8.37 -16.40
N LEU H 174 -35.55 8.67 -15.55
CA LEU H 174 -35.29 7.89 -14.37
C LEU H 174 -34.87 8.78 -13.22
N VAL H 175 -35.08 8.27 -12.00
CA VAL H 175 -34.66 8.93 -10.77
C VAL H 175 -34.11 7.87 -9.83
N GLN H 176 -33.17 8.28 -8.99
CA GLN H 176 -32.54 7.40 -8.01
C GLN H 176 -32.75 8.00 -6.63
N VAL H 177 -33.57 7.33 -5.82
CA VAL H 177 -33.87 7.81 -4.48
C VAL H 177 -33.45 6.73 -3.51
N SER H 178 -33.69 6.93 -2.24
CA SER H 178 -33.37 5.89 -1.28
C SER H 178 -34.48 4.84 -1.27
N PRO H 179 -34.14 3.58 -1.04
CA PRO H 179 -35.17 2.52 -1.10
C PRO H 179 -36.09 2.50 0.10
N SER H 180 -35.74 3.21 1.17
CA SER H 180 -36.58 3.31 2.35
C SER H 180 -37.56 4.46 2.25
N LEU H 181 -37.94 4.86 1.04
CA LEU H 181 -38.86 5.96 0.83
C LEU H 181 -39.89 5.60 -0.22
N VAL H 182 -40.22 4.31 -0.33
CA VAL H 182 -41.30 3.82 -1.18
C VAL H 182 -42.09 2.83 -0.34
N LYS H 183 -43.36 3.13 -0.12
CA LYS H 183 -44.18 2.26 0.72
C LYS H 183 -44.28 0.87 0.10
N ARG H 184 -44.01 -0.14 0.90
CA ARG H 184 -44.19 -1.53 0.49
C ARG H 184 -45.66 -1.80 0.30
N GLN H 185 -46.10 -1.84 -0.95
CA GLN H 185 -47.49 -2.13 -1.28
C GLN H 185 -47.50 -2.84 -2.63
N LYS H 186 -48.66 -2.92 -3.24
CA LYS H 186 -48.83 -3.66 -4.48
C LYS H 186 -49.01 -2.70 -5.64
N THR H 187 -48.83 -3.24 -6.85
CA THR H 187 -49.00 -2.49 -8.09
C THR H 187 -48.08 -1.26 -8.10
N HIS H 188 -46.78 -1.56 -8.13
CA HIS H 188 -45.81 -0.51 -8.37
C HIS H 188 -45.97 0.10 -9.76
N PHE H 189 -46.57 -0.63 -10.68
CA PHE H 189 -46.75 -0.18 -12.06
C PHE H 189 -48.02 0.65 -12.12
N HIS H 190 -47.87 1.98 -12.19
CA HIS H 190 -49.01 2.86 -12.26
C HIS H 190 -49.05 3.53 -13.62
N ASP H 191 -50.27 3.87 -14.06
CA ASP H 191 -50.50 4.62 -15.30
C ASP H 191 -51.45 5.75 -14.96
N LEU H 192 -50.89 6.94 -14.77
CA LEU H 192 -51.63 8.02 -14.15
C LEU H 192 -52.49 8.75 -15.18
N PRO H 193 -53.55 9.44 -14.74
CA PRO H 193 -54.37 10.20 -15.68
C PRO H 193 -53.66 11.42 -16.22
N CYS H 194 -52.56 11.85 -15.59
CA CYS H 194 -51.88 13.06 -16.02
C CYS H 194 -51.43 12.96 -17.46
N GLY H 195 -51.16 11.76 -17.94
CA GLY H 195 -50.68 11.56 -19.30
C GLY H 195 -49.38 10.77 -19.36
N ALA H 196 -49.08 10.04 -18.30
CA ALA H 196 -47.84 9.30 -18.23
C ALA H 196 -48.03 8.07 -17.35
N SER H 197 -46.91 7.42 -17.02
CA SER H 197 -46.92 6.22 -16.22
C SER H 197 -45.60 6.16 -15.47
N VAL H 198 -45.61 5.39 -14.39
CA VAL H 198 -44.50 5.39 -13.45
C VAL H 198 -44.31 4.00 -12.89
N ILE H 199 -43.07 3.70 -12.58
CA ILE H 199 -42.66 2.42 -12.00
C ILE H 199 -41.86 2.75 -10.76
N LEU H 200 -42.23 2.13 -9.65
CA LEU H 200 -41.71 2.48 -8.33
C LEU H 200 -41.00 1.24 -7.79
N GLY H 201 -39.69 1.18 -7.96
CA GLY H 201 -38.96 0.01 -7.53
C GLY H 201 -39.01 -0.16 -6.03
N ASN H 202 -39.02 -1.43 -5.61
CA ASN H 202 -38.76 -1.73 -4.21
C ASN H 202 -37.36 -1.31 -3.82
N ASN H 203 -36.50 -1.07 -4.80
CA ASN H 203 -35.26 -0.36 -4.61
C ASN H 203 -35.54 1.12 -4.82
N GLY H 204 -34.51 1.93 -4.93
CA GLY H 204 -34.71 3.35 -5.03
C GLY H 204 -34.69 3.89 -6.44
N PHE H 205 -34.97 3.05 -7.41
CA PHE H 205 -34.96 3.45 -8.82
C PHE H 205 -36.40 3.60 -9.30
N ILE H 206 -36.79 4.83 -9.59
CA ILE H 206 -38.09 5.14 -10.15
C ILE H 206 -37.92 5.42 -11.63
N TRP H 207 -38.85 4.91 -12.43
CA TRP H 207 -38.86 5.11 -13.87
C TRP H 207 -40.14 5.83 -14.25
N ILE H 208 -40.03 6.73 -15.21
CA ILE H 208 -41.16 7.57 -15.62
C ILE H 208 -41.21 7.56 -17.14
N TYR H 209 -42.28 7.00 -17.69
CA TYR H 209 -42.40 6.86 -19.13
C TYR H 209 -43.79 7.27 -19.57
N PRO H 210 -43.92 7.85 -20.76
CA PRO H 210 -45.25 8.19 -21.25
C PRO H 210 -46.04 6.92 -21.49
N THR H 211 -47.32 6.97 -21.21
CA THR H 211 -48.14 5.77 -21.31
C THR H 211 -48.58 5.56 -22.75
N PRO H 212 -48.44 4.36 -23.29
CA PRO H 212 -48.85 4.13 -24.68
C PRO H 212 -50.34 3.88 -24.82
N GLU H 213 -50.77 3.54 -26.03
CA GLU H 213 -52.17 3.38 -26.36
C GLU H 213 -52.53 1.95 -26.72
N HIS H 214 -51.57 1.13 -27.13
CA HIS H 214 -51.86 -0.24 -27.55
C HIS H 214 -52.01 -1.15 -26.34
N LYS H 215 -50.96 -1.28 -25.54
CA LYS H 215 -50.95 -2.18 -24.40
C LYS H 215 -51.25 -3.61 -24.82
N GLY H 220 -42.88 -6.41 -25.62
CA GLY H 220 -42.18 -6.52 -24.37
C GLY H 220 -40.79 -5.91 -24.39
N GLY H 221 -40.68 -4.75 -25.03
CA GLY H 221 -39.42 -4.04 -25.14
C GLY H 221 -38.51 -4.54 -26.23
N PHE H 222 -38.93 -5.54 -27.00
CA PHE H 222 -38.10 -6.11 -28.06
C PHE H 222 -37.92 -5.18 -29.25
N ILE H 223 -38.57 -4.02 -29.22
CA ILE H 223 -38.38 -3.01 -30.26
C ILE H 223 -38.27 -1.66 -29.59
N ALA H 224 -37.41 -0.81 -30.14
CA ALA H 224 -37.15 0.51 -29.61
C ALA H 224 -37.98 1.50 -30.41
N ASN H 225 -38.99 2.07 -29.76
CA ASN H 225 -39.83 3.09 -30.39
C ASN H 225 -39.18 4.45 -30.15
N LEU H 226 -38.07 4.65 -30.85
CA LEU H 226 -37.27 5.86 -30.73
C LEU H 226 -37.91 6.97 -31.56
N GLU H 227 -39.17 7.22 -31.25
CA GLU H 227 -39.94 8.31 -31.81
C GLU H 227 -39.92 9.52 -30.90
N PRO H 228 -40.29 10.69 -31.40
CA PRO H 228 -40.39 11.86 -30.53
C PRO H 228 -41.52 11.70 -29.52
N VAL H 229 -41.58 12.65 -28.59
CA VAL H 229 -42.59 12.66 -27.54
C VAL H 229 -43.21 14.05 -27.49
N SER H 230 -44.53 14.11 -27.58
CA SER H 230 -45.21 15.39 -27.58
C SER H 230 -44.81 16.21 -26.35
N LEU H 231 -44.61 17.51 -26.58
CA LEU H 231 -44.28 18.43 -25.48
C LEU H 231 -45.23 18.23 -24.31
N ALA H 232 -46.51 18.05 -24.60
CA ALA H 232 -47.54 17.85 -23.59
C ALA H 232 -47.37 16.53 -22.84
N ASP H 233 -46.38 15.72 -23.19
CA ASP H 233 -46.10 14.50 -22.47
C ASP H 233 -44.67 14.45 -21.95
N ARG H 234 -43.86 15.46 -22.28
CA ARG H 234 -42.55 15.63 -21.65
C ARG H 234 -42.57 16.63 -20.52
N GLU H 235 -43.40 17.67 -20.63
CA GLU H 235 -43.53 18.62 -19.53
C GLU H 235 -44.10 17.94 -18.30
N VAL H 236 -45.06 17.02 -18.50
CA VAL H 236 -45.64 16.30 -17.39
C VAL H 236 -44.58 15.43 -16.72
N ILE H 237 -43.77 14.76 -17.52
CA ILE H 237 -42.73 13.89 -16.99
C ILE H 237 -41.72 14.69 -16.19
N SER H 238 -41.32 15.85 -16.72
CA SER H 238 -40.36 16.68 -16.00
C SER H 238 -40.93 17.20 -14.70
N ARG H 239 -42.20 17.60 -14.71
CA ARG H 239 -42.85 18.06 -13.49
C ARG H 239 -42.93 16.95 -12.46
N LEU H 240 -43.27 15.73 -12.90
CA LEU H 240 -43.27 14.59 -11.98
C LEU H 240 -41.88 14.34 -11.42
N ARG H 241 -40.86 14.45 -12.26
CA ARG H 241 -39.49 14.23 -11.81
C ARG H 241 -39.13 15.20 -10.71
N ASN H 242 -39.42 16.48 -10.93
CA ASN H 242 -39.08 17.50 -9.94
C ASN H 242 -39.93 17.34 -8.68
N CYS H 243 -41.18 16.89 -8.82
CA CYS H 243 -42.03 16.67 -7.65
C CYS H 243 -41.50 15.53 -6.80
N ILE H 244 -41.06 14.45 -7.43
CA ILE H 244 -40.42 13.36 -6.70
C ILE H 244 -39.18 13.84 -5.98
N ILE H 245 -38.36 14.64 -6.66
CA ILE H 245 -37.15 15.16 -6.01
C ILE H 245 -37.54 15.99 -4.80
N SER H 246 -38.60 16.79 -4.92
CA SER H 246 -39.10 17.55 -3.79
C SER H 246 -39.47 16.63 -2.63
N LEU H 247 -40.38 15.69 -2.89
CA LEU H 247 -40.81 14.76 -1.85
C LEU H 247 -39.62 14.17 -1.12
N VAL H 248 -38.66 13.64 -1.88
CA VAL H 248 -37.54 12.95 -1.24
C VAL H 248 -36.68 13.92 -0.45
N THR H 249 -36.51 15.14 -0.97
CA THR H 249 -35.68 16.12 -0.26
C THR H 249 -36.28 16.49 1.09
N GLN H 250 -37.56 16.23 1.29
CA GLN H 250 -38.24 16.50 2.56
C GLN H 250 -38.46 15.23 3.39
N ARG H 251 -37.99 14.08 2.92
CA ARG H 251 -38.03 12.83 3.67
C ARG H 251 -39.47 12.45 4.03
N MET H 252 -40.25 12.16 2.98
CA MET H 252 -41.56 11.57 3.16
C MET H 252 -41.73 10.43 2.16
N MET H 253 -42.68 9.54 2.47
CA MET H 253 -42.89 8.35 1.66
C MET H 253 -43.36 8.73 0.26
N LEU H 254 -43.51 7.74 -0.60
CA LEU H 254 -43.67 7.98 -2.03
C LEU H 254 -44.56 6.92 -2.64
N TYR H 255 -45.69 7.33 -3.20
CA TYR H 255 -46.59 6.39 -3.87
C TYR H 255 -47.64 7.20 -4.61
N ASP H 256 -48.62 6.50 -5.19
CA ASP H 256 -49.53 7.10 -6.16
C ASP H 256 -50.08 8.44 -5.69
N THR H 257 -50.76 8.45 -4.53
CA THR H 257 -51.46 9.65 -4.13
C THR H 257 -50.50 10.79 -3.82
N SER H 258 -49.36 10.48 -3.21
CA SER H 258 -48.39 11.51 -2.88
C SER H 258 -47.96 12.26 -4.13
N ILE H 259 -47.54 11.52 -5.16
CA ILE H 259 -47.03 12.16 -6.36
C ILE H 259 -48.17 12.85 -7.11
N LEU H 260 -49.36 12.25 -7.12
CA LEU H 260 -50.49 12.88 -7.80
C LEU H 260 -50.83 14.21 -7.15
N TYR H 261 -50.71 14.30 -5.84
CA TYR H 261 -51.14 15.51 -5.16
C TYR H 261 -50.07 16.57 -5.19
N CYS H 262 -48.79 16.18 -5.14
CA CYS H 262 -47.74 17.14 -5.41
C CYS H 262 -47.86 17.70 -6.82
N TYR H 263 -48.16 16.84 -7.79
CA TYR H 263 -48.47 17.30 -9.13
C TYR H 263 -49.55 18.36 -9.10
N GLU H 264 -50.75 17.98 -8.62
CA GLU H 264 -51.86 18.92 -8.59
C GLU H 264 -51.52 20.20 -7.84
N ALA H 265 -50.54 20.13 -6.94
CA ALA H 265 -50.11 21.31 -6.20
C ALA H 265 -49.17 22.20 -7.02
N SER H 266 -48.41 21.60 -7.93
CA SER H 266 -47.35 22.31 -8.63
C SER H 266 -47.79 22.81 -10.01
N LEU H 267 -49.07 23.07 -10.20
CA LEU H 267 -49.53 23.65 -11.45
C LEU H 267 -49.35 25.16 -11.45
N PRO H 268 -49.73 25.86 -10.38
CA PRO H 268 -49.50 27.32 -10.34
C PRO H 268 -48.03 27.64 -10.51
N HIS H 269 -47.23 27.07 -9.62
CA HIS H 269 -45.78 27.23 -9.69
C HIS H 269 -45.24 26.49 -10.91
N GLN H 270 -44.51 27.19 -11.76
CA GLN H 270 -44.17 26.66 -13.07
C GLN H 270 -43.22 25.47 -12.93
N ILE H 271 -42.82 24.94 -14.09
CA ILE H 271 -42.25 23.61 -14.21
C ILE H 271 -40.82 23.58 -13.70
N LYS H 272 -40.31 24.72 -13.24
CA LYS H 272 -38.90 24.86 -12.92
C LYS H 272 -38.71 25.46 -11.54
N ASP H 273 -39.64 26.32 -11.13
CA ASP H 273 -39.51 27.06 -9.89
C ASP H 273 -39.98 26.27 -8.70
N ILE H 274 -40.02 24.95 -8.80
CA ILE H 274 -40.52 24.12 -7.72
C ILE H 274 -39.41 23.17 -7.27
N LEU H 275 -38.17 23.62 -7.43
CA LEU H 275 -37.05 23.07 -6.70
C LEU H 275 -36.45 24.06 -5.70
N LYS H 276 -36.80 25.33 -5.81
CA LYS H 276 -36.33 26.33 -4.88
C LYS H 276 -36.86 26.02 -3.48
N PRO H 277 -35.99 25.81 -2.50
CA PRO H 277 -36.42 25.16 -1.25
C PRO H 277 -37.73 25.69 -0.68
N GLU H 278 -38.03 26.98 -0.87
CA GLU H 278 -39.28 27.52 -0.37
C GLU H 278 -40.48 26.86 -1.04
N ILE H 279 -40.46 26.80 -2.36
CA ILE H 279 -41.57 26.20 -3.11
C ILE H 279 -41.66 24.72 -2.80
N MET H 280 -40.52 24.04 -2.82
CA MET H 280 -40.44 22.66 -2.37
C MET H 280 -41.19 22.46 -1.07
N GLU H 281 -40.81 23.23 -0.05
CA GLU H 281 -41.37 23.05 1.28
C GLU H 281 -42.87 23.32 1.30
N GLU H 282 -43.32 24.37 0.63
CA GLU H 282 -44.75 24.68 0.74
C GLU H 282 -45.58 23.62 0.02
N ILE H 283 -45.11 23.15 -1.14
CA ILE H 283 -45.82 22.07 -1.83
C ILE H 283 -45.87 20.83 -0.96
N VAL H 284 -44.73 20.43 -0.39
CA VAL H 284 -44.71 19.25 0.45
C VAL H 284 -45.65 19.40 1.63
N MET H 285 -45.68 20.58 2.25
CA MET H 285 -46.56 20.80 3.38
C MET H 285 -48.02 20.69 2.96
N GLU H 286 -48.39 21.33 1.86
CA GLU H 286 -49.76 21.21 1.37
C GLU H 286 -50.15 19.75 1.15
N THR H 287 -49.32 19.02 0.39
CA THR H 287 -49.60 17.62 0.10
C THR H 287 -49.74 16.82 1.39
N ARG H 288 -48.78 16.96 2.30
CA ARG H 288 -48.78 16.20 3.54
C ARG H 288 -50.03 16.49 4.34
N GLN H 289 -50.35 17.77 4.50
CA GLN H 289 -51.52 18.16 5.28
C GLN H 289 -52.79 17.56 4.67
N ARG H 290 -52.90 17.59 3.34
CA ARG H 290 -54.15 17.15 2.74
C ARG H 290 -54.29 15.64 2.82
N LEU H 291 -53.18 14.92 2.60
CA LEU H 291 -53.20 13.48 2.89
C LEU H 291 -53.64 13.21 4.31
N LEU H 292 -52.98 13.85 5.28
CA LEU H 292 -53.25 13.57 6.69
C LEU H 292 -54.72 13.83 7.03
N GLU H 293 -55.25 14.96 6.57
CA GLU H 293 -56.61 15.34 6.94
C GLU H 293 -57.65 14.49 6.22
N GLN H 294 -57.44 14.21 4.93
CA GLN H 294 -58.39 13.41 4.18
C GLN H 294 -58.42 11.96 4.67
N GLU H 295 -57.24 11.35 4.80
CA GLU H 295 -57.18 9.98 5.32
C GLU H 295 -57.63 9.90 6.78
N GLY H 296 -57.55 11.00 7.52
CA GLY H 296 -57.98 11.00 8.90
C GLY H 296 -57.28 12.07 9.72
N VAL I 7 -4.28 3.01 -62.26
CA VAL I 7 -3.72 2.98 -60.91
C VAL I 7 -3.80 4.37 -60.29
N ARG I 8 -4.24 4.43 -59.05
CA ARG I 8 -4.32 5.69 -58.30
C ARG I 8 -4.32 5.38 -56.81
N TYR I 9 -3.52 6.12 -56.06
CA TYR I 9 -3.47 5.98 -54.61
C TYR I 9 -4.39 7.02 -54.00
N CYS I 10 -5.13 6.62 -52.99
CA CYS I 10 -6.19 7.45 -52.44
C CYS I 10 -5.81 7.90 -51.04
N ILE I 11 -6.75 8.58 -50.37
CA ILE I 11 -6.43 9.25 -49.12
C ILE I 11 -7.68 9.33 -48.24
N PRO I 12 -7.54 9.29 -46.92
CA PRO I 12 -8.70 9.05 -46.05
C PRO I 12 -9.81 10.09 -46.09
N GLY I 13 -9.75 11.08 -46.96
CA GLY I 13 -10.81 12.08 -46.98
C GLY I 13 -11.48 12.29 -48.31
N GLU I 14 -10.83 11.88 -49.39
CA GLU I 14 -11.31 12.22 -50.72
C GLU I 14 -12.47 11.33 -51.11
N ARG I 15 -13.47 11.91 -51.75
CA ARG I 15 -14.56 11.11 -52.24
C ARG I 15 -14.10 10.27 -53.43
N LEU I 16 -14.87 9.26 -53.74
CA LEU I 16 -14.52 8.34 -54.81
C LEU I 16 -15.63 8.21 -55.84
N CYS I 17 -16.89 8.22 -55.42
CA CYS I 17 -17.99 7.95 -56.33
C CYS I 17 -19.35 8.08 -55.65
N ASN I 18 -20.37 8.38 -56.44
CA ASN I 18 -21.73 8.31 -55.94
C ASN I 18 -22.13 6.88 -55.64
N LEU I 19 -23.18 6.73 -54.84
CA LEU I 19 -23.75 5.40 -54.65
C LEU I 19 -24.32 4.88 -55.96
N GLU I 20 -24.69 5.79 -56.86
CA GLU I 20 -25.21 5.47 -58.18
C GLU I 20 -24.13 5.01 -59.15
N GLU I 21 -22.86 5.01 -58.73
CA GLU I 21 -21.75 4.61 -59.60
C GLU I 21 -20.83 3.62 -58.90
N GLY I 22 -21.31 2.96 -57.86
CA GLY I 22 -20.51 1.99 -57.15
C GLY I 22 -21.06 1.76 -55.77
N SER I 23 -20.48 0.76 -55.10
CA SER I 23 -20.89 0.43 -53.75
C SER I 23 -19.67 0.15 -52.89
N PRO I 24 -19.75 0.42 -51.59
CA PRO I 24 -18.59 0.23 -50.71
C PRO I 24 -18.30 -1.24 -50.44
N GLY I 25 -17.04 -1.63 -50.66
CA GLY I 25 -16.61 -2.98 -50.40
C GLY I 25 -15.85 -3.10 -49.09
N SER I 26 -14.89 -2.22 -48.87
CA SER I 26 -14.09 -2.23 -47.66
C SER I 26 -13.19 -1.00 -47.63
N GLY I 27 -12.83 -0.58 -46.43
CA GLY I 27 -11.96 0.58 -46.29
C GLY I 27 -12.57 1.87 -46.78
N THR I 28 -13.89 2.02 -46.66
CA THR I 28 -14.57 3.22 -47.11
C THR I 28 -15.69 3.55 -46.14
N TYR I 29 -16.43 4.60 -46.45
CA TYR I 29 -17.64 4.94 -45.71
C TYR I 29 -18.51 5.81 -46.61
N THR I 30 -19.69 6.13 -46.11
CA THR I 30 -20.69 6.81 -46.92
C THR I 30 -21.18 8.08 -46.23
N ARG I 31 -21.36 9.12 -47.03
CA ARG I 31 -22.04 10.32 -46.59
C ARG I 31 -23.08 10.66 -47.65
N HIS I 32 -23.74 11.81 -47.53
CA HIS I 32 -24.88 12.09 -48.37
C HIS I 32 -24.55 11.88 -49.85
N GLY I 33 -25.15 10.86 -50.44
CA GLY I 33 -25.02 10.62 -51.87
C GLY I 33 -23.59 10.44 -52.36
N TYR I 34 -22.66 10.11 -51.46
CA TYR I 34 -21.29 9.91 -51.89
C TYR I 34 -20.58 8.90 -51.01
N ILE I 35 -19.51 8.33 -51.55
CA ILE I 35 -18.61 7.48 -50.81
C ILE I 35 -17.32 8.25 -50.58
N PHE I 36 -16.65 7.91 -49.49
CA PHE I 36 -15.45 8.60 -49.05
C PHE I 36 -14.47 7.56 -48.55
N SER I 37 -13.23 7.64 -49.02
CA SER I 37 -12.21 6.70 -48.60
C SER I 37 -11.94 6.79 -47.11
N SER I 38 -11.14 5.86 -46.62
CA SER I 38 -10.80 5.80 -45.20
C SER I 38 -9.36 5.36 -44.96
N LEU I 39 -8.54 5.21 -46.00
CA LEU I 39 -7.18 4.75 -45.81
C LEU I 39 -6.28 5.37 -46.86
N ALA I 40 -4.98 5.36 -46.56
CA ALA I 40 -3.95 5.71 -47.54
C ALA I 40 -3.57 4.43 -48.27
N GLY I 41 -4.00 4.31 -49.52
CA GLY I 41 -3.73 3.09 -50.25
C GLY I 41 -4.27 3.17 -51.65
N CYS I 42 -4.30 2.01 -52.29
CA CYS I 42 -4.73 1.88 -53.68
C CYS I 42 -6.18 1.43 -53.72
N LEU I 43 -6.96 2.05 -54.58
CA LEU I 43 -8.37 1.71 -54.72
C LEU I 43 -8.55 0.79 -55.93
N MET I 44 -9.66 0.07 -55.92
CA MET I 44 -9.99 -0.85 -57.00
C MET I 44 -11.49 -1.05 -57.03
N LYS I 45 -12.07 -0.93 -58.20
CA LYS I 45 -13.51 -1.11 -58.41
C LYS I 45 -13.69 -2.39 -59.22
N SER I 46 -14.02 -3.47 -58.52
CA SER I 46 -14.32 -4.71 -59.21
C SER I 46 -15.71 -4.62 -59.84
N SER I 47 -15.94 -5.46 -60.84
CA SER I 47 -17.19 -5.45 -61.58
C SER I 47 -17.77 -6.85 -61.62
N GLU I 48 -19.02 -6.99 -61.18
CA GLU I 48 -19.75 -8.23 -61.30
C GLU I 48 -20.43 -8.29 -62.66
N ASN I 49 -20.97 -9.46 -62.99
CA ASN I 49 -21.80 -9.59 -64.18
C ASN I 49 -23.02 -8.66 -64.13
N GLY I 50 -23.32 -8.08 -62.97
CA GLY I 50 -24.43 -7.16 -62.80
C GLY I 50 -24.16 -5.73 -63.24
N ALA I 51 -22.91 -5.39 -63.55
CA ALA I 51 -22.49 -4.10 -64.08
C ALA I 51 -22.41 -3.02 -63.00
N LEU I 52 -22.80 -3.31 -61.77
CA LEU I 52 -22.67 -2.34 -60.68
C LEU I 52 -21.35 -2.54 -59.96
N PRO I 53 -20.43 -1.58 -59.98
CA PRO I 53 -19.09 -1.83 -59.44
C PRO I 53 -19.06 -1.79 -57.92
N VAL I 54 -18.10 -2.54 -57.38
CA VAL I 54 -17.83 -2.56 -55.95
C VAL I 54 -16.46 -1.93 -55.77
N VAL I 55 -16.43 -0.76 -55.17
CA VAL I 55 -15.18 -0.06 -54.91
C VAL I 55 -14.64 -0.50 -53.56
N SER I 56 -13.32 -0.53 -53.46
CA SER I 56 -12.65 -0.89 -52.23
C SER I 56 -11.29 -0.23 -52.22
N VAL I 57 -10.69 -0.18 -51.04
CA VAL I 57 -9.39 0.44 -50.84
C VAL I 57 -8.53 -0.51 -50.03
N VAL I 58 -7.25 -0.61 -50.39
CA VAL I 58 -6.37 -1.61 -49.83
C VAL I 58 -5.01 -1.01 -49.59
N ARG I 59 -4.39 -1.42 -48.51
CA ARG I 59 -3.00 -1.10 -48.19
C ARG I 59 -2.23 -2.40 -48.40
N GLU I 60 -1.81 -2.63 -49.65
CA GLU I 60 -1.28 -3.92 -50.09
C GLU I 60 -0.02 -4.35 -49.34
N THR I 61 0.47 -3.54 -48.41
CA THR I 61 1.60 -3.94 -47.58
C THR I 61 1.33 -5.33 -47.01
N GLU I 62 0.23 -5.45 -46.25
CA GLU I 62 -0.31 -6.73 -45.80
C GLU I 62 -1.74 -6.75 -46.31
N SER I 63 -1.91 -7.20 -47.56
CA SER I 63 -3.17 -7.00 -48.26
C SER I 63 -4.30 -7.68 -47.50
N GLN I 64 -4.28 -9.01 -47.43
CA GLN I 64 -5.29 -9.74 -46.68
C GLN I 64 -4.99 -11.23 -46.70
N LEU I 65 -5.21 -11.92 -45.58
CA LEU I 65 -5.14 -13.37 -45.53
C LEU I 65 -6.28 -13.89 -44.69
N LEU I 66 -6.64 -15.15 -44.92
CA LEU I 66 -7.74 -15.79 -44.21
C LEU I 66 -7.53 -17.29 -44.17
N PRO I 67 -7.17 -17.87 -43.01
CA PRO I 67 -7.09 -19.33 -42.92
C PRO I 67 -8.48 -19.92 -42.75
N ASP I 68 -8.97 -20.54 -43.82
CA ASP I 68 -10.33 -21.08 -43.82
C ASP I 68 -10.34 -22.50 -43.25
N VAL I 69 -11.56 -23.06 -43.14
CA VAL I 69 -11.75 -24.33 -42.47
C VAL I 69 -10.84 -25.41 -43.07
N GLY I 70 -11.05 -25.72 -44.35
CA GLY I 70 -10.29 -26.78 -44.98
C GLY I 70 -8.88 -26.38 -45.33
N ALA I 71 -8.16 -25.83 -44.36
CA ALA I 71 -6.81 -25.33 -44.56
C ALA I 71 -5.79 -26.31 -44.00
N ILE I 72 -4.52 -26.01 -44.25
CA ILE I 72 -3.42 -26.77 -43.69
C ILE I 72 -2.41 -25.71 -43.25
N VAL I 73 -2.35 -25.45 -41.96
CA VAL I 73 -1.63 -24.31 -41.41
C VAL I 73 -0.63 -24.82 -40.38
N THR I 74 0.59 -24.32 -40.45
CA THR I 74 1.59 -24.67 -39.45
C THR I 74 1.45 -23.80 -38.22
N CYS I 75 2.14 -24.19 -37.15
CA CYS I 75 2.08 -23.47 -35.89
C CYS I 75 3.12 -24.06 -34.94
N LYS I 76 3.33 -23.35 -33.84
CA LYS I 76 4.36 -23.69 -32.86
C LYS I 76 3.69 -23.88 -31.50
N VAL I 77 4.05 -24.95 -30.81
CA VAL I 77 3.40 -25.31 -29.56
C VAL I 77 4.11 -24.55 -28.43
N SER I 78 3.41 -23.57 -27.87
CA SER I 78 3.93 -22.74 -26.79
C SER I 78 3.54 -23.29 -25.42
N SER I 79 2.24 -23.32 -25.14
CA SER I 79 1.73 -23.76 -23.84
C SER I 79 0.88 -25.01 -24.02
N ILE I 80 0.81 -25.81 -22.96
CA ILE I 80 0.05 -27.05 -22.98
C ILE I 80 -0.62 -27.25 -21.63
N ASN I 81 -1.55 -28.20 -21.61
CA ASN I 81 -2.28 -28.56 -20.41
C ASN I 81 -2.87 -29.95 -20.65
N SER I 82 -3.32 -30.57 -19.55
CA SER I 82 -4.03 -31.84 -19.68
C SER I 82 -5.28 -31.69 -20.54
N ARG I 83 -5.77 -30.46 -20.75
CA ARG I 83 -6.97 -30.23 -21.54
C ARG I 83 -6.64 -29.90 -23.00
N PHE I 84 -5.88 -28.84 -23.22
CA PHE I 84 -5.60 -28.37 -24.58
C PHE I 84 -4.19 -27.80 -24.66
N ALA I 85 -3.74 -27.56 -25.89
CA ALA I 85 -2.43 -26.99 -26.15
C ALA I 85 -2.58 -25.81 -27.09
N LYS I 86 -2.04 -24.66 -26.68
CA LYS I 86 -2.16 -23.43 -27.46
C LYS I 86 -0.95 -23.24 -28.35
N VAL I 87 -1.15 -22.54 -29.46
CA VAL I 87 -0.17 -22.44 -30.53
C VAL I 87 -0.27 -21.06 -31.17
N HIS I 88 0.73 -20.74 -31.98
CA HIS I 88 0.79 -19.50 -32.74
C HIS I 88 0.89 -19.82 -34.21
N ILE I 89 0.14 -19.08 -35.02
CA ILE I 89 0.07 -19.32 -36.45
C ILE I 89 1.22 -18.61 -37.14
N LEU I 90 1.98 -19.35 -37.94
CA LEU I 90 3.12 -18.83 -38.68
C LEU I 90 2.91 -18.86 -40.19
N TYR I 91 2.66 -20.04 -40.75
CA TYR I 91 2.48 -20.23 -42.17
C TYR I 91 1.06 -20.72 -42.44
N VAL I 92 0.28 -19.89 -43.13
CA VAL I 92 -1.04 -20.28 -43.61
C VAL I 92 -0.82 -20.84 -45.02
N GLY I 93 -0.68 -22.16 -45.10
CA GLY I 93 -0.30 -22.78 -46.35
C GLY I 93 1.21 -22.79 -46.50
N SER I 94 1.71 -21.84 -47.29
CA SER I 94 3.14 -21.60 -47.44
C SER I 94 3.50 -20.13 -47.37
N MET I 95 2.51 -19.24 -47.39
CA MET I 95 2.75 -17.80 -47.30
C MET I 95 2.76 -17.39 -45.83
N PRO I 96 3.91 -17.06 -45.25
CA PRO I 96 3.91 -16.62 -43.85
C PRO I 96 3.03 -15.42 -43.64
N LEU I 97 2.83 -15.07 -42.37
CA LEU I 97 1.99 -13.94 -42.00
C LEU I 97 2.52 -13.35 -40.70
N LYS I 98 3.14 -12.18 -40.79
CA LYS I 98 3.72 -11.53 -39.62
C LYS I 98 2.68 -11.31 -38.54
N ASN I 99 1.40 -11.25 -38.91
CA ASN I 99 0.29 -11.16 -37.97
C ASN I 99 0.04 -12.57 -37.43
N SER I 100 0.88 -12.99 -36.48
CA SER I 100 0.80 -14.34 -35.95
C SER I 100 -0.49 -14.52 -35.17
N PHE I 101 -1.42 -15.29 -35.74
CA PHE I 101 -2.66 -15.62 -35.05
C PHE I 101 -2.41 -16.73 -34.04
N ARG I 102 -3.34 -16.85 -33.09
CA ARG I 102 -3.20 -17.74 -31.95
C ARG I 102 -4.30 -18.79 -31.99
N GLY I 103 -3.90 -20.07 -32.02
CA GLY I 103 -4.83 -21.17 -32.14
C GLY I 103 -4.75 -22.12 -30.96
N THR I 104 -5.62 -23.12 -30.99
CA THR I 104 -5.69 -24.10 -29.92
C THR I 104 -5.93 -25.49 -30.52
N ILE I 105 -5.43 -26.51 -29.81
CA ILE I 105 -5.65 -27.90 -30.17
C ILE I 105 -6.23 -28.59 -28.94
N ARG I 106 -7.40 -29.21 -29.11
CA ARG I 106 -8.09 -29.87 -28.02
C ARG I 106 -7.50 -31.24 -27.74
N LYS I 107 -8.05 -31.91 -26.73
CA LYS I 107 -7.58 -33.23 -26.32
C LYS I 107 -8.03 -34.28 -27.32
N GLU I 108 -9.35 -34.43 -27.48
CA GLU I 108 -9.88 -35.45 -28.38
C GLU I 108 -9.59 -35.15 -29.84
N ASP I 109 -9.52 -33.86 -30.20
CA ASP I 109 -9.29 -33.47 -31.59
C ASP I 109 -7.79 -33.55 -31.90
N VAL I 110 -7.22 -34.73 -31.68
CA VAL I 110 -5.78 -34.91 -31.85
C VAL I 110 -5.47 -36.06 -32.79
N ARG I 111 -6.39 -37.02 -32.89
CA ARG I 111 -6.17 -38.17 -33.76
C ARG I 111 -7.49 -38.60 -34.40
N ALA I 112 -7.38 -39.15 -35.60
CA ALA I 112 -8.57 -39.60 -36.32
C ALA I 112 -9.30 -40.68 -35.55
N THR I 113 -8.58 -41.46 -34.74
CA THR I 113 -9.21 -42.52 -33.97
C THR I 113 -10.07 -41.98 -32.84
N GLU I 114 -9.84 -40.74 -32.40
CA GLU I 114 -10.66 -40.05 -31.42
C GLU I 114 -10.62 -40.70 -30.05
N LYS I 115 -9.71 -41.63 -29.82
CA LYS I 115 -9.64 -42.30 -28.53
C LYS I 115 -9.39 -41.29 -27.41
N ASP I 116 -10.03 -41.53 -26.27
CA ASP I 116 -9.75 -40.72 -25.08
C ASP I 116 -8.41 -41.10 -24.47
N LYS I 117 -7.88 -42.27 -24.82
CA LYS I 117 -6.58 -42.73 -24.33
C LYS I 117 -5.44 -41.80 -24.73
N VAL I 118 -5.67 -40.88 -25.67
CA VAL I 118 -4.63 -39.96 -26.08
C VAL I 118 -4.12 -39.17 -24.87
N GLU I 119 -2.89 -38.67 -24.99
CA GLU I 119 -2.24 -37.98 -23.88
C GLU I 119 -1.35 -36.89 -24.46
N ILE I 120 -1.61 -35.65 -24.07
CA ILE I 120 -0.91 -34.50 -24.66
C ILE I 120 0.60 -34.66 -24.50
N TYR I 121 1.06 -34.81 -23.25
CA TYR I 121 2.48 -34.84 -22.98
C TYR I 121 3.21 -35.92 -23.76
N LYS I 122 2.49 -36.90 -24.29
CA LYS I 122 3.08 -37.91 -25.15
C LYS I 122 2.78 -37.66 -26.62
N SER I 123 1.99 -36.64 -26.93
CA SER I 123 1.78 -36.17 -28.29
C SER I 123 2.54 -34.90 -28.59
N PHE I 124 2.43 -33.89 -27.73
CA PHE I 124 3.04 -32.59 -27.96
C PHE I 124 4.01 -32.24 -26.85
N ARG I 125 4.82 -31.22 -27.12
CA ARG I 125 5.71 -30.59 -26.15
C ARG I 125 5.85 -29.13 -26.53
N PRO I 126 6.17 -28.26 -25.57
CA PRO I 126 6.29 -26.83 -25.88
C PRO I 126 7.58 -26.57 -26.63
N GLY I 127 7.46 -25.95 -27.80
CA GLY I 127 8.64 -25.60 -28.57
C GLY I 127 8.88 -26.48 -29.77
N ASP I 128 7.82 -27.02 -30.35
CA ASP I 128 7.91 -27.82 -31.57
C ASP I 128 6.86 -27.35 -32.56
N ILE I 129 7.15 -27.60 -33.83
CA ILE I 129 6.31 -27.13 -34.93
C ILE I 129 5.41 -28.27 -35.39
N VAL I 130 4.13 -27.96 -35.59
CA VAL I 130 3.18 -28.90 -36.15
C VAL I 130 2.45 -28.19 -37.29
N LEU I 131 1.60 -28.96 -37.97
CA LEU I 131 0.67 -28.41 -38.94
C LEU I 131 -0.65 -29.13 -38.79
N ALA I 132 -1.75 -28.39 -38.91
CA ALA I 132 -3.06 -28.91 -38.59
C ALA I 132 -4.11 -28.22 -39.45
N LYS I 133 -5.36 -28.62 -39.24
CA LYS I 133 -6.49 -28.10 -40.01
C LYS I 133 -7.40 -27.35 -39.07
N VAL I 134 -7.64 -26.07 -39.37
CA VAL I 134 -8.50 -25.25 -38.55
C VAL I 134 -9.95 -25.66 -38.77
N ILE I 135 -10.79 -25.45 -37.76
CA ILE I 135 -12.21 -25.69 -37.91
C ILE I 135 -12.98 -24.42 -37.55
N SER I 136 -12.83 -23.96 -36.32
CA SER I 136 -13.59 -22.82 -35.84
C SER I 136 -12.70 -21.58 -35.84
N LEU I 137 -13.20 -20.51 -36.43
CA LEU I 137 -12.48 -19.24 -36.44
C LEU I 137 -12.40 -18.64 -35.05
N GLY I 138 -13.48 -18.72 -34.29
CA GLY I 138 -13.62 -18.05 -33.01
C GLY I 138 -14.46 -16.79 -33.14
N ASP I 139 -14.95 -16.32 -31.99
CA ASP I 139 -15.89 -15.20 -31.98
C ASP I 139 -15.31 -13.98 -31.27
N ALA I 140 -14.91 -14.11 -30.01
CA ALA I 140 -14.47 -12.96 -29.21
C ALA I 140 -12.99 -12.67 -29.44
N GLN I 141 -12.14 -13.67 -29.22
CA GLN I 141 -10.70 -13.54 -29.34
C GLN I 141 -10.17 -14.17 -30.62
N SER I 142 -11.07 -14.56 -31.53
CA SER I 142 -10.66 -15.22 -32.78
C SER I 142 -9.73 -16.40 -32.48
N ASN I 143 -10.10 -17.17 -31.46
CA ASN I 143 -9.33 -18.35 -31.08
C ASN I 143 -9.53 -19.42 -32.15
N TYR I 144 -8.53 -19.59 -33.02
CA TYR I 144 -8.53 -20.71 -33.94
C TYR I 144 -8.45 -22.02 -33.17
N LEU I 145 -9.30 -22.97 -33.54
CA LEU I 145 -9.21 -24.33 -33.01
C LEU I 145 -8.74 -25.26 -34.12
N LEU I 146 -7.57 -25.83 -33.92
CA LEU I 146 -6.93 -26.67 -34.91
C LEU I 146 -7.11 -28.14 -34.54
N THR I 147 -7.04 -29.00 -35.54
CA THR I 147 -7.22 -30.43 -35.33
C THR I 147 -6.18 -31.19 -36.14
N THR I 148 -5.83 -32.38 -35.66
CA THR I 148 -4.82 -33.25 -36.25
C THR I 148 -5.37 -34.66 -36.38
N ALA I 149 -6.66 -34.77 -36.72
CA ALA I 149 -7.33 -36.06 -36.86
C ALA I 149 -6.95 -36.68 -38.20
N GLU I 150 -5.68 -37.01 -38.33
CA GLU I 150 -5.15 -37.58 -39.56
C GLU I 150 -3.72 -38.03 -39.30
N ASN I 151 -3.29 -39.04 -40.06
CA ASN I 151 -1.99 -39.67 -39.82
C ASN I 151 -0.85 -38.95 -40.51
N GLU I 152 -1.14 -38.04 -41.44
CA GLU I 152 -0.11 -37.21 -42.07
C GLU I 152 -0.11 -35.80 -41.47
N LEU I 153 -0.48 -35.69 -40.20
CA LEU I 153 -0.60 -34.42 -39.49
C LEU I 153 0.21 -34.46 -38.20
N GLY I 154 0.38 -33.29 -37.60
CA GLY I 154 0.98 -33.19 -36.28
C GLY I 154 2.40 -32.66 -36.30
N VAL I 155 3.26 -33.26 -35.48
CA VAL I 155 4.62 -32.79 -35.34
C VAL I 155 5.47 -33.24 -36.53
N VAL I 156 6.36 -32.36 -36.97
CA VAL I 156 7.28 -32.63 -38.05
C VAL I 156 8.73 -32.46 -37.59
N VAL I 157 9.03 -31.37 -36.92
CA VAL I 157 10.33 -31.12 -36.31
C VAL I 157 10.15 -30.96 -34.81
N ALA I 158 11.09 -31.52 -34.06
CA ALA I 158 11.00 -31.52 -32.60
C ALA I 158 12.40 -31.63 -32.05
N HIS I 159 12.78 -30.71 -31.17
CA HIS I 159 14.11 -30.71 -30.60
C HIS I 159 14.15 -31.61 -29.37
N SER I 160 15.35 -32.11 -29.08
CA SER I 160 15.52 -33.21 -28.14
C SER I 160 15.45 -32.69 -26.71
N GLU I 161 15.88 -33.53 -25.77
CA GLU I 161 15.93 -33.14 -24.37
C GLU I 161 16.47 -31.73 -24.20
N SER I 162 17.62 -31.44 -24.83
CA SER I 162 18.26 -30.15 -24.68
C SER I 162 18.35 -29.37 -25.99
N GLY I 163 19.03 -29.90 -27.01
CA GLY I 163 19.30 -29.10 -28.19
C GLY I 163 19.34 -29.82 -29.53
N ILE I 164 18.95 -31.08 -29.58
CA ILE I 164 19.08 -31.88 -30.79
C ILE I 164 17.73 -32.05 -31.46
N GLN I 165 17.74 -32.03 -32.79
CA GLN I 165 16.54 -32.24 -33.60
C GLN I 165 16.37 -33.73 -33.85
N MET I 166 15.13 -34.21 -33.70
CA MET I 166 14.85 -35.64 -33.75
C MET I 166 14.22 -36.02 -35.08
N VAL I 167 14.12 -37.33 -35.30
CA VAL I 167 13.59 -37.88 -36.56
C VAL I 167 12.29 -38.65 -36.30
N PRO I 168 11.30 -38.51 -37.16
CA PRO I 168 10.03 -39.22 -36.94
C PRO I 168 10.10 -40.69 -37.30
N ILE I 169 10.55 -41.52 -36.37
CA ILE I 169 10.64 -42.96 -36.63
C ILE I 169 9.27 -43.54 -36.94
N SER I 170 8.36 -43.49 -35.97
CA SER I 170 7.05 -44.13 -36.13
C SER I 170 5.91 -43.21 -35.77
N TRP I 171 4.71 -43.78 -35.66
CA TRP I 171 3.49 -43.00 -35.50
C TRP I 171 3.50 -42.21 -34.20
N CYS I 172 4.01 -42.80 -33.12
CA CYS I 172 4.12 -42.13 -31.83
C CYS I 172 5.49 -42.36 -31.22
N GLU I 173 6.54 -42.20 -32.00
CA GLU I 173 7.89 -42.32 -31.50
C GLU I 173 8.79 -41.39 -32.28
N MET I 174 9.80 -40.86 -31.59
CA MET I 174 10.82 -40.04 -32.22
C MET I 174 12.13 -40.24 -31.47
N GLN I 175 13.23 -40.05 -32.18
CA GLN I 175 14.54 -40.35 -31.63
C GLN I 175 15.56 -39.36 -32.16
N CYS I 176 16.56 -39.06 -31.35
CA CYS I 176 17.67 -38.20 -31.76
C CYS I 176 18.77 -39.04 -32.41
N PRO I 177 19.41 -38.54 -33.47
CA PRO I 177 20.39 -39.36 -34.19
C PRO I 177 21.73 -39.53 -33.48
N LYS I 178 22.14 -38.55 -32.67
CA LYS I 178 23.45 -38.63 -32.04
C LYS I 178 23.47 -39.73 -30.98
N THR I 179 22.66 -39.56 -29.95
CA THR I 179 22.44 -40.55 -28.92
C THR I 179 21.08 -41.19 -29.13
N HIS I 180 20.70 -42.06 -28.19
CA HIS I 180 19.53 -42.91 -28.35
C HIS I 180 18.57 -42.64 -27.21
N THR I 181 17.36 -42.17 -27.55
CA THR I 181 16.33 -41.92 -26.57
C THR I 181 14.99 -41.73 -27.25
N LYS I 182 13.98 -42.50 -26.84
CA LYS I 182 12.72 -42.60 -27.54
C LYS I 182 11.70 -41.67 -26.89
N GLU I 183 11.52 -40.50 -27.48
CA GLU I 183 10.46 -39.59 -27.05
C GLU I 183 9.16 -39.94 -27.77
N PHE I 184 8.06 -39.41 -27.25
CA PHE I 184 6.72 -39.78 -27.71
C PHE I 184 5.99 -38.53 -28.14
N ARG I 185 5.46 -38.55 -29.37
CA ARG I 185 4.73 -37.42 -29.93
C ARG I 185 3.61 -37.97 -30.81
N LYS I 186 2.86 -37.06 -31.42
CA LYS I 186 1.93 -37.42 -32.48
C LYS I 186 2.60 -37.13 -33.83
N VAL I 187 3.55 -37.99 -34.17
CA VAL I 187 4.33 -37.82 -35.39
C VAL I 187 3.40 -37.71 -36.59
N ALA I 188 3.83 -36.95 -37.59
CA ALA I 188 3.07 -36.74 -38.80
C ALA I 188 3.61 -37.65 -39.91
N ARG I 189 2.69 -38.28 -40.63
CA ARG I 189 3.03 -39.09 -41.79
C ARG I 189 3.74 -40.37 -41.40
N PRO J 631 1.53 27.24 -50.05
CA PRO J 631 2.87 27.30 -49.44
C PRO J 631 3.88 26.50 -50.23
N VAL J 632 5.08 27.05 -50.43
CA VAL J 632 6.12 26.32 -51.12
C VAL J 632 6.76 25.37 -50.13
N GLN J 633 7.59 24.45 -50.62
CA GLN J 633 8.25 23.47 -49.77
C GLN J 633 9.71 23.84 -49.55
N LYS J 634 10.44 22.92 -48.94
CA LYS J 634 11.86 23.08 -48.65
C LYS J 634 12.51 21.70 -48.72
N GLN J 635 13.71 21.59 -48.18
CA GLN J 635 14.44 20.33 -48.11
C GLN J 635 14.77 20.00 -46.66
N ALA J 636 14.93 18.71 -46.40
CA ALA J 636 15.09 18.22 -45.05
C ALA J 636 16.47 18.60 -44.54
N SER J 637 16.53 19.53 -43.60
CA SER J 637 17.79 19.79 -42.93
C SER J 637 18.24 18.62 -42.07
N LEU J 638 17.37 17.64 -41.84
CA LEU J 638 17.68 16.56 -40.91
C LEU J 638 17.45 15.17 -41.48
N PHE J 639 16.40 15.00 -42.29
CA PHE J 639 16.03 13.69 -42.85
C PHE J 639 15.86 13.78 -44.36
N PRO J 640 16.92 14.08 -45.10
CA PRO J 640 16.80 14.19 -46.55
C PRO J 640 16.68 12.83 -47.23
N ASP J 641 16.05 12.85 -48.40
CA ASP J 641 15.85 11.65 -49.20
C ASP J 641 15.99 11.96 -50.70
N MET K 3 -19.65 31.16 26.32
CA MET K 3 -19.63 31.63 24.91
C MET K 3 -18.31 31.27 24.22
N LEU K 4 -18.17 31.73 22.98
CA LEU K 4 -17.06 31.38 22.13
C LEU K 4 -16.65 32.62 21.34
N LYS K 5 -15.36 32.89 21.25
CA LYS K 5 -14.90 34.03 20.47
C LYS K 5 -13.64 33.65 19.71
N SER K 6 -13.64 33.91 18.40
CA SER K 6 -12.52 33.58 17.54
C SER K 6 -11.69 34.85 17.34
N LYS K 7 -10.49 34.86 17.92
CA LYS K 7 -9.60 36.01 17.79
C LYS K 7 -8.48 35.65 16.81
N THR K 8 -8.28 36.50 15.81
CA THR K 8 -7.21 36.29 14.86
C THR K 8 -6.05 37.24 15.13
N PHE K 9 -4.89 36.86 14.61
CA PHE K 9 -3.72 37.74 14.71
C PHE K 9 -2.59 37.17 13.86
N LEU K 10 -1.80 38.06 13.29
CA LEU K 10 -0.71 37.68 12.40
C LEU K 10 0.58 37.49 13.17
N LYS K 11 1.54 36.82 12.51
CA LYS K 11 2.80 36.49 13.15
C LYS K 11 3.89 36.37 12.10
N LYS K 12 5.11 36.72 12.50
CA LYS K 12 6.29 36.51 11.67
C LYS K 12 6.96 35.20 12.04
N THR K 13 7.18 34.34 11.05
CA THR K 13 7.74 33.02 11.27
C THR K 13 9.23 33.13 11.59
N ARG K 14 9.83 31.96 11.84
CA ARG K 14 11.28 31.86 11.89
C ARG K 14 11.90 31.86 10.50
N ALA K 15 11.16 31.41 9.50
CA ALA K 15 11.65 31.36 8.13
C ALA K 15 11.32 32.65 7.38
N GLY K 16 11.62 33.78 8.02
CA GLY K 16 11.39 35.09 7.41
C GLY K 16 10.09 35.15 6.65
N GLY K 17 8.99 34.80 7.32
CA GLY K 17 7.69 34.82 6.69
C GLY K 17 6.61 35.21 7.67
N VAL K 18 5.44 35.47 7.09
CA VAL K 18 4.28 35.95 7.82
C VAL K 18 3.12 34.99 7.59
N MET K 19 2.33 34.74 8.63
CA MET K 19 1.08 34.03 8.43
C MET K 19 0.09 34.51 9.48
N LYS K 20 -0.99 33.75 9.62
CA LYS K 20 -2.14 34.17 10.40
C LYS K 20 -2.51 33.04 11.36
N ILE K 21 -3.05 33.41 12.51
CA ILE K 21 -3.57 32.47 13.47
C ILE K 21 -5.00 32.86 13.81
N VAL K 22 -5.82 31.85 14.09
CA VAL K 22 -7.21 32.01 14.46
C VAL K 22 -7.40 31.12 15.69
N ARG K 23 -7.39 31.72 16.87
CA ARG K 23 -7.54 30.99 18.11
C ARG K 23 -8.93 31.17 18.69
N GLU K 24 -9.28 30.30 19.63
CA GLU K 24 -10.55 30.36 20.32
C GLU K 24 -10.34 30.99 21.68
N HIS K 25 -11.43 31.52 22.22
CA HIS K 25 -11.38 32.23 23.50
C HIS K 25 -12.71 31.96 24.18
N TYR K 26 -12.68 31.21 25.27
CA TYR K 26 -13.89 30.80 25.98
C TYR K 26 -14.20 31.75 27.12
N LEU K 27 -15.43 32.27 27.13
CA LEU K 27 -15.86 33.27 28.09
C LEU K 27 -16.66 32.53 29.17
N ARG K 28 -15.95 32.04 30.18
CA ARG K 28 -16.61 31.32 31.27
C ARG K 28 -17.27 32.33 32.21
N ASP K 29 -18.43 31.93 32.75
CA ASP K 29 -19.15 32.75 33.70
C ASP K 29 -19.05 32.23 35.12
N ASP K 30 -18.29 31.17 35.35
CA ASP K 30 -18.11 30.60 36.68
C ASP K 30 -16.80 31.05 37.31
N ILE K 31 -16.35 32.25 37.02
CA ILE K 31 -15.12 32.78 37.59
C ILE K 31 -15.46 33.54 38.86
N GLY K 32 -14.51 33.55 39.80
CA GLY K 32 -14.73 34.09 41.12
C GLY K 32 -14.07 35.45 41.29
N CYS K 33 -14.72 36.29 42.10
CA CYS K 33 -14.18 37.61 42.39
C CYS K 33 -13.02 37.55 43.37
N GLY K 34 -12.99 36.53 44.23
CA GLY K 34 -11.99 36.43 45.27
C GLY K 34 -12.49 36.80 46.65
N ALA K 35 -13.65 37.45 46.73
CA ALA K 35 -14.23 37.85 48.00
C ALA K 35 -15.25 36.83 48.45
N PRO K 36 -15.26 36.43 49.73
CA PRO K 36 -16.27 35.46 50.16
C PRO K 36 -17.68 35.99 50.08
N GLY K 37 -17.90 37.26 50.43
CA GLY K 37 -19.25 37.77 50.55
C GLY K 37 -20.08 37.60 49.30
N CYS K 38 -19.46 37.68 48.13
CA CYS K 38 -20.20 37.69 46.86
C CYS K 38 -20.69 36.28 46.57
N ALA K 39 -21.81 35.93 47.18
CA ALA K 39 -22.55 34.75 46.74
C ALA K 39 -23.14 35.01 45.36
N ALA K 40 -23.43 33.92 44.66
CA ALA K 40 -23.70 33.91 43.21
C ALA K 40 -22.38 33.91 42.44
N CYS K 41 -21.23 33.91 43.13
CA CYS K 41 -19.94 33.68 42.52
C CYS K 41 -19.23 32.48 43.12
N GLY K 42 -19.67 31.99 44.28
CA GLY K 42 -19.10 30.84 44.93
C GLY K 42 -18.60 31.18 46.32
N GLY K 43 -19.13 30.49 47.32
CA GLY K 43 -18.76 30.73 48.70
C GLY K 43 -17.54 29.93 49.09
N ALA K 44 -17.62 28.62 48.95
CA ALA K 44 -16.50 27.72 49.25
C ALA K 44 -15.50 27.80 48.11
N HIS K 45 -14.55 28.71 48.24
CA HIS K 45 -13.56 28.97 47.20
C HIS K 45 -12.25 29.22 47.96
N GLU K 46 -11.46 28.16 48.14
CA GLU K 46 -10.26 28.23 48.95
C GLU K 46 -9.07 28.59 48.08
N GLY K 47 -7.87 28.49 48.65
CA GLY K 47 -6.68 28.93 47.97
C GLY K 47 -6.48 30.41 48.24
N PRO K 48 -5.58 31.06 47.50
CA PRO K 48 -5.42 32.51 47.67
C PRO K 48 -6.73 33.21 47.36
N ALA K 49 -7.20 34.01 48.32
CA ALA K 49 -8.45 34.73 48.19
C ALA K 49 -8.39 35.93 49.13
N LEU K 50 -9.36 36.83 48.99
CA LEU K 50 -9.32 38.07 49.76
C LEU K 50 -9.76 37.79 51.19
N GLU K 51 -9.94 38.86 51.97
CA GLU K 51 -10.34 38.78 53.36
C GLU K 51 -11.62 39.57 53.60
N PRO K 52 -12.45 39.14 54.53
CA PRO K 52 -13.73 39.83 54.76
C PRO K 52 -13.57 41.27 55.22
N GLN K 53 -12.86 41.51 56.33
CA GLN K 53 -12.70 42.87 56.84
C GLN K 53 -11.28 43.38 56.61
N PRO K 54 -11.06 44.23 55.62
CA PRO K 54 -9.77 44.91 55.47
C PRO K 54 -9.73 46.26 56.16
N GLN K 55 -8.54 46.62 56.64
CA GLN K 55 -8.35 47.88 57.36
C GLN K 55 -6.86 48.16 57.43
N ASP K 56 -6.42 49.24 56.79
CA ASP K 56 -5.01 49.61 56.81
C ASP K 56 -4.64 50.31 58.11
N PRO K 63 -12.99 55.42 53.54
CA PRO K 63 -12.67 54.31 52.63
C PRO K 63 -11.84 53.23 53.31
N GLN K 64 -12.16 52.94 54.57
CA GLN K 64 -11.39 51.95 55.33
C GLN K 64 -11.26 50.60 54.64
N PRO K 65 -12.32 49.99 54.10
CA PRO K 65 -12.18 48.61 53.59
C PRO K 65 -11.10 48.50 52.53
N HIS K 66 -11.28 49.20 51.41
CA HIS K 66 -10.20 49.50 50.49
C HIS K 66 -9.52 48.24 49.93
N TYR K 67 -10.27 47.50 49.12
CA TYR K 67 -9.59 46.66 48.15
C TYR K 67 -8.96 47.57 47.09
N LEU K 68 -7.97 47.06 46.38
CA LEU K 68 -7.34 47.87 45.34
C LEU K 68 -6.77 46.97 44.27
N LEU K 69 -6.63 47.54 43.07
CA LEU K 69 -5.99 46.86 41.97
C LEU K 69 -5.11 47.84 41.20
N PRO K 70 -3.87 47.47 40.91
CA PRO K 70 -2.97 48.37 40.17
C PRO K 70 -2.99 48.18 38.66
N ASP K 71 -2.21 49.00 37.98
CA ASP K 71 -1.95 48.87 36.55
C ASP K 71 -0.52 48.40 36.33
N THR K 72 -0.22 48.06 35.07
CA THR K 72 1.09 47.49 34.72
C THR K 72 2.24 48.29 35.32
N ASN K 73 2.31 49.58 34.96
CA ASN K 73 3.46 50.40 35.34
C ASN K 73 3.75 50.30 36.83
N VAL K 74 2.69 50.16 37.63
CA VAL K 74 2.87 50.04 39.07
C VAL K 74 3.61 48.76 39.41
N LEU K 75 3.18 47.64 38.80
CA LEU K 75 3.87 46.38 38.99
C LEU K 75 5.32 46.47 38.53
N LEU K 76 5.57 47.24 37.46
CA LEU K 76 6.90 47.30 36.86
C LEU K 76 7.85 48.20 37.65
N HIS K 77 7.33 49.14 38.43
CA HIS K 77 8.16 50.14 39.05
C HIS K 77 7.93 50.31 40.55
N GLN K 78 6.97 49.59 41.13
CA GLN K 78 6.77 49.67 42.57
C GLN K 78 6.47 48.31 43.17
N ILE K 79 7.03 47.24 42.62
CA ILE K 79 6.74 45.92 43.16
C ILE K 79 7.10 45.87 44.64
N ASP K 80 8.13 46.62 45.03
CA ASP K 80 8.52 46.64 46.44
C ASP K 80 7.47 47.33 47.29
N VAL K 81 6.76 48.31 46.72
CA VAL K 81 5.62 48.92 47.41
C VAL K 81 4.54 47.88 47.67
N LEU K 82 4.58 46.77 46.96
CA LEU K 82 3.60 45.70 47.07
C LEU K 82 4.16 44.47 47.73
N GLU K 83 5.40 44.09 47.38
CA GLU K 83 6.08 43.00 48.06
C GLU K 83 6.09 43.24 49.57
N ASP K 84 6.02 44.49 49.99
CA ASP K 84 6.03 44.83 51.40
C ASP K 84 4.91 44.11 52.14
N PRO K 85 5.10 43.82 53.44
CA PRO K 85 4.05 43.15 54.21
C PRO K 85 3.10 44.12 54.90
N ALA K 86 3.40 45.42 54.89
CA ALA K 86 2.53 46.39 55.54
C ALA K 86 1.14 46.38 54.93
N ILE K 87 1.03 46.03 53.64
CA ILE K 87 -0.26 45.87 53.01
C ILE K 87 -0.78 44.47 53.33
N ARG K 88 -2.04 44.23 53.06
CA ARG K 88 -2.64 42.93 53.34
C ARG K 88 -3.34 42.35 52.13
N ASN K 89 -4.03 43.18 51.34
CA ASN K 89 -4.98 42.71 50.37
C ASN K 89 -4.90 43.57 49.12
N VAL K 90 -5.15 42.93 47.97
CA VAL K 90 -5.07 43.59 46.68
C VAL K 90 -5.61 42.63 45.63
N ILE K 91 -6.16 43.17 44.56
CA ILE K 91 -6.59 42.37 43.44
C ILE K 91 -5.53 42.49 42.36
N VAL K 92 -5.38 41.42 41.59
CA VAL K 92 -4.48 41.41 40.45
C VAL K 92 -5.28 40.92 39.25
N LEU K 93 -4.94 41.44 38.09
CA LEU K 93 -5.68 41.12 36.89
C LEU K 93 -4.91 40.10 36.06
N GLN K 94 -5.40 39.83 34.86
CA GLN K 94 -4.75 38.93 33.93
C GLN K 94 -3.92 39.69 32.90
N THR K 95 -4.45 40.78 32.36
CA THR K 95 -3.71 41.55 31.37
C THR K 95 -2.47 42.17 31.97
N VAL K 96 -2.61 42.76 33.16
CA VAL K 96 -1.47 43.29 33.90
C VAL K 96 -0.39 42.24 34.01
N LEU K 97 -0.77 41.04 34.44
CA LEU K 97 0.19 39.98 34.68
C LEU K 97 0.84 39.53 33.39
N GLN K 98 0.06 39.50 32.30
CA GLN K 98 0.60 39.10 31.01
C GLN K 98 1.62 40.11 30.52
N GLU K 99 1.34 41.40 30.68
CA GLU K 99 2.30 42.43 30.28
C GLU K 99 3.56 42.34 31.11
N VAL K 100 3.42 42.25 32.43
CA VAL K 100 4.58 42.04 33.30
C VAL K 100 5.41 40.86 32.78
N ARG K 101 4.74 39.76 32.45
CA ARG K 101 5.44 38.59 31.93
C ARG K 101 6.20 38.90 30.66
N ASN K 102 5.57 39.67 29.76
CA ASN K 102 6.18 39.96 28.47
C ASN K 102 7.39 40.88 28.59
N ARG K 103 7.34 41.85 29.51
CA ARG K 103 8.42 42.81 29.62
C ARG K 103 9.55 42.26 30.47
N SER K 104 9.28 41.98 31.75
CA SER K 104 10.30 41.58 32.70
C SER K 104 9.97 40.19 33.21
N ALA K 105 10.96 39.31 33.19
CA ALA K 105 10.82 37.96 33.73
C ALA K 105 10.94 37.96 35.24
N PRO K 106 11.91 38.66 35.81
CA PRO K 106 12.03 38.67 37.28
C PRO K 106 10.81 39.22 37.98
N VAL K 107 10.24 40.30 37.47
CA VAL K 107 9.06 40.89 38.12
C VAL K 107 7.89 39.92 38.11
N TYR K 108 7.63 39.31 36.94
CA TYR K 108 6.58 38.30 36.84
C TYR K 108 6.83 37.16 37.81
N LYS K 109 8.09 36.73 37.92
CA LYS K 109 8.45 35.66 38.84
C LYS K 109 8.16 36.05 40.28
N ARG K 110 8.50 37.28 40.65
CA ARG K 110 8.25 37.76 42.01
C ARG K 110 6.76 37.78 42.31
N ILE K 111 5.97 38.30 41.37
CA ILE K 111 4.53 38.40 41.58
C ILE K 111 3.92 37.01 41.74
N ARG K 112 4.40 36.05 40.97
CA ARG K 112 3.93 34.68 41.13
C ARG K 112 4.34 34.10 42.48
N ASP K 113 5.61 34.27 42.85
CA ASP K 113 6.08 33.76 44.14
C ASP K 113 5.31 34.36 45.29
N VAL K 114 4.72 35.53 45.10
CA VAL K 114 3.93 36.16 46.16
C VAL K 114 2.49 35.66 46.13
N THR K 115 1.89 35.62 44.94
CA THR K 115 0.57 35.03 44.79
C THR K 115 0.50 33.63 45.39
N ASN K 116 1.63 32.93 45.45
CA ASN K 116 1.64 31.63 46.12
C ASN K 116 1.51 31.73 47.63
N ASN K 117 1.46 32.93 48.21
CA ASN K 117 1.36 33.11 49.65
C ASN K 117 -0.09 33.41 50.04
N GLN K 118 -0.68 32.50 50.83
CA GLN K 118 -2.06 32.62 51.28
C GLN K 118 -2.31 33.88 52.11
N GLU K 119 -1.27 34.48 52.69
CA GLU K 119 -1.46 35.60 53.59
C GLU K 119 -1.65 36.90 52.81
N LYS K 120 -0.64 37.28 52.04
CA LYS K 120 -0.71 38.49 51.23
C LYS K 120 -1.69 38.23 50.08
N HIS K 121 -2.92 38.69 50.24
CA HIS K 121 -4.02 38.26 49.38
C HIS K 121 -3.83 38.92 48.03
N PHE K 122 -2.98 38.32 47.20
CA PHE K 122 -2.86 38.74 45.81
C PHE K 122 -3.71 37.82 44.94
N TYR K 123 -5.02 37.91 45.16
CA TYR K 123 -5.96 37.13 44.37
C TYR K 123 -5.96 37.61 42.93
N THR K 124 -5.86 36.66 42.02
CA THR K 124 -5.85 36.94 40.60
C THR K 124 -7.27 36.79 40.04
N PHE K 125 -7.57 37.59 39.03
CA PHE K 125 -8.87 37.58 38.39
C PHE K 125 -8.67 37.49 36.88
N THR K 126 -9.20 36.41 36.28
CA THR K 126 -9.07 36.20 34.85
C THR K 126 -10.17 37.00 34.15
N ASN K 127 -9.83 38.22 33.77
CA ASN K 127 -10.81 39.08 33.12
C ASN K 127 -11.05 38.66 31.67
N GLU K 128 -10.00 38.24 30.97
CA GLU K 128 -10.14 37.90 29.56
C GLU K 128 -11.18 36.83 29.34
N HIS K 129 -11.22 35.82 30.22
CA HIS K 129 -12.11 34.69 30.08
C HIS K 129 -13.41 34.87 30.84
N HIS K 130 -13.87 36.09 31.01
CA HIS K 130 -15.10 36.38 31.73
C HIS K 130 -16.07 37.08 30.79
N ARG K 131 -17.36 36.76 30.93
CA ARG K 131 -18.35 37.14 29.94
C ARG K 131 -18.67 38.63 29.96
N GLU K 132 -18.34 39.32 31.05
CA GLU K 132 -18.74 40.70 31.26
C GLU K 132 -17.58 41.67 31.09
N THR K 133 -16.48 41.46 31.80
CA THR K 133 -15.37 42.40 31.73
C THR K 133 -14.65 42.31 30.40
N TYR K 134 -14.72 41.18 29.72
CA TYR K 134 -14.07 41.03 28.42
C TYR K 134 -14.51 42.14 27.48
N VAL K 135 -13.59 42.58 26.65
CA VAL K 135 -13.85 43.61 25.65
C VAL K 135 -13.04 43.28 24.42
N GLU K 136 -13.66 43.37 23.25
CA GLU K 136 -13.00 42.99 22.01
C GLU K 136 -11.96 44.03 21.63
N GLN K 137 -11.33 43.80 20.48
CA GLN K 137 -10.44 44.78 19.89
C GLN K 137 -11.23 45.63 18.90
N GLU K 138 -10.74 46.84 18.67
CA GLU K 138 -11.40 47.79 17.79
C GLU K 138 -10.38 48.41 16.87
N GLN K 139 -10.76 48.58 15.61
CA GLN K 139 -9.87 49.20 14.64
C GLN K 139 -9.47 50.59 15.13
N GLY K 140 -8.18 50.90 15.01
CA GLY K 140 -7.68 52.18 15.45
C GLY K 140 -7.34 52.24 16.92
N GLU K 141 -7.13 51.09 17.57
CA GLU K 141 -6.86 51.05 19.00
C GLU K 141 -5.76 50.02 19.23
N ASN K 142 -4.57 50.49 19.63
CA ASN K 142 -3.44 49.61 19.80
C ASN K 142 -3.70 48.63 20.94
N ALA K 143 -2.82 47.63 21.05
CA ALA K 143 -3.01 46.60 22.08
C ALA K 143 -2.92 47.20 23.48
N ASN K 144 -2.03 48.17 23.68
CA ASN K 144 -1.94 48.83 24.97
C ASN K 144 -3.28 49.46 25.34
N ASP K 145 -3.94 50.11 24.38
CA ASP K 145 -5.24 50.69 24.63
C ASP K 145 -6.27 49.60 24.93
N ARG K 146 -6.18 48.48 24.21
CA ARG K 146 -7.04 47.34 24.50
C ARG K 146 -6.95 46.96 25.96
N ASN K 147 -5.72 46.73 26.45
CA ASN K 147 -5.53 46.31 27.83
C ASN K 147 -5.99 47.38 28.81
N ASN K 148 -5.74 48.65 28.50
CA ASN K 148 -6.14 49.73 29.39
C ASN K 148 -7.65 49.78 29.53
N ARG K 149 -8.36 49.73 28.40
CA ARG K 149 -9.81 49.74 28.41
C ARG K 149 -10.36 48.51 29.12
N ALA K 150 -9.68 47.37 28.97
CA ALA K 150 -10.12 46.17 29.66
C ALA K 150 -10.02 46.34 31.16
N ILE K 151 -8.91 46.93 31.62
CA ILE K 151 -8.73 47.16 33.05
C ILE K 151 -9.79 48.12 33.57
N ARG K 152 -10.13 49.15 32.79
CA ARG K 152 -11.17 50.08 33.22
C ARG K 152 -12.52 49.39 33.33
N VAL K 153 -12.85 48.56 32.35
CA VAL K 153 -14.11 47.82 32.41
C VAL K 153 -14.13 46.91 33.63
N ALA K 154 -12.99 46.26 33.91
CA ALA K 154 -12.93 45.40 35.09
C ALA K 154 -13.18 46.20 36.36
N ALA K 155 -12.59 47.39 36.47
CA ALA K 155 -12.79 48.21 37.66
C ALA K 155 -14.25 48.59 37.83
N LYS K 156 -14.89 49.04 36.76
CA LYS K 156 -16.29 49.44 36.84
C LYS K 156 -17.16 48.24 37.22
N TRP K 157 -16.86 47.07 36.64
CA TRP K 157 -17.64 45.88 36.97
C TRP K 157 -17.47 45.53 38.44
N TYR K 158 -16.25 45.68 38.94
CA TYR K 158 -15.97 45.37 40.33
C TYR K 158 -16.78 46.27 41.24
N ASN K 159 -16.89 47.55 40.88
CA ASN K 159 -17.64 48.49 41.69
C ASN K 159 -19.11 48.11 41.72
N GLU K 160 -19.67 47.74 40.56
CA GLU K 160 -21.08 47.36 40.54
C GLU K 160 -21.32 46.08 41.33
N HIS K 161 -20.53 45.05 41.05
CA HIS K 161 -20.68 43.77 41.72
C HIS K 161 -20.64 43.94 43.24
N LEU K 162 -19.52 44.45 43.76
CA LEU K 162 -19.40 44.68 45.19
C LEU K 162 -20.43 45.66 45.71
N LYS K 163 -21.07 46.42 44.82
CA LYS K 163 -22.11 47.35 45.26
C LYS K 163 -23.38 46.58 45.59
N LYS K 164 -23.83 45.72 44.68
CA LYS K 164 -25.07 45.00 44.94
C LYS K 164 -24.90 43.91 45.98
N MET K 165 -23.67 43.49 46.26
CA MET K 165 -23.44 42.36 47.17
C MET K 165 -24.06 42.60 48.54
N SER K 166 -23.69 43.70 49.19
CA SER K 166 -24.14 43.99 50.54
C SER K 166 -24.44 45.48 50.65
N ALA K 167 -24.59 45.96 51.88
CA ALA K 167 -24.94 47.35 52.13
C ALA K 167 -23.87 48.32 51.68
N ASP K 168 -22.71 47.83 51.25
CA ASP K 168 -21.55 48.61 50.80
C ASP K 168 -20.86 49.32 51.95
N ASN K 169 -21.34 49.14 53.17
CA ASN K 169 -20.66 49.64 54.37
C ASN K 169 -19.49 48.76 54.78
N GLN K 170 -19.13 47.78 53.94
CA GLN K 170 -18.17 46.75 54.32
C GLN K 170 -16.96 46.67 53.39
N LEU K 171 -17.12 46.94 52.09
CA LEU K 171 -16.04 46.74 51.14
C LEU K 171 -16.19 47.73 49.99
N GLN K 172 -15.06 48.23 49.50
CA GLN K 172 -15.03 49.11 48.34
C GLN K 172 -13.69 48.94 47.64
N VAL K 173 -13.72 48.93 46.31
CA VAL K 173 -12.53 48.65 45.52
C VAL K 173 -11.92 49.97 45.04
N ILE K 174 -10.66 49.89 44.62
CA ILE K 174 -9.88 51.04 44.18
C ILE K 174 -9.08 50.69 42.93
N PHE K 175 -8.88 51.70 42.09
CA PHE K 175 -8.03 51.61 40.92
C PHE K 175 -6.79 52.47 41.14
N ILE K 176 -5.63 51.94 40.76
CA ILE K 176 -4.35 52.59 41.03
C ILE K 176 -3.57 52.73 39.73
N THR K 177 -3.02 53.92 39.51
CA THR K 177 -2.22 54.24 38.33
C THR K 177 -0.83 54.67 38.76
N ASN K 178 0.01 54.98 37.77
CA ASN K 178 1.29 55.64 37.99
C ASN K 178 1.34 57.05 37.44
N ASP K 179 0.81 57.26 36.24
CA ASP K 179 0.69 58.59 35.65
C ASP K 179 -0.73 59.10 35.81
N ARG K 180 -0.87 60.41 35.94
CA ARG K 180 -2.17 60.99 36.26
C ARG K 180 -3.08 61.03 35.04
N ARG K 181 -2.54 60.88 33.83
CA ARG K 181 -3.39 60.79 32.65
C ARG K 181 -4.40 59.65 32.78
N ASN K 182 -3.89 58.45 33.07
CA ASN K 182 -4.75 57.27 33.18
C ASN K 182 -5.76 57.45 34.31
N LYS K 183 -5.30 57.98 35.44
CA LYS K 183 -6.17 58.21 36.59
C LYS K 183 -7.30 59.15 36.20
N GLU K 184 -6.94 60.28 35.59
CA GLU K 184 -7.94 61.28 35.22
C GLU K 184 -8.95 60.70 34.23
N LYS K 185 -8.48 59.94 33.24
CA LYS K 185 -9.40 59.26 32.34
C LYS K 185 -10.34 58.35 33.10
N ALA K 186 -9.81 57.60 34.07
CA ALA K 186 -10.66 56.74 34.88
C ALA K 186 -11.76 57.55 35.55
N ILE K 187 -11.38 58.65 36.21
CA ILE K 187 -12.39 59.51 36.83
C ILE K 187 -13.44 59.92 35.81
N GLU K 188 -13.01 60.41 34.65
CA GLU K 188 -13.99 60.76 33.62
C GLU K 188 -14.81 59.56 33.17
N GLU K 189 -14.38 58.34 33.50
CA GLU K 189 -15.18 57.15 33.25
C GLU K 189 -16.07 56.78 34.43
N GLY K 190 -16.03 57.54 35.52
CA GLY K 190 -17.00 57.35 36.58
C GLY K 190 -16.63 56.32 37.63
N ILE K 191 -15.43 56.39 38.16
CA ILE K 191 -14.98 55.47 39.19
C ILE K 191 -13.93 56.15 40.08
N PRO K 192 -13.63 55.60 41.25
CA PRO K 192 -12.50 56.12 42.01
C PRO K 192 -11.19 55.74 41.33
N ALA K 193 -10.15 56.51 41.64
CA ALA K 193 -8.85 56.22 41.07
C ALA K 193 -7.81 57.08 41.77
N PHE K 194 -6.68 56.47 42.09
CA PHE K 194 -5.59 57.17 42.75
C PHE K 194 -4.30 56.88 41.99
N THR K 195 -3.26 57.58 42.39
CA THR K 195 -1.89 57.26 42.00
C THR K 195 -1.18 56.71 43.22
N CYS K 196 -0.14 55.93 42.97
CA CYS K 196 0.54 55.23 44.06
C CYS K 196 1.05 56.22 45.10
N GLU K 197 1.45 57.41 44.68
CA GLU K 197 2.01 58.39 45.61
C GLU K 197 0.96 58.88 46.60
N GLU K 198 -0.20 59.32 46.08
CA GLU K 198 -1.28 59.78 46.94
C GLU K 198 -1.62 58.72 47.98
N TYR K 199 -1.84 57.49 47.54
CA TYR K 199 -2.23 56.43 48.46
C TYR K 199 -1.13 56.18 49.49
N VAL K 200 0.09 55.92 49.03
CA VAL K 200 1.16 55.59 49.96
C VAL K 200 1.44 56.74 50.91
N LYS K 201 0.97 57.94 50.59
CA LYS K 201 1.02 59.06 51.53
C LYS K 201 -0.14 59.11 52.50
N SER K 202 -1.34 58.71 52.08
CA SER K 202 -2.52 58.96 52.91
C SER K 202 -2.55 58.12 54.18
N LEU K 203 -1.88 56.98 54.21
CA LEU K 203 -1.99 56.05 55.32
C LEU K 203 -1.22 56.46 56.56
N THR K 204 -0.29 57.40 56.44
CA THR K 204 0.50 57.87 57.58
C THR K 204 0.99 56.73 58.45
N ALA K 205 1.27 55.58 57.84
CA ALA K 205 1.88 54.46 58.55
C ALA K 205 3.37 54.74 58.65
N ASN K 206 4.16 53.75 59.03
CA ASN K 206 5.59 53.96 59.10
C ASN K 206 6.11 54.46 57.75
N PRO K 207 7.21 55.22 57.76
CA PRO K 207 7.75 55.77 56.50
C PRO K 207 8.43 54.73 55.64
N GLU K 208 8.49 53.47 56.12
CA GLU K 208 9.13 52.40 55.37
C GLU K 208 8.59 52.31 53.95
N LEU K 209 7.32 52.65 53.76
CA LEU K 209 6.69 52.51 52.46
C LEU K 209 7.38 53.41 51.44
N ILE K 210 7.50 54.70 51.75
CA ILE K 210 8.21 55.61 50.86
C ILE K 210 9.70 55.32 50.89
N ASP K 211 10.21 54.76 51.99
CA ASP K 211 11.63 54.43 52.07
C ASP K 211 12.01 53.41 51.02
N ARG K 212 11.18 52.38 50.84
CA ARG K 212 11.45 51.35 49.84
C ARG K 212 11.32 51.86 48.41
N LEU K 213 10.95 53.12 48.25
CA LEU K 213 11.05 53.82 46.98
C LEU K 213 11.83 55.12 47.06
N ALA K 214 11.98 55.71 48.24
CA ALA K 214 12.70 56.98 48.39
C ALA K 214 12.80 57.36 49.86
N ILE K 228 21.64 48.95 22.90
CA ILE K 228 21.99 50.05 22.03
C ILE K 228 21.81 49.67 20.57
N ILE K 229 21.54 50.66 19.73
CA ILE K 229 21.50 50.48 18.29
C ILE K 229 22.89 50.77 17.77
N PHE K 230 23.53 49.76 17.18
CA PHE K 230 24.89 49.89 16.70
C PHE K 230 24.93 50.42 15.27
N SER K 231 26.08 50.99 14.93
CA SER K 231 26.29 51.57 13.61
C SER K 231 26.34 50.47 12.56
N GLU K 232 26.32 50.89 11.30
CA GLU K 232 26.40 49.97 10.19
C GLU K 232 27.80 49.37 10.10
N HIS K 233 28.01 48.55 9.07
CA HIS K 233 29.29 47.93 8.80
C HIS K 233 29.50 47.87 7.29
N LEU K 234 30.55 48.50 6.83
CA LEU K 234 30.80 48.56 5.40
C LEU K 234 31.38 47.24 4.92
N PRO K 235 31.00 46.80 3.73
CA PRO K 235 31.49 45.51 3.23
C PRO K 235 33.00 45.51 3.05
N LEU K 236 33.55 44.30 2.89
CA LEU K 236 35.00 44.17 2.80
C LEU K 236 35.55 44.98 1.64
N SER K 237 34.76 45.16 0.59
CA SER K 237 35.20 45.95 -0.56
C SER K 237 35.59 47.35 -0.13
N LYS K 238 34.66 48.06 0.50
CA LYS K 238 34.93 49.44 0.89
C LYS K 238 36.03 49.53 1.93
N LEU K 239 36.09 48.58 2.87
CA LEU K 239 37.16 48.59 3.85
C LEU K 239 38.52 48.51 3.17
N GLN K 240 38.72 47.47 2.35
CA GLN K 240 39.99 47.28 1.68
C GLN K 240 40.29 48.45 0.75
N GLN K 241 39.24 49.07 0.20
CA GLN K 241 39.42 50.22 -0.68
C GLN K 241 39.85 51.45 0.11
N GLY K 242 39.35 51.59 1.34
CA GLY K 242 39.66 52.79 2.09
C GLY K 242 41.02 52.71 2.76
N ILE K 243 41.42 51.50 3.15
CA ILE K 243 42.73 51.34 3.78
C ILE K 243 43.82 51.80 2.81
N LYS K 244 43.89 51.15 1.65
CA LYS K 244 44.83 51.54 0.61
C LYS K 244 44.66 53.01 0.25
N SER K 245 43.43 53.42 -0.02
CA SER K 245 43.19 54.76 -0.57
C SER K 245 43.48 55.84 0.45
N GLY K 246 43.27 55.56 1.74
CA GLY K 246 43.29 56.63 2.72
C GLY K 246 42.95 56.21 4.14
N THR K 247 41.98 56.90 4.72
CA THR K 247 41.77 57.00 6.17
C THR K 247 41.91 55.68 6.91
N TYR K 248 41.01 54.74 6.62
CA TYR K 248 40.89 53.54 7.44
C TYR K 248 42.21 52.78 7.51
N LEU K 249 42.39 52.05 8.60
CA LEU K 249 43.57 51.22 8.78
C LEU K 249 43.17 50.00 9.61
N GLN K 250 43.65 48.82 9.22
CA GLN K 250 43.26 47.60 9.89
C GLN K 250 44.13 47.32 11.11
N GLY K 251 43.64 46.44 11.97
CA GLY K 251 44.43 45.99 13.11
C GLY K 251 43.70 44.96 13.96
N THR K 252 44.47 44.35 14.85
CA THR K 252 43.95 43.36 15.78
C THR K 252 43.25 44.05 16.94
N PHE K 253 41.98 43.72 17.14
CA PHE K 253 41.23 44.17 18.30
C PHE K 253 41.60 43.35 19.52
N ARG K 254 41.52 43.98 20.68
CA ARG K 254 41.80 43.31 21.94
C ARG K 254 41.10 44.05 23.06
N ALA K 255 40.67 43.31 24.07
CA ALA K 255 40.02 43.89 25.23
C ALA K 255 40.92 43.73 26.44
N SER K 256 40.41 44.10 27.61
CA SER K 256 41.19 44.04 28.84
C SER K 256 40.30 43.56 29.98
N ARG K 257 40.92 42.82 30.92
CA ARG K 257 40.24 42.53 32.17
C ARG K 257 39.90 43.80 32.92
N GLU K 258 40.49 44.93 32.54
CA GLU K 258 40.26 46.18 33.24
C GLU K 258 38.79 46.60 33.14
N ASN K 259 38.33 46.86 31.93
CA ASN K 259 37.01 47.45 31.74
C ASN K 259 36.37 46.89 30.47
N TYR K 260 35.04 46.89 30.46
CA TYR K 260 34.27 46.42 29.33
C TYR K 260 34.34 47.35 28.13
N LEU K 261 35.04 48.47 28.26
CA LEU K 261 35.01 49.51 27.24
C LEU K 261 36.39 49.87 26.72
N GLU K 262 37.40 49.91 27.58
CA GLU K 262 38.75 50.20 27.12
C GLU K 262 39.25 49.03 26.29
N ALA K 263 39.56 49.29 25.03
CA ALA K 263 40.06 48.28 24.11
C ALA K 263 41.27 48.83 23.37
N THR K 264 42.11 47.92 22.90
CA THR K 264 43.34 48.28 22.22
C THR K 264 43.36 47.62 20.85
N VAL K 265 43.64 48.42 19.82
CA VAL K 265 43.87 47.92 18.48
C VAL K 265 45.35 48.02 18.19
N TRP K 266 45.91 46.99 17.58
CA TRP K 266 47.29 47.00 17.13
C TRP K 266 47.30 47.05 15.61
N ILE K 267 47.98 48.04 15.05
CA ILE K 267 48.03 48.17 13.60
C ILE K 267 49.16 47.30 13.07
N HIS K 268 49.04 46.92 11.80
CA HIS K 268 50.01 46.06 11.14
C HIS K 268 51.09 46.86 10.43
N LYS K 275 52.12 50.32 15.64
CA LYS K 275 51.34 51.38 16.27
C LYS K 275 50.18 50.80 17.07
N GLU K 276 49.77 51.52 18.10
CA GLU K 276 48.76 51.04 19.04
C GLU K 276 47.69 52.11 19.22
N ILE K 277 46.49 51.83 18.75
CA ILE K 277 45.33 52.69 18.95
C ILE K 277 44.59 52.22 20.20
N ILE K 278 43.87 53.15 20.83
CA ILE K 278 42.98 52.84 21.93
C ILE K 278 41.59 53.28 21.53
N LEU K 279 40.57 52.61 22.08
CA LEU K 279 39.21 53.01 21.77
C LEU K 279 38.27 52.54 22.86
N GLN K 280 37.26 53.36 23.16
CA GLN K 280 36.34 53.12 24.25
C GLN K 280 34.92 53.42 23.79
N GLY K 281 33.96 52.89 24.55
CA GLY K 281 32.56 53.06 24.22
C GLY K 281 31.99 51.90 23.42
N LEU K 282 30.76 51.50 23.77
CA LEU K 282 30.15 50.35 23.13
C LEU K 282 29.89 50.59 21.65
N LYS K 283 29.83 51.85 21.22
CA LYS K 283 29.69 52.15 19.80
C LYS K 283 31.01 51.96 19.09
N HIS K 284 32.04 52.66 19.56
CA HIS K 284 33.39 52.47 19.02
C HIS K 284 33.78 51.01 19.06
N LEU K 285 33.29 50.28 20.07
CA LEU K 285 33.45 48.84 20.12
C LEU K 285 32.38 48.17 19.28
N ASN K 286 32.27 48.59 18.02
CA ASN K 286 31.19 48.13 17.16
C ASN K 286 31.44 46.65 16.89
N ARG K 287 31.04 45.82 17.85
CA ARG K 287 30.94 44.38 17.69
C ARG K 287 32.28 43.78 17.25
N ALA K 288 33.26 43.93 18.13
CA ALA K 288 34.53 43.22 18.03
C ALA K 288 34.63 42.20 19.14
N VAL K 289 35.73 41.43 19.14
CA VAL K 289 35.95 40.40 20.13
C VAL K 289 37.45 40.28 20.36
N HIS K 290 37.83 39.61 21.45
CA HIS K 290 39.20 39.57 21.95
C HIS K 290 40.26 39.52 20.86
N GLU K 291 39.99 38.77 19.79
CA GLU K 291 40.96 38.62 18.71
C GLU K 291 40.18 38.61 17.40
N ASP K 292 40.18 39.74 16.72
CA ASP K 292 39.54 39.87 15.42
C ASP K 292 40.47 40.69 14.51
N ILE K 293 39.93 41.13 13.38
CA ILE K 293 40.64 41.97 12.43
C ILE K 293 39.70 43.11 12.09
N VAL K 294 39.87 44.25 12.76
CA VAL K 294 38.97 45.38 12.61
C VAL K 294 39.56 46.38 11.64
N ALA K 295 38.70 47.25 11.10
CA ALA K 295 39.10 48.33 10.20
C ALA K 295 38.84 49.63 10.94
N VAL K 296 39.83 50.07 11.73
CA VAL K 296 39.66 51.25 12.55
C VAL K 296 39.68 52.50 11.69
N GLU K 297 38.82 53.45 12.05
CA GLU K 297 38.92 54.83 11.61
C GLU K 297 39.43 55.66 12.79
N LEU K 298 40.09 56.76 12.47
CA LEU K 298 40.76 57.58 13.48
C LEU K 298 39.90 58.80 13.79
N LEU K 299 39.75 59.09 15.08
CA LEU K 299 38.95 60.22 15.51
C LEU K 299 39.78 61.49 15.56
N PRO K 300 39.15 62.66 15.38
CA PRO K 300 39.90 63.92 15.48
C PRO K 300 40.69 64.03 16.76
N LYS K 301 41.67 64.93 16.79
CA LYS K 301 42.52 65.09 17.97
C LYS K 301 41.82 65.82 19.11
N SER K 302 40.51 66.08 19.01
CA SER K 302 39.76 66.74 20.06
C SER K 302 39.37 65.81 21.19
N GLN K 303 39.75 64.54 21.13
CA GLN K 303 39.30 63.54 22.09
C GLN K 303 40.42 62.66 22.62
N TRP K 304 41.59 62.67 21.99
CA TRP K 304 42.69 61.81 22.42
C TRP K 304 43.01 62.02 23.89
N LYS K 342 47.12 56.36 23.10
CA LYS K 342 46.59 57.68 23.41
C LYS K 342 45.52 58.16 22.45
N PRO K 343 45.65 57.87 21.15
CA PRO K 343 44.57 58.22 20.23
C PRO K 343 43.28 57.50 20.59
N THR K 344 42.22 57.87 19.88
CA THR K 344 40.91 57.25 20.05
C THR K 344 40.39 56.84 18.69
N GLY K 345 40.08 55.55 18.54
CA GLY K 345 39.66 54.99 17.28
C GLY K 345 38.19 54.58 17.34
N ARG K 346 37.67 54.26 16.15
CA ARG K 346 36.30 53.86 15.99
C ARG K 346 36.29 52.69 15.02
N VAL K 347 35.22 51.90 15.05
CA VAL K 347 35.13 50.70 14.22
C VAL K 347 33.96 50.88 13.27
N VAL K 348 34.18 50.46 12.02
CA VAL K 348 33.14 50.56 11.00
C VAL K 348 33.03 49.28 10.21
N GLY K 349 33.96 48.36 10.41
CA GLY K 349 33.92 47.13 9.66
C GLY K 349 34.95 46.13 10.14
N ILE K 350 34.75 44.90 9.73
CA ILE K 350 35.60 43.78 10.11
C ILE K 350 36.18 43.19 8.84
N ILE K 351 37.48 42.94 8.85
CA ILE K 351 38.12 42.32 7.70
C ILE K 351 38.14 40.80 7.82
N LYS K 352 38.26 40.30 9.05
CA LYS K 352 38.33 38.86 9.29
C LYS K 352 37.83 38.58 10.70
N ARG K 353 36.69 37.91 10.79
CA ARG K 353 36.25 37.37 12.06
C ARG K 353 37.15 36.20 12.45
N ASN K 354 37.60 36.18 13.71
CA ASN K 354 38.48 35.12 14.20
C ASN K 354 37.93 34.68 15.56
N TRP K 355 37.08 33.66 15.52
CA TRP K 355 36.37 33.12 16.67
C TRP K 355 36.89 31.74 17.02
N ARG K 356 36.29 31.14 18.04
CA ARG K 356 36.64 29.81 18.51
C ARG K 356 35.61 29.39 19.55
N PRO K 357 35.47 28.09 19.79
CA PRO K 357 34.52 27.63 20.80
C PRO K 357 34.90 28.08 22.20
N TYR K 358 34.06 28.94 22.79
CA TYR K 358 34.31 29.46 24.13
C TYR K 358 33.64 28.57 25.17
N CYS K 359 34.40 28.22 26.21
CA CYS K 359 33.88 27.43 27.31
C CYS K 359 33.20 28.30 28.35
N GLY K 360 32.11 27.79 28.93
CA GLY K 360 31.41 28.52 29.97
C GLY K 360 30.22 27.82 30.57
N MET K 361 29.23 28.59 31.05
CA MET K 361 28.07 28.06 31.74
C MET K 361 26.82 28.76 31.24
N LEU K 362 25.68 28.11 31.47
CA LEU K 362 24.39 28.54 30.94
C LEU K 362 23.54 29.17 32.03
N SER K 363 23.55 30.50 32.09
CA SER K 363 22.62 31.22 32.93
C SER K 363 21.27 31.24 32.22
N LYS K 364 20.25 30.69 32.87
CA LYS K 364 18.96 30.52 32.23
C LYS K 364 18.00 31.62 32.62
N SER K 365 16.93 31.73 31.85
CA SER K 365 15.77 32.53 32.22
C SER K 365 14.80 31.63 32.96
N ASP K 366 14.39 32.04 34.15
CA ASP K 366 13.61 31.15 35.01
C ASP K 366 12.37 30.63 34.30
N ILE K 367 11.88 31.32 33.27
CA ILE K 367 10.79 30.77 32.47
C ILE K 367 11.20 29.40 31.95
N LYS K 368 10.46 28.38 32.36
CA LYS K 368 10.75 27.02 31.91
C LYS K 368 10.26 26.75 30.50
N GLU K 369 9.52 27.69 29.92
CA GLU K 369 9.05 27.59 28.54
C GLU K 369 10.00 28.22 27.54
N SER K 370 10.87 29.13 28.00
CA SER K 370 11.69 29.91 27.09
C SER K 370 12.78 29.04 26.46
N ARG K 371 13.09 29.34 25.21
CA ARG K 371 14.17 28.66 24.51
C ARG K 371 15.46 29.44 24.61
N ARG K 372 15.40 30.75 24.39
CA ARG K 372 16.58 31.61 24.44
C ARG K 372 17.14 31.67 25.85
N HIS K 373 18.43 31.31 25.98
CA HIS K 373 19.10 31.27 27.26
C HIS K 373 20.43 32.01 27.15
N LEU K 374 20.87 32.59 28.26
CA LEU K 374 22.05 33.41 28.30
C LEU K 374 23.25 32.56 28.71
N PHE K 375 24.41 32.87 28.13
CA PHE K 375 25.63 32.12 28.36
C PHE K 375 26.74 33.02 28.85
N THR K 376 27.39 32.59 29.93
CA THR K 376 28.50 33.32 30.54
C THR K 376 29.76 32.52 30.27
N PRO K 377 30.66 32.98 29.41
CA PRO K 377 31.95 32.30 29.26
C PRO K 377 32.86 32.58 30.43
N ALA K 378 33.97 31.85 30.46
CA ALA K 378 34.88 31.94 31.58
C ALA K 378 35.79 33.14 31.46
N ASP K 379 36.36 33.36 30.28
CA ASP K 379 37.24 34.51 30.09
C ASP K 379 36.44 35.80 30.16
N LYS K 380 36.77 36.65 31.13
CA LYS K 380 36.04 37.90 31.32
C LYS K 380 36.09 38.80 30.09
N ARG K 381 36.91 38.47 29.10
CA ARG K 381 37.13 39.31 27.93
C ARG K 381 36.17 38.97 26.80
N ILE K 382 35.00 38.45 27.14
CA ILE K 382 34.01 38.02 26.15
C ILE K 382 32.63 38.39 26.65
N PRO K 383 31.74 38.76 25.73
CA PRO K 383 30.36 39.06 26.15
C PRO K 383 29.52 37.80 26.26
N ARG K 384 28.53 37.85 27.15
CA ARG K 384 27.57 36.77 27.25
C ARG K 384 26.91 36.55 25.90
N ILE K 385 26.36 35.35 25.71
CA ILE K 385 25.83 34.95 24.42
C ILE K 385 24.37 34.52 24.58
N ARG K 386 23.63 34.58 23.49
CA ARG K 386 22.19 34.35 23.47
C ARG K 386 21.89 33.14 22.61
N ILE K 387 21.81 31.96 23.21
CA ILE K 387 21.67 30.73 22.46
C ILE K 387 20.23 30.24 22.57
N GLU K 388 19.91 29.19 21.82
CA GLU K 388 18.53 28.83 21.51
C GLU K 388 18.14 27.47 22.05
N THR K 389 19.04 26.75 22.73
CA THR K 389 18.79 25.37 23.10
C THR K 389 17.51 25.25 23.92
N ARG K 390 16.88 24.08 23.84
CA ARG K 390 15.65 23.82 24.57
C ARG K 390 15.87 23.06 25.88
N GLN K 391 17.03 22.45 26.08
CA GLN K 391 17.22 21.61 27.25
C GLN K 391 17.09 22.42 28.53
N ALA K 392 18.06 23.28 28.79
CA ALA K 392 18.04 24.22 29.92
C ALA K 392 17.70 23.54 31.24
N SER K 393 17.83 22.21 31.30
CA SER K 393 17.54 21.47 32.52
C SER K 393 18.69 20.53 32.83
N THR K 394 19.36 20.05 31.79
CA THR K 394 20.50 19.15 31.93
C THR K 394 21.82 19.88 31.94
N LEU K 395 21.83 21.15 31.56
CA LEU K 395 23.05 21.91 31.33
C LEU K 395 23.39 22.82 32.50
N GLU K 396 22.40 23.47 33.10
CA GLU K 396 22.67 24.33 34.26
C GLU K 396 23.40 23.52 35.32
N GLY K 397 24.64 23.90 35.59
CA GLY K 397 25.50 23.16 36.49
C GLY K 397 26.62 22.42 35.77
N ARG K 398 26.63 22.39 34.44
CA ARG K 398 27.61 21.65 33.68
C ARG K 398 28.24 22.57 32.65
N ARG K 399 29.54 22.78 32.75
CA ARG K 399 30.28 23.58 31.78
C ARG K 399 30.07 23.07 30.37
N ILE K 400 29.67 23.98 29.49
CA ILE K 400 29.49 23.67 28.07
C ILE K 400 30.48 24.48 27.25
N ILE K 401 30.43 24.32 25.93
CA ILE K 401 31.19 25.18 25.03
C ILE K 401 30.29 25.57 23.87
N VAL K 402 30.42 26.83 23.47
CA VAL K 402 29.53 27.46 22.51
C VAL K 402 30.34 28.13 21.42
N ALA K 403 29.78 28.17 20.22
CA ALA K 403 30.42 28.83 19.09
C ALA K 403 29.55 29.98 18.64
N ILE K 404 30.17 31.11 18.39
CA ILE K 404 29.45 32.32 18.01
C ILE K 404 29.13 32.29 16.52
N ASP K 405 28.02 32.94 16.16
CA ASP K 405 27.54 32.92 14.79
C ASP K 405 27.19 34.29 14.23
N GLY K 406 27.20 35.35 15.04
CA GLY K 406 26.85 36.66 14.54
C GLY K 406 26.65 37.66 15.66
N TRP K 407 26.30 38.87 15.24
CA TRP K 407 26.03 40.03 16.08
C TRP K 407 25.27 41.06 15.25
N PRO K 408 23.96 40.93 15.09
CA PRO K 408 23.26 41.89 14.25
C PRO K 408 23.18 43.27 14.89
N ARG K 409 22.39 44.17 14.30
CA ARG K 409 22.35 45.57 14.70
C ARG K 409 21.25 45.85 15.72
N ASN K 410 20.87 44.84 16.51
CA ASN K 410 19.77 44.99 17.45
C ASN K 410 20.04 44.45 18.83
N SER K 411 21.11 43.68 19.05
CA SER K 411 21.28 42.89 20.24
C SER K 411 22.58 43.30 20.91
N ARG K 412 22.50 43.58 22.21
CA ARG K 412 23.69 43.71 23.03
C ARG K 412 24.38 42.38 23.29
N TYR K 413 23.83 41.28 22.79
CA TYR K 413 24.51 40.00 22.88
C TYR K 413 24.54 39.36 21.50
N PRO K 414 25.54 38.54 21.22
CA PRO K 414 25.58 37.87 19.92
C PRO K 414 24.69 36.65 19.90
N ASN K 415 24.73 35.88 18.81
CA ASN K 415 23.94 34.67 18.68
C ASN K 415 24.88 33.49 18.44
N GLY K 416 24.83 32.52 19.34
CA GLY K 416 25.71 31.38 19.29
C GLY K 416 25.00 30.05 19.18
N HIS K 417 25.73 28.96 19.40
CA HIS K 417 25.12 27.65 19.46
C HIS K 417 26.00 26.70 20.26
N PHE K 418 25.33 25.79 20.97
CA PHE K 418 25.97 24.76 21.76
C PHE K 418 26.68 23.77 20.86
N VAL K 419 27.83 23.26 21.29
CA VAL K 419 28.48 22.23 20.48
C VAL K 419 28.79 20.98 21.29
N ARG K 420 29.02 21.11 22.59
CA ARG K 420 29.15 19.93 23.42
C ARG K 420 29.24 20.29 24.90
N ASN K 421 28.85 19.34 25.73
CA ASN K 421 28.90 19.41 27.18
C ASN K 421 30.05 18.57 27.71
N LEU K 422 30.59 18.99 28.86
CA LEU K 422 31.79 18.39 29.42
C LEU K 422 31.49 17.66 30.73
N GLY K 423 30.95 18.37 31.72
CA GLY K 423 30.67 17.77 33.01
C GLY K 423 30.38 18.83 34.05
N ASP K 424 29.81 18.41 35.18
CA ASP K 424 29.43 19.37 36.20
C ASP K 424 30.65 20.14 36.70
N VAL K 425 30.40 21.35 37.19
CA VAL K 425 31.48 22.19 37.70
C VAL K 425 32.12 21.51 38.89
N GLY K 426 33.40 21.81 39.10
CA GLY K 426 34.14 21.30 40.24
C GLY K 426 34.84 19.98 39.96
N GLU K 427 34.26 19.14 39.11
CA GLU K 427 34.88 17.86 38.76
C GLU K 427 36.17 18.14 38.00
N LYS K 428 37.29 17.76 38.59
CA LYS K 428 38.61 17.98 38.02
C LYS K 428 38.65 17.68 36.53
N GLU K 429 38.05 16.56 36.15
CA GLU K 429 38.03 16.09 34.76
C GLU K 429 37.27 17.01 33.83
N THR K 430 36.65 18.07 34.36
CA THR K 430 36.01 19.09 33.55
C THR K 430 36.84 20.37 33.51
N GLU K 431 37.30 20.84 34.66
CA GLU K 431 38.09 22.06 34.71
C GLU K 431 39.37 21.90 33.92
N THR K 432 39.99 20.72 33.99
CA THR K 432 41.20 20.45 33.21
C THR K 432 40.95 20.70 31.73
N GLU K 433 39.95 20.04 31.17
CA GLU K 433 39.66 20.19 29.75
C GLU K 433 39.25 21.62 29.43
N VAL K 434 38.60 22.30 30.37
CA VAL K 434 38.16 23.67 30.12
C VAL K 434 39.35 24.60 29.98
N LEU K 435 40.30 24.52 30.91
CA LEU K 435 41.48 25.37 30.79
C LEU K 435 42.29 25.00 29.55
N LEU K 436 42.32 23.72 29.17
CA LEU K 436 43.05 23.33 27.98
C LEU K 436 42.34 23.75 26.69
N LEU K 437 41.04 23.97 26.74
CA LEU K 437 40.31 24.51 25.60
C LEU K 437 40.40 26.01 25.52
N GLU K 438 40.51 26.68 26.66
CA GLU K 438 40.60 28.14 26.66
C GLU K 438 41.98 28.61 26.25
N HIS K 439 43.03 27.98 26.79
CA HIS K 439 44.39 28.31 26.39
C HIS K 439 44.78 27.66 25.07
N ASP K 440 43.82 27.08 24.35
CA ASP K 440 44.04 26.50 23.03
C ASP K 440 45.01 25.32 23.05
N VAL K 441 45.48 24.93 24.24
CA VAL K 441 46.38 23.80 24.39
C VAL K 441 45.73 22.57 23.79
N PRO K 442 46.21 22.04 22.67
CA PRO K 442 45.54 20.88 22.07
C PRO K 442 45.72 19.65 22.94
N HIS K 443 44.60 19.03 23.32
CA HIS K 443 44.59 17.87 24.18
C HIS K 443 44.24 16.58 23.45
N GLN K 444 43.89 16.68 22.17
CA GLN K 444 43.41 15.51 21.44
C GLN K 444 44.46 14.40 21.48
N PRO K 445 44.03 13.15 21.40
CA PRO K 445 44.98 12.05 21.32
C PRO K 445 45.56 11.97 19.92
N PHE K 446 46.56 11.11 19.77
CA PHE K 446 47.30 11.02 18.52
C PHE K 446 46.47 10.33 17.45
N SER K 447 46.39 10.94 16.29
CA SER K 447 45.64 10.39 15.17
C SER K 447 46.31 9.14 14.62
N GLN K 448 45.58 8.44 13.76
CA GLN K 448 46.05 7.16 13.23
C GLN K 448 47.24 7.35 12.29
N ALA K 449 47.17 8.34 11.40
CA ALA K 449 48.29 8.58 10.49
C ALA K 449 49.60 8.74 11.25
N VAL K 450 49.57 9.47 12.36
CA VAL K 450 50.77 9.67 13.17
C VAL K 450 51.32 8.32 13.61
N LEU K 451 50.50 7.53 14.32
CA LEU K 451 50.91 6.21 14.77
C LEU K 451 51.53 5.38 13.67
N SER K 452 51.09 5.57 12.42
CA SER K 452 51.58 4.74 11.33
C SER K 452 53.07 4.93 11.11
N PHE K 453 53.52 6.18 11.00
CA PHE K 453 54.92 6.43 10.71
C PHE K 453 55.85 5.95 11.82
N LEU K 454 55.32 5.68 13.01
CA LEU K 454 56.16 5.11 14.04
C LEU K 454 56.74 3.76 13.60
N PRO K 455 57.82 3.33 14.26
CA PRO K 455 58.33 1.97 14.04
C PRO K 455 57.45 0.94 14.70
N LYS K 456 57.28 -0.20 14.04
CA LYS K 456 56.73 -1.36 14.73
C LYS K 456 57.59 -1.64 15.95
N MET K 457 57.00 -2.30 16.96
CA MET K 457 57.67 -2.33 18.25
C MET K 457 58.09 -3.75 18.60
N PRO K 458 58.66 -4.49 17.65
CA PRO K 458 59.91 -5.21 17.92
C PRO K 458 61.07 -4.31 17.56
N TRP K 459 61.87 -3.89 18.54
CA TRP K 459 62.92 -2.90 18.32
C TRP K 459 64.23 -3.39 18.91
N SER K 460 64.97 -4.17 18.12
CA SER K 460 66.34 -4.49 18.41
C SER K 460 67.24 -3.53 17.65
N ILE K 461 68.29 -3.05 18.33
CA ILE K 461 69.17 -2.04 17.76
C ILE K 461 69.65 -2.50 16.39
N THR K 462 69.31 -1.73 15.36
CA THR K 462 69.67 -2.08 14.00
C THR K 462 71.11 -1.68 13.73
N GLU K 463 71.95 -2.64 13.37
CA GLU K 463 73.35 -2.36 13.09
C GLU K 463 73.57 -1.80 11.69
N LYS K 464 72.51 -1.42 10.97
CA LYS K 464 72.67 -0.71 9.72
C LYS K 464 72.70 0.81 9.92
N ASP K 465 71.78 1.34 10.75
CA ASP K 465 71.84 2.75 11.11
C ASP K 465 73.03 3.03 12.01
N MET K 466 73.50 2.04 12.75
CA MET K 466 74.63 2.18 13.66
C MET K 466 75.94 2.41 12.91
N LYS K 467 75.90 2.47 11.58
CA LYS K 467 77.11 2.66 10.79
C LYS K 467 77.78 3.98 11.15
N ASN K 468 77.11 5.10 10.87
CA ASN K 468 77.70 6.40 11.11
C ASN K 468 78.02 6.63 12.58
N ARG K 469 77.51 5.78 13.46
CA ARG K 469 77.63 6.00 14.89
C ARG K 469 78.69 5.09 15.50
N GLU K 470 78.81 5.14 16.82
CA GLU K 470 79.81 4.37 17.56
C GLU K 470 79.16 3.53 18.66
N ASP K 471 79.99 2.91 19.50
CA ASP K 471 79.54 1.96 20.50
C ASP K 471 80.22 2.29 21.82
N LEU K 472 79.45 2.79 22.79
CA LEU K 472 79.94 3.11 24.12
C LEU K 472 79.34 2.20 25.19
N ARG K 473 78.78 1.06 24.79
CA ARG K 473 78.16 0.15 25.74
C ARG K 473 79.09 -0.20 26.89
N HIS K 474 80.39 -0.06 26.68
CA HIS K 474 81.41 -0.32 27.71
C HIS K 474 81.66 0.92 28.57
N LEU K 475 80.60 1.52 29.09
CA LEU K 475 80.73 2.78 29.79
C LEU K 475 79.78 2.80 30.98
N CYS K 476 80.19 3.47 32.04
CA CYS K 476 79.36 3.66 33.22
C CYS K 476 78.52 4.90 33.03
N ILE K 477 77.20 4.75 33.06
CA ILE K 477 76.28 5.86 32.91
C ILE K 477 75.21 5.74 33.98
N CYS K 478 74.77 6.89 34.46
CA CYS K 478 73.84 6.99 35.58
C CYS K 478 73.00 8.25 35.34
N SER K 479 71.84 8.06 34.73
CA SER K 479 70.98 9.18 34.40
C SER K 479 70.21 9.57 35.66
N VAL K 480 70.29 10.84 36.01
CA VAL K 480 69.57 11.36 37.17
C VAL K 480 68.17 11.70 36.73
N ASP K 481 67.20 11.45 37.60
CA ASP K 481 65.82 11.54 37.26
C ASP K 481 64.98 11.86 38.48
N PRO K 482 64.06 12.82 38.40
CA PRO K 482 63.26 13.17 39.58
C PRO K 482 62.36 12.02 39.98
N PRO K 483 61.63 12.17 41.09
CA PRO K 483 60.73 11.09 41.54
C PRO K 483 59.66 10.78 40.50
N GLY K 484 59.64 9.54 40.03
CA GLY K 484 58.59 9.05 39.19
C GLY K 484 58.48 9.76 37.85
N CYS K 485 59.48 9.57 37.01
CA CYS K 485 59.49 10.10 35.65
C CYS K 485 59.63 8.96 34.65
N THR K 486 59.24 9.24 33.41
CA THR K 486 59.30 8.24 32.35
C THR K 486 59.92 8.75 31.06
N ASP K 487 59.92 10.05 30.79
CA ASP K 487 60.57 10.57 29.60
C ASP K 487 62.00 10.99 29.93
N ILE K 488 62.74 10.06 30.54
CA ILE K 488 64.13 10.33 30.86
C ILE K 488 64.91 10.38 29.56
N ASN K 489 65.61 11.48 29.35
CA ASN K 489 66.33 11.75 28.11
C ASN K 489 67.82 11.94 28.31
N ASP K 490 68.20 12.74 29.32
CA ASP K 490 69.61 13.03 29.52
C ASP K 490 70.34 11.82 30.10
N ALA K 491 71.67 11.89 30.01
CA ALA K 491 72.52 10.92 30.68
C ALA K 491 73.93 11.51 30.75
N LEU K 492 74.69 11.08 31.74
CA LEU K 492 75.99 11.68 32.04
C LEU K 492 77.04 10.60 32.22
N HIS K 493 78.31 11.03 32.14
CA HIS K 493 79.40 10.22 32.66
C HIS K 493 80.65 11.08 32.75
N CYS K 494 81.57 10.65 33.62
CA CYS K 494 82.83 11.33 33.92
C CYS K 494 83.89 10.23 34.03
N ARG K 495 84.55 9.92 32.91
CA ARG K 495 85.55 8.87 32.86
C ARG K 495 86.94 9.46 33.02
N GLU K 496 87.66 9.00 34.04
CA GLU K 496 89.04 9.43 34.24
C GLU K 496 89.92 8.96 33.09
N LEU K 497 91.00 9.71 32.85
CA LEU K 497 91.91 9.43 31.75
C LEU K 497 93.33 9.43 32.30
N GLU K 498 94.19 8.63 31.66
CA GLU K 498 95.52 8.39 32.20
C GLU K 498 96.28 9.68 32.46
N ASN K 499 96.03 10.70 31.66
CA ASN K 499 96.84 11.93 31.67
C ASN K 499 96.41 12.91 32.76
N GLY K 500 95.69 12.44 33.77
CA GLY K 500 95.18 13.32 34.81
C GLY K 500 93.89 14.00 34.40
N ASN K 501 93.80 14.41 33.14
CA ASN K 501 92.55 14.91 32.61
C ASN K 501 91.46 13.85 32.74
N LEU K 502 90.23 14.28 32.53
CA LEU K 502 89.10 13.37 32.50
C LEU K 502 88.14 13.80 31.40
N GLU K 503 87.46 12.81 30.82
CA GLU K 503 86.50 13.03 29.76
C GLU K 503 85.11 13.03 30.37
N VAL K 504 84.43 14.15 30.31
CA VAL K 504 83.03 14.23 30.68
C VAL K 504 82.21 14.07 29.42
N GLY K 505 80.98 13.60 29.58
CA GLY K 505 80.12 13.38 28.44
C GLY K 505 78.67 13.38 28.81
N VAL K 506 77.89 14.15 28.05
CA VAL K 506 76.43 14.14 28.15
C VAL K 506 75.87 13.43 26.94
N HIS K 507 74.67 12.88 27.11
CA HIS K 507 74.06 12.04 26.10
C HIS K 507 72.57 12.34 26.08
N ILE K 508 72.03 12.51 24.89
CA ILE K 508 70.64 12.86 24.66
C ILE K 508 70.04 11.79 23.76
N ALA K 509 68.71 11.66 23.83
CA ALA K 509 68.00 10.72 22.98
C ALA K 509 67.90 11.30 21.58
N ASP K 510 68.56 10.65 20.62
CA ASP K 510 68.63 11.14 19.25
C ASP K 510 67.29 10.82 18.55
N VAL K 511 66.29 11.61 18.92
CA VAL K 511 64.93 11.44 18.40
C VAL K 511 64.84 11.72 16.91
N SER K 512 65.76 12.51 16.35
CA SER K 512 65.64 12.91 14.95
C SER K 512 65.50 11.71 14.03
N HIS K 513 66.20 10.62 14.32
CA HIS K 513 66.09 9.44 13.48
C HIS K 513 64.64 8.96 13.42
N PHE K 514 63.97 8.91 14.57
CA PHE K 514 62.56 8.52 14.56
C PHE K 514 61.73 9.61 13.90
N ILE K 515 61.92 10.85 14.32
CA ILE K 515 61.15 11.99 13.81
C ILE K 515 61.91 12.55 12.61
N ARG K 516 61.62 11.99 11.44
CA ARG K 516 62.20 12.57 10.23
C ARG K 516 61.21 13.52 9.57
N PRO K 517 61.68 14.62 8.97
CA PRO K 517 60.76 15.68 8.55
C PRO K 517 59.81 15.25 7.44
N GLY K 518 58.91 16.14 7.04
CA GLY K 518 57.96 15.84 5.99
C GLY K 518 56.81 14.98 6.41
N ASN K 519 56.84 14.41 7.61
CA ASN K 519 55.78 13.53 8.08
C ASN K 519 54.61 14.32 8.64
N ALA K 520 53.57 13.59 9.05
CA ALA K 520 52.49 14.16 9.85
C ALA K 520 52.87 14.17 11.33
N LEU K 521 53.73 13.21 11.72
CA LEU K 521 54.30 13.21 13.07
C LEU K 521 54.88 14.57 13.38
N ASP K 522 55.68 15.10 12.45
CA ASP K 522 56.36 16.37 12.70
C ASP K 522 55.36 17.49 12.88
N GLN K 523 54.26 17.47 12.12
CA GLN K 523 53.26 18.53 12.23
C GLN K 523 52.55 18.46 13.58
N GLU K 524 52.07 17.27 13.95
CA GLU K 524 51.38 17.11 15.22
C GLU K 524 52.31 17.24 16.43
N SER K 525 53.62 17.17 16.22
CA SER K 525 54.58 17.47 17.28
C SER K 525 54.95 18.94 17.32
N ALA K 526 54.87 19.63 16.19
CA ALA K 526 55.10 21.06 16.16
C ALA K 526 53.96 21.81 16.83
N ARG K 527 52.73 21.58 16.35
CA ARG K 527 51.58 22.18 17.00
C ARG K 527 51.64 21.98 18.50
N ARG K 528 51.85 20.74 18.94
CA ARG K 528 52.15 20.44 20.34
C ARG K 528 53.61 20.79 20.62
N GLY K 529 53.91 22.08 20.55
CA GLY K 529 55.29 22.53 20.65
C GLY K 529 55.98 22.30 21.98
N THR K 530 55.33 21.63 22.94
CA THR K 530 55.97 21.30 24.20
C THR K 530 55.03 20.40 24.99
N THR K 531 55.60 19.66 25.93
CA THR K 531 54.85 18.72 26.75
C THR K 531 54.45 19.40 28.05
N VAL K 532 53.15 19.56 28.23
CA VAL K 532 52.61 20.18 29.43
C VAL K 532 52.67 19.18 30.57
N TYR K 533 53.00 19.66 31.77
CA TYR K 533 53.12 18.82 32.97
C TYR K 533 52.23 19.43 34.04
N LEU K 534 50.96 19.03 34.05
CA LEU K 534 50.03 19.54 35.04
C LEU K 534 50.27 18.83 36.38
N CYS K 535 49.53 19.25 37.41
CA CYS K 535 49.78 18.74 38.75
C CYS K 535 49.57 17.24 38.84
N GLU K 536 48.84 16.64 37.90
CA GLU K 536 48.53 15.22 37.97
C GLU K 536 48.85 14.45 36.70
N LYS K 537 48.66 15.06 35.52
CA LYS K 537 48.91 14.40 34.26
C LYS K 537 49.94 15.18 33.44
N ARG K 538 50.15 14.75 32.21
CA ARG K 538 51.09 15.42 31.33
C ARG K 538 50.64 15.20 29.89
N ILE K 539 50.36 16.30 29.20
CA ILE K 539 50.02 16.26 27.79
C ILE K 539 51.32 16.20 26.98
N ASP K 540 51.44 15.18 26.14
CA ASP K 540 52.71 14.87 25.52
C ASP K 540 52.81 15.51 24.14
N MET K 541 54.02 15.44 23.58
CA MET K 541 54.30 15.85 22.22
C MET K 541 54.69 14.69 21.31
N VAL K 542 55.06 13.56 21.88
CA VAL K 542 55.32 12.35 21.14
C VAL K 542 54.79 11.18 21.95
N PRO K 543 54.15 10.18 21.32
CA PRO K 543 53.49 9.12 22.10
C PRO K 543 54.32 8.53 23.22
N GLU K 544 53.63 7.90 24.18
CA GLU K 544 54.32 7.26 25.29
C GLU K 544 55.28 6.18 24.79
N LEU K 545 54.94 5.53 23.69
CA LEU K 545 55.84 4.55 23.09
C LEU K 545 57.19 5.17 22.79
N LEU K 546 57.22 6.15 21.90
CA LEU K 546 58.44 6.82 21.49
C LEU K 546 59.00 7.73 22.56
N SER K 547 58.28 7.90 23.68
CA SER K 547 58.66 8.83 24.72
C SER K 547 59.17 8.16 25.98
N SER K 548 58.78 6.90 26.23
CA SER K 548 59.24 6.18 27.40
C SER K 548 59.64 4.74 27.14
N ASN K 549 59.58 4.26 25.89
CA ASN K 549 59.96 2.90 25.57
C ASN K 549 61.07 2.79 24.54
N LEU K 550 61.24 3.79 23.68
CA LEU K 550 62.28 3.74 22.64
C LEU K 550 63.34 4.82 22.83
N CYS K 551 62.93 6.09 22.87
CA CYS K 551 63.91 7.18 22.92
C CYS K 551 64.54 7.30 24.30
N SER K 552 63.75 7.08 25.36
CA SER K 552 64.26 7.26 26.71
C SER K 552 65.51 6.40 26.93
N LEU K 553 66.33 6.82 27.89
CA LEU K 553 67.56 6.12 28.23
C LEU K 553 67.35 5.17 29.40
N LYS K 554 66.41 4.24 29.20
CA LYS K 554 66.07 3.28 30.24
C LYS K 554 67.31 2.50 30.70
N CYS K 555 67.18 1.87 31.87
CA CYS K 555 68.29 1.16 32.48
C CYS K 555 68.63 -0.12 31.72
N ASP K 556 69.94 -0.39 31.60
CA ASP K 556 70.45 -1.63 31.03
C ASP K 556 69.67 -2.03 29.78
N VAL K 557 69.55 -1.09 28.86
CA VAL K 557 69.01 -1.37 27.53
C VAL K 557 69.70 -0.47 26.51
N ASP K 558 70.26 -1.09 25.47
CA ASP K 558 71.03 -0.36 24.48
C ASP K 558 70.10 0.57 23.71
N ARG K 559 70.35 1.88 23.81
CA ARG K 559 69.51 2.89 23.18
C ARG K 559 70.35 3.84 22.35
N LEU K 560 69.74 4.36 21.29
CA LEU K 560 70.41 5.30 20.42
C LEU K 560 70.72 6.58 21.20
N ALA K 561 71.51 7.46 20.60
CA ALA K 561 71.81 8.71 21.28
C ALA K 561 72.64 9.67 20.43
N PHE K 562 72.50 10.95 20.73
CA PHE K 562 73.53 11.94 20.47
C PHE K 562 74.38 12.08 21.72
N SER K 563 75.63 12.53 21.53
CA SER K 563 76.56 12.63 22.64
C SER K 563 77.44 13.84 22.42
N CYS K 564 77.69 14.58 23.49
CA CYS K 564 78.67 15.66 23.49
C CYS K 564 79.71 15.34 24.55
N ILE K 565 80.98 15.29 24.14
CA ILE K 565 82.05 14.90 25.02
C ILE K 565 83.05 16.06 25.12
N TRP K 566 83.53 16.29 26.34
CA TRP K 566 84.57 17.28 26.62
C TRP K 566 85.71 16.57 27.35
N GLU K 567 86.91 17.11 27.22
CA GLU K 567 88.01 16.77 28.12
C GLU K 567 88.37 17.97 28.99
N MET K 568 88.58 17.72 30.28
CA MET K 568 88.76 18.78 31.26
C MET K 568 89.78 18.32 32.28
N ASN K 569 90.17 19.25 33.14
CA ASN K 569 90.99 18.98 34.31
C ASN K 569 90.19 19.35 35.56
N HIS K 570 90.85 19.25 36.71
CA HIS K 570 90.21 19.48 38.00
C HIS K 570 90.01 20.96 38.29
N ASN K 571 90.18 21.83 37.29
CA ASN K 571 89.75 23.20 37.36
C ASN K 571 88.62 23.51 36.39
N ALA K 572 88.24 22.54 35.54
CA ALA K 572 87.07 22.64 34.67
C ALA K 572 87.19 23.78 33.67
N GLU K 573 88.22 23.69 32.82
CA GLU K 573 88.34 24.49 31.61
C GLU K 573 88.39 23.55 30.41
N ILE K 574 87.50 23.77 29.44
CA ILE K 574 87.42 22.85 28.33
C ILE K 574 88.77 22.81 27.61
N LEU K 575 89.11 21.63 27.09
CA LEU K 575 90.34 21.44 26.35
C LEU K 575 90.13 20.86 24.96
N LYS K 576 89.20 19.92 24.83
CA LYS K 576 88.89 19.30 23.55
C LYS K 576 87.45 18.83 23.56
N THR K 577 86.73 19.08 22.47
CA THR K 577 85.31 18.81 22.40
C THR K 577 85.02 17.85 21.25
N LYS K 578 83.83 17.25 21.29
CA LYS K 578 83.35 16.49 20.16
C LYS K 578 81.85 16.28 20.29
N PHE K 579 81.21 16.08 19.13
CA PHE K 579 79.75 16.01 18.99
C PHE K 579 79.44 14.79 18.13
N THR K 580 79.23 13.64 18.76
CA THR K 580 79.18 12.37 18.06
C THR K 580 77.85 11.66 18.31
N LYS K 581 77.28 11.10 17.26
CA LYS K 581 76.17 10.17 17.40
C LYS K 581 76.68 8.81 17.85
N SER K 582 75.83 8.04 18.51
CA SER K 582 76.30 6.82 19.17
C SER K 582 75.11 5.99 19.65
N VAL K 583 75.43 4.90 20.32
CA VAL K 583 74.46 4.05 20.99
C VAL K 583 75.07 3.67 22.34
N ILE K 584 74.29 3.85 23.40
CA ILE K 584 74.80 3.70 24.76
C ILE K 584 73.86 2.82 25.57
N ASN K 585 74.12 2.69 26.87
CA ASN K 585 73.37 1.76 27.72
C ASN K 585 73.43 2.28 29.16
N SER K 586 72.36 2.96 29.55
CA SER K 586 72.29 3.55 30.89
C SER K 586 72.29 2.45 31.94
N LYS K 587 73.29 2.46 32.81
CA LYS K 587 73.38 1.45 33.86
C LYS K 587 72.55 1.79 35.08
N ALA K 588 71.89 2.95 35.10
CA ALA K 588 71.18 3.38 36.31
C ALA K 588 70.28 4.56 35.96
N SER K 589 69.08 4.55 36.54
CA SER K 589 68.10 5.63 36.40
C SER K 589 67.75 6.03 37.83
N LEU K 590 68.51 7.00 38.35
CA LEU K 590 68.51 7.28 39.78
C LEU K 590 67.53 8.39 40.13
N THR K 591 67.38 8.61 41.43
CA THR K 591 66.66 9.75 41.98
C THR K 591 67.63 10.67 42.68
N TYR K 592 67.21 11.93 42.85
CA TYR K 592 68.09 12.93 43.44
C TYR K 592 68.55 12.50 44.83
N ALA K 593 67.64 11.99 45.65
CA ALA K 593 68.03 11.50 46.97
C ALA K 593 68.90 10.27 46.87
N GLU K 594 68.48 9.29 46.05
CA GLU K 594 69.35 8.15 45.77
C GLU K 594 70.69 8.61 45.22
N ALA K 595 70.68 9.66 44.40
CA ALA K 595 71.93 10.18 43.85
C ALA K 595 72.83 10.69 44.96
N GLN K 596 72.28 11.54 45.83
CA GLN K 596 73.07 12.17 46.88
C GLN K 596 73.62 11.13 47.85
N LEU K 597 72.82 10.11 48.17
CA LEU K 597 73.30 9.10 49.11
C LEU K 597 74.35 8.22 48.45
N ARG K 598 74.17 7.85 47.18
CA ARG K 598 75.22 7.13 46.49
C ARG K 598 76.50 7.95 46.43
N ILE K 599 76.37 9.28 46.31
CA ILE K 599 77.55 10.14 46.23
C ILE K 599 78.29 10.12 47.56
N ASP K 600 77.66 10.59 48.62
CA ASP K 600 78.38 10.85 49.87
C ASP K 600 77.85 10.02 51.04
N SER K 601 77.48 8.76 50.79
CA SER K 601 77.18 7.82 51.86
C SER K 601 78.36 6.94 52.23
N ALA K 602 79.58 7.33 51.86
CA ALA K 602 80.82 6.63 52.18
C ALA K 602 80.99 5.37 51.34
N ASN K 603 80.01 5.00 50.52
CA ASN K 603 80.17 3.89 49.60
C ASN K 603 81.09 4.27 48.45
N MET K 604 81.83 3.27 47.95
CA MET K 604 82.79 3.49 46.88
C MET K 604 82.77 2.29 45.96
N ASN K 605 82.71 2.56 44.66
CA ASN K 605 82.62 1.50 43.66
C ASN K 605 83.21 1.98 42.34
N ASP K 606 83.77 1.06 41.58
CA ASP K 606 84.36 1.43 40.31
C ASP K 606 83.31 1.75 39.25
N ASP K 607 82.03 1.59 39.59
CA ASP K 607 80.95 1.71 38.61
C ASP K 607 80.39 3.12 38.51
N ILE K 608 79.87 3.65 39.62
CA ILE K 608 79.05 4.87 39.56
C ILE K 608 79.53 5.94 40.53
N THR K 609 79.65 5.58 41.82
CA THR K 609 79.86 6.58 42.86
C THR K 609 81.08 7.45 42.60
N THR K 610 82.17 6.87 42.08
CA THR K 610 83.36 7.69 41.81
C THR K 610 83.08 8.71 40.72
N SER K 611 82.43 8.28 39.63
CA SER K 611 81.98 9.21 38.60
C SER K 611 81.15 10.32 39.21
N LEU K 612 80.14 9.96 39.99
CA LEU K 612 79.24 10.94 40.57
C LEU K 612 79.99 11.95 41.43
N ARG K 613 80.94 11.49 42.22
CA ARG K 613 81.68 12.41 43.09
C ARG K 613 82.57 13.34 42.27
N GLY K 614 83.42 12.76 41.42
CA GLY K 614 84.29 13.56 40.58
C GLY K 614 83.55 14.45 39.61
N LEU K 615 82.25 14.22 39.43
CA LEU K 615 81.44 15.06 38.56
C LEU K 615 80.73 16.16 39.34
N ASN K 616 80.23 15.85 40.54
CA ASN K 616 79.69 16.90 41.40
C ASN K 616 80.78 17.92 41.74
N LYS K 617 82.02 17.47 41.88
CA LYS K 617 83.12 18.39 42.10
C LYS K 617 83.18 19.44 41.00
N LEU K 618 83.45 18.99 39.77
CA LEU K 618 83.47 19.89 38.62
C LEU K 618 82.21 20.73 38.54
N ALA K 619 81.06 20.15 38.93
CA ALA K 619 79.82 20.90 38.95
C ALA K 619 79.95 22.12 39.85
N LYS K 620 80.40 21.90 41.09
CA LYS K 620 80.52 23.02 42.03
C LYS K 620 81.54 24.04 41.55
N ILE K 621 82.65 23.56 40.98
CA ILE K 621 83.65 24.49 40.47
C ILE K 621 83.06 25.36 39.36
N LEU K 622 82.44 24.74 38.36
CA LEU K 622 81.80 25.51 37.30
C LEU K 622 80.74 26.44 37.86
N LYS K 623 80.00 25.99 38.86
CA LYS K 623 78.92 26.81 39.40
C LYS K 623 79.47 28.09 40.02
N LYS K 624 80.40 27.97 40.96
CA LYS K 624 80.95 29.18 41.56
C LYS K 624 81.73 30.02 40.55
N ARG K 625 82.36 29.37 39.58
CA ARG K 625 83.10 30.08 38.54
C ARG K 625 82.16 30.95 37.72
N ARG K 626 81.03 30.39 37.28
CA ARG K 626 80.08 31.15 36.47
C ARG K 626 79.35 32.17 37.32
N ILE K 627 79.18 31.92 38.62
CA ILE K 627 78.64 32.94 39.50
C ILE K 627 79.58 34.13 39.50
N GLU K 628 80.88 33.86 39.60
CA GLU K 628 81.86 34.93 39.45
C GLU K 628 81.79 35.55 38.06
N LYS K 629 81.36 34.78 37.05
CA LYS K 629 81.18 35.31 35.71
C LYS K 629 80.01 36.29 35.60
N GLY K 630 79.16 36.38 36.62
CA GLY K 630 78.08 37.34 36.63
C GLY K 630 76.70 36.75 36.50
N ALA K 631 76.57 35.48 36.13
CA ALA K 631 75.25 34.90 35.98
C ALA K 631 74.50 34.95 37.31
N LEU K 632 73.21 35.21 37.25
CA LEU K 632 72.43 35.43 38.46
C LEU K 632 71.64 34.18 38.83
N THR K 633 71.49 33.97 40.13
CA THR K 633 70.58 32.97 40.68
C THR K 633 69.42 33.65 41.37
N LEU K 634 68.29 32.96 41.42
CA LEU K 634 67.06 33.54 41.93
C LEU K 634 66.32 32.47 42.73
N SER K 635 65.06 32.76 43.04
CA SER K 635 64.16 31.79 43.66
C SER K 635 62.73 32.27 43.44
N SER K 636 61.78 31.44 43.85
CA SER K 636 60.38 31.76 43.62
C SER K 636 59.49 30.80 44.39
N PRO K 637 58.31 31.24 44.85
CA PRO K 637 57.44 30.32 45.58
C PRO K 637 56.85 29.27 44.66
N GLU K 638 57.34 28.03 44.76
CA GLU K 638 56.90 26.94 43.92
C GLU K 638 56.44 25.80 44.83
N VAL K 639 55.17 25.42 44.70
CA VAL K 639 54.60 24.31 45.45
C VAL K 639 54.07 23.29 44.47
N ARG K 640 54.49 22.04 44.65
CA ARG K 640 54.05 20.91 43.85
C ARG K 640 53.28 19.95 44.73
N PHE K 641 52.02 19.69 44.39
CA PHE K 641 51.12 18.89 45.19
C PHE K 641 51.40 17.40 45.00
N HIS K 642 51.00 16.61 45.99
CA HIS K 642 51.17 15.16 45.91
C HIS K 642 50.43 14.64 44.69
N PRO K 650 46.93 14.75 47.72
CA PRO K 650 47.10 16.10 48.21
C PRO K 650 46.71 16.26 49.68
N ILE K 651 47.15 15.31 50.52
CA ILE K 651 46.89 15.41 51.95
C ILE K 651 47.40 16.75 52.47
N ASP K 652 48.69 16.99 52.32
CA ASP K 652 49.31 18.27 52.65
C ASP K 652 50.36 18.55 51.59
N LEU K 653 50.30 19.74 50.98
CA LEU K 653 51.22 20.07 49.92
C LEU K 653 52.65 20.17 50.43
N GLN K 654 53.59 20.20 49.50
CA GLN K 654 55.01 20.21 49.80
C GLN K 654 55.70 21.27 48.94
N THR K 655 56.90 21.67 49.38
CA THR K 655 57.69 22.66 48.67
C THR K 655 58.92 21.98 48.08
N LYS K 656 59.26 22.36 46.84
CA LYS K 656 60.43 21.81 46.19
C LYS K 656 61.68 22.11 47.02
N GLU K 657 62.57 21.12 47.12
CA GLU K 657 63.78 21.23 47.91
C GLU K 657 65.00 21.18 47.01
N LEU K 658 65.91 22.15 47.21
CA LEU K 658 67.16 22.20 46.46
C LEU K 658 68.13 21.14 46.95
N ARG K 659 69.13 20.87 46.11
CA ARG K 659 70.15 19.89 46.43
C ARG K 659 71.24 19.96 45.36
N GLU K 660 72.41 19.44 45.71
CA GLU K 660 73.57 19.52 44.82
C GLU K 660 73.26 18.95 43.45
N THR K 661 72.80 17.69 43.40
CA THR K 661 72.63 16.98 42.13
C THR K 661 71.90 17.83 41.09
N ASN K 662 70.87 18.57 41.52
CA ASN K 662 70.09 19.35 40.57
C ASN K 662 70.95 20.45 39.96
N SER K 663 71.65 21.22 40.79
CA SER K 663 72.54 22.26 40.30
C SER K 663 73.62 21.66 39.41
N MET K 664 74.14 20.50 39.81
CA MET K 664 75.14 19.79 39.01
C MET K 664 74.63 19.56 37.59
N VAL K 665 73.56 18.78 37.48
CA VAL K 665 73.06 18.43 36.16
C VAL K 665 72.71 19.70 35.38
N GLU K 666 72.19 20.71 36.07
CA GLU K 666 71.82 21.95 35.40
C GLU K 666 73.06 22.62 34.80
N GLU K 667 74.13 22.74 35.57
CA GLU K 667 75.35 23.36 35.08
C GLU K 667 75.88 22.60 33.87
N PHE K 668 75.91 21.27 33.96
CA PHE K 668 76.42 20.49 32.83
C PHE K 668 75.54 20.67 31.60
N MET K 669 74.23 20.70 31.78
CA MET K 669 73.34 20.86 30.63
C MET K 669 73.48 22.25 30.03
N LEU K 670 73.68 23.26 30.87
CA LEU K 670 73.88 24.61 30.35
C LEU K 670 75.18 24.68 29.55
N LEU K 671 76.24 24.05 30.05
CA LEU K 671 77.48 24.01 29.29
C LEU K 671 77.25 23.33 27.94
N ALA K 672 76.52 22.22 27.94
CA ALA K 672 76.22 21.52 26.69
C ALA K 672 75.44 22.41 25.74
N ASN K 673 74.40 23.07 26.23
CA ASN K 673 73.61 23.96 25.38
C ASN K 673 74.49 25.04 24.78
N ILE K 674 75.34 25.66 25.60
CA ILE K 674 76.16 26.76 25.12
C ILE K 674 77.14 26.27 24.07
N SER K 675 77.78 25.12 24.32
CA SER K 675 78.73 24.59 23.35
C SER K 675 78.04 24.27 22.03
N VAL K 676 76.90 23.56 22.11
CA VAL K 676 76.12 23.25 20.91
C VAL K 676 75.79 24.54 20.17
N ALA K 677 75.43 25.58 20.91
CA ALA K 677 75.00 26.83 20.29
C ALA K 677 76.16 27.48 19.57
N LYS K 678 77.32 27.57 20.23
CA LYS K 678 78.51 28.11 19.59
C LYS K 678 78.80 27.35 18.31
N LYS K 679 78.70 26.01 18.35
CA LYS K 679 79.02 25.21 17.18
C LYS K 679 78.04 25.48 16.04
N ILE K 680 76.74 25.33 16.31
CA ILE K 680 75.74 25.54 15.27
C ILE K 680 75.64 27.00 14.83
N HIS K 681 76.28 27.91 15.55
CA HIS K 681 76.35 29.30 15.10
C HIS K 681 77.54 29.49 14.18
N GLU K 682 78.73 29.07 14.62
CA GLU K 682 79.91 29.12 13.77
C GLU K 682 79.65 28.43 12.45
N GLU K 683 78.91 27.31 12.47
CA GLU K 683 78.64 26.60 11.23
C GLU K 683 77.48 27.23 10.47
N PHE K 684 76.48 27.72 11.18
CA PHE K 684 75.34 28.38 10.58
C PHE K 684 75.21 29.77 11.20
N SER K 685 75.35 30.80 10.37
CA SER K 685 75.25 32.18 10.83
C SER K 685 74.01 32.88 10.28
N GLU K 686 73.17 32.16 9.53
CA GLU K 686 71.96 32.74 8.95
C GLU K 686 70.71 32.11 9.53
N HIS K 687 70.57 30.79 9.44
CA HIS K 687 69.41 30.08 9.95
C HIS K 687 69.81 29.23 11.14
N ALA K 688 69.03 29.31 12.21
CA ALA K 688 69.30 28.62 13.46
C ALA K 688 68.14 28.89 14.40
N LEU K 689 68.15 28.23 15.55
CA LEU K 689 67.24 28.51 16.64
C LEU K 689 68.06 28.84 17.88
N LEU K 690 68.02 30.11 18.28
CA LEU K 690 68.62 30.56 19.52
C LEU K 690 67.52 31.10 20.43
N ARG K 691 67.88 31.38 21.68
CA ARG K 691 66.93 31.99 22.62
C ARG K 691 67.65 33.12 23.32
N LYS K 692 66.95 34.24 23.49
CA LYS K 692 67.51 35.41 24.15
C LYS K 692 66.66 35.81 25.35
N HIS K 693 67.27 36.58 26.24
CA HIS K 693 66.61 37.13 27.42
C HIS K 693 66.83 38.63 27.42
N PRO K 694 66.04 39.37 26.65
CA PRO K 694 66.22 40.83 26.57
C PRO K 694 66.29 41.46 27.94
N ALA K 695 67.43 42.06 28.29
CA ALA K 695 67.58 42.63 29.61
C ALA K 695 66.48 43.66 29.85
N PRO K 696 66.13 43.90 31.11
CA PRO K 696 64.96 44.74 31.40
C PRO K 696 65.33 46.21 31.43
N PRO K 697 64.44 47.08 30.98
CA PRO K 697 64.64 48.52 31.20
C PRO K 697 64.74 48.83 32.68
N PRO K 698 65.59 49.77 33.07
CA PRO K 698 65.78 50.04 34.50
C PRO K 698 64.56 50.64 35.18
N SER K 699 63.51 50.97 34.43
CA SER K 699 62.31 51.51 35.05
C SER K 699 61.53 50.47 35.84
N ASN K 700 62.00 49.23 35.88
CA ASN K 700 61.35 48.19 36.66
C ASN K 700 62.04 47.91 37.97
N TYR K 701 63.37 48.04 38.02
CA TYR K 701 64.09 47.78 39.25
C TYR K 701 63.79 48.84 40.31
N GLU K 702 63.31 50.01 39.90
CA GLU K 702 63.16 51.12 40.84
C GLU K 702 62.33 50.75 42.05
N ILE K 703 61.35 49.85 41.86
CA ILE K 703 60.54 49.42 43.01
C ILE K 703 61.41 48.69 44.02
N LEU K 704 62.19 47.71 43.56
CA LEU K 704 63.07 46.98 44.46
C LEU K 704 64.09 47.91 45.09
N VAL K 705 64.61 48.86 44.31
CA VAL K 705 65.57 49.83 44.85
C VAL K 705 64.94 50.62 45.99
N LYS K 706 63.75 51.17 45.75
CA LYS K 706 63.08 51.95 46.77
C LYS K 706 62.78 51.10 48.00
N ALA K 707 62.43 49.83 47.79
CA ALA K 707 62.19 48.93 48.90
C ALA K 707 63.44 48.80 49.77
N ALA K 708 64.53 48.31 49.17
CA ALA K 708 65.76 48.13 49.93
C ALA K 708 66.31 49.45 50.45
N ARG K 709 65.87 50.57 49.87
CA ARG K 709 66.28 51.88 50.35
C ARG K 709 65.56 52.22 51.65
N SER K 710 64.23 52.07 51.65
CA SER K 710 63.47 52.19 52.89
C SER K 710 63.96 51.20 53.92
N ARG K 711 64.60 50.11 53.48
CA ARG K 711 65.26 49.17 54.37
C ARG K 711 66.78 49.26 54.23
N ASN K 712 67.28 50.44 53.86
CA ASN K 712 68.69 50.82 53.92
C ASN K 712 69.62 49.67 53.53
N LEU K 713 69.31 49.04 52.40
CA LEU K 713 70.23 48.16 51.69
C LEU K 713 70.43 48.71 50.28
N GLU K 714 71.65 49.14 49.98
CA GLU K 714 71.97 49.74 48.70
C GLU K 714 72.03 48.70 47.60
N ILE K 715 71.66 49.10 46.38
CA ILE K 715 71.65 48.22 45.23
C ILE K 715 72.06 49.01 43.99
N LYS K 716 72.75 48.31 43.09
CA LYS K 716 73.20 48.84 41.80
C LYS K 716 72.48 48.09 40.69
N THR K 717 71.50 48.74 40.08
CA THR K 717 70.67 48.14 39.04
C THR K 717 71.13 48.49 37.62
N ASP K 718 72.41 48.81 37.43
CA ASP K 718 72.86 49.20 36.10
C ASP K 718 73.04 48.01 35.18
N THR K 719 73.42 46.85 35.72
CA THR K 719 73.68 45.66 34.93
C THR K 719 73.17 44.45 35.70
N ALA K 720 73.52 43.26 35.20
CA ALA K 720 73.14 42.02 35.86
C ALA K 720 74.10 41.71 37.00
N LYS K 721 75.39 41.87 36.76
CA LYS K 721 76.41 41.59 37.78
C LYS K 721 76.16 42.44 39.01
N SER K 722 76.29 43.76 38.88
CA SER K 722 76.06 44.66 40.01
C SER K 722 74.89 44.17 40.85
N LEU K 723 73.74 43.96 40.20
CA LEU K 723 72.56 43.44 40.88
C LEU K 723 72.90 42.18 41.67
N ALA K 724 73.40 41.14 40.99
CA ALA K 724 73.60 39.85 41.63
C ALA K 724 74.57 39.97 42.80
N GLU K 725 75.80 40.41 42.52
CA GLU K 725 76.77 40.63 43.59
C GLU K 725 76.27 41.54 44.69
N SER K 726 75.18 42.28 44.45
CA SER K 726 74.59 43.08 45.51
C SER K 726 73.63 42.25 46.35
N LEU K 727 72.78 41.46 45.70
CA LEU K 727 71.81 40.63 46.42
C LEU K 727 72.48 39.75 47.46
N ASP K 728 73.71 39.30 47.21
CA ASP K 728 74.41 38.49 48.19
C ASP K 728 74.88 39.30 49.39
N GLN K 729 74.82 40.62 49.32
CA GLN K 729 75.21 41.47 50.44
C GLN K 729 74.04 42.04 51.21
N ALA K 730 72.86 42.14 50.58
CA ALA K 730 71.71 42.80 51.20
C ALA K 730 71.21 42.08 52.44
N GLU K 731 71.82 40.95 52.78
CA GLU K 731 71.42 40.20 53.96
C GLU K 731 71.54 41.04 55.22
N SER K 732 70.62 40.82 56.16
CA SER K 732 70.66 41.43 57.48
C SER K 732 70.07 40.42 58.45
N PRO K 733 70.61 40.32 59.67
CA PRO K 733 70.16 39.25 60.57
C PRO K 733 68.71 39.39 61.02
N THR K 734 68.20 40.62 61.13
CA THR K 734 66.82 40.81 61.59
C THR K 734 65.84 40.08 60.71
N PHE K 735 66.12 39.99 59.41
CA PHE K 735 65.27 39.30 58.45
C PHE K 735 66.10 38.21 57.79
N PRO K 736 66.31 37.08 58.47
CA PRO K 736 67.02 35.98 57.81
C PRO K 736 66.34 35.55 56.52
N TYR K 737 65.03 35.71 56.44
CA TYR K 737 64.28 35.44 55.22
C TYR K 737 64.01 36.73 54.46
N LEU K 738 65.09 37.36 54.02
CA LEU K 738 65.04 38.64 53.31
C LEU K 738 65.53 38.53 51.87
N ASN K 739 66.75 38.03 51.68
CA ASN K 739 67.32 37.96 50.33
C ASN K 739 66.33 37.31 49.37
N THR K 740 65.62 36.30 49.83
CA THR K 740 64.68 35.59 48.96
C THR K 740 63.59 36.53 48.47
N LEU K 741 63.13 37.44 49.34
CA LEU K 741 62.08 38.36 48.94
C LEU K 741 62.57 39.28 47.83
N LEU K 742 63.79 39.81 47.97
CA LEU K 742 64.35 40.62 46.91
C LEU K 742 64.52 39.82 45.63
N ARG K 743 64.86 38.54 45.77
CA ARG K 743 65.02 37.71 44.57
C ARG K 743 63.70 37.59 43.82
N ILE K 744 62.61 37.38 44.54
CA ILE K 744 61.29 37.41 43.92
C ILE K 744 61.02 38.79 43.32
N LEU K 745 61.14 39.83 44.13
CA LEU K 745 60.87 41.19 43.67
C LEU K 745 61.65 41.52 42.41
N ALA K 746 62.79 40.86 42.20
CA ALA K 746 63.54 41.03 40.97
C ALA K 746 62.89 40.21 39.87
N THR K 747 62.61 38.93 40.14
CA THR K 747 62.00 38.05 39.16
C THR K 747 60.68 38.59 38.65
N ARG K 748 60.03 39.48 39.39
CA ARG K 748 58.83 40.16 38.93
C ARG K 748 59.12 41.19 37.85
N CYS K 749 60.40 41.42 37.53
CA CYS K 749 60.82 42.45 36.59
C CYS K 749 61.38 41.90 35.29
N MET K 750 62.17 40.83 35.37
CA MET K 750 62.79 40.25 34.17
C MET K 750 61.78 40.06 33.07
N MET K 751 62.25 40.20 31.83
CA MET K 751 61.41 40.10 30.66
C MET K 751 61.24 38.63 30.29
N GLN K 752 60.66 38.38 29.12
CA GLN K 752 60.37 37.01 28.68
C GLN K 752 61.52 36.51 27.83
N ALA K 753 62.03 35.33 28.17
CA ALA K 753 63.05 34.71 27.34
C ALA K 753 62.36 34.01 26.18
N VAL K 754 62.83 34.30 24.98
CA VAL K 754 62.11 33.92 23.77
C VAL K 754 63.06 33.31 22.77
N TYR K 755 62.55 32.35 22.00
CA TYR K 755 63.26 31.78 20.88
C TYR K 755 63.27 32.77 19.71
N PHE K 756 64.17 32.53 18.77
CA PHE K 756 64.24 33.31 17.54
C PHE K 756 65.27 32.66 16.63
N CYS K 757 65.46 33.26 15.46
CA CYS K 757 66.39 32.77 14.46
C CYS K 757 67.62 33.66 14.40
N SER K 758 68.77 33.04 14.11
CA SER K 758 70.03 33.76 14.09
C SER K 758 70.13 34.79 12.96
N GLY K 759 69.23 34.75 11.98
CA GLY K 759 69.32 35.64 10.85
C GLY K 759 68.54 36.93 10.98
N MET K 760 67.25 36.79 11.28
CA MET K 760 66.34 37.93 11.32
C MET K 760 66.61 38.88 12.49
N ASP K 761 67.57 38.55 13.37
CA ASP K 761 67.89 39.40 14.49
C ASP K 761 69.39 39.28 14.78
N ASN K 762 69.88 40.20 15.61
CA ASN K 762 71.31 40.25 15.92
C ASN K 762 71.57 40.57 17.39
N ASP K 763 70.61 40.32 18.28
CA ASP K 763 70.82 40.63 19.69
C ASP K 763 71.87 39.71 20.28
N PHE K 764 71.60 38.41 20.29
CA PHE K 764 72.53 37.41 20.80
C PHE K 764 73.08 37.82 22.17
N HIS K 765 72.16 37.98 23.12
CA HIS K 765 72.55 38.34 24.48
C HIS K 765 71.47 37.84 25.42
N HIS K 766 71.88 37.07 26.44
CA HIS K 766 70.96 36.49 27.41
C HIS K 766 71.21 37.11 28.79
N TYR K 767 70.31 38.00 29.20
CA TYR K 767 70.46 38.64 30.51
C TYR K 767 70.77 37.65 31.62
N GLY K 768 69.85 36.71 31.84
CA GLY K 768 69.91 35.85 33.01
C GLY K 768 71.24 35.20 33.29
N LEU K 769 71.64 34.28 32.42
CA LEU K 769 72.90 33.56 32.58
C LEU K 769 74.13 34.40 32.29
N ALA K 770 73.95 35.66 31.89
CA ALA K 770 75.02 36.53 31.44
C ALA K 770 75.73 36.00 30.19
N SER K 771 75.21 34.94 29.59
CA SER K 771 75.78 34.37 28.38
C SER K 771 75.24 35.10 27.14
N PRO K 772 76.04 35.28 26.09
CA PRO K 772 75.51 35.97 24.91
C PRO K 772 74.64 35.08 24.02
N ILE K 773 74.96 33.79 23.94
CA ILE K 773 74.21 32.84 23.13
C ILE K 773 73.78 31.66 24.00
N TYR K 774 72.59 31.14 23.73
CA TYR K 774 72.07 29.97 24.42
C TYR K 774 70.92 29.39 23.61
N THR K 775 70.94 28.07 23.41
CA THR K 775 69.88 27.39 22.69
C THR K 775 69.61 26.05 23.38
N HIS K 776 68.33 25.72 23.52
CA HIS K 776 67.93 24.46 24.12
C HIS K 776 68.29 23.28 23.24
N PHE K 777 68.90 22.27 23.86
CA PHE K 777 69.34 21.06 23.16
C PHE K 777 69.07 19.76 23.90
N THR K 778 68.72 19.78 25.19
CA THR K 778 68.67 18.55 25.96
C THR K 778 67.39 17.77 25.73
N SER K 779 66.23 18.44 25.82
CA SER K 779 64.98 17.70 25.94
C SER K 779 64.11 17.83 24.70
N PRO K 780 64.34 17.01 23.68
CA PRO K 780 63.42 17.01 22.52
C PRO K 780 62.10 16.35 22.83
N ILE K 781 62.08 15.31 23.65
CA ILE K 781 60.83 14.70 24.08
C ILE K 781 59.92 15.77 24.68
N ARG K 782 60.52 16.86 25.16
CA ARG K 782 59.81 17.92 25.84
C ARG K 782 59.81 19.22 25.06
N ARG K 783 60.44 19.28 23.90
CA ARG K 783 60.50 20.50 23.11
C ARG K 783 60.82 20.14 21.67
N TYR K 784 60.44 21.04 20.76
CA TYR K 784 60.66 20.83 19.34
C TYR K 784 61.86 21.61 18.82
N ALA K 785 62.14 22.76 19.41
CA ALA K 785 63.37 23.47 19.08
C ALA K 785 64.57 22.58 19.34
N ASP K 786 64.51 21.78 20.40
CA ASP K 786 65.56 20.80 20.64
C ASP K 786 65.75 19.88 19.44
N VAL K 787 64.65 19.45 18.82
CA VAL K 787 64.74 18.56 17.67
C VAL K 787 65.36 19.28 16.48
N ILE K 788 64.93 20.52 16.24
CA ILE K 788 65.49 21.28 15.11
C ILE K 788 66.98 21.50 15.33
N VAL K 789 67.38 21.69 16.59
CA VAL K 789 68.80 21.83 16.91
C VAL K 789 69.53 20.52 16.68
N HIS K 790 68.93 19.40 17.06
CA HIS K 790 69.54 18.10 16.74
C HIS K 790 69.81 18.01 15.25
N ARG K 791 68.83 18.42 14.43
CA ARG K 791 69.00 18.31 12.98
C ARG K 791 70.13 19.22 12.49
N LEU K 792 70.10 20.49 12.88
CA LEU K 792 71.15 21.41 12.43
C LEU K 792 72.53 20.92 12.85
N LEU K 793 72.65 20.48 14.11
CA LEU K 793 73.94 20.01 14.60
C LEU K 793 74.36 18.75 13.87
N ALA K 794 73.42 17.86 13.56
CA ALA K 794 73.76 16.61 12.88
C ALA K 794 74.22 16.87 11.46
N VAL K 795 73.57 17.82 10.77
CA VAL K 795 74.01 18.15 9.42
C VAL K 795 75.37 18.83 9.47
N ALA K 796 75.63 19.62 10.51
CA ALA K 796 76.96 20.19 10.66
C ALA K 796 77.99 19.09 10.87
N ILE K 797 77.60 18.02 11.58
CA ILE K 797 78.45 16.85 11.73
C ILE K 797 78.51 16.05 10.44
N GLY K 798 77.49 16.17 9.58
CA GLY K 798 77.44 15.41 8.36
C GLY K 798 76.61 14.16 8.41
N ALA K 799 75.89 13.92 9.52
CA ALA K 799 75.10 12.71 9.70
C ALA K 799 73.63 12.92 9.36
N ASP K 800 73.33 13.84 8.43
CA ASP K 800 71.95 14.09 8.04
C ASP K 800 71.96 14.83 6.71
N CYS K 801 70.78 14.85 6.07
CA CYS K 801 70.59 15.53 4.80
C CYS K 801 69.69 16.74 4.99
N THR K 802 69.97 17.79 4.23
CA THR K 802 69.25 19.05 4.40
C THR K 802 67.88 18.94 3.74
N TYR K 803 67.18 20.07 3.68
CA TYR K 803 65.85 20.16 3.08
C TYR K 803 65.43 21.62 3.12
N PRO K 804 64.48 22.05 2.28
CA PRO K 804 64.27 23.50 2.14
C PRO K 804 63.79 24.14 3.43
N GLU K 805 62.92 23.46 4.18
CA GLU K 805 62.36 24.03 5.39
C GLU K 805 63.35 24.06 6.54
N LEU K 806 64.64 23.84 6.26
CA LEU K 806 65.68 23.97 7.27
C LEU K 806 66.47 25.26 7.13
N THR K 807 66.41 25.90 5.95
CA THR K 807 67.08 27.15 5.69
C THR K 807 66.13 28.32 5.45
N ASP K 808 64.86 28.05 5.14
CA ASP K 808 63.91 29.12 4.84
C ASP K 808 63.58 29.88 6.12
N LYS K 809 64.30 30.98 6.32
CA LYS K 809 64.15 31.78 7.53
C LYS K 809 62.70 32.11 7.84
N HIS K 810 61.87 32.31 6.82
CA HIS K 810 60.48 32.68 7.05
C HIS K 810 59.75 31.59 7.82
N LYS K 811 59.80 30.37 7.32
CA LYS K 811 59.07 29.28 7.95
C LYS K 811 59.64 28.99 9.34
N LEU K 812 60.95 29.06 9.47
CA LEU K 812 61.58 28.83 10.76
C LEU K 812 61.15 29.88 11.78
N ALA K 813 61.10 31.14 11.37
CA ALA K 813 60.63 32.20 12.25
C ALA K 813 59.17 31.98 12.65
N ASP K 814 58.34 31.57 11.68
CA ASP K 814 56.94 31.34 11.99
C ASP K 814 56.77 30.23 13.01
N ILE K 815 57.47 29.11 12.81
CA ILE K 815 57.35 28.00 13.76
C ILE K 815 57.93 28.40 15.11
N CYS K 816 58.95 29.25 15.11
CA CYS K 816 59.52 29.71 16.38
C CYS K 816 58.53 30.57 17.15
N LYS K 817 57.82 31.44 16.43
CA LYS K 817 56.77 32.24 17.05
C LYS K 817 55.68 31.33 17.63
N ASN K 818 55.26 30.33 16.84
CA ASN K 818 54.31 29.34 17.34
C ASN K 818 54.83 28.72 18.63
N LEU K 819 56.11 28.35 18.65
CA LEU K 819 56.66 27.64 19.80
C LEU K 819 56.66 28.53 21.03
N ASN K 820 56.96 29.81 20.85
CA ASN K 820 56.93 30.75 21.97
C ASN K 820 55.51 30.90 22.49
N PHE K 821 54.57 31.13 21.58
CA PHE K 821 53.15 31.18 21.94
C PHE K 821 52.77 29.95 22.76
N ARG K 822 53.30 28.79 22.38
CA ARG K 822 52.90 27.53 22.99
C ARG K 822 53.48 27.41 24.40
N HIS K 823 54.75 27.78 24.57
CA HIS K 823 55.34 27.77 25.90
C HIS K 823 54.58 28.72 26.83
N LYS K 824 54.15 29.86 26.29
CA LYS K 824 53.39 30.82 27.09
C LYS K 824 52.05 30.25 27.53
N MET K 825 51.32 29.65 26.57
CA MET K 825 50.08 28.96 26.90
C MET K 825 50.29 27.90 27.98
N ALA K 826 51.39 27.14 27.87
CA ALA K 826 51.65 26.08 28.84
C ALA K 826 51.85 26.65 30.24
N GLN K 827 52.67 27.71 30.35
CA GLN K 827 52.85 28.37 31.64
C GLN K 827 51.51 28.79 32.23
N TYR K 828 50.69 29.48 31.42
CA TYR K 828 49.40 29.96 31.92
C TYR K 828 48.54 28.80 32.41
N ALA K 829 48.52 27.71 31.65
CA ALA K 829 47.68 26.57 31.98
C ALA K 829 48.12 25.92 33.28
N GLN K 830 49.43 25.69 33.44
CA GLN K 830 49.93 25.07 34.65
C GLN K 830 49.62 25.95 35.87
N ARG K 831 49.72 27.27 35.71
CA ARG K 831 49.36 28.16 36.80
C ARG K 831 47.90 28.00 37.17
N ALA K 832 47.02 27.99 36.17
CA ALA K 832 45.60 27.81 36.44
C ALA K 832 45.35 26.49 37.18
N SER K 833 46.08 25.43 36.81
CA SER K 833 45.88 24.14 37.44
C SER K 833 46.29 24.17 38.91
N VAL K 834 47.46 24.72 39.21
CA VAL K 834 47.87 24.82 40.61
C VAL K 834 46.87 25.66 41.40
N ALA K 835 46.33 26.71 40.77
CA ALA K 835 45.33 27.52 41.44
C ALA K 835 44.09 26.70 41.76
N PHE K 836 43.66 25.86 40.82
CA PHE K 836 42.51 25.01 41.06
C PHE K 836 42.77 24.07 42.23
N HIS K 837 43.97 23.47 42.28
CA HIS K 837 44.27 22.56 43.38
C HIS K 837 44.31 23.30 44.72
N THR K 838 44.78 24.54 44.74
CA THR K 838 44.74 25.31 45.99
C THR K 838 43.30 25.60 46.40
N GLN K 839 42.45 25.97 45.44
CA GLN K 839 41.04 26.15 45.74
C GLN K 839 40.45 24.89 46.36
N LEU K 840 40.73 23.75 45.74
CA LEU K 840 40.18 22.49 46.21
C LEU K 840 40.67 22.18 47.62
N PHE K 841 41.96 22.45 47.88
CA PHE K 841 42.52 22.15 49.20
C PHE K 841 41.91 23.05 50.26
N PHE K 842 41.73 24.33 49.96
CA PHE K 842 41.08 25.22 50.91
C PHE K 842 39.63 24.82 51.13
N LYS K 843 39.00 24.24 50.11
CA LYS K 843 37.65 23.72 50.29
C LYS K 843 37.65 22.55 51.27
N SER K 844 38.57 21.61 51.09
CA SER K 844 38.64 20.46 51.98
C SER K 844 39.09 20.87 53.38
N ASN K 845 40.04 21.79 53.46
CA ASN K 845 40.57 22.29 54.72
C ASN K 845 40.38 23.80 54.74
N GLY K 846 39.51 24.28 55.63
CA GLY K 846 39.28 25.70 55.74
C GLY K 846 40.26 26.29 56.72
N ILE K 847 41.53 26.40 56.31
CA ILE K 847 42.55 27.01 57.16
C ILE K 847 42.37 28.52 57.17
N VAL K 848 42.61 29.13 58.34
CA VAL K 848 42.46 30.56 58.51
C VAL K 848 43.55 31.08 59.46
N SER K 849 43.92 32.36 59.28
CA SER K 849 44.83 33.06 60.17
C SER K 849 46.24 32.45 60.19
N GLU K 850 46.84 32.34 59.01
CA GLU K 850 48.24 31.95 58.90
C GLU K 850 49.07 33.20 58.65
N GLU K 851 50.33 33.17 59.10
CA GLU K 851 51.18 34.34 58.97
C GLU K 851 51.42 34.66 57.50
N ALA K 852 52.02 35.82 57.26
CA ALA K 852 52.41 36.21 55.91
C ALA K 852 53.25 37.47 55.97
N TYR K 853 54.16 37.59 55.03
CA TYR K 853 54.98 38.77 54.84
C TYR K 853 54.42 39.59 53.69
N ILE K 854 55.00 40.78 53.49
CA ILE K 854 54.50 41.68 52.45
C ILE K 854 55.58 41.90 51.41
N LEU K 855 55.15 42.07 50.17
CA LEU K 855 56.05 42.37 49.06
C LEU K 855 55.79 43.76 48.50
N PHE K 856 54.57 44.00 48.01
CA PHE K 856 54.17 45.28 47.44
C PHE K 856 53.29 46.04 48.41
N VAL K 857 53.02 47.30 48.07
CA VAL K 857 52.06 48.13 48.79
C VAL K 857 51.38 49.08 47.81
N ARG K 858 50.08 48.89 47.59
CA ARG K 858 49.33 49.69 46.64
C ARG K 858 48.15 50.37 47.34
N LYS K 859 47.56 51.34 46.65
CA LYS K 859 46.53 52.17 47.27
C LYS K 859 45.28 51.35 47.59
N ASN K 860 44.78 50.59 46.62
CA ASN K 860 43.52 49.89 46.82
C ASN K 860 43.75 48.60 47.59
N ALA K 861 44.88 47.93 47.37
CA ALA K 861 45.12 46.62 47.93
C ALA K 861 46.54 46.57 48.48
N ILE K 862 46.82 45.50 49.22
CA ILE K 862 48.13 45.26 49.83
C ILE K 862 48.54 43.83 49.54
N VAL K 863 49.38 43.65 48.51
CA VAL K 863 49.87 42.32 48.17
C VAL K 863 50.58 41.69 49.36
N VAL K 864 50.55 40.36 49.40
CA VAL K 864 51.05 39.60 50.54
C VAL K 864 51.58 38.27 50.02
N LEU K 865 52.48 37.67 50.81
CA LEU K 865 53.12 36.41 50.46
C LEU K 865 53.09 35.46 51.65
N ILE K 866 52.77 34.20 51.39
CA ILE K 866 52.76 33.16 52.40
C ILE K 866 53.78 32.10 51.97
N PRO K 867 54.87 31.89 52.72
CA PRO K 867 55.83 30.85 52.30
C PRO K 867 55.30 29.45 52.52
N LYS K 868 54.64 29.20 53.65
CA LYS K 868 54.14 27.87 53.98
C LYS K 868 53.44 27.24 52.77
N TYR K 869 52.35 27.86 52.34
CA TYR K 869 51.60 27.38 51.19
C TYR K 869 52.17 27.87 49.86
N GLY K 870 53.28 28.60 49.89
CA GLY K 870 53.83 29.15 48.66
C GLY K 870 52.80 29.88 47.83
N LEU K 871 52.30 31.01 48.35
CA LEU K 871 51.21 31.71 47.70
C LEU K 871 51.35 33.20 47.91
N GLU K 872 51.13 33.95 46.82
CA GLU K 872 51.06 35.40 46.86
C GLU K 872 49.64 35.81 46.50
N GLY K 873 49.13 36.84 47.19
CA GLY K 873 47.75 37.23 47.01
C GLY K 873 47.57 38.72 47.18
N THR K 874 46.35 39.16 46.92
CA THR K 874 45.97 40.55 47.06
C THR K 874 44.86 40.67 48.11
N VAL K 875 44.72 41.88 48.63
CA VAL K 875 43.64 42.19 49.56
C VAL K 875 43.23 43.64 49.34
N PHE K 876 41.99 43.87 48.93
CA PHE K 876 41.49 45.22 48.73
C PHE K 876 41.18 45.84 50.09
N PHE K 877 41.03 47.17 50.08
CA PHE K 877 40.56 47.91 51.25
C PHE K 877 39.29 48.71 51.00
N GLU K 878 38.83 48.84 49.76
CA GLU K 878 37.57 49.51 49.49
C GLU K 878 36.42 48.82 50.21
N GLN K 886 39.21 56.25 51.80
CA GLN K 886 39.96 56.95 52.84
C GLN K 886 41.24 56.19 53.19
N LEU K 887 42.38 56.75 52.79
CA LEU K 887 43.66 56.09 53.02
C LEU K 887 44.73 57.18 53.10
N ILE K 888 46.00 56.77 53.20
CA ILE K 888 47.12 57.66 52.94
C ILE K 888 48.14 56.88 52.14
N TYR K 889 48.36 57.27 50.88
CA TYR K 889 49.18 56.50 49.96
C TYR K 889 50.49 57.24 49.68
N ASP K 890 51.57 56.78 50.31
CA ASP K 890 52.90 57.33 50.06
C ASP K 890 53.53 56.63 48.85
N ASP K 891 53.85 57.41 47.82
CA ASP K 891 54.46 56.86 46.61
C ASP K 891 55.94 57.19 46.48
N GLU K 892 56.36 58.37 46.93
CA GLU K 892 57.78 58.67 47.04
C GLU K 892 58.50 57.55 47.79
N ILE K 893 57.94 57.13 48.91
CA ILE K 893 58.33 55.90 49.59
C ILE K 893 57.11 54.99 49.55
N PRO K 894 57.21 53.78 49.01
CA PRO K 894 55.99 52.99 48.83
C PRO K 894 55.46 52.51 50.16
N SER K 895 54.38 53.13 50.64
CA SER K 895 53.83 52.73 51.92
C SER K 895 52.38 53.18 52.02
N LEU K 896 51.67 52.55 52.95
CA LEU K 896 50.28 52.90 53.21
C LEU K 896 50.17 53.35 54.66
N LYS K 897 49.25 54.27 54.92
CA LYS K 897 49.08 54.81 56.26
C LYS K 897 47.59 54.89 56.55
N ILE K 898 47.18 54.18 57.61
CA ILE K 898 45.83 54.26 58.16
C ILE K 898 45.94 54.96 59.52
N GLU K 899 44.84 55.61 59.92
CA GLU K 899 44.83 56.38 61.17
C GLU K 899 45.49 55.61 62.30
N ASP K 900 45.43 54.29 62.26
CA ASP K 900 45.98 53.47 63.33
C ASP K 900 47.41 53.03 63.05
N THR K 901 47.69 52.54 61.83
CA THR K 901 48.93 51.82 61.58
C THR K 901 49.52 52.27 60.25
N VAL K 902 50.58 51.59 59.85
CA VAL K 902 51.28 51.87 58.60
C VAL K 902 51.76 50.55 58.04
N PHE K 903 51.76 50.45 56.71
CA PHE K 903 52.18 49.24 56.01
C PHE K 903 53.38 49.59 55.13
N HIS K 904 54.51 48.95 55.43
CA HIS K 904 55.72 48.97 54.63
C HIS K 904 56.04 47.56 54.18
N VAL K 905 56.85 47.45 53.13
CA VAL K 905 57.25 46.12 52.67
C VAL K 905 58.04 45.39 53.75
N PHE K 906 58.03 44.07 53.66
CA PHE K 906 58.75 43.20 54.59
C PHE K 906 58.22 43.31 56.02
N ASP K 907 56.95 43.68 56.19
CA ASP K 907 56.33 43.62 57.50
C ASP K 907 55.65 42.26 57.64
N LYS K 908 54.83 42.08 58.69
CA LYS K 908 54.13 40.83 58.90
C LYS K 908 52.67 41.09 59.21
N VAL K 909 51.82 40.17 58.77
CA VAL K 909 50.40 40.21 59.04
C VAL K 909 49.88 38.79 58.94
N LYS K 910 48.94 38.43 59.81
CA LYS K 910 48.29 37.14 59.67
C LYS K 910 47.01 37.32 58.86
N VAL K 911 46.62 36.28 58.13
CA VAL K 911 45.51 36.41 57.21
C VAL K 911 44.58 35.21 57.30
N LYS K 912 43.31 35.46 56.98
CA LYS K 912 42.30 34.42 56.86
C LYS K 912 41.90 34.35 55.39
N ILE K 913 42.00 33.15 54.82
CA ILE K 913 41.75 32.91 53.40
C ILE K 913 40.33 32.39 53.27
N MET K 914 39.45 33.22 52.70
CA MET K 914 38.08 32.82 52.40
C MET K 914 37.92 32.80 50.88
N LEU K 915 37.55 31.64 50.35
CA LEU K 915 37.30 31.50 48.92
C LEU K 915 35.83 31.73 48.62
N ASP K 916 35.57 32.66 47.71
CA ASP K 916 34.21 32.97 47.27
C ASP K 916 33.90 32.17 46.01
N SER K 917 32.74 31.51 46.02
CA SER K 917 32.27 30.70 44.90
C SER K 917 30.93 31.20 44.37
N SER K 918 30.62 32.48 44.59
CA SER K 918 29.40 33.06 44.06
C SER K 918 29.24 32.72 42.58
N ASN K 919 30.20 33.17 41.77
CA ASN K 919 30.30 32.73 40.39
C ASN K 919 31.15 31.47 40.35
N LEU K 920 30.52 30.32 40.12
CA LEU K 920 31.26 29.08 40.04
C LEU K 920 32.37 29.18 39.00
N GLN K 921 32.22 30.08 38.03
CA GLN K 921 33.32 30.47 37.18
C GLN K 921 34.20 31.45 37.94
N HIS K 922 35.49 31.16 38.03
CA HIS K 922 36.44 31.99 38.75
C HIS K 922 36.14 31.98 40.25
N GLN K 923 36.06 30.79 40.83
CA GLN K 923 35.99 30.69 42.28
C GLN K 923 37.25 31.30 42.85
N LYS K 924 37.16 32.46 43.47
CA LYS K 924 38.32 33.31 43.71
C LYS K 924 38.64 33.41 45.19
N ILE K 925 39.93 33.39 45.49
CA ILE K 925 40.38 33.55 46.86
C ILE K 925 40.11 34.98 47.33
N ARG K 926 40.13 35.16 48.65
CA ARG K 926 40.00 36.47 49.26
C ARG K 926 40.79 36.43 50.57
N MET K 927 41.50 37.53 50.82
CA MET K 927 42.29 37.70 52.03
C MET K 927 41.59 38.63 53.00
N SER K 928 41.56 38.23 54.27
CA SER K 928 41.19 39.10 55.37
C SER K 928 42.40 39.23 56.28
N LEU K 929 42.57 40.41 56.88
CA LEU K 929 43.79 40.76 57.58
C LEU K 929 43.57 40.79 59.08
N VAL K 930 44.59 40.35 59.82
CA VAL K 930 44.66 40.52 61.27
C VAL K 930 46.13 40.66 61.68
N GLU K 931 46.35 40.93 62.96
CA GLU K 931 47.69 41.19 63.46
C GLU K 931 47.87 40.61 64.87
N ARG L 7 -46.17 -71.62 -20.40
CA ARG L 7 -45.06 -72.00 -19.52
C ARG L 7 -43.88 -71.07 -19.73
N LYS L 8 -42.85 -71.23 -18.90
CA LYS L 8 -41.66 -70.40 -18.97
C LYS L 8 -40.62 -70.96 -18.02
N THR L 9 -39.36 -70.66 -18.31
CA THR L 9 -38.23 -71.17 -17.53
C THR L 9 -37.23 -70.08 -17.17
N ARG L 10 -37.15 -69.04 -18.00
CA ARG L 10 -36.15 -68.00 -17.84
C ARG L 10 -36.82 -66.64 -17.64
N LEU L 11 -36.00 -65.67 -17.24
CA LEU L 11 -36.48 -64.33 -16.93
C LEU L 11 -36.78 -63.56 -18.22
N SER L 12 -37.10 -62.28 -18.08
CA SER L 12 -37.30 -61.38 -19.20
C SER L 12 -36.16 -60.37 -19.28
N LYS L 13 -36.09 -59.66 -20.41
CA LYS L 13 -34.99 -58.73 -20.62
C LYS L 13 -35.24 -57.41 -19.91
N ASN L 14 -36.41 -56.80 -20.16
CA ASN L 14 -36.75 -55.55 -19.51
C ASN L 14 -36.49 -55.63 -18.00
N LEU L 15 -36.75 -56.80 -17.43
CA LEU L 15 -36.39 -57.03 -16.03
C LEU L 15 -34.88 -57.22 -15.88
N LEU L 16 -34.28 -58.00 -16.77
CA LEU L 16 -32.87 -58.33 -16.67
C LEU L 16 -31.95 -57.15 -16.93
N ARG L 17 -32.48 -55.96 -17.23
CA ARG L 17 -31.65 -54.79 -17.44
C ARG L 17 -31.41 -53.99 -16.15
N MET L 18 -32.28 -54.15 -15.16
CA MET L 18 -32.18 -53.34 -13.94
C MET L 18 -30.84 -53.56 -13.26
N LYS L 19 -30.56 -52.70 -12.29
CA LYS L 19 -29.23 -52.61 -11.69
C LYS L 19 -29.04 -53.56 -10.51
N PHE L 20 -30.05 -53.71 -9.65
CA PHE L 20 -29.91 -54.65 -8.54
C PHE L 20 -29.74 -56.08 -9.02
N MET L 21 -29.96 -56.34 -10.30
CA MET L 21 -29.81 -57.68 -10.86
C MET L 21 -28.38 -57.90 -11.34
N GLN L 22 -27.89 -56.99 -12.18
CA GLN L 22 -26.52 -57.05 -12.70
C GLN L 22 -25.48 -57.23 -11.61
N ARG L 23 -25.78 -56.83 -10.37
CA ARG L 23 -24.85 -57.00 -9.26
C ARG L 23 -24.76 -58.47 -8.86
N HIS L 45 -2.07 -46.31 -38.85
CA HIS L 45 -0.75 -45.81 -38.50
C HIS L 45 0.30 -46.49 -39.36
N TRP L 46 1.54 -46.53 -38.90
CA TRP L 46 2.65 -46.98 -39.74
C TRP L 46 3.85 -47.27 -38.85
N TYR L 47 4.98 -47.54 -39.50
CA TYR L 47 6.24 -47.87 -38.82
C TYR L 47 7.37 -47.54 -39.80
N LEU L 48 8.59 -47.78 -39.36
CA LEU L 48 9.75 -47.43 -40.17
C LEU L 48 10.96 -48.17 -39.64
N ASP L 49 11.84 -48.55 -40.55
CA ASP L 49 13.04 -49.30 -40.23
C ASP L 49 14.23 -48.41 -40.57
N LEU L 50 14.92 -47.92 -39.53
CA LEU L 50 16.14 -47.16 -39.72
C LEU L 50 17.34 -48.07 -39.49
N PRO L 51 17.99 -48.59 -40.54
CA PRO L 51 19.19 -49.40 -40.30
C PRO L 51 20.18 -48.71 -39.40
N GLU L 52 20.23 -47.37 -39.44
CA GLU L 52 21.12 -46.65 -38.56
C GLU L 52 20.66 -46.75 -37.11
N LEU L 53 19.34 -46.81 -36.89
CA LEU L 53 18.79 -46.71 -35.55
C LEU L 53 17.62 -47.68 -35.35
N LYS L 54 17.67 -48.85 -35.98
CA LYS L 54 16.54 -49.77 -35.90
C LYS L 54 16.60 -50.56 -34.61
N GLU L 55 17.68 -51.33 -34.43
CA GLU L 55 17.86 -52.19 -33.26
C GLU L 55 18.63 -51.48 -32.16
N LYS L 56 18.56 -50.16 -32.12
CA LYS L 56 19.31 -49.37 -31.15
C LYS L 56 18.41 -49.09 -29.95
N GLU L 57 19.05 -48.79 -28.83
CA GLU L 57 18.31 -48.48 -27.61
C GLU L 57 19.10 -47.46 -26.82
N SER L 58 18.40 -46.67 -26.01
CA SER L 58 19.08 -45.69 -25.19
C SER L 58 20.04 -46.40 -24.25
N PHE L 59 21.22 -45.81 -24.06
CA PHE L 59 22.21 -46.37 -23.16
C PHE L 59 22.25 -45.67 -21.81
N ILE L 60 21.77 -44.44 -21.73
CA ILE L 60 21.68 -43.71 -20.47
C ILE L 60 20.40 -42.89 -20.50
N ILE L 61 19.69 -42.88 -19.38
CA ILE L 61 18.39 -42.24 -19.29
C ILE L 61 18.38 -41.31 -18.09
N GLU L 62 17.72 -40.17 -18.26
CA GLU L 62 17.69 -39.12 -17.26
C GLU L 62 16.53 -39.39 -16.30
N GLU L 63 16.86 -39.58 -15.02
CA GLU L 63 15.87 -39.76 -13.97
C GLU L 63 16.04 -38.65 -12.93
N GLN L 64 14.95 -38.40 -12.21
CA GLN L 64 14.93 -37.35 -11.19
C GLN L 64 14.22 -37.85 -9.95
N SER L 65 14.25 -39.15 -9.70
CA SER L 65 13.58 -39.76 -8.58
C SER L 65 14.61 -40.40 -7.65
N PHE L 66 14.50 -40.11 -6.37
CA PHE L 66 15.40 -40.64 -5.36
C PHE L 66 15.00 -42.04 -4.90
N LEU L 67 14.07 -42.67 -5.62
CA LEU L 67 13.57 -43.99 -5.27
C LEU L 67 14.35 -45.08 -5.99
N LEU L 68 14.34 -45.06 -7.33
CA LEU L 68 15.25 -45.89 -8.09
C LEU L 68 16.67 -45.74 -7.55
N CYS L 69 17.15 -44.50 -7.49
CA CYS L 69 18.37 -44.15 -6.77
C CYS L 69 18.55 -44.93 -5.47
N GLU L 70 17.56 -44.84 -4.59
CA GLU L 70 17.72 -45.32 -3.22
C GLU L 70 16.40 -45.85 -2.70
N ASP L 71 16.49 -46.91 -1.89
CA ASP L 71 15.30 -47.51 -1.29
C ASP L 71 14.82 -46.67 -0.12
N LEU L 72 13.50 -46.62 0.07
CA LEU L 72 12.91 -45.83 1.13
C LEU L 72 11.68 -46.56 1.67
N LEU L 73 11.45 -46.37 2.96
CA LEU L 73 10.30 -46.96 3.63
C LEU L 73 9.03 -46.22 3.20
N TYR L 74 7.91 -46.59 3.82
CA TYR L 74 6.63 -45.98 3.56
C TYR L 74 6.47 -44.78 4.47
N GLY L 75 6.11 -43.63 3.90
CA GLY L 75 6.03 -42.39 4.64
C GLY L 75 5.29 -42.49 5.94
N ARG L 76 3.99 -42.70 5.86
CA ARG L 76 3.13 -42.69 7.04
C ARG L 76 3.39 -43.93 7.88
N MET L 77 3.80 -43.73 9.13
CA MET L 77 4.09 -44.83 10.03
C MET L 77 3.47 -44.52 11.39
N SER L 78 3.85 -45.33 12.39
CA SER L 78 3.27 -45.25 13.72
C SER L 78 4.05 -46.15 14.66
N PHE L 79 4.01 -45.81 15.94
CA PHE L 79 4.78 -46.51 16.98
C PHE L 79 3.85 -46.88 18.13
N ARG L 80 3.66 -48.17 18.33
CA ARG L 80 2.95 -48.72 19.49
C ARG L 80 1.63 -47.98 19.76
N GLY L 81 0.71 -48.11 18.80
CA GLY L 81 -0.70 -47.87 19.08
C GLY L 81 -1.43 -46.89 18.19
N PHE L 82 -0.82 -45.76 17.84
CA PHE L 82 -1.52 -44.77 17.03
C PHE L 82 -1.88 -45.33 15.66
N ASN L 83 -3.18 -45.38 15.38
CA ASN L 83 -3.71 -45.76 14.08
C ASN L 83 -3.15 -47.10 13.60
N PRO L 84 -3.58 -48.21 14.19
CA PRO L 84 -3.06 -49.52 13.78
C PRO L 84 -3.19 -49.81 12.29
N GLU L 85 -4.14 -49.15 11.63
CA GLU L 85 -4.23 -49.26 10.18
C GLU L 85 -2.90 -48.92 9.53
N VAL L 86 -2.25 -47.87 10.02
CA VAL L 86 -0.93 -47.52 9.54
C VAL L 86 0.07 -48.60 9.92
N GLU L 87 -0.18 -49.34 11.00
CA GLU L 87 0.74 -50.41 11.36
C GLU L 87 0.68 -51.55 10.35
N LYS L 88 -0.52 -51.94 9.94
CA LYS L 88 -0.61 -52.96 8.89
C LYS L 88 -0.09 -52.43 7.56
N LEU L 89 -0.30 -51.15 7.27
CA LEU L 89 0.34 -50.57 6.08
C LEU L 89 1.85 -50.68 6.15
N MET L 90 2.45 -50.36 7.30
CA MET L 90 3.88 -50.53 7.48
C MET L 90 4.29 -51.97 7.18
N LEU L 91 3.63 -52.92 7.83
CA LEU L 91 3.94 -54.33 7.61
C LEU L 91 3.85 -54.68 6.13
N GLN L 92 2.90 -54.07 5.42
CA GLN L 92 2.65 -54.40 4.03
C GLN L 92 3.72 -53.81 3.11
N MET L 93 3.85 -52.49 3.10
CA MET L 93 4.65 -51.79 2.10
C MET L 93 6.16 -51.87 2.37
N ASN L 94 6.57 -52.21 3.58
CA ASN L 94 7.99 -52.25 3.94
C ASN L 94 8.62 -53.64 3.77
N ALA L 95 8.22 -54.39 2.76
CA ALA L 95 8.85 -55.68 2.49
C ALA L 95 8.75 -56.04 1.01
N MET M 99 -70.68 -13.70 -19.63
CA MET M 99 -70.42 -15.13 -19.54
C MET M 99 -69.36 -15.55 -20.54
N PRO M 100 -68.81 -16.75 -20.38
CA PRO M 100 -67.76 -17.22 -21.29
C PRO M 100 -68.30 -17.61 -22.65
N ARG M 101 -68.04 -16.80 -23.67
CA ARG M 101 -68.42 -17.17 -25.03
C ARG M 101 -67.40 -18.14 -25.59
N VAL M 102 -67.89 -19.21 -26.21
CA VAL M 102 -67.04 -20.31 -26.65
C VAL M 102 -67.80 -21.06 -27.73
N LYS M 103 -67.07 -21.58 -28.71
CA LYS M 103 -67.67 -22.23 -29.87
C LYS M 103 -67.14 -23.65 -29.96
N VAL M 104 -68.03 -24.62 -29.86
CA VAL M 104 -67.65 -26.02 -29.91
C VAL M 104 -68.18 -26.61 -31.22
N GLN M 105 -67.44 -27.59 -31.74
CA GLN M 105 -67.70 -28.11 -33.07
C GLN M 105 -67.30 -29.58 -33.11
N SER M 106 -67.88 -30.30 -34.05
CA SER M 106 -67.56 -31.69 -34.28
C SER M 106 -66.96 -31.85 -35.68
N VAL M 107 -66.21 -32.92 -35.86
CA VAL M 107 -65.56 -33.20 -37.12
C VAL M 107 -66.09 -34.52 -37.67
N GLU M 108 -66.11 -34.62 -38.99
CA GLU M 108 -66.65 -35.77 -39.71
C GLU M 108 -65.59 -36.86 -39.80
N THR M 109 -65.68 -37.85 -38.91
CA THR M 109 -64.74 -38.96 -38.90
C THR M 109 -65.47 -40.30 -38.98
N VAL M 110 -64.75 -41.39 -38.78
CA VAL M 110 -65.28 -42.72 -38.97
C VAL M 110 -65.62 -43.32 -37.61
N GLU M 111 -66.39 -44.41 -37.63
CA GLU M 111 -66.74 -45.08 -36.40
C GLU M 111 -65.50 -45.69 -35.75
N GLY M 112 -65.42 -45.59 -34.44
CA GLY M 112 -64.26 -46.05 -33.70
C GLY M 112 -63.90 -45.07 -32.61
N CYS M 113 -64.35 -43.84 -32.75
CA CYS M 113 -64.12 -42.78 -31.79
C CYS M 113 -64.95 -41.57 -32.20
N THR M 114 -64.86 -40.51 -31.41
CA THR M 114 -65.49 -39.24 -31.70
C THR M 114 -64.49 -38.12 -31.40
N HIS M 115 -64.39 -37.18 -32.33
CA HIS M 115 -63.43 -36.09 -32.29
C HIS M 115 -64.18 -34.77 -32.34
N GLU M 116 -63.87 -33.88 -31.40
CA GLU M 116 -64.58 -32.60 -31.33
C GLU M 116 -63.66 -31.50 -30.83
N VAL M 117 -63.80 -30.31 -31.41
CA VAL M 117 -62.93 -29.18 -31.10
C VAL M 117 -63.70 -28.16 -30.27
N ALA M 118 -62.95 -27.39 -29.49
CA ALA M 118 -63.47 -26.24 -28.75
C ALA M 118 -62.54 -25.07 -29.02
N LEU M 119 -63.11 -23.96 -29.46
CA LEU M 119 -62.31 -22.85 -29.95
C LEU M 119 -62.99 -21.54 -29.59
N PRO M 120 -62.28 -20.43 -29.72
CA PRO M 120 -62.86 -19.12 -29.34
C PRO M 120 -64.07 -18.78 -30.19
N ALA M 121 -65.03 -18.11 -29.55
CA ALA M 121 -66.33 -17.90 -30.15
C ALA M 121 -66.29 -17.02 -31.38
N GLU M 122 -65.11 -16.51 -31.78
CA GLU M 122 -64.99 -15.62 -32.91
C GLU M 122 -63.78 -16.00 -33.76
N GLU M 123 -63.56 -17.30 -33.92
CA GLU M 123 -62.52 -17.80 -34.83
C GLU M 123 -63.06 -18.99 -35.61
N ASP M 124 -63.19 -18.83 -36.92
CA ASP M 124 -63.72 -19.90 -37.77
C ASP M 124 -62.79 -21.11 -37.75
N TYR M 125 -63.21 -22.20 -38.39
CA TYR M 125 -62.57 -23.50 -38.24
C TYR M 125 -61.99 -23.97 -39.57
N LEU M 126 -60.67 -24.13 -39.62
CA LEU M 126 -59.99 -24.76 -40.73
C LEU M 126 -59.30 -26.02 -40.20
N PRO M 127 -59.71 -27.22 -40.64
CA PRO M 127 -59.29 -28.44 -39.92
C PRO M 127 -57.79 -28.70 -39.96
N LEU M 128 -57.35 -29.75 -39.25
CA LEU M 128 -55.95 -30.10 -39.23
C LEU M 128 -55.45 -30.43 -40.64
N LYS M 129 -54.14 -30.51 -40.77
CA LYS M 129 -53.49 -30.79 -42.04
C LYS M 129 -52.53 -31.96 -41.85
N PRO M 130 -52.25 -32.71 -42.91
CA PRO M 130 -51.34 -33.86 -42.78
C PRO M 130 -49.93 -33.43 -42.38
N ARG M 131 -49.16 -34.42 -41.99
CA ARG M 131 -47.78 -34.22 -41.58
C ARG M 131 -46.98 -33.60 -42.71
N VAL M 132 -45.79 -33.11 -42.37
CA VAL M 132 -44.81 -32.66 -43.35
C VAL M 132 -43.51 -33.38 -43.03
N GLY M 133 -43.08 -34.24 -43.94
CA GLY M 133 -41.82 -34.94 -43.82
C GLY M 133 -41.91 -36.15 -42.90
N LYS M 134 -40.73 -36.58 -42.43
CA LYS M 134 -40.62 -37.78 -41.62
C LYS M 134 -41.47 -37.68 -40.35
N ALA M 135 -41.80 -38.86 -39.83
CA ALA M 135 -42.49 -38.99 -38.55
C ALA M 135 -41.50 -38.94 -37.40
N ALA M 136 -41.96 -38.40 -36.27
CA ALA M 136 -41.11 -38.28 -35.10
C ALA M 136 -40.77 -39.65 -34.52
N LYS M 137 -41.70 -40.60 -34.60
CA LYS M 137 -41.50 -41.92 -33.99
C LYS M 137 -42.36 -42.92 -34.75
N GLU M 138 -41.73 -43.73 -35.60
CA GLU M 138 -42.43 -44.82 -36.25
C GLU M 138 -42.72 -45.93 -35.24
N TYR M 139 -43.85 -46.62 -35.46
CA TYR M 139 -44.28 -47.63 -34.51
C TYR M 139 -44.33 -49.00 -35.18
N PRO M 140 -44.02 -50.07 -34.43
CA PRO M 140 -44.03 -51.41 -35.04
C PRO M 140 -45.37 -51.79 -35.61
N PHE M 141 -46.44 -51.48 -34.91
CA PHE M 141 -47.79 -51.85 -35.30
C PHE M 141 -48.49 -50.66 -35.96
N ILE M 142 -49.78 -50.81 -36.24
CA ILE M 142 -50.58 -49.78 -36.87
C ILE M 142 -51.42 -49.09 -35.81
N LEU M 143 -51.49 -47.77 -35.89
CA LEU M 143 -52.16 -46.98 -34.88
C LEU M 143 -53.64 -46.88 -35.21
N ASP M 144 -54.48 -47.01 -34.19
CA ASP M 144 -55.92 -46.90 -34.36
C ASP M 144 -56.28 -45.50 -34.86
N ALA M 145 -57.56 -45.35 -35.24
CA ALA M 145 -58.05 -44.03 -35.62
C ALA M 145 -57.90 -43.07 -34.45
N PHE M 146 -58.22 -43.54 -33.25
CA PHE M 146 -57.98 -42.82 -32.01
C PHE M 146 -56.58 -42.21 -31.96
N GLN M 147 -55.58 -43.09 -31.98
CA GLN M 147 -54.21 -42.64 -31.79
C GLN M 147 -53.73 -41.79 -32.94
N ARG M 148 -54.08 -42.17 -34.17
CA ARG M 148 -53.57 -41.40 -35.31
C ARG M 148 -54.21 -40.02 -35.38
N GLU M 149 -55.46 -39.88 -34.93
CA GLU M 149 -56.05 -38.55 -34.81
C GLU M 149 -55.34 -37.75 -33.73
N ALA M 150 -55.02 -38.37 -32.59
CA ALA M 150 -54.25 -37.67 -31.57
C ALA M 150 -52.91 -37.20 -32.12
N ILE M 151 -52.24 -38.05 -32.89
CA ILE M 151 -50.93 -37.69 -33.44
C ILE M 151 -51.06 -36.58 -34.46
N GLN M 152 -52.07 -36.65 -35.32
CA GLN M 152 -52.28 -35.60 -36.31
C GLN M 152 -52.52 -34.27 -35.61
N CYS M 153 -53.23 -34.29 -34.49
CA CYS M 153 -53.41 -33.07 -33.71
C CYS M 153 -52.08 -32.58 -33.12
N VAL M 154 -51.34 -33.49 -32.47
CA VAL M 154 -50.07 -33.11 -31.86
C VAL M 154 -49.05 -32.62 -32.87
N ASP M 155 -49.18 -33.01 -34.14
CA ASP M 155 -48.21 -32.58 -35.13
C ASP M 155 -48.37 -31.11 -35.44
N ASN M 156 -49.60 -30.67 -35.63
CA ASN M 156 -49.92 -29.29 -35.97
C ASN M 156 -49.82 -28.35 -34.78
N ASN M 157 -49.24 -28.80 -33.67
CA ASN M 157 -49.04 -27.98 -32.48
C ASN M 157 -50.37 -27.41 -31.95
N GLN M 158 -51.21 -28.32 -31.48
CA GLN M 158 -52.48 -27.97 -30.86
C GLN M 158 -52.72 -28.90 -29.69
N SER M 159 -53.16 -28.34 -28.57
CA SER M 159 -53.35 -29.11 -27.35
C SER M 159 -54.56 -30.02 -27.49
N VAL M 160 -54.61 -31.06 -26.66
CA VAL M 160 -55.59 -32.13 -26.86
C VAL M 160 -56.04 -32.72 -25.52
N LEU M 161 -57.22 -33.35 -25.56
CA LEU M 161 -57.77 -34.14 -24.47
C LEU M 161 -58.11 -35.51 -25.02
N VAL M 162 -57.79 -36.55 -24.24
CA VAL M 162 -57.93 -37.92 -24.70
C VAL M 162 -58.60 -38.70 -23.57
N SER M 163 -59.86 -39.06 -23.77
CA SER M 163 -60.64 -39.78 -22.77
C SER M 163 -60.97 -41.14 -23.36
N ALA M 164 -60.19 -42.15 -22.98
CA ALA M 164 -60.45 -43.50 -23.43
C ALA M 164 -59.96 -44.48 -22.39
N HIS M 165 -60.65 -45.62 -22.30
CA HIS M 165 -60.30 -46.63 -21.31
C HIS M 165 -58.81 -46.93 -21.38
N THR M 166 -58.24 -47.25 -20.23
CA THR M 166 -56.85 -47.68 -20.18
C THR M 166 -56.67 -48.93 -21.03
N SER M 167 -55.41 -49.21 -21.39
CA SER M 167 -55.03 -50.37 -22.19
C SER M 167 -55.29 -50.12 -23.66
N ALA M 168 -55.60 -48.88 -24.05
CA ALA M 168 -55.80 -48.50 -25.44
C ALA M 168 -54.62 -47.74 -25.98
N GLY M 169 -53.41 -48.09 -25.54
CA GLY M 169 -52.23 -47.40 -26.04
C GLY M 169 -52.30 -45.91 -25.86
N LYS M 170 -52.86 -45.48 -24.73
CA LYS M 170 -53.04 -44.06 -24.45
C LYS M 170 -51.71 -43.33 -24.24
N THR M 171 -50.61 -44.06 -24.09
CA THR M 171 -49.30 -43.47 -23.83
C THR M 171 -48.55 -43.14 -25.12
N VAL M 172 -49.15 -43.41 -26.28
CA VAL M 172 -48.44 -43.23 -27.55
C VAL M 172 -48.30 -41.75 -27.89
N CYS M 173 -49.40 -41.00 -27.78
CA CYS M 173 -49.37 -39.56 -28.01
C CYS M 173 -48.28 -38.89 -27.19
N ALA M 174 -48.07 -39.38 -25.96
CA ALA M 174 -47.04 -38.81 -25.11
C ALA M 174 -45.66 -38.96 -25.73
N GLU M 175 -45.32 -40.17 -26.17
CA GLU M 175 -44.01 -40.39 -26.77
C GLU M 175 -43.84 -39.59 -28.05
N TYR M 176 -44.90 -39.52 -28.87
CA TYR M 176 -44.81 -38.72 -30.09
C TYR M 176 -44.51 -37.26 -29.76
N ALA M 177 -45.24 -36.69 -28.81
CA ALA M 177 -45.01 -35.30 -28.42
C ALA M 177 -43.60 -35.11 -27.89
N ILE M 178 -43.14 -36.03 -27.04
CA ILE M 178 -41.80 -35.94 -26.48
C ILE M 178 -40.77 -35.90 -27.60
N ALA M 179 -40.89 -36.80 -28.57
CA ALA M 179 -39.90 -36.86 -29.64
C ALA M 179 -40.00 -35.64 -30.53
N LEU M 180 -41.21 -35.17 -30.81
CA LEU M 180 -41.38 -33.95 -31.58
C LEU M 180 -40.70 -32.77 -30.90
N ALA M 181 -40.86 -32.65 -29.58
CA ALA M 181 -40.20 -31.57 -28.87
C ALA M 181 -38.68 -31.70 -28.90
N LEU M 182 -38.17 -32.90 -28.63
CA LEU M 182 -36.72 -33.11 -28.72
C LEU M 182 -36.20 -33.02 -30.14
N ARG M 183 -37.08 -32.91 -31.14
CA ARG M 183 -36.66 -32.71 -32.51
C ARG M 183 -36.52 -31.24 -32.85
N GLU M 184 -37.30 -30.39 -32.18
CA GLU M 184 -37.30 -28.95 -32.42
C GLU M 184 -36.56 -28.19 -31.33
N LYS M 185 -35.71 -28.86 -30.57
CA LYS M 185 -34.92 -28.33 -29.46
C LYS M 185 -35.78 -27.92 -28.28
N GLN M 186 -37.11 -27.98 -28.37
CA GLN M 186 -37.96 -27.61 -27.25
C GLN M 186 -37.67 -28.48 -26.03
N ARG M 187 -38.30 -28.11 -24.93
CA ARG M 187 -38.37 -28.95 -23.74
C ARG M 187 -39.81 -29.39 -23.53
N VAL M 188 -39.99 -30.53 -22.87
CA VAL M 188 -41.31 -31.09 -22.62
C VAL M 188 -41.37 -31.55 -21.17
N ILE M 189 -42.59 -31.66 -20.67
CA ILE M 189 -42.79 -32.04 -19.28
C ILE M 189 -43.92 -33.05 -19.18
N PHE M 190 -43.80 -33.95 -18.20
CA PHE M 190 -44.66 -35.11 -18.02
C PHE M 190 -45.05 -35.17 -16.56
N THR M 191 -46.30 -34.80 -16.28
CA THR M 191 -46.80 -34.66 -14.92
C THR M 191 -47.54 -35.93 -14.51
N SER M 192 -46.91 -36.72 -13.66
CA SER M 192 -47.54 -37.90 -13.08
C SER M 192 -47.60 -37.68 -11.57
N PRO M 193 -48.78 -37.54 -10.98
CA PRO M 193 -48.84 -37.23 -9.54
C PRO M 193 -48.13 -38.27 -8.70
N ILE M 194 -48.43 -39.56 -8.91
CA ILE M 194 -47.83 -40.59 -8.11
C ILE M 194 -46.32 -40.56 -8.29
N LYS M 195 -45.61 -41.10 -7.31
CA LYS M 195 -44.15 -41.22 -7.36
C LYS M 195 -43.69 -42.50 -8.05
N ALA M 196 -44.32 -43.64 -7.72
CA ALA M 196 -43.91 -44.90 -8.31
C ALA M 196 -44.25 -44.94 -9.80
N LEU M 197 -45.45 -44.47 -10.16
CA LEU M 197 -45.79 -44.33 -11.56
C LEU M 197 -44.76 -43.46 -12.27
N SER M 198 -44.30 -42.39 -11.61
CA SER M 198 -43.31 -41.53 -12.22
C SER M 198 -42.00 -42.26 -12.43
N ASN M 199 -41.59 -43.07 -11.45
CA ASN M 199 -40.37 -43.87 -11.61
C ASN M 199 -40.48 -44.82 -12.78
N GLN M 200 -41.65 -45.45 -12.95
CA GLN M 200 -41.84 -46.36 -14.07
C GLN M 200 -41.75 -45.61 -15.40
N LYS M 201 -42.46 -44.48 -15.49
CA LYS M 201 -42.42 -43.69 -16.71
C LYS M 201 -41.01 -43.20 -17.00
N TYR M 202 -40.23 -42.91 -15.96
CA TYR M 202 -38.86 -42.48 -16.18
C TYR M 202 -37.99 -43.61 -16.70
N ARG M 203 -38.11 -44.79 -16.09
CA ARG M 203 -37.37 -45.95 -16.60
C ARG M 203 -37.67 -46.16 -18.07
N GLU M 204 -38.95 -46.09 -18.44
CA GLU M 204 -39.35 -46.31 -19.83
C GLU M 204 -38.77 -45.23 -20.74
N MET M 205 -39.02 -43.96 -20.43
CA MET M 205 -38.55 -42.86 -21.26
C MET M 205 -37.03 -42.82 -21.36
N TYR M 206 -36.33 -43.32 -20.34
CA TYR M 206 -34.88 -43.34 -20.40
C TYR M 206 -34.41 -44.46 -21.32
N GLU M 207 -34.98 -45.64 -21.16
CA GLU M 207 -34.74 -46.71 -22.12
C GLU M 207 -34.93 -46.20 -23.55
N GLU M 208 -35.96 -45.39 -23.78
CA GLU M 208 -36.31 -45.02 -25.15
C GLU M 208 -35.47 -43.85 -25.67
N PHE M 209 -35.57 -42.68 -25.02
CA PHE M 209 -35.05 -41.45 -25.59
C PHE M 209 -33.64 -41.09 -25.15
N GLN M 210 -33.20 -41.58 -23.98
CA GLN M 210 -31.87 -41.35 -23.46
C GLN M 210 -31.69 -39.92 -22.95
N ASP M 211 -32.69 -39.07 -23.17
CA ASP M 211 -32.66 -37.67 -22.72
C ASP M 211 -33.90 -37.44 -21.87
N VAL M 212 -33.75 -37.58 -20.55
CA VAL M 212 -34.84 -37.40 -19.61
C VAL M 212 -34.29 -36.95 -18.28
N GLY M 213 -35.19 -36.47 -17.42
CA GLY M 213 -34.82 -36.02 -16.09
C GLY M 213 -35.99 -36.12 -15.13
N LEU M 214 -35.75 -36.73 -13.97
CA LEU M 214 -36.79 -36.98 -12.99
C LEU M 214 -36.70 -35.99 -11.84
N MET M 215 -37.86 -35.45 -11.45
CA MET M 215 -37.98 -34.67 -10.23
C MET M 215 -39.08 -35.26 -9.38
N THR M 216 -38.84 -35.32 -8.06
CA THR M 216 -39.80 -35.89 -7.13
C THR M 216 -39.34 -35.54 -5.73
N GLY M 217 -40.25 -35.71 -4.77
CA GLY M 217 -39.97 -35.34 -3.40
C GLY M 217 -38.74 -36.02 -2.83
N ASP M 218 -38.31 -37.13 -3.41
CA ASP M 218 -37.23 -37.93 -2.85
C ASP M 218 -35.91 -37.79 -3.59
N VAL M 219 -35.94 -37.58 -4.89
CA VAL M 219 -34.73 -37.57 -5.71
C VAL M 219 -34.85 -36.52 -6.80
N THR M 220 -33.79 -36.41 -7.60
CA THR M 220 -33.73 -35.49 -8.72
C THR M 220 -32.66 -36.03 -9.65
N ILE M 221 -33.00 -36.13 -10.93
CA ILE M 221 -32.13 -36.76 -11.92
C ILE M 221 -32.13 -35.90 -13.18
N ASN M 222 -30.93 -35.72 -13.75
CA ASN M 222 -30.73 -35.11 -15.06
C ASN M 222 -31.75 -33.99 -15.28
N PRO M 223 -31.79 -32.98 -14.40
CA PRO M 223 -32.77 -31.91 -14.58
C PRO M 223 -32.52 -31.06 -15.81
N THR M 224 -31.32 -31.12 -16.39
CA THR M 224 -31.04 -30.45 -17.65
C THR M 224 -31.49 -31.33 -18.82
N ALA M 225 -32.74 -31.78 -18.78
CA ALA M 225 -33.25 -32.70 -19.78
C ALA M 225 -34.41 -32.09 -20.55
N SER M 226 -34.40 -32.31 -21.86
CA SER M 226 -35.48 -31.82 -22.71
C SER M 226 -36.82 -32.40 -22.29
N CYS M 227 -36.83 -33.49 -21.54
CA CYS M 227 -38.05 -34.09 -21.02
C CYS M 227 -37.92 -34.19 -19.50
N LEU M 228 -38.89 -33.64 -18.79
CA LEU M 228 -38.91 -33.64 -17.34
C LEU M 228 -40.10 -34.43 -16.85
N VAL M 229 -39.86 -35.59 -16.27
CA VAL M 229 -40.89 -36.38 -15.62
C VAL M 229 -40.92 -36.00 -14.15
N MET M 230 -42.12 -35.69 -13.64
CA MET M 230 -42.22 -35.37 -12.22
C MET M 230 -43.68 -35.23 -11.82
N THR M 231 -43.89 -35.06 -10.53
CA THR M 231 -45.21 -34.83 -9.97
C THR M 231 -45.70 -33.45 -10.41
N THR M 232 -46.86 -33.04 -9.89
CA THR M 232 -47.49 -31.80 -10.32
C THR M 232 -47.24 -30.65 -9.36
N GLU M 233 -47.17 -30.92 -8.06
CA GLU M 233 -46.94 -29.87 -7.07
C GLU M 233 -45.60 -29.21 -7.27
N ILE M 234 -44.60 -29.99 -7.71
CA ILE M 234 -43.32 -29.40 -8.10
C ILE M 234 -43.55 -28.34 -9.17
N LEU M 235 -44.39 -28.67 -10.14
CA LEU M 235 -44.69 -27.73 -11.22
C LEU M 235 -45.47 -26.54 -10.72
N ARG M 236 -46.30 -26.73 -9.70
CA ARG M 236 -47.00 -25.62 -9.07
C ARG M 236 -46.01 -24.64 -8.47
N SER M 237 -45.05 -25.15 -7.69
CA SER M 237 -44.04 -24.28 -7.11
C SER M 237 -43.24 -23.57 -8.20
N MET M 238 -42.92 -24.29 -9.27
CA MET M 238 -42.24 -23.65 -10.40
C MET M 238 -43.06 -22.49 -10.95
N LEU M 239 -44.30 -22.77 -11.38
CA LEU M 239 -45.15 -21.71 -11.92
C LEU M 239 -45.18 -20.50 -11.01
N TYR M 240 -45.25 -20.72 -9.70
CA TYR M 240 -45.13 -19.61 -8.77
C TYR M 240 -43.82 -18.86 -8.95
N ARG M 241 -42.70 -19.55 -8.73
CA ARG M 241 -41.38 -18.93 -8.71
C ARG M 241 -40.74 -18.85 -10.10
N GLY M 242 -41.54 -18.90 -11.17
CA GLY M 242 -41.05 -18.66 -12.52
C GLY M 242 -39.66 -19.19 -12.80
N SER M 243 -39.42 -20.46 -12.49
CA SER M 243 -38.09 -21.02 -12.64
C SER M 243 -37.69 -21.04 -14.11
N GLU M 244 -36.48 -21.54 -14.36
CA GLU M 244 -35.87 -21.44 -15.69
C GLU M 244 -36.47 -22.40 -16.70
N VAL M 245 -37.63 -22.99 -16.40
CA VAL M 245 -38.22 -24.03 -17.24
C VAL M 245 -39.40 -23.51 -18.04
N MET M 246 -40.27 -22.72 -17.39
CA MET M 246 -41.51 -22.29 -18.04
C MET M 246 -41.24 -21.55 -19.34
N ARG M 247 -40.10 -20.89 -19.44
CA ARG M 247 -39.73 -20.12 -20.62
C ARG M 247 -39.08 -20.99 -21.68
N GLU M 248 -38.90 -22.28 -21.40
CA GLU M 248 -38.32 -23.23 -22.34
C GLU M 248 -39.28 -24.31 -22.77
N VAL M 249 -40.04 -24.87 -21.84
CA VAL M 249 -40.94 -25.97 -22.14
C VAL M 249 -42.12 -25.45 -22.96
N ALA M 250 -42.43 -26.14 -24.06
CA ALA M 250 -43.60 -25.83 -24.86
C ALA M 250 -44.70 -26.87 -24.74
N TRP M 251 -44.35 -28.12 -24.44
CA TRP M 251 -45.32 -29.20 -24.30
C TRP M 251 -45.43 -29.65 -22.86
N VAL M 252 -46.65 -29.62 -22.34
CA VAL M 252 -46.97 -30.30 -21.09
C VAL M 252 -47.83 -31.51 -21.44
N ILE M 253 -47.73 -32.56 -20.63
CA ILE M 253 -48.62 -33.70 -20.78
C ILE M 253 -49.01 -34.20 -19.39
N PHE M 254 -50.32 -34.23 -19.15
CA PHE M 254 -50.93 -34.67 -17.91
C PHE M 254 -51.40 -36.11 -18.02
N ASP M 255 -51.13 -36.88 -16.98
CA ASP M 255 -51.72 -38.19 -16.78
C ASP M 255 -52.59 -38.15 -15.53
N GLU M 256 -53.72 -38.85 -15.60
CA GLU M 256 -54.65 -38.92 -14.49
C GLU M 256 -55.16 -37.53 -14.10
N ILE M 257 -55.80 -36.85 -15.06
CA ILE M 257 -56.54 -35.66 -14.65
C ILE M 257 -57.78 -36.07 -13.88
N HIS M 258 -58.31 -37.27 -14.17
CA HIS M 258 -59.48 -37.73 -13.42
C HIS M 258 -59.18 -37.82 -11.94
N TYR M 259 -57.92 -38.05 -11.58
CA TYR M 259 -57.52 -37.97 -10.18
C TYR M 259 -57.72 -36.57 -9.61
N MET M 260 -58.03 -35.59 -10.47
CA MET M 260 -58.37 -34.25 -9.99
C MET M 260 -59.76 -34.21 -9.35
N ARG M 261 -60.60 -35.21 -9.59
CA ARG M 261 -61.93 -35.17 -9.01
C ARG M 261 -61.91 -35.27 -7.49
N ASP M 262 -60.75 -35.44 -6.87
CA ASP M 262 -60.69 -35.59 -5.43
C ASP M 262 -60.94 -34.24 -4.77
N SER M 263 -60.76 -34.19 -3.45
CA SER M 263 -61.01 -32.98 -2.67
C SER M 263 -59.73 -32.35 -2.13
N GLU M 264 -58.73 -33.14 -1.79
CA GLU M 264 -57.53 -32.63 -1.14
C GLU M 264 -56.46 -32.20 -2.13
N ARG M 265 -56.58 -32.57 -3.40
CA ARG M 265 -55.56 -32.24 -4.38
C ARG M 265 -56.12 -31.79 -5.71
N GLY M 266 -57.44 -31.69 -5.84
CA GLY M 266 -58.00 -31.20 -7.09
C GLY M 266 -57.71 -29.76 -7.37
N VAL M 267 -57.01 -29.09 -6.45
CA VAL M 267 -56.65 -27.69 -6.62
C VAL M 267 -55.40 -27.59 -7.47
N VAL M 268 -54.55 -28.60 -7.43
CA VAL M 268 -53.21 -28.49 -7.98
C VAL M 268 -53.27 -28.39 -9.49
N TRP M 269 -53.93 -29.33 -10.13
CA TRP M 269 -54.04 -29.32 -11.59
C TRP M 269 -54.69 -28.03 -12.08
N GLU M 270 -55.79 -27.62 -11.45
CA GLU M 270 -56.45 -26.38 -11.85
C GLU M 270 -55.48 -25.22 -11.78
N GLU M 271 -54.94 -24.97 -10.59
CA GLU M 271 -54.06 -23.83 -10.38
C GLU M 271 -52.89 -23.85 -11.35
N THR M 272 -52.27 -25.03 -11.52
CA THR M 272 -51.18 -25.18 -12.47
C THR M 272 -51.60 -24.72 -13.86
N ILE M 273 -52.78 -25.16 -14.30
CA ILE M 273 -53.28 -24.78 -15.61
C ILE M 273 -53.47 -23.27 -15.68
N ILE M 274 -54.14 -22.69 -14.69
CA ILE M 274 -54.37 -21.25 -14.69
C ILE M 274 -53.06 -20.50 -14.80
N LEU M 275 -51.98 -21.06 -14.26
CA LEU M 275 -50.72 -20.34 -14.25
C LEU M 275 -49.96 -20.46 -15.56
N LEU M 276 -50.22 -21.49 -16.37
CA LEU M 276 -49.46 -21.69 -17.60
C LEU M 276 -49.71 -20.55 -18.57
N PRO M 277 -48.74 -20.25 -19.44
CA PRO M 277 -48.90 -19.17 -20.40
C PRO M 277 -49.66 -19.58 -21.66
N ASP M 278 -50.30 -18.58 -22.27
CA ASP M 278 -51.08 -18.79 -23.49
C ASP M 278 -50.28 -19.48 -24.58
N ASN M 279 -48.95 -19.28 -24.60
CA ASN M 279 -48.11 -19.77 -25.69
C ASN M 279 -47.65 -21.20 -25.47
N VAL M 280 -48.39 -21.97 -24.69
CA VAL M 280 -48.03 -23.34 -24.38
C VAL M 280 -48.96 -24.26 -25.16
N HIS M 281 -48.59 -25.53 -25.21
CA HIS M 281 -49.44 -26.58 -25.76
C HIS M 281 -49.30 -27.79 -24.87
N TYR M 282 -50.37 -28.57 -24.77
CA TYR M 282 -50.26 -29.74 -23.89
C TYR M 282 -51.41 -30.70 -24.08
N VAL M 283 -51.26 -31.84 -23.41
CA VAL M 283 -52.05 -33.03 -23.63
C VAL M 283 -52.67 -33.44 -22.31
N PHE M 284 -53.89 -33.96 -22.38
CA PHE M 284 -54.58 -34.52 -21.22
C PHE M 284 -54.87 -35.98 -21.51
N LEU M 285 -54.48 -36.86 -20.58
CA LEU M 285 -54.69 -38.29 -20.75
C LEU M 285 -55.59 -38.77 -19.61
N SER M 286 -56.88 -38.83 -19.87
CA SER M 286 -57.88 -39.15 -18.87
C SER M 286 -58.51 -40.51 -19.15
N ALA M 287 -59.50 -40.85 -18.34
CA ALA M 287 -60.39 -41.97 -18.56
C ALA M 287 -61.73 -41.43 -19.10
N THR M 288 -62.70 -42.33 -19.22
CA THR M 288 -64.00 -41.95 -19.75
C THR M 288 -64.62 -40.88 -18.87
N ILE M 289 -64.99 -39.76 -19.49
CA ILE M 289 -65.70 -38.69 -18.79
C ILE M 289 -66.66 -38.00 -19.75
N PRO M 290 -67.93 -37.83 -19.37
CA PRO M 290 -68.90 -37.30 -20.33
C PRO M 290 -68.89 -35.79 -20.46
N ASN M 291 -68.29 -35.06 -19.52
CA ASN M 291 -68.26 -33.61 -19.57
C ASN M 291 -67.05 -33.06 -20.32
N ALA M 292 -66.47 -33.85 -21.23
CA ALA M 292 -65.25 -33.42 -21.92
C ALA M 292 -65.46 -32.07 -22.60
N ARG M 293 -66.66 -31.82 -23.10
CA ARG M 293 -66.92 -30.56 -23.81
C ARG M 293 -66.69 -29.37 -22.89
N GLN M 294 -67.19 -29.45 -21.65
CA GLN M 294 -66.96 -28.37 -20.70
C GLN M 294 -65.48 -28.18 -20.44
N PHE M 295 -64.74 -29.28 -20.27
CA PHE M 295 -63.31 -29.19 -20.01
C PHE M 295 -62.60 -28.48 -21.15
N ALA M 296 -62.93 -28.85 -22.39
CA ALA M 296 -62.30 -28.21 -23.55
C ALA M 296 -62.66 -26.74 -23.63
N GLU M 297 -63.95 -26.41 -23.49
CA GLU M 297 -64.37 -25.02 -23.49
C GLU M 297 -63.63 -24.24 -22.42
N TRP M 298 -63.39 -24.86 -21.26
CA TRP M 298 -62.68 -24.20 -20.18
C TRP M 298 -61.24 -23.92 -20.59
N ILE M 299 -60.54 -24.93 -21.10
CA ILE M 299 -59.17 -24.74 -21.55
C ILE M 299 -59.11 -23.62 -22.58
N CYS M 300 -60.11 -23.56 -23.45
CA CYS M 300 -60.11 -22.55 -24.50
C CYS M 300 -60.30 -21.15 -23.93
N HIS M 301 -61.42 -20.92 -23.25
CA HIS M 301 -61.67 -19.64 -22.62
C HIS M 301 -60.57 -19.25 -21.65
N LEU M 302 -59.76 -20.22 -21.21
CA LEU M 302 -58.71 -19.95 -20.23
C LEU M 302 -57.38 -19.62 -20.90
N HIS M 303 -57.14 -20.17 -22.08
CA HIS M 303 -55.96 -19.86 -22.87
C HIS M 303 -56.27 -19.13 -24.15
N LYS M 304 -57.55 -18.84 -24.43
CA LYS M 304 -57.94 -18.26 -25.71
C LYS M 304 -57.35 -19.06 -26.87
N GLN M 305 -57.16 -20.35 -26.63
CA GLN M 305 -56.53 -21.32 -27.49
C GLN M 305 -57.51 -22.39 -27.95
N PRO M 306 -57.37 -22.92 -29.16
CA PRO M 306 -58.20 -24.05 -29.58
C PRO M 306 -57.70 -25.35 -28.98
N CYS M 307 -58.65 -26.25 -28.71
CA CYS M 307 -58.31 -27.55 -28.14
C CYS M 307 -59.14 -28.62 -28.82
N HIS M 308 -58.64 -29.85 -28.72
CA HIS M 308 -59.26 -31.01 -29.34
C HIS M 308 -59.71 -31.99 -28.26
N VAL M 309 -60.63 -32.86 -28.62
CA VAL M 309 -61.20 -33.83 -27.71
C VAL M 309 -61.39 -35.14 -28.46
N ILE M 310 -60.88 -36.23 -27.89
CA ILE M 310 -61.04 -37.56 -28.45
C ILE M 310 -61.73 -38.40 -27.38
N TYR M 311 -62.79 -39.11 -27.77
CA TYR M 311 -63.52 -39.96 -26.85
C TYR M 311 -63.89 -41.25 -27.54
N THR M 312 -63.88 -42.36 -26.79
CA THR M 312 -64.18 -43.64 -27.40
C THR M 312 -64.37 -44.68 -26.31
N ASP M 313 -65.36 -45.54 -26.49
CA ASP M 313 -65.54 -46.69 -25.61
C ASP M 313 -64.76 -47.90 -26.10
N TYR M 314 -63.98 -47.74 -27.16
CA TYR M 314 -63.22 -48.84 -27.75
C TYR M 314 -62.36 -49.53 -26.70
N ARG M 315 -61.99 -50.77 -26.95
CA ARG M 315 -61.20 -51.57 -26.03
C ARG M 315 -60.71 -52.80 -26.77
N PRO M 316 -59.48 -53.26 -26.49
CA PRO M 316 -58.93 -54.35 -27.30
C PRO M 316 -59.33 -55.72 -26.78
N THR M 317 -59.62 -55.80 -25.48
CA THR M 317 -59.86 -57.06 -24.80
C THR M 317 -61.19 -56.98 -24.05
N PRO M 318 -62.31 -57.28 -24.72
CA PRO M 318 -63.62 -57.18 -24.06
C PRO M 318 -63.73 -58.09 -22.84
N LEU M 319 -64.62 -57.71 -21.94
CA LEU M 319 -64.74 -58.33 -20.63
C LEU M 319 -66.05 -59.10 -20.51
N GLN M 320 -66.06 -60.07 -19.59
CA GLN M 320 -67.25 -60.84 -19.27
C GLN M 320 -67.46 -60.78 -17.75
N HIS M 321 -68.59 -60.24 -17.33
CA HIS M 321 -68.88 -60.04 -15.91
C HIS M 321 -69.73 -61.18 -15.35
N TYR M 322 -69.34 -61.69 -14.19
CA TYR M 322 -70.09 -62.72 -13.46
C TYR M 322 -70.28 -62.29 -12.01
N ILE M 323 -71.30 -62.86 -11.39
CA ILE M 323 -71.56 -62.67 -9.96
C ILE M 323 -71.32 -64.00 -9.26
N PHE M 324 -70.89 -63.92 -8.00
CA PHE M 324 -70.91 -65.06 -7.10
C PHE M 324 -71.64 -64.66 -5.83
N PRO M 325 -72.77 -65.29 -5.51
CA PRO M 325 -73.37 -65.14 -4.18
C PRO M 325 -72.78 -66.13 -3.18
N ALA M 326 -72.92 -65.78 -1.90
CA ALA M 326 -72.35 -66.59 -0.84
C ALA M 326 -72.90 -68.01 -0.92
N GLY M 327 -72.01 -68.98 -1.09
CA GLY M 327 -72.35 -70.38 -1.07
C GLY M 327 -73.10 -70.88 -2.30
N GLY M 328 -73.30 -70.04 -3.32
CA GLY M 328 -74.03 -70.50 -4.49
C GLY M 328 -73.30 -71.55 -5.30
N ASP M 329 -71.98 -71.61 -5.19
CA ASP M 329 -71.15 -72.57 -5.90
C ASP M 329 -71.32 -72.47 -7.42
N GLY M 330 -71.89 -71.37 -7.92
CA GLY M 330 -72.11 -71.22 -9.34
C GLY M 330 -72.10 -69.77 -9.79
N LEU M 331 -71.31 -69.48 -10.82
CA LEU M 331 -71.24 -68.14 -11.38
C LEU M 331 -72.39 -67.88 -12.34
N HIS M 332 -73.03 -66.73 -12.19
CA HIS M 332 -74.17 -66.35 -13.01
C HIS M 332 -73.77 -65.16 -13.86
N LEU M 333 -73.93 -65.30 -15.17
CA LEU M 333 -73.64 -64.21 -16.09
C LEU M 333 -74.64 -63.08 -15.93
N VAL M 334 -74.20 -61.87 -16.26
CA VAL M 334 -75.08 -60.71 -16.24
C VAL M 334 -74.99 -60.02 -17.60
N VAL M 335 -73.76 -59.70 -18.02
CA VAL M 335 -73.52 -59.02 -19.28
C VAL M 335 -72.44 -59.79 -20.03
N ASP M 336 -72.52 -59.75 -21.35
CA ASP M 336 -71.64 -60.51 -22.23
C ASP M 336 -70.70 -59.55 -22.95
N GLU M 337 -69.74 -60.12 -23.68
CA GLU M 337 -68.80 -59.29 -24.43
C GLU M 337 -69.52 -58.22 -25.22
N ASN M 338 -70.60 -58.59 -25.90
CA ASN M 338 -71.32 -57.66 -26.76
C ASN M 338 -72.06 -56.59 -25.99
N GLY M 339 -71.93 -56.55 -24.66
CA GLY M 339 -72.70 -55.60 -23.88
C GLY M 339 -74.11 -56.03 -23.58
N ASP M 340 -74.53 -57.20 -24.06
CA ASP M 340 -75.89 -57.68 -23.86
C ASP M 340 -76.06 -58.07 -22.40
N PHE M 341 -76.74 -57.21 -21.64
CA PHE M 341 -77.01 -57.49 -20.24
C PHE M 341 -78.27 -58.35 -20.12
N ARG M 342 -78.10 -59.55 -19.59
CA ARG M 342 -79.19 -60.50 -19.40
C ARG M 342 -79.37 -60.69 -17.90
N GLU M 343 -80.40 -60.06 -17.34
CA GLU M 343 -80.65 -60.17 -15.91
C GLU M 343 -81.37 -61.47 -15.53
N ASP M 344 -81.75 -62.29 -16.51
CA ASP M 344 -82.32 -63.59 -16.19
C ASP M 344 -81.41 -64.33 -15.22
N ASN M 345 -80.14 -64.51 -15.60
CA ASN M 345 -79.18 -65.10 -14.69
C ASN M 345 -79.00 -64.24 -13.44
N PHE M 346 -79.10 -62.91 -13.59
CA PHE M 346 -79.04 -62.02 -12.44
C PHE M 346 -80.21 -62.29 -11.50
N ASN M 347 -81.41 -62.44 -12.06
CA ASN M 347 -82.57 -62.78 -11.23
C ASN M 347 -82.38 -64.11 -10.53
N THR M 348 -81.86 -65.11 -11.25
CA THR M 348 -81.57 -66.39 -10.62
C THR M 348 -80.56 -66.22 -9.49
N ALA M 349 -79.55 -65.38 -9.68
CA ALA M 349 -78.56 -65.14 -8.64
C ALA M 349 -79.19 -64.50 -7.41
N MET M 350 -80.07 -63.51 -7.63
CA MET M 350 -80.77 -62.90 -6.49
C MET M 350 -81.64 -63.92 -5.78
N GLN M 351 -82.29 -64.81 -6.53
CA GLN M 351 -83.06 -65.88 -5.91
C GLN M 351 -82.14 -66.75 -5.04
N VAL M 352 -80.93 -67.03 -5.52
CA VAL M 352 -79.98 -67.81 -4.73
C VAL M 352 -79.64 -67.06 -3.45
N LEU M 353 -79.42 -65.75 -3.57
CA LEU M 353 -79.21 -64.93 -2.37
C LEU M 353 -80.33 -65.14 -1.38
N ARG M 354 -81.58 -64.96 -1.84
CA ARG M 354 -82.71 -65.09 -0.93
C ARG M 354 -82.75 -66.49 -0.32
N ASP M 355 -82.34 -67.50 -1.08
CA ASP M 355 -82.43 -68.87 -0.60
C ASP M 355 -81.37 -69.16 0.45
N ALA M 356 -80.17 -68.57 0.30
CA ALA M 356 -79.10 -68.79 1.26
C ALA M 356 -79.53 -68.48 2.68
N GLY M 357 -80.49 -67.57 2.84
CA GLY M 357 -81.00 -67.22 4.16
C GLY M 357 -82.47 -67.58 4.33
N SER M 375 -63.58 -69.36 4.04
CA SER M 375 -63.39 -70.57 3.24
C SER M 375 -64.22 -70.50 1.96
N ASN M 376 -64.48 -69.28 1.49
CA ASN M 376 -65.28 -69.07 0.30
C ASN M 376 -64.43 -68.53 -0.85
N VAL M 377 -63.71 -67.43 -0.64
CA VAL M 377 -62.81 -66.93 -1.67
C VAL M 377 -61.77 -67.98 -2.01
N PHE M 378 -61.40 -68.80 -1.04
CA PHE M 378 -60.57 -69.98 -1.31
C PHE M 378 -61.21 -70.83 -2.39
N LYS M 379 -62.47 -71.19 -2.19
CA LYS M 379 -63.21 -71.97 -3.17
C LYS M 379 -63.23 -71.28 -4.52
N ILE M 380 -63.41 -69.95 -4.52
CA ILE M 380 -63.49 -69.21 -5.77
C ILE M 380 -62.16 -69.28 -6.52
N VAL M 381 -61.04 -69.14 -5.82
CA VAL M 381 -59.74 -69.19 -6.48
C VAL M 381 -59.47 -70.60 -6.97
N LYS M 382 -59.90 -71.61 -6.22
CA LYS M 382 -59.78 -72.99 -6.69
C LYS M 382 -60.54 -73.16 -8.00
N MET M 383 -61.76 -72.65 -8.05
CA MET M 383 -62.53 -72.63 -9.29
C MET M 383 -61.73 -71.96 -10.40
N ILE M 384 -61.25 -70.74 -10.13
CA ILE M 384 -60.54 -69.94 -11.13
C ILE M 384 -59.39 -70.74 -11.71
N MET M 385 -58.61 -71.40 -10.85
CA MET M 385 -57.42 -72.07 -11.34
C MET M 385 -57.78 -73.34 -12.10
N GLU M 386 -58.75 -74.11 -11.61
CA GLU M 386 -59.21 -75.25 -12.38
C GLU M 386 -59.73 -74.84 -13.75
N ARG M 387 -60.28 -73.63 -13.85
CA ARG M 387 -60.73 -73.07 -15.11
C ARG M 387 -59.59 -72.57 -15.98
N ASN M 388 -58.37 -72.47 -15.45
CA ASN M 388 -57.21 -71.92 -16.15
C ASN M 388 -57.31 -70.40 -16.32
N PHE M 389 -58.16 -69.75 -15.54
CA PHE M 389 -58.32 -68.30 -15.66
C PHE M 389 -57.14 -67.50 -15.12
N GLN M 390 -56.04 -68.12 -14.69
CA GLN M 390 -54.94 -67.35 -14.14
C GLN M 390 -54.31 -66.44 -15.21
N PRO M 391 -53.64 -65.36 -14.79
CA PRO M 391 -53.54 -64.90 -13.41
C PRO M 391 -54.81 -64.15 -13.01
N VAL M 392 -54.91 -63.79 -11.73
CA VAL M 392 -56.10 -63.16 -11.19
C VAL M 392 -55.68 -61.99 -10.32
N ILE M 393 -56.49 -60.94 -10.34
CA ILE M 393 -56.32 -59.82 -9.42
C ILE M 393 -57.50 -59.84 -8.45
N ILE M 394 -57.24 -59.41 -7.22
CA ILE M 394 -58.21 -59.46 -6.13
C ILE M 394 -58.31 -58.07 -5.52
N PHE M 395 -59.49 -57.45 -5.62
CA PHE M 395 -59.69 -56.12 -5.06
C PHE M 395 -60.52 -56.24 -3.79
N SER M 396 -59.83 -56.20 -2.65
CA SER M 396 -60.46 -56.13 -1.33
C SER M 396 -60.20 -54.76 -0.73
N PHE M 397 -61.27 -54.12 -0.23
CA PHE M 397 -61.19 -52.73 0.20
C PHE M 397 -60.74 -52.63 1.66
N SER M 398 -59.60 -53.25 1.95
CA SER M 398 -59.00 -53.19 3.29
C SER M 398 -57.60 -53.80 3.22
N LYS M 399 -57.02 -54.03 4.39
CA LYS M 399 -55.66 -54.56 4.53
C LYS M 399 -55.68 -55.90 5.26
N LYS M 400 -56.32 -55.94 6.43
CA LYS M 400 -56.42 -57.18 7.19
C LYS M 400 -57.09 -58.27 6.36
N ASP M 401 -58.05 -57.89 5.52
CA ASP M 401 -58.71 -58.88 4.68
C ASP M 401 -57.74 -59.52 3.70
N CYS M 402 -56.98 -58.69 2.98
CA CYS M 402 -55.97 -59.22 2.06
C CYS M 402 -55.02 -60.15 2.80
N GLU M 403 -54.48 -59.68 3.93
CA GLU M 403 -53.47 -60.46 4.63
C GLU M 403 -54.06 -61.78 5.13
N ALA M 404 -55.29 -61.75 5.64
CA ALA M 404 -55.91 -62.95 6.18
C ALA M 404 -56.29 -63.92 5.07
N TYR M 405 -56.72 -63.41 3.92
CA TYR M 405 -56.97 -64.29 2.79
C TYR M 405 -55.70 -64.98 2.38
N ALA M 406 -54.58 -64.25 2.37
CA ALA M 406 -53.30 -64.87 2.03
C ALA M 406 -52.94 -65.96 3.05
N LEU M 407 -53.08 -65.65 4.34
CA LEU M 407 -52.86 -66.67 5.36
C LEU M 407 -53.71 -67.91 5.13
N GLN M 408 -55.00 -67.71 4.83
CA GLN M 408 -55.88 -68.84 4.56
C GLN M 408 -55.35 -69.67 3.40
N MET M 409 -54.96 -69.01 2.31
CA MET M 409 -54.63 -69.65 1.06
C MET M 409 -53.16 -70.04 0.94
N THR M 410 -52.39 -69.89 2.01
CA THR M 410 -50.99 -70.31 1.96
C THR M 410 -50.85 -71.77 1.51
N LYS M 411 -51.83 -72.61 1.82
CA LYS M 411 -51.66 -74.05 1.61
C LYS M 411 -51.37 -74.38 0.16
N LEU M 412 -52.06 -73.71 -0.77
CA LEU M 412 -51.90 -74.06 -2.17
C LEU M 412 -50.56 -73.56 -2.72
N ASP M 413 -50.20 -74.08 -3.89
CA ASP M 413 -48.96 -73.72 -4.56
C ASP M 413 -49.25 -73.62 -6.04
N PHE M 414 -48.91 -72.49 -6.65
CA PHE M 414 -49.15 -72.26 -8.07
C PHE M 414 -47.85 -71.93 -8.81
N ASN M 415 -46.80 -72.68 -8.50
CA ASN M 415 -45.51 -72.51 -9.15
C ASN M 415 -44.75 -73.82 -9.07
N THR M 416 -43.76 -73.96 -9.94
CA THR M 416 -42.85 -75.09 -9.92
C THR M 416 -41.81 -74.85 -8.85
N ASP M 417 -40.72 -75.61 -8.89
CA ASP M 417 -39.64 -75.40 -7.94
C ASP M 417 -38.57 -74.49 -8.54
N GLU M 418 -38.33 -74.59 -9.84
CA GLU M 418 -37.40 -73.69 -10.49
C GLU M 418 -37.88 -72.24 -10.43
N GLU M 419 -39.19 -72.03 -10.59
CA GLU M 419 -39.73 -70.69 -10.43
C GLU M 419 -39.50 -70.18 -9.01
N LYS M 420 -39.57 -71.09 -8.03
CA LYS M 420 -39.31 -70.73 -6.65
C LYS M 420 -37.86 -70.32 -6.45
N LYS M 421 -36.94 -71.10 -7.03
CA LYS M 421 -35.53 -70.76 -6.97
C LYS M 421 -35.27 -69.39 -7.60
N MET M 422 -35.94 -69.12 -8.72
CA MET M 422 -35.74 -67.86 -9.43
C MET M 422 -36.29 -66.69 -8.64
N VAL M 423 -37.43 -66.89 -7.98
CA VAL M 423 -37.97 -65.86 -7.12
C VAL M 423 -37.04 -65.59 -5.94
N GLU M 424 -36.47 -66.64 -5.35
CA GLU M 424 -35.46 -66.42 -4.32
C GLU M 424 -34.29 -65.61 -4.84
N GLU M 425 -33.84 -65.92 -6.06
CA GLU M 425 -32.72 -65.19 -6.65
C GLU M 425 -33.04 -63.71 -6.79
N VAL M 426 -34.18 -63.39 -7.42
CA VAL M 426 -34.52 -61.98 -7.65
C VAL M 426 -34.75 -61.29 -6.31
N PHE M 427 -35.42 -61.96 -5.38
CA PHE M 427 -35.69 -61.38 -4.08
C PHE M 427 -34.39 -61.00 -3.37
N SER M 428 -33.41 -61.89 -3.41
CA SER M 428 -32.12 -61.59 -2.79
C SER M 428 -31.41 -60.46 -3.52
N ASN M 429 -31.38 -60.51 -4.85
CA ASN M 429 -30.75 -59.44 -5.61
C ASN M 429 -31.41 -58.10 -5.35
N ALA M 430 -32.66 -58.10 -4.89
CA ALA M 430 -33.37 -56.88 -4.57
C ALA M 430 -33.11 -56.39 -3.15
N ILE M 431 -33.26 -57.28 -2.17
CA ILE M 431 -33.18 -56.90 -0.77
C ILE M 431 -31.74 -57.00 -0.25
N ASP M 432 -30.77 -57.20 -1.15
CA ASP M 432 -29.38 -57.13 -0.73
C ASP M 432 -28.93 -55.71 -0.49
N CYS M 433 -29.63 -54.72 -1.06
CA CYS M 433 -29.34 -53.31 -0.83
C CYS M 433 -29.56 -52.91 0.63
N LEU M 434 -30.16 -53.77 1.45
CA LEU M 434 -30.42 -53.43 2.84
C LEU M 434 -29.31 -53.94 3.75
N SER M 435 -29.54 -53.83 5.06
CA SER M 435 -28.58 -54.27 6.07
C SER M 435 -28.77 -55.78 6.27
N ASP M 436 -28.08 -56.33 7.27
CA ASP M 436 -28.33 -57.71 7.66
C ASP M 436 -29.48 -57.83 8.64
N GLU M 437 -29.93 -56.72 9.22
CA GLU M 437 -31.01 -56.75 10.20
C GLU M 437 -32.38 -56.46 9.58
N ASP M 438 -32.48 -55.38 8.79
CA ASP M 438 -33.72 -55.12 8.07
C ASP M 438 -34.15 -56.32 7.26
N LYS M 439 -33.20 -57.16 6.84
CA LYS M 439 -33.53 -58.44 6.24
C LYS M 439 -34.28 -59.31 7.23
N LYS M 440 -33.74 -59.40 8.45
CA LYS M 440 -34.32 -60.19 9.53
C LYS M 440 -35.53 -59.45 10.12
N LEU M 441 -36.51 -59.23 9.26
CA LEU M 441 -37.71 -58.46 9.54
C LEU M 441 -38.95 -59.34 9.35
N PRO M 442 -39.93 -59.27 10.26
CA PRO M 442 -41.02 -60.27 10.20
C PRO M 442 -41.83 -60.22 8.90
N GLN M 443 -42.09 -59.04 8.33
CA GLN M 443 -42.81 -59.01 7.07
C GLN M 443 -42.02 -59.74 5.99
N VAL M 444 -40.73 -59.42 5.88
CA VAL M 444 -39.86 -60.05 4.87
C VAL M 444 -40.02 -61.56 4.92
N GLU M 445 -39.75 -62.13 6.08
CA GLU M 445 -39.77 -63.59 6.23
C GLU M 445 -41.18 -64.13 6.02
N HIS M 446 -42.14 -63.61 6.78
CA HIS M 446 -43.52 -64.07 6.75
C HIS M 446 -44.19 -63.87 5.41
N VAL M 447 -43.54 -63.18 4.47
CA VAL M 447 -44.07 -63.01 3.12
C VAL M 447 -43.34 -63.89 2.11
N LEU M 448 -42.02 -63.99 2.21
CA LEU M 448 -41.25 -64.63 1.14
C LEU M 448 -41.83 -65.97 0.71
N PRO M 449 -42.30 -66.85 1.60
CA PRO M 449 -42.93 -68.10 1.13
C PRO M 449 -44.17 -67.87 0.29
N LEU M 450 -45.03 -66.94 0.71
CA LEU M 450 -46.21 -66.60 -0.08
C LEU M 450 -45.82 -66.28 -1.52
N LEU M 451 -44.69 -65.60 -1.70
CA LEU M 451 -44.21 -65.31 -3.04
C LEU M 451 -43.69 -66.57 -3.71
N LYS M 452 -42.98 -67.42 -2.96
CA LYS M 452 -42.58 -68.71 -3.50
C LYS M 452 -43.76 -69.41 -4.15
N ARG M 453 -44.91 -69.36 -3.47
CA ARG M 453 -46.05 -70.18 -3.84
C ARG M 453 -46.91 -69.60 -4.97
N GLY M 454 -46.69 -68.34 -5.35
CA GLY M 454 -47.39 -67.74 -6.47
C GLY M 454 -48.53 -66.83 -6.12
N ILE M 455 -48.78 -66.59 -4.83
CA ILE M 455 -49.79 -65.66 -4.37
C ILE M 455 -49.07 -64.47 -3.73
N GLY M 456 -49.58 -63.26 -3.98
CA GLY M 456 -48.97 -62.06 -3.45
C GLY M 456 -49.99 -61.14 -2.83
N ILE M 457 -49.48 -60.18 -2.07
CA ILE M 457 -50.30 -59.19 -1.38
C ILE M 457 -49.66 -57.82 -1.53
N HIS M 458 -50.51 -56.79 -1.67
CA HIS M 458 -50.04 -55.42 -1.85
C HIS M 458 -51.08 -54.47 -1.30
N HIS M 459 -50.68 -53.68 -0.31
CA HIS M 459 -51.53 -52.64 0.26
C HIS M 459 -50.62 -51.59 0.88
N GLY M 460 -51.20 -50.42 1.15
CA GLY M 460 -50.43 -49.32 1.70
C GLY M 460 -50.10 -49.50 3.17
N GLY M 461 -49.52 -50.66 3.49
CA GLY M 461 -49.08 -50.96 4.84
C GLY M 461 -47.79 -51.73 4.82
N LEU M 462 -47.11 -51.72 3.67
CA LEU M 462 -45.89 -52.48 3.48
C LEU M 462 -44.68 -51.55 3.33
N LEU M 463 -43.52 -52.18 3.30
CA LEU M 463 -42.30 -51.51 2.87
C LEU M 463 -42.29 -51.38 1.36
N PRO M 464 -42.00 -50.19 0.81
CA PRO M 464 -42.06 -50.03 -0.66
C PRO M 464 -41.11 -50.95 -1.39
N ILE M 465 -40.05 -51.44 -0.75
CA ILE M 465 -39.16 -52.39 -1.39
C ILE M 465 -39.93 -53.63 -1.82
N LEU M 466 -40.64 -54.25 -0.87
CA LEU M 466 -41.42 -55.43 -1.19
C LEU M 466 -42.52 -55.09 -2.18
N LYS M 467 -43.01 -53.86 -2.13
CA LYS M 467 -44.07 -53.44 -3.04
C LYS M 467 -43.59 -53.45 -4.48
N GLU M 468 -42.45 -52.81 -4.75
CA GLU M 468 -41.87 -52.84 -6.08
C GLU M 468 -41.51 -54.25 -6.49
N THR M 469 -40.92 -55.03 -5.57
CA THR M 469 -40.60 -56.42 -5.87
C THR M 469 -41.83 -57.15 -6.39
N ILE M 470 -42.96 -57.02 -5.68
CA ILE M 470 -44.16 -57.74 -6.04
C ILE M 470 -44.73 -57.22 -7.35
N GLU M 471 -44.68 -55.91 -7.57
CA GLU M 471 -45.18 -55.37 -8.82
C GLU M 471 -44.39 -55.93 -10.01
N ILE M 472 -43.07 -56.01 -9.87
CA ILE M 472 -42.24 -56.57 -10.93
C ILE M 472 -42.58 -58.03 -11.15
N LEU M 473 -42.55 -58.82 -10.08
CA LEU M 473 -42.87 -60.23 -10.19
C LEU M 473 -44.20 -60.45 -10.89
N PHE M 474 -45.21 -59.63 -10.57
CA PHE M 474 -46.49 -59.77 -11.25
C PHE M 474 -46.38 -59.43 -12.72
N SER M 475 -45.61 -58.39 -13.05
CA SER M 475 -45.38 -58.07 -14.45
C SER M 475 -44.79 -59.27 -15.17
N GLU M 476 -43.96 -60.06 -14.49
CA GLU M 476 -43.43 -61.27 -15.10
C GLU M 476 -44.52 -62.35 -15.18
N GLY M 477 -45.06 -62.74 -14.04
CA GLY M 477 -46.08 -63.77 -14.00
C GLY M 477 -45.78 -64.81 -12.93
N LEU M 478 -44.77 -64.54 -12.11
CA LEU M 478 -44.36 -65.48 -11.07
C LEU M 478 -45.33 -65.52 -9.91
N ILE M 479 -46.40 -64.75 -9.95
CA ILE M 479 -47.49 -64.83 -8.99
C ILE M 479 -48.77 -64.56 -9.75
N LYS M 480 -49.79 -65.37 -9.48
CA LYS M 480 -51.02 -65.33 -10.27
C LYS M 480 -52.13 -64.59 -9.54
N ALA M 481 -52.36 -64.92 -8.28
CA ALA M 481 -53.41 -64.30 -7.48
C ALA M 481 -52.78 -63.23 -6.60
N LEU M 482 -53.26 -62.00 -6.75
CA LEU M 482 -52.70 -60.84 -6.05
C LEU M 482 -53.80 -60.14 -5.28
N PHE M 483 -53.63 -60.03 -3.97
CA PHE M 483 -54.58 -59.35 -3.10
C PHE M 483 -54.16 -57.89 -2.99
N ALA M 484 -54.79 -57.03 -3.77
CA ALA M 484 -54.45 -55.61 -3.82
C ALA M 484 -55.71 -54.79 -3.86
N THR M 485 -55.78 -53.73 -3.05
CA THR M 485 -57.05 -53.06 -2.79
C THR M 485 -57.38 -52.00 -3.84
N GLU M 486 -56.56 -50.95 -3.96
CA GLU M 486 -56.79 -49.92 -4.97
C GLU M 486 -55.52 -49.39 -5.60
N THR M 487 -54.34 -49.84 -5.17
CA THR M 487 -53.10 -49.29 -5.72
C THR M 487 -52.99 -49.59 -7.21
N PHE M 488 -53.00 -50.87 -7.58
CA PHE M 488 -52.93 -51.27 -8.99
C PHE M 488 -53.99 -50.59 -9.84
N ALA M 489 -55.10 -50.16 -9.25
CA ALA M 489 -56.21 -49.63 -10.02
C ALA M 489 -55.80 -48.42 -10.85
N MET M 490 -54.85 -47.63 -10.35
CA MET M 490 -54.54 -46.32 -10.93
C MET M 490 -53.16 -46.27 -11.56
N GLY M 491 -52.11 -46.58 -10.81
CA GLY M 491 -50.77 -46.15 -11.18
C GLY M 491 -49.83 -47.22 -11.68
N ILE M 492 -50.34 -48.15 -12.49
CA ILE M 492 -49.51 -49.21 -13.07
C ILE M 492 -50.16 -49.69 -14.36
N ASN M 493 -49.33 -50.20 -15.26
CA ASN M 493 -49.78 -50.97 -16.42
C ASN M 493 -49.31 -52.41 -16.25
N MET M 494 -50.10 -53.19 -15.52
CA MET M 494 -49.83 -54.62 -15.33
C MET M 494 -51.16 -55.37 -15.35
N PRO M 495 -51.79 -55.46 -16.52
CA PRO M 495 -53.09 -56.12 -16.61
C PRO M 495 -53.00 -57.61 -16.33
N ALA M 496 -54.14 -58.29 -16.34
CA ALA M 496 -54.20 -59.71 -16.03
C ALA M 496 -55.29 -60.35 -16.89
N ARG M 497 -55.63 -61.60 -16.57
CA ARG M 497 -56.63 -62.34 -17.32
C ARG M 497 -58.00 -62.29 -16.66
N THR M 498 -58.05 -62.15 -15.34
CA THR M 498 -59.33 -62.07 -14.65
C THR M 498 -59.16 -61.31 -13.34
N VAL M 499 -60.27 -60.74 -12.90
CA VAL M 499 -60.31 -59.91 -11.70
C VAL M 499 -61.53 -60.29 -10.88
N LEU M 500 -61.38 -60.22 -9.57
CA LEU M 500 -62.47 -60.52 -8.64
C LEU M 500 -62.57 -59.44 -7.60
N PHE M 501 -63.79 -58.95 -7.41
CA PHE M 501 -64.12 -57.98 -6.37
C PHE M 501 -64.60 -58.74 -5.14
N THR M 502 -63.80 -58.73 -4.08
CA THR M 502 -64.18 -59.41 -2.85
C THR M 502 -65.49 -58.88 -2.30
N ASN M 503 -65.76 -57.59 -2.45
CA ASN M 503 -67.03 -57.03 -2.04
C ASN M 503 -67.14 -55.62 -2.61
N ALA M 504 -68.39 -55.13 -2.70
CA ALA M 504 -68.62 -53.82 -3.28
C ALA M 504 -68.36 -52.70 -2.28
N ARG M 505 -68.84 -52.84 -1.04
CA ARG M 505 -68.73 -51.79 -0.05
C ARG M 505 -67.29 -51.32 0.12
N LYS M 506 -67.11 -50.15 0.72
CA LYS M 506 -65.79 -49.60 0.98
C LYS M 506 -65.94 -48.41 1.92
N PHE M 507 -64.84 -47.68 2.09
CA PHE M 507 -64.78 -46.48 2.91
C PHE M 507 -63.99 -45.43 2.15
N ASP M 508 -64.56 -44.24 2.08
CA ASP M 508 -63.92 -43.08 1.49
C ASP M 508 -64.43 -41.85 2.21
N GLY M 509 -63.52 -40.97 2.61
CA GLY M 509 -63.95 -39.83 3.39
C GLY M 509 -64.56 -40.29 4.69
N LYS M 510 -65.89 -40.17 4.78
CA LYS M 510 -66.65 -40.55 5.96
C LYS M 510 -67.59 -41.72 5.72
N ASP M 511 -68.24 -41.75 4.57
CA ASP M 511 -69.32 -42.70 4.30
C ASP M 511 -68.82 -44.10 3.99
N PHE M 512 -69.57 -45.09 4.45
CA PHE M 512 -69.34 -46.50 4.12
C PHE M 512 -70.15 -46.84 2.86
N ARG M 513 -69.89 -46.06 1.83
CA ARG M 513 -70.67 -46.09 0.60
C ARG M 513 -70.50 -47.40 -0.16
N TRP M 514 -71.42 -47.63 -1.09
CA TRP M 514 -71.27 -48.69 -2.07
C TRP M 514 -70.14 -48.34 -3.04
N ILE M 515 -69.85 -49.27 -3.94
CA ILE M 515 -68.83 -49.03 -4.95
C ILE M 515 -69.39 -48.13 -6.04
N SER M 516 -68.56 -47.21 -6.52
CA SER M 516 -68.95 -46.26 -7.56
C SER M 516 -68.55 -46.84 -8.91
N SER M 517 -69.43 -46.68 -9.90
CA SER M 517 -69.14 -47.20 -11.23
C SER M 517 -67.77 -46.75 -11.72
N GLY M 518 -67.40 -45.51 -11.40
CA GLY M 518 -66.08 -45.03 -11.78
C GLY M 518 -64.98 -45.93 -11.30
N GLU M 519 -64.98 -46.28 -10.01
CA GLU M 519 -63.93 -47.12 -9.45
C GLU M 519 -64.06 -48.56 -9.95
N TYR M 520 -65.29 -49.05 -10.05
CA TYR M 520 -65.53 -50.37 -10.60
C TYR M 520 -64.86 -50.51 -11.96
N ILE M 521 -64.99 -49.48 -12.79
CA ILE M 521 -64.44 -49.52 -14.14
C ILE M 521 -62.94 -49.31 -14.11
N GLN M 522 -62.45 -48.41 -13.24
CA GLN M 522 -61.02 -48.21 -13.11
C GLN M 522 -60.31 -49.51 -12.77
N MET M 523 -61.00 -50.40 -12.04
CA MET M 523 -60.42 -51.70 -11.73
C MET M 523 -60.67 -52.72 -12.83
N SER M 524 -61.89 -52.76 -13.38
CA SER M 524 -62.19 -53.69 -14.44
C SER M 524 -61.24 -53.53 -15.63
N GLY M 525 -60.83 -52.30 -15.92
CA GLY M 525 -59.88 -52.07 -17.00
C GLY M 525 -58.61 -52.87 -16.87
N ARG M 526 -58.32 -53.35 -15.66
CA ARG M 526 -57.15 -54.18 -15.46
C ARG M 526 -57.24 -55.47 -16.24
N ALA M 527 -58.33 -56.21 -16.10
CA ALA M 527 -58.47 -57.48 -16.79
C ALA M 527 -58.38 -57.28 -18.29
N GLY M 528 -57.72 -58.23 -18.96
CA GLY M 528 -57.54 -58.20 -20.39
C GLY M 528 -56.10 -57.92 -20.78
N ARG M 529 -55.34 -58.98 -21.05
CA ARG M 529 -53.97 -58.86 -21.52
C ARG M 529 -53.98 -58.94 -23.04
N ARG M 530 -53.57 -57.84 -23.69
CA ARG M 530 -53.54 -57.80 -25.13
C ARG M 530 -52.73 -58.98 -25.67
N GLY M 531 -53.26 -59.63 -26.69
CA GLY M 531 -52.57 -60.74 -27.31
C GLY M 531 -52.81 -62.07 -26.61
N MET M 532 -52.27 -62.22 -25.39
CA MET M 532 -52.45 -63.46 -24.65
C MET M 532 -53.92 -63.79 -24.49
N ASP M 533 -54.65 -62.91 -23.80
CA ASP M 533 -56.03 -63.18 -23.40
C ASP M 533 -56.98 -62.75 -24.51
N ASP M 534 -57.74 -63.71 -25.04
CA ASP M 534 -58.79 -63.38 -26.00
C ASP M 534 -59.89 -62.55 -25.36
N ARG M 535 -59.94 -62.51 -24.03
CA ARG M 535 -60.93 -61.74 -23.28
C ARG M 535 -60.58 -61.84 -21.81
N GLY M 536 -61.27 -61.03 -21.00
CA GLY M 536 -61.04 -61.00 -19.58
C GLY M 536 -62.31 -61.38 -18.81
N ILE M 537 -62.10 -61.89 -17.60
CA ILE M 537 -63.18 -62.42 -16.78
C ILE M 537 -63.24 -61.59 -15.52
N VAL M 538 -64.28 -60.77 -15.39
CA VAL M 538 -64.56 -60.03 -14.17
C VAL M 538 -65.56 -60.83 -13.35
N ILE M 539 -65.39 -60.81 -12.03
CA ILE M 539 -66.34 -61.43 -11.14
C ILE M 539 -66.53 -60.54 -9.91
N LEU M 540 -67.72 -60.61 -9.34
CA LEU M 540 -68.10 -59.78 -8.20
C LEU M 540 -68.77 -60.63 -7.14
N MET M 541 -68.27 -60.57 -5.90
CA MET M 541 -68.87 -61.32 -4.81
C MET M 541 -69.96 -60.47 -4.17
N VAL M 542 -71.05 -61.11 -3.77
CA VAL M 542 -72.19 -60.40 -3.19
C VAL M 542 -72.74 -61.20 -2.03
N ASP M 543 -73.16 -60.49 -0.98
CA ASP M 543 -73.80 -61.10 0.19
C ASP M 543 -74.95 -60.23 0.67
N GLU M 544 -75.71 -59.64 -0.25
CA GLU M 544 -76.81 -58.77 0.14
C GLU M 544 -77.80 -58.63 -1.01
N LYS M 545 -79.06 -58.41 -0.64
CA LYS M 545 -80.09 -58.11 -1.61
C LYS M 545 -79.71 -56.85 -2.39
N MET M 546 -79.64 -56.97 -3.71
CA MET M 546 -79.27 -55.85 -4.57
C MET M 546 -80.15 -55.90 -5.81
N SER M 547 -81.22 -55.10 -5.82
CA SER M 547 -82.21 -55.13 -6.88
C SER M 547 -81.63 -54.72 -8.22
N PRO M 548 -82.32 -54.98 -9.34
CA PRO M 548 -81.73 -54.67 -10.64
C PRO M 548 -81.33 -53.23 -10.83
N THR M 549 -81.92 -52.29 -10.09
CA THR M 549 -81.58 -50.88 -10.31
C THR M 549 -80.14 -50.61 -9.89
N ILE M 550 -79.79 -50.95 -8.65
CA ILE M 550 -78.45 -50.69 -8.15
C ILE M 550 -77.42 -51.53 -8.91
N GLY M 551 -77.71 -52.81 -9.12
CA GLY M 551 -76.78 -53.65 -9.85
C GLY M 551 -76.54 -53.16 -11.27
N LYS M 552 -77.60 -52.70 -11.93
CA LYS M 552 -77.49 -52.20 -13.30
C LYS M 552 -76.69 -50.90 -13.34
N GLN M 553 -77.13 -49.90 -12.59
CA GLN M 553 -76.42 -48.63 -12.56
C GLN M 553 -74.98 -48.79 -12.09
N LEU M 554 -74.68 -49.88 -11.38
CA LEU M 554 -73.31 -50.16 -11.01
C LEU M 554 -72.53 -50.74 -12.18
N LEU M 555 -72.99 -51.87 -12.72
CA LEU M 555 -72.22 -52.57 -13.74
C LEU M 555 -72.18 -51.78 -15.05
N LYS M 556 -73.34 -51.56 -15.66
CA LYS M 556 -73.39 -50.93 -16.97
C LYS M 556 -73.49 -49.41 -16.90
N GLY M 557 -73.91 -48.85 -15.77
CA GLY M 557 -74.04 -47.41 -15.64
C GLY M 557 -72.81 -46.68 -16.11
N SER M 558 -72.97 -45.43 -16.52
CA SER M 558 -71.86 -44.67 -17.07
C SER M 558 -71.03 -44.04 -15.95
N ALA M 559 -69.85 -43.57 -16.34
CA ALA M 559 -68.93 -42.97 -15.38
C ALA M 559 -69.54 -41.73 -14.74
N ASP M 560 -68.93 -41.32 -13.63
CA ASP M 560 -69.33 -40.14 -12.88
C ASP M 560 -68.63 -38.90 -13.45
N PRO M 561 -69.31 -37.76 -13.53
CA PRO M 561 -68.71 -36.60 -14.19
C PRO M 561 -67.49 -36.11 -13.43
N LEU M 562 -66.75 -35.21 -14.06
CA LEU M 562 -65.50 -34.67 -13.49
C LEU M 562 -65.87 -33.34 -12.85
N ASN M 563 -66.20 -33.39 -11.57
CA ASN M 563 -66.45 -32.20 -10.78
C ASN M 563 -65.18 -31.78 -10.05
N SER M 564 -64.99 -30.48 -9.91
CA SER M 564 -63.81 -29.95 -9.25
C SER M 564 -64.09 -29.71 -7.77
N ALA M 565 -63.01 -29.55 -7.00
CA ALA M 565 -63.10 -29.24 -5.59
C ALA M 565 -62.73 -27.80 -5.32
N PHE M 566 -61.53 -27.39 -5.70
CA PHE M 566 -61.09 -25.99 -5.65
C PHE M 566 -61.46 -25.35 -4.31
N HIS M 567 -60.82 -25.87 -3.26
CA HIS M 567 -60.94 -25.29 -1.93
C HIS M 567 -59.74 -24.37 -1.72
N LEU M 568 -60.00 -23.11 -1.42
CA LEU M 568 -58.92 -22.17 -1.22
C LEU M 568 -58.05 -22.58 -0.06
N THR M 569 -56.79 -22.14 -0.10
CA THR M 569 -55.81 -22.54 0.89
C THR M 569 -54.92 -21.36 1.24
N TYR M 570 -54.27 -21.48 2.38
CA TYR M 570 -53.35 -20.45 2.86
C TYR M 570 -52.20 -20.28 1.88
N ASN M 571 -51.39 -21.32 1.70
CA ASN M 571 -50.25 -21.28 0.80
C ASN M 571 -50.57 -20.57 -0.51
N MET M 572 -51.71 -20.91 -1.11
CA MET M 572 -52.08 -20.26 -2.38
C MET M 572 -52.19 -18.76 -2.19
N VAL M 573 -52.96 -18.33 -1.19
CA VAL M 573 -53.20 -16.90 -0.97
C VAL M 573 -51.88 -16.18 -0.75
N LEU M 574 -51.02 -16.74 0.09
CA LEU M 574 -49.76 -16.07 0.42
C LEU M 574 -48.86 -15.98 -0.80
N ASN M 575 -48.56 -17.13 -1.40
CA ASN M 575 -47.72 -17.15 -2.60
C ASN M 575 -48.28 -16.28 -3.70
N LEU M 576 -49.58 -15.98 -3.65
CA LEU M 576 -50.19 -15.07 -4.62
C LEU M 576 -50.05 -13.63 -4.18
N LEU M 577 -49.96 -13.39 -2.87
CA LEU M 577 -49.71 -12.03 -2.40
C LEU M 577 -48.30 -11.59 -2.75
N ARG M 578 -47.35 -12.54 -2.76
CA ARG M 578 -46.02 -12.22 -3.29
C ARG M 578 -46.09 -11.46 -4.62
N VAL M 579 -46.98 -11.90 -5.50
CA VAL M 579 -46.93 -11.46 -6.89
C VAL M 579 -47.77 -10.20 -7.09
N GLU M 580 -47.46 -9.48 -8.17
CA GLU M 580 -48.16 -8.26 -8.55
C GLU M 580 -49.16 -8.46 -9.67
N GLU M 581 -48.86 -9.34 -10.63
CA GLU M 581 -49.69 -9.46 -11.83
C GLU M 581 -50.88 -10.37 -11.61
N ILE M 582 -50.84 -11.23 -10.60
CA ILE M 582 -51.84 -12.26 -10.39
C ILE M 582 -52.43 -12.11 -9.00
N ASN M 583 -53.75 -12.20 -8.92
CA ASN M 583 -54.48 -12.12 -7.66
C ASN M 583 -55.45 -13.29 -7.56
N PRO M 584 -55.86 -13.65 -6.34
CA PRO M 584 -56.73 -14.83 -6.20
C PRO M 584 -58.04 -14.69 -6.96
N GLU M 585 -58.73 -13.55 -6.82
CA GLU M 585 -60.00 -13.37 -7.51
C GLU M 585 -59.91 -13.81 -8.96
N TYR M 586 -58.80 -13.49 -9.62
CA TYR M 586 -58.52 -14.01 -10.95
C TYR M 586 -58.61 -15.53 -10.95
N MET M 587 -57.90 -16.17 -10.02
CA MET M 587 -57.89 -17.62 -9.93
C MET M 587 -59.31 -18.15 -9.85
N LEU M 588 -60.12 -17.58 -8.95
CA LEU M 588 -61.49 -18.06 -8.76
C LEU M 588 -62.30 -17.87 -10.03
N GLU M 589 -62.09 -16.76 -10.72
CA GLU M 589 -62.84 -16.50 -11.96
C GLU M 589 -62.34 -17.35 -13.12
N LYS M 590 -61.17 -17.98 -12.99
CA LYS M 590 -60.62 -18.83 -14.04
C LYS M 590 -60.73 -20.31 -13.72
N SER M 591 -61.22 -20.67 -12.54
CA SER M 591 -61.19 -22.07 -12.13
C SER M 591 -62.25 -22.88 -12.89
N PHE M 592 -62.36 -24.15 -12.52
CA PHE M 592 -63.37 -25.03 -13.07
C PHE M 592 -64.65 -24.96 -12.25
N TYR M 593 -64.51 -24.78 -10.94
CA TYR M 593 -65.66 -24.62 -10.06
C TYR M 593 -66.52 -23.43 -10.46
N GLN M 594 -65.96 -22.50 -11.22
CA GLN M 594 -66.71 -21.35 -11.71
C GLN M 594 -67.21 -21.59 -13.13
N PHE M 595 -66.31 -21.99 -14.03
CA PHE M 595 -66.74 -22.32 -15.39
C PHE M 595 -67.76 -23.45 -15.39
N GLN M 596 -67.81 -24.24 -14.33
CA GLN M 596 -68.79 -25.30 -14.22
C GLN M 596 -70.11 -24.80 -13.67
N HIS M 597 -70.16 -23.53 -13.27
CA HIS M 597 -71.36 -22.87 -12.77
C HIS M 597 -71.87 -21.82 -13.76
N TYR M 598 -71.84 -22.16 -15.04
CA TYR M 598 -72.46 -21.35 -16.08
C TYR M 598 -73.42 -22.15 -16.93
N ARG M 599 -73.40 -23.48 -16.84
CA ARG M 599 -74.41 -24.32 -17.44
C ARG M 599 -75.54 -24.63 -16.47
N ALA M 600 -75.31 -24.45 -15.17
CA ALA M 600 -76.37 -24.54 -14.18
C ALA M 600 -77.10 -23.21 -13.98
N ILE M 601 -76.61 -22.13 -14.56
CA ILE M 601 -77.16 -20.79 -14.39
C ILE M 601 -78.47 -20.65 -15.17
N PRO M 602 -78.56 -21.18 -16.40
CA PRO M 602 -79.76 -20.99 -17.21
C PRO M 602 -81.07 -21.32 -16.51
N GLY M 603 -81.04 -22.06 -15.41
CA GLY M 603 -82.27 -22.52 -14.80
C GLY M 603 -83.15 -21.37 -14.34
N VAL M 604 -82.74 -20.67 -13.28
CA VAL M 604 -83.52 -19.52 -12.83
C VAL M 604 -83.45 -18.40 -13.86
N VAL M 605 -82.38 -18.36 -14.67
CA VAL M 605 -82.33 -17.39 -15.76
C VAL M 605 -83.41 -17.69 -16.79
N GLU M 606 -83.64 -18.97 -17.09
CA GLU M 606 -84.71 -19.33 -18.01
C GLU M 606 -86.08 -19.03 -17.39
N LYS M 607 -86.21 -19.26 -16.08
CA LYS M 607 -87.45 -18.88 -15.40
C LYS M 607 -87.71 -17.38 -15.54
N VAL M 608 -86.68 -16.56 -15.38
CA VAL M 608 -86.84 -15.12 -15.53
C VAL M 608 -87.19 -14.76 -16.96
N LYS M 609 -86.50 -15.38 -17.93
CA LYS M 609 -86.84 -15.17 -19.33
C LYS M 609 -88.30 -15.47 -19.59
N ASN M 610 -88.84 -16.51 -18.95
CA ASN M 610 -90.28 -16.76 -19.02
C ASN M 610 -91.06 -15.61 -18.40
N SER M 611 -90.66 -15.21 -17.19
CA SER M 611 -91.33 -14.11 -16.50
C SER M 611 -91.37 -12.83 -17.33
N GLU M 612 -90.49 -12.69 -18.31
CA GLU M 612 -90.46 -11.52 -19.19
C GLU M 612 -91.86 -11.10 -19.60
N ASP M 834 -89.71 -13.54 -8.05
CA ASP M 834 -89.58 -13.59 -9.50
C ASP M 834 -88.62 -12.51 -9.99
N ILE M 835 -89.00 -11.25 -9.82
CA ILE M 835 -88.12 -10.16 -10.23
C ILE M 835 -86.99 -9.96 -9.23
N LYS M 836 -87.19 -10.34 -7.97
CA LYS M 836 -86.06 -10.40 -7.04
C LYS M 836 -84.99 -11.35 -7.57
N SER M 837 -85.38 -12.58 -7.91
CA SER M 837 -84.45 -13.51 -8.54
C SER M 837 -83.92 -12.94 -9.85
N ALA M 838 -84.74 -12.20 -10.60
CA ALA M 838 -84.25 -11.56 -11.81
C ALA M 838 -83.03 -10.70 -11.49
N LYS M 839 -83.23 -9.68 -10.64
CA LYS M 839 -82.15 -8.81 -10.24
C LYS M 839 -80.94 -9.62 -9.77
N ARG M 840 -81.17 -10.57 -8.86
CA ARG M 840 -80.06 -11.26 -8.20
C ARG M 840 -79.26 -12.10 -9.19
N GLU M 841 -79.91 -13.03 -9.89
CA GLU M 841 -79.19 -13.88 -10.84
C GLU M 841 -78.77 -13.16 -12.11
N LEU M 842 -79.21 -11.91 -12.33
CA LEU M 842 -78.59 -11.11 -13.38
C LEU M 842 -77.33 -10.43 -12.89
N LYS M 843 -77.35 -9.93 -11.65
CA LYS M 843 -76.14 -9.45 -10.98
C LYS M 843 -75.26 -10.58 -10.46
N LYS M 844 -75.60 -11.84 -10.78
CA LYS M 844 -74.81 -12.99 -10.34
C LYS M 844 -74.64 -14.00 -11.46
N ALA M 845 -74.63 -13.54 -12.71
CA ALA M 845 -74.47 -14.45 -13.84
C ALA M 845 -73.00 -14.71 -14.09
N ARG M 846 -72.20 -13.65 -14.22
CA ARG M 846 -70.78 -13.75 -14.48
C ARG M 846 -69.94 -13.37 -13.26
N THR M 847 -70.50 -13.54 -12.06
CA THR M 847 -69.85 -13.07 -10.84
C THR M 847 -69.00 -14.18 -10.24
N VAL M 848 -68.52 -13.98 -9.01
CA VAL M 848 -67.58 -14.87 -8.36
C VAL M 848 -68.28 -15.63 -7.23
N LEU M 849 -67.79 -16.82 -6.97
CA LEU M 849 -68.23 -17.64 -5.86
C LEU M 849 -67.11 -17.75 -4.83
N GLN M 850 -67.45 -18.34 -3.68
CA GLN M 850 -66.46 -18.72 -2.69
C GLN M 850 -65.61 -17.53 -2.24
N MET M 851 -66.19 -16.33 -2.32
CA MET M 851 -65.48 -15.11 -1.95
C MET M 851 -65.41 -14.92 -0.44
N ASP M 852 -66.51 -15.23 0.25
CA ASP M 852 -66.57 -15.02 1.70
C ASP M 852 -65.40 -15.70 2.39
N GLU M 853 -65.11 -16.94 1.99
CA GLU M 853 -63.97 -17.64 2.56
C GLU M 853 -62.68 -16.87 2.30
N LEU M 854 -62.56 -16.27 1.12
CA LEU M 854 -61.36 -15.48 0.81
C LEU M 854 -61.21 -14.31 1.77
N LYS M 855 -62.29 -13.54 1.94
CA LYS M 855 -62.23 -12.39 2.83
C LYS M 855 -61.91 -12.83 4.26
N CYS M 856 -62.43 -13.98 4.67
CA CYS M 856 -62.17 -14.46 6.02
C CYS M 856 -60.72 -14.91 6.19
N ARG M 857 -60.18 -15.59 5.18
CA ARG M 857 -58.76 -15.93 5.18
C ARG M 857 -57.91 -14.68 5.32
N LYS M 858 -58.25 -13.64 4.55
CA LYS M 858 -57.53 -12.38 4.63
C LYS M 858 -57.59 -11.81 6.04
N ARG M 859 -58.79 -11.81 6.63
CA ARG M 859 -58.95 -11.29 7.99
C ARG M 859 -58.05 -12.03 8.96
N VAL M 860 -58.02 -13.36 8.87
CA VAL M 860 -57.13 -14.14 9.73
C VAL M 860 -55.68 -13.70 9.53
N LEU M 861 -55.25 -13.67 8.27
CA LEU M 861 -53.88 -13.32 7.95
C LEU M 861 -53.50 -11.96 8.51
N ARG M 862 -54.46 -11.04 8.54
CA ARG M 862 -54.20 -9.73 9.13
C ARG M 862 -54.05 -9.84 10.63
N ARG M 863 -55.01 -10.51 11.29
CA ARG M 863 -54.98 -10.57 12.74
C ARG M 863 -53.71 -11.24 13.25
N LEU M 864 -53.14 -12.17 12.47
CA LEU M 864 -51.99 -12.93 12.91
C LEU M 864 -50.66 -12.42 12.39
N GLY M 865 -50.65 -11.36 11.59
CA GLY M 865 -49.41 -10.77 11.15
C GLY M 865 -48.90 -11.28 9.82
N PHE M 866 -49.64 -12.15 9.15
CA PHE M 866 -49.23 -12.71 7.87
C PHE M 866 -49.56 -11.80 6.71
N ALA M 867 -50.04 -10.60 6.99
CA ALA M 867 -50.37 -9.60 5.99
C ALA M 867 -50.68 -8.31 6.74
N THR M 868 -51.13 -7.29 6.03
CA THR M 868 -51.47 -6.02 6.66
C THR M 868 -52.57 -5.36 5.86
N SER M 869 -53.11 -4.28 6.43
CA SER M 869 -54.02 -3.43 5.68
C SER M 869 -53.40 -3.06 4.35
N SER M 870 -54.26 -2.81 3.36
CA SER M 870 -53.88 -2.61 1.97
C SER M 870 -53.60 -3.94 1.28
N ASP M 871 -53.75 -5.06 2.01
CA ASP M 871 -53.59 -6.40 1.45
C ASP M 871 -52.19 -6.59 0.85
N VAL M 872 -51.20 -6.39 1.71
CA VAL M 872 -49.80 -6.58 1.35
C VAL M 872 -49.19 -7.55 2.36
N ILE M 873 -48.12 -8.21 1.92
CA ILE M 873 -47.51 -9.27 2.72
C ILE M 873 -46.72 -8.68 3.88
N GLU M 874 -46.40 -9.54 4.85
CA GLU M 874 -45.53 -9.21 5.96
C GLU M 874 -44.60 -10.40 6.19
N MET M 875 -43.49 -10.15 6.89
CA MET M 875 -42.45 -11.15 7.09
C MET M 875 -43.00 -12.55 7.37
N LYS M 876 -43.94 -12.68 8.31
CA LYS M 876 -44.54 -13.98 8.56
C LYS M 876 -44.98 -14.64 7.26
N GLY M 877 -45.49 -13.85 6.31
CA GLY M 877 -45.92 -14.43 5.04
C GLY M 877 -44.77 -15.00 4.25
N ARG M 878 -43.65 -14.27 4.21
CA ARG M 878 -42.47 -14.73 3.50
C ARG M 878 -41.77 -15.86 4.23
N VAL M 879 -42.17 -16.14 5.47
CA VAL M 879 -41.67 -17.30 6.19
C VAL M 879 -42.58 -18.50 5.98
N ALA M 880 -43.89 -18.26 5.82
CA ALA M 880 -44.85 -19.34 5.66
C ALA M 880 -44.84 -19.85 4.23
N CYS M 881 -44.67 -18.96 3.25
CA CYS M 881 -44.69 -19.39 1.86
C CYS M 881 -43.68 -20.50 1.61
N GLU M 882 -42.54 -20.45 2.30
CA GLU M 882 -41.54 -21.50 2.14
C GLU M 882 -42.08 -22.86 2.57
N ILE M 883 -43.19 -22.87 3.31
CA ILE M 883 -43.78 -24.10 3.81
C ILE M 883 -45.01 -24.45 2.97
N SER M 884 -45.09 -25.71 2.55
CA SER M 884 -46.24 -26.21 1.81
C SER M 884 -46.68 -27.58 2.27
N SER M 885 -45.89 -28.26 3.10
CA SER M 885 -46.13 -29.65 3.46
C SER M 885 -46.98 -29.82 4.72
N ALA M 886 -47.52 -28.75 5.26
CA ALA M 886 -48.23 -28.85 6.53
C ALA M 886 -48.98 -27.55 6.77
N ASP M 887 -49.57 -27.42 7.96
CA ASP M 887 -50.21 -26.18 8.37
C ASP M 887 -49.13 -25.17 8.73
N GLU M 888 -49.01 -24.11 7.95
CA GLU M 888 -47.88 -23.20 8.07
C GLU M 888 -48.13 -22.04 9.03
N LEU M 889 -49.38 -21.59 9.15
CA LEU M 889 -49.68 -20.54 10.11
C LEU M 889 -49.20 -20.94 11.50
N LEU M 890 -49.52 -22.17 11.91
CA LEU M 890 -49.20 -22.61 13.25
C LEU M 890 -47.70 -22.83 13.41
N LEU M 891 -47.03 -23.30 12.37
CA LEU M 891 -45.57 -23.43 12.41
C LEU M 891 -44.90 -22.07 12.61
N THR M 892 -45.32 -21.07 11.84
CA THR M 892 -44.71 -19.76 11.97
C THR M 892 -44.99 -19.15 13.34
N GLU M 893 -46.19 -19.38 13.87
CA GLU M 893 -46.47 -18.91 15.22
C GLU M 893 -45.59 -19.61 16.25
N MET M 894 -45.41 -20.92 16.10
CA MET M 894 -44.50 -21.65 16.98
C MET M 894 -43.10 -21.05 16.93
N MET M 895 -42.63 -20.72 15.74
CA MET M 895 -41.35 -20.02 15.63
C MET M 895 -41.37 -18.72 16.41
N PHE M 896 -42.22 -17.80 15.99
CA PHE M 896 -42.23 -16.44 16.50
C PHE M 896 -42.85 -16.33 17.89
N ASN M 897 -43.05 -17.46 18.57
CA ASN M 897 -43.30 -17.47 20.00
C ASN M 897 -42.21 -18.19 20.78
N GLY M 898 -41.18 -18.71 20.11
CA GLY M 898 -40.00 -19.18 20.80
C GLY M 898 -40.09 -20.56 21.40
N LEU M 899 -40.49 -21.55 20.61
CA LEU M 899 -40.56 -22.93 21.08
C LEU M 899 -39.27 -23.69 20.76
N PHE M 900 -38.94 -23.81 19.47
CA PHE M 900 -37.77 -24.55 19.04
C PHE M 900 -36.47 -23.94 19.53
N ASN M 901 -36.49 -22.71 20.03
CA ASN M 901 -35.28 -22.04 20.49
C ASN M 901 -34.80 -22.54 21.85
N ASP M 902 -35.53 -23.47 22.46
CA ASP M 902 -35.19 -24.00 23.77
C ASP M 902 -35.15 -25.51 23.79
N LEU M 903 -35.61 -26.19 22.74
CA LEU M 903 -35.69 -27.63 22.71
C LEU M 903 -34.39 -28.21 22.16
N SER M 904 -34.39 -29.52 21.95
CA SER M 904 -33.25 -30.24 21.42
C SER M 904 -33.48 -30.55 19.94
N ALA M 905 -32.60 -31.36 19.37
CA ALA M 905 -32.69 -31.67 17.94
C ALA M 905 -33.93 -32.50 17.64
N GLU M 906 -34.12 -33.59 18.39
CA GLU M 906 -35.15 -34.56 18.07
C GLU M 906 -36.55 -34.08 18.45
N GLN M 907 -36.66 -33.41 19.60
CA GLN M 907 -37.96 -32.95 20.07
C GLN M 907 -38.70 -32.17 18.99
N ALA M 908 -37.96 -31.41 18.16
CA ALA M 908 -38.58 -30.71 17.05
C ALA M 908 -39.13 -31.69 16.02
N THR M 909 -38.35 -32.72 15.70
CA THR M 909 -38.84 -33.78 14.82
C THR M 909 -40.15 -34.35 15.34
N ALA M 910 -40.23 -34.54 16.66
CA ALA M 910 -41.44 -35.11 17.23
C ALA M 910 -42.62 -34.15 17.09
N LEU M 911 -42.41 -32.88 17.44
CA LEU M 911 -43.47 -31.90 17.29
C LEU M 911 -43.92 -31.73 15.84
N LEU M 912 -43.08 -32.09 14.89
CA LEU M 912 -43.50 -32.07 13.49
C LEU M 912 -44.19 -33.36 13.07
N SER M 913 -43.78 -34.48 13.63
CA SER M 913 -44.53 -35.70 13.51
C SER M 913 -45.96 -35.48 13.97
N CYS M 914 -46.13 -34.63 14.98
CA CYS M 914 -47.47 -34.30 15.45
C CYS M 914 -48.32 -33.69 14.34
N PHE M 915 -47.72 -33.26 13.24
CA PHE M 915 -48.44 -32.63 12.15
C PHE M 915 -48.56 -33.51 10.92
N VAL M 916 -47.45 -34.10 10.48
CA VAL M 916 -47.48 -34.92 9.27
C VAL M 916 -48.41 -36.12 9.45
N PHE M 917 -48.39 -36.74 10.62
CA PHE M 917 -49.21 -37.92 10.86
C PHE M 917 -50.68 -37.54 10.94
N GLN M 918 -51.53 -38.30 10.26
CA GLN M 918 -52.95 -37.96 10.19
C GLN M 918 -53.87 -39.17 10.31
N GLU M 919 -53.35 -40.32 10.74
CA GLU M 919 -54.16 -41.52 10.88
C GLU M 919 -54.45 -41.74 12.37
N ASN M 920 -55.56 -42.42 12.65
CA ASN M 920 -55.84 -42.75 14.04
C ASN M 920 -55.29 -44.13 14.37
N SER M 921 -55.06 -44.36 15.66
CA SER M 921 -54.57 -45.62 16.18
C SER M 921 -55.43 -46.06 17.35
N SER M 922 -55.24 -47.31 17.76
CA SER M 922 -56.08 -47.87 18.82
C SER M 922 -55.81 -47.19 20.15
N GLU M 923 -54.55 -47.19 20.59
CA GLU M 923 -54.19 -46.73 21.92
C GLU M 923 -53.35 -45.46 21.82
N MET M 924 -53.88 -44.36 22.34
CA MET M 924 -53.07 -43.17 22.46
C MET M 924 -51.90 -43.48 23.38
N PRO M 925 -50.70 -42.99 23.09
CA PRO M 925 -49.53 -43.42 23.84
C PRO M 925 -49.37 -42.57 25.10
N LYS M 926 -48.45 -43.01 25.95
CA LYS M 926 -48.08 -42.27 27.14
C LYS M 926 -46.72 -41.65 26.91
N LEU M 927 -46.63 -40.34 27.12
CA LEU M 927 -45.46 -39.56 26.75
C LEU M 927 -44.90 -38.88 27.99
N THR M 928 -43.58 -38.79 28.04
CA THR M 928 -42.91 -38.15 29.16
C THR M 928 -43.08 -36.63 29.10
N GLU M 929 -42.87 -36.00 30.25
CA GLU M 929 -43.07 -34.55 30.34
C GLU M 929 -42.14 -33.82 29.38
N GLN M 930 -40.85 -34.14 29.42
CA GLN M 930 -39.88 -33.45 28.59
C GLN M 930 -40.34 -33.37 27.13
N LEU M 931 -41.11 -34.36 26.69
CA LEU M 931 -41.53 -34.45 25.31
C LEU M 931 -42.99 -34.06 25.11
N ALA M 932 -43.79 -34.05 26.17
CA ALA M 932 -45.20 -33.68 26.07
C ALA M 932 -45.40 -32.19 26.25
N GLY M 933 -44.71 -31.59 27.22
CA GLY M 933 -44.86 -30.18 27.53
C GLY M 933 -44.97 -29.31 26.29
N PRO M 934 -43.98 -29.41 25.41
CA PRO M 934 -44.02 -28.61 24.18
C PRO M 934 -45.34 -28.75 23.44
N LEU M 935 -45.90 -29.96 23.42
CA LEU M 935 -47.16 -30.16 22.72
C LEU M 935 -48.27 -29.33 23.35
N ARG M 936 -48.19 -29.05 24.65
CA ARG M 936 -49.17 -28.19 25.29
C ARG M 936 -49.09 -26.77 24.76
N GLN M 937 -47.87 -26.24 24.61
CA GLN M 937 -47.70 -24.91 24.03
C GLN M 937 -48.19 -24.91 22.58
N MET M 938 -47.92 -26.01 21.87
CA MET M 938 -48.44 -26.19 20.53
C MET M 938 -49.96 -26.08 20.52
N GLN M 939 -50.62 -26.78 21.43
CA GLN M 939 -52.07 -26.75 21.48
C GLN M 939 -52.60 -25.38 21.88
N GLU M 940 -51.87 -24.65 22.73
CA GLU M 940 -52.29 -23.30 23.08
C GLU M 940 -52.26 -22.40 21.85
N CYS M 941 -51.16 -22.45 21.10
CA CYS M 941 -51.10 -21.68 19.85
C CYS M 941 -52.22 -22.10 18.91
N ALA M 942 -52.50 -23.38 18.85
CA ALA M 942 -53.58 -23.89 18.01
C ALA M 942 -54.92 -23.31 18.44
N LYS M 943 -55.16 -23.26 19.74
CA LYS M 943 -56.40 -22.70 20.28
C LYS M 943 -56.52 -21.23 19.91
N ARG M 944 -55.40 -20.50 19.98
CA ARG M 944 -55.41 -19.11 19.57
C ARG M 944 -55.81 -18.98 18.11
N ILE M 945 -55.19 -19.79 17.25
CA ILE M 945 -55.53 -19.77 15.83
C ILE M 945 -57.00 -20.10 15.64
N ALA M 946 -57.52 -21.04 16.44
CA ALA M 946 -58.91 -21.44 16.29
C ALA M 946 -59.85 -20.30 16.66
N LYS M 947 -59.54 -19.59 17.75
CA LYS M 947 -60.37 -18.43 18.10
C LYS M 947 -60.31 -17.38 17.02
N VAL M 948 -59.11 -17.10 16.49
CA VAL M 948 -59.00 -16.06 15.47
C VAL M 948 -59.72 -16.48 14.20
N SER M 949 -59.81 -17.78 13.95
CA SER M 949 -60.55 -18.28 12.79
C SER M 949 -62.04 -18.16 13.03
N ALA M 950 -62.48 -18.40 14.26
CA ALA M 950 -63.90 -18.34 14.58
C ALA M 950 -64.40 -16.91 14.58
N GLU M 951 -63.54 -15.96 14.96
CA GLU M 951 -63.94 -14.55 14.91
C GLU M 951 -64.37 -14.16 13.50
N ALA M 952 -63.68 -14.65 12.49
CA ALA M 952 -64.03 -14.33 11.11
C ALA M 952 -65.08 -15.29 10.56
N LYS M 953 -65.51 -16.27 11.34
CA LYS M 953 -66.59 -17.17 10.99
C LYS M 953 -66.24 -17.99 9.75
N LEU M 954 -65.18 -18.81 9.88
CA LEU M 954 -64.82 -19.77 8.85
C LEU M 954 -65.58 -21.09 8.94
N GLU M 955 -66.68 -21.16 9.70
CA GLU M 955 -67.42 -22.40 9.87
C GLU M 955 -66.51 -23.54 10.33
N ILE M 956 -65.47 -23.19 11.07
CA ILE M 956 -64.46 -24.14 11.53
C ILE M 956 -64.80 -24.56 12.95
N ASP M 957 -64.32 -25.74 13.32
CA ASP M 957 -64.45 -26.24 14.68
C ASP M 957 -63.09 -26.28 15.35
N GLU M 958 -63.10 -26.12 16.67
CA GLU M 958 -61.87 -26.05 17.43
C GLU M 958 -61.35 -27.44 17.78
N GLU M 959 -62.19 -28.30 18.36
CA GLU M 959 -61.73 -29.61 18.78
C GLU M 959 -61.14 -30.38 17.61
N THR M 960 -61.78 -30.35 16.44
CA THR M 960 -61.27 -31.07 15.29
C THR M 960 -59.93 -30.49 14.83
N TYR M 961 -59.91 -29.18 14.53
CA TYR M 961 -58.68 -28.53 14.09
C TYR M 961 -57.53 -28.84 15.04
N LEU M 962 -57.81 -28.80 16.34
CA LEU M 962 -56.79 -29.05 17.35
C LEU M 962 -56.37 -30.51 17.35
N SER M 963 -57.31 -31.41 17.14
CA SER M 963 -57.07 -32.84 17.18
C SER M 963 -56.76 -33.42 15.80
N SER M 964 -56.73 -32.59 14.77
CA SER M 964 -56.25 -33.02 13.47
C SER M 964 -54.75 -33.29 13.47
N PHE M 965 -54.09 -33.10 14.61
CA PHE M 965 -52.65 -33.22 14.73
C PHE M 965 -52.42 -34.36 15.73
N LYS M 966 -52.03 -35.52 15.23
CA LYS M 966 -51.91 -36.72 16.04
C LYS M 966 -50.48 -36.88 16.57
N PRO M 967 -50.26 -36.89 17.88
CA PRO M 967 -48.90 -37.11 18.38
C PRO M 967 -48.57 -38.58 18.56
N HIS M 968 -49.39 -39.45 17.98
CA HIS M 968 -49.29 -40.88 18.28
C HIS M 968 -47.94 -41.48 17.90
N LEU M 969 -47.08 -40.73 17.21
CA LEU M 969 -45.78 -41.23 16.79
C LEU M 969 -44.61 -40.44 17.36
N MET M 970 -44.85 -39.56 18.32
CA MET M 970 -43.75 -38.77 18.89
C MET M 970 -42.67 -39.67 19.48
N ASP M 971 -43.06 -40.63 20.31
CA ASP M 971 -42.08 -41.52 20.93
C ASP M 971 -41.39 -42.38 19.89
N VAL M 972 -42.17 -42.88 18.92
CA VAL M 972 -41.60 -43.62 17.80
C VAL M 972 -40.46 -42.83 17.18
N VAL M 973 -40.74 -41.58 16.80
CA VAL M 973 -39.76 -40.76 16.11
C VAL M 973 -38.58 -40.44 17.02
N TYR M 974 -38.84 -40.20 18.30
CA TYR M 974 -37.76 -39.96 19.24
C TYR M 974 -36.79 -41.13 19.26
N THR M 975 -37.32 -42.34 19.46
CA THR M 975 -36.46 -43.51 19.53
C THR M 975 -35.77 -43.78 18.20
N TRP M 976 -36.44 -43.44 17.09
CA TRP M 976 -35.79 -43.58 15.79
C TRP M 976 -34.61 -42.63 15.67
N ALA M 977 -34.78 -41.39 16.12
CA ALA M 977 -33.71 -40.41 16.06
C ALA M 977 -32.58 -40.73 17.04
N THR M 978 -32.87 -41.51 18.09
CA THR M 978 -31.80 -41.99 18.95
C THR M 978 -30.89 -43.01 18.26
N GLY M 979 -31.16 -43.37 17.02
CA GLY M 979 -30.34 -44.33 16.32
C GLY M 979 -30.65 -45.75 16.74
N ALA M 980 -31.88 -46.19 16.46
CA ALA M 980 -32.35 -47.50 16.88
C ALA M 980 -32.69 -48.35 15.65
N THR M 981 -33.26 -49.52 15.91
CA THR M 981 -33.52 -50.52 14.89
C THR M 981 -35.01 -50.50 14.52
N PHE M 982 -35.28 -50.52 13.23
CA PHE M 982 -36.66 -50.49 12.75
C PHE M 982 -37.52 -51.54 13.44
N ALA M 983 -36.92 -52.67 13.82
CA ALA M 983 -37.68 -53.70 14.51
C ALA M 983 -38.01 -53.28 15.94
N HIS M 984 -37.13 -52.50 16.57
CA HIS M 984 -37.35 -51.91 17.87
C HIS M 984 -38.31 -50.75 17.81
N ILE M 985 -38.92 -50.53 16.65
CA ILE M 985 -39.75 -49.37 16.38
C ILE M 985 -41.15 -49.79 15.92
N CYS M 986 -41.23 -50.74 15.00
CA CYS M 986 -42.52 -51.21 14.53
C CYS M 986 -43.36 -51.83 15.63
N LYS M 987 -42.78 -52.08 16.80
CA LYS M 987 -43.51 -52.69 17.91
C LYS M 987 -44.22 -51.67 18.78
N MET M 988 -43.56 -50.54 19.07
CA MET M 988 -44.09 -49.57 20.01
C MET M 988 -45.52 -49.16 19.68
N THR M 989 -45.93 -49.28 18.43
CA THR M 989 -47.23 -48.82 17.99
C THR M 989 -47.96 -49.93 17.25
N ASP M 990 -49.26 -50.01 17.45
CA ASP M 990 -50.10 -50.95 16.72
C ASP M 990 -50.47 -50.35 15.37
N VAL M 991 -49.48 -49.90 14.61
CA VAL M 991 -49.68 -49.29 13.30
C VAL M 991 -48.80 -50.01 12.28
N PHE M 992 -49.25 -50.01 11.03
CA PHE M 992 -48.48 -50.61 9.96
C PHE M 992 -47.18 -49.84 9.76
N GLU M 993 -46.33 -50.36 8.87
CA GLU M 993 -45.03 -49.77 8.64
C GLU M 993 -45.05 -48.70 7.55
N GLY M 994 -45.68 -49.00 6.41
CA GLY M 994 -45.74 -48.03 5.31
C GLY M 994 -46.24 -46.66 5.74
N SER M 995 -47.18 -46.63 6.68
CA SER M 995 -47.65 -45.34 7.20
C SER M 995 -46.55 -44.62 7.93
N ILE M 996 -45.73 -45.35 8.69
CA ILE M 996 -44.58 -44.76 9.36
C ILE M 996 -43.61 -44.20 8.33
N ILE M 997 -43.40 -44.94 7.24
CA ILE M 997 -42.45 -44.50 6.21
C ILE M 997 -42.94 -43.21 5.58
N ARG M 998 -44.23 -43.14 5.24
CA ARG M 998 -44.78 -41.90 4.70
C ARG M 998 -44.61 -40.76 5.69
N CYS M 999 -44.99 -41.00 6.95
CA CYS M 999 -44.77 -40.00 8.00
C CYS M 999 -43.35 -39.47 7.95
N MET M 1000 -42.36 -40.37 7.97
CA MET M 1000 -40.98 -39.94 8.12
C MET M 1000 -40.47 -39.23 6.87
N ARG M 1001 -40.92 -39.64 5.69
CA ARG M 1001 -40.50 -38.95 4.47
C ARG M 1001 -41.09 -37.54 4.43
N ARG M 1002 -42.40 -37.42 4.69
CA ARG M 1002 -42.99 -36.10 4.78
C ARG M 1002 -42.30 -35.27 5.86
N LEU M 1003 -41.85 -35.91 6.94
CA LEU M 1003 -41.18 -35.20 8.00
C LEU M 1003 -39.85 -34.63 7.52
N GLU M 1004 -39.11 -35.41 6.74
CA GLU M 1004 -37.83 -34.93 6.23
C GLU M 1004 -38.04 -33.79 5.24
N GLU M 1005 -39.07 -33.90 4.40
CA GLU M 1005 -39.42 -32.79 3.52
C GLU M 1005 -39.73 -31.53 4.32
N LEU M 1006 -40.57 -31.67 5.34
CA LEU M 1006 -40.91 -30.54 6.19
C LEU M 1006 -39.69 -29.97 6.89
N LEU M 1007 -38.73 -30.82 7.24
CA LEU M 1007 -37.51 -30.33 7.86
C LEU M 1007 -36.70 -29.50 6.88
N ARG M 1008 -36.58 -29.94 5.63
CA ARG M 1008 -35.92 -29.10 4.63
C ARG M 1008 -36.61 -27.75 4.54
N GLN M 1009 -37.94 -27.76 4.50
CA GLN M 1009 -38.69 -26.51 4.39
C GLN M 1009 -38.44 -25.60 5.58
N MET M 1010 -38.44 -26.17 6.79
CA MET M 1010 -38.24 -25.37 7.99
C MET M 1010 -36.82 -24.83 8.06
N CYS M 1011 -35.85 -25.61 7.60
CA CYS M 1011 -34.50 -25.09 7.48
C CYS M 1011 -34.48 -23.86 6.60
N GLN M 1012 -35.18 -23.92 5.46
CA GLN M 1012 -35.21 -22.76 4.57
C GLN M 1012 -35.92 -21.57 5.21
N ALA M 1013 -36.97 -21.83 6.00
CA ALA M 1013 -37.66 -20.73 6.67
C ALA M 1013 -36.73 -20.03 7.66
N ALA M 1014 -36.07 -20.80 8.52
CA ALA M 1014 -35.11 -20.22 9.44
C ALA M 1014 -34.01 -19.49 8.70
N LYS M 1015 -33.58 -20.04 7.57
CA LYS M 1015 -32.63 -19.35 6.70
C LYS M 1015 -33.19 -18.03 6.22
N ALA M 1016 -34.50 -17.94 6.07
CA ALA M 1016 -35.12 -16.70 5.59
C ALA M 1016 -35.10 -15.64 6.68
N ILE M 1017 -35.62 -15.97 7.87
CA ILE M 1017 -35.75 -14.92 8.89
C ILE M 1017 -34.39 -14.39 9.29
N GLY M 1018 -33.40 -15.27 9.43
CA GLY M 1018 -32.07 -14.84 9.78
C GLY M 1018 -31.39 -15.67 10.85
N ASN M 1019 -32.11 -16.63 11.43
CA ASN M 1019 -31.52 -17.48 12.46
C ASN M 1019 -30.69 -18.58 11.83
N THR M 1020 -29.74 -19.10 12.62
CA THR M 1020 -28.82 -20.12 12.14
C THR M 1020 -28.78 -21.36 13.03
N GLU M 1021 -28.84 -21.17 14.35
CA GLU M 1021 -28.87 -22.32 15.25
C GLU M 1021 -30.05 -23.23 14.92
N LEU M 1022 -31.21 -22.63 14.64
CA LEU M 1022 -32.41 -23.42 14.40
C LEU M 1022 -32.32 -24.22 13.10
N GLU M 1023 -31.75 -23.62 12.05
CA GLU M 1023 -31.63 -24.34 10.79
C GLU M 1023 -30.59 -25.45 10.89
N ASN M 1024 -29.48 -25.18 11.60
CA ASN M 1024 -28.52 -26.26 11.85
C ASN M 1024 -29.16 -27.38 12.64
N LYS M 1025 -30.01 -27.03 13.61
CA LYS M 1025 -30.73 -28.02 14.40
C LYS M 1025 -31.56 -28.93 13.49
N PHE M 1026 -32.37 -28.31 12.63
CA PHE M 1026 -33.24 -29.10 11.76
C PHE M 1026 -32.43 -29.96 10.80
N ALA M 1027 -31.33 -29.41 10.28
CA ALA M 1027 -30.47 -30.20 9.39
C ALA M 1027 -29.89 -31.39 10.14
N GLU M 1028 -29.56 -31.20 11.41
CA GLU M 1028 -29.05 -32.30 12.22
C GLU M 1028 -30.12 -33.36 12.43
N GLY M 1029 -31.36 -32.94 12.67
CA GLY M 1029 -32.45 -33.90 12.73
C GLY M 1029 -32.54 -34.73 11.47
N ILE M 1030 -32.50 -34.07 10.31
CA ILE M 1030 -32.51 -34.80 9.05
C ILE M 1030 -31.38 -35.82 9.02
N THR M 1031 -30.15 -35.38 9.31
CA THR M 1031 -29.01 -36.29 9.33
C THR M 1031 -29.22 -37.45 10.30
N LYS M 1032 -30.06 -37.25 11.33
CA LYS M 1032 -30.32 -38.32 12.28
C LYS M 1032 -31.31 -39.34 11.72
N ILE M 1033 -32.29 -38.88 10.95
CA ILE M 1033 -33.34 -39.78 10.46
C ILE M 1033 -32.78 -40.80 9.47
N LYS M 1034 -32.23 -40.32 8.36
CA LYS M 1034 -31.89 -41.20 7.23
C LYS M 1034 -30.79 -42.17 7.64
N ARG M 1035 -31.16 -43.43 7.92
CA ARG M 1035 -30.15 -44.44 8.21
C ARG M 1035 -30.15 -45.62 7.24
N ASP M 1036 -31.22 -46.42 7.18
CA ASP M 1036 -31.16 -47.68 6.45
C ASP M 1036 -32.22 -47.84 5.39
N ILE M 1037 -33.50 -47.72 5.75
CA ILE M 1037 -34.58 -48.26 4.93
C ILE M 1037 -35.69 -47.27 4.66
N VAL M 1038 -35.88 -46.25 5.50
CA VAL M 1038 -36.96 -45.30 5.30
C VAL M 1038 -36.71 -44.50 4.02
N PHE M 1039 -35.49 -44.50 3.53
CA PHE M 1039 -35.08 -43.68 2.39
C PHE M 1039 -34.25 -44.52 1.44
N ALA M 1040 -34.66 -45.76 1.23
CA ALA M 1040 -33.99 -46.66 0.32
C ALA M 1040 -34.29 -46.28 -1.13
N ALA M 1041 -33.64 -46.98 -2.06
CA ALA M 1041 -33.78 -46.70 -3.47
C ALA M 1041 -35.01 -47.39 -4.03
N SER M 1042 -35.49 -46.87 -5.16
CA SER M 1042 -36.63 -47.43 -5.86
C SER M 1042 -36.12 -48.44 -6.88
N LEU M 1043 -36.45 -49.71 -6.67
CA LEU M 1043 -35.97 -50.77 -7.55
C LEU M 1043 -36.18 -50.41 -9.01
N TYR M 1044 -37.19 -49.60 -9.30
CA TYR M 1044 -37.45 -49.10 -10.64
C TYR M 1044 -36.45 -48.04 -11.06
N LEU M 1045 -35.44 -47.79 -10.23
CA LEU M 1045 -34.47 -46.73 -10.47
C LEU M 1045 -33.06 -47.25 -10.20
MG MG P . 67.85 13.88 33.93
ZN ZN Q . -18.44 38.01 42.93
PB ANP R . -50.84 -47.66 -22.11
O1B ANP R . -51.72 -46.86 -23.11
O2B ANP R . -49.61 -46.87 -21.78
N3B ANP R . -51.71 -47.97 -20.71
PA ANP R . -49.55 -50.03 -21.92
O1A ANP R . -48.26 -49.42 -21.49
O2A ANP R . -50.43 -50.50 -20.75
O3A ANP R . -50.41 -49.02 -22.77
O5' ANP R . -49.22 -51.23 -22.91
C5' ANP R . -47.86 -51.59 -23.22
C4' ANP R . -47.87 -52.44 -24.48
O4' ANP R . -49.14 -52.32 -25.14
C3' ANP R . -46.87 -52.04 -25.56
O3' ANP R . -45.59 -52.62 -25.30
C2' ANP R . -47.51 -52.58 -26.84
O2' ANP R . -46.99 -53.86 -27.19
C1' ANP R . -49.00 -52.68 -26.49
N9 ANP R . -49.86 -51.82 -27.29
C8 ANP R . -50.24 -50.54 -27.01
N7 ANP R . -51.03 -50.00 -27.91
C5 ANP R . -51.17 -51.01 -28.86
C6 ANP R . -51.90 -51.07 -30.07
N6 ANP R . -52.62 -50.07 -30.56
N1 ANP R . -51.82 -52.22 -30.78
C2 ANP R . -51.09 -53.22 -30.30
N3 ANP R . -50.38 -53.28 -29.17
C4 ANP R . -50.46 -52.13 -28.49
#